data_6KOI
#
_entry.id   6KOI
#
_cell.length_a   142.040
_cell.length_b   190.434
_cell.length_c   237.012
_cell.angle_alpha   90.000
_cell.angle_beta   90.000
_cell.angle_gamma   90.000
#
_symmetry.space_group_name_H-M   'P 21 21 21'
#
_entity_poly.entity_id   1
_entity_poly.type   'polypeptide(L)'
_entity_poly.pdbx_seq_one_letter_code
;(MSE)SENQEQEEVITVRVQDPRVQNEGSWNSYVDYKIFLHTNSKAFTAKTSCVRRRYREFVWLRKQLQRNAGLVPVPEL
PGKSTFFGTSDEFIEKRRQGLQHFLEKVLQSVVLLSDSQLHLFLQSQLSVPEIEACVQGRST(MSE)TVSDAILRYA
(MSE)SNLEHHHHHH
;
_entity_poly.pdbx_strand_id   A,B,C,D,E,F,G,H,I,J,K,L,M,N,O,P,Q,R,S,T,U,V,W,X
#
# COMPACT_ATOMS: atom_id res chain seq x y z
N VAL A 10 39.68 -11.72 -23.00
CA VAL A 10 40.17 -10.39 -23.49
C VAL A 10 38.99 -9.66 -24.15
N ILE A 11 38.87 -8.35 -23.86
CA ILE A 11 37.78 -7.44 -24.31
C ILE A 11 38.40 -6.32 -25.15
N THR A 12 37.86 -6.13 -26.36
CA THR A 12 38.30 -5.07 -27.31
C THR A 12 37.11 -4.15 -27.58
N VAL A 13 37.33 -2.84 -27.55
CA VAL A 13 36.31 -1.81 -27.88
C VAL A 13 36.92 -0.82 -28.90
N ARG A 14 36.24 -0.64 -30.02
CA ARG A 14 36.56 0.41 -31.03
C ARG A 14 35.30 1.29 -31.19
N VAL A 15 35.49 2.60 -31.37
CA VAL A 15 34.43 3.58 -31.70
C VAL A 15 34.69 4.05 -33.14
N GLN A 16 33.89 3.58 -34.09
CA GLN A 16 34.12 3.76 -35.55
C GLN A 16 32.92 4.48 -36.16
N ASP A 17 32.99 4.75 -37.47
CA ASP A 17 31.85 5.07 -38.37
C ASP A 17 30.98 6.17 -37.78
N PRO A 18 31.50 7.41 -37.61
CA PRO A 18 30.65 8.55 -37.28
C PRO A 18 29.66 8.79 -38.43
N ARG A 19 28.39 9.08 -38.10
CA ARG A 19 27.31 9.28 -39.10
C ARG A 19 26.36 10.38 -38.61
N VAL A 20 25.79 11.14 -39.56
CA VAL A 20 24.79 12.20 -39.30
C VAL A 20 23.40 11.60 -39.46
N GLN A 21 22.72 11.32 -38.35
CA GLN A 21 21.29 10.90 -38.33
C GLN A 21 20.44 12.15 -38.55
N ASN A 22 19.36 12.03 -39.31
CA ASN A 22 18.38 13.12 -39.63
C ASN A 22 19.09 14.28 -40.31
N GLU A 23 19.68 14.06 -41.50
CA GLU A 23 20.37 15.10 -42.30
C GLU A 23 19.47 16.34 -42.41
N GLY A 24 20.03 17.53 -42.24
CA GLY A 24 19.43 18.80 -42.72
C GLY A 24 18.28 19.31 -41.84
N SER A 25 17.44 18.42 -41.29
CA SER A 25 16.35 18.77 -40.35
C SER A 25 16.95 19.21 -39.01
N TRP A 26 16.20 19.99 -38.23
CA TRP A 26 16.67 20.68 -36.99
C TRP A 26 17.18 19.67 -35.95
N ASN A 27 16.56 18.49 -35.83
CA ASN A 27 17.00 17.40 -34.90
C ASN A 27 18.10 16.55 -35.58
N SER A 28 18.85 17.15 -36.51
CA SER A 28 20.15 16.63 -37.04
C SER A 28 21.08 16.36 -35.85
N TYR A 29 21.81 15.25 -35.86
CA TYR A 29 22.85 14.94 -34.84
C TYR A 29 23.83 13.88 -35.35
N VAL A 30 24.99 13.76 -34.69
CA VAL A 30 26.05 12.76 -35.00
C VAL A 30 26.05 11.67 -33.93
N ASP A 31 25.99 10.41 -34.33
CA ASP A 31 26.23 9.26 -33.42
C ASP A 31 27.45 8.50 -33.93
N TYR A 32 28.01 7.63 -33.09
CA TYR A 32 29.25 6.85 -33.32
C TYR A 32 28.90 5.37 -33.06
N LYS A 33 29.45 4.48 -33.88
CA LYS A 33 29.26 3.01 -33.72
C LYS A 33 30.26 2.53 -32.66
N ILE A 34 29.78 1.83 -31.63
CA ILE A 34 30.64 1.17 -30.60
C ILE A 34 30.65 -0.33 -30.88
N PHE A 35 31.79 -0.81 -31.36
CA PHE A 35 32.07 -2.24 -31.69
C PHE A 35 32.82 -2.83 -30.50
N LEU A 36 32.13 -3.62 -29.68
CA LEU A 36 32.68 -4.36 -28.52
C LEU A 36 32.87 -5.83 -28.91
N HIS A 37 34.13 -6.25 -29.07
CA HIS A 37 34.54 -7.59 -29.56
C HIS A 37 35.26 -8.28 -28.39
N THR A 38 34.65 -9.35 -27.87
CA THR A 38 35.21 -10.13 -26.74
C THR A 38 35.46 -11.58 -27.20
N ASN A 39 36.25 -12.29 -26.43
CA ASN A 39 36.39 -13.75 -26.53
C ASN A 39 36.53 -14.36 -25.12
N SER A 40 35.61 -15.29 -24.73
CA SER A 40 35.88 -16.56 -23.98
C SER A 40 36.47 -17.60 -24.95
N LYS A 41 37.46 -18.37 -24.48
CA LYS A 41 38.12 -19.48 -25.23
C LYS A 41 37.15 -20.67 -25.41
N ALA A 42 35.99 -20.66 -24.75
CA ALA A 42 34.89 -21.63 -24.93
C ALA A 42 34.30 -21.54 -26.34
N PHE A 43 33.97 -20.31 -26.77
CA PHE A 43 33.35 -19.94 -28.07
C PHE A 43 34.47 -19.59 -29.08
N THR A 44 34.17 -18.83 -30.16
CA THR A 44 35.13 -18.33 -31.15
C THR A 44 35.26 -16.82 -30.98
N ALA A 45 34.33 -16.02 -31.50
CA ALA A 45 34.31 -14.53 -31.30
C ALA A 45 32.90 -14.13 -30.91
N LYS A 46 32.74 -13.39 -29.78
CA LYS A 46 31.53 -12.59 -29.43
C LYS A 46 31.79 -11.22 -30.02
N THR A 47 30.78 -10.63 -30.67
CA THR A 47 30.79 -9.20 -31.17
C THR A 47 29.81 -8.29 -30.33
N SER A 48 28.93 -7.54 -30.94
CA SER A 48 28.18 -6.35 -30.40
C SER A 48 28.46 -4.98 -31.05
N CYS A 49 27.38 -4.31 -31.45
CA CYS A 49 27.33 -3.14 -32.35
C CYS A 49 26.18 -2.25 -31.86
N VAL A 50 26.48 -1.07 -31.32
CA VAL A 50 25.43 -0.07 -30.93
C VAL A 50 25.91 1.33 -31.35
N ARG A 51 24.97 2.18 -31.74
CA ARG A 51 25.23 3.59 -32.09
C ARG A 51 24.90 4.46 -30.87
N ARG A 52 25.77 5.41 -30.52
CA ARG A 52 25.61 6.28 -29.33
C ARG A 52 26.01 7.73 -29.67
N ARG A 53 25.12 8.68 -29.35
CA ARG A 53 25.39 10.15 -29.38
C ARG A 53 26.50 10.46 -28.36
N TYR A 54 27.12 11.64 -28.45
CA TYR A 54 28.13 12.09 -27.45
C TYR A 54 27.42 12.30 -26.11
N ARG A 55 26.22 12.90 -26.16
CA ARG A 55 25.42 13.24 -24.95
C ARG A 55 25.14 11.96 -24.16
N GLU A 56 25.05 10.81 -24.83
CA GLU A 56 24.82 9.50 -24.19
C GLU A 56 26.07 9.13 -23.36
N PHE A 57 27.27 9.38 -23.89
CA PHE A 57 28.56 9.16 -23.16
C PHE A 57 28.60 10.05 -21.92
N VAL A 58 28.19 11.32 -22.07
CA VAL A 58 28.17 12.32 -20.96
C VAL A 58 27.33 11.76 -19.82
N TRP A 59 26.14 11.22 -20.15
CA TRP A 59 25.25 10.53 -19.19
C TRP A 59 26.01 9.36 -18.55
N LEU A 60 26.57 8.48 -19.38
CA LEU A 60 27.27 7.24 -18.94
C LEU A 60 28.34 7.58 -17.91
N ARG A 61 29.11 8.64 -18.14
CA ARG A 61 30.21 9.04 -17.21
C ARG A 61 29.60 9.41 -15.86
N LYS A 62 28.60 10.30 -15.86
CA LYS A 62 27.90 10.73 -14.62
C LYS A 62 27.39 9.49 -13.88
N GLN A 63 26.85 8.50 -14.60
CA GLN A 63 26.31 7.25 -14.00
C GLN A 63 27.44 6.39 -13.44
N LEU A 64 28.56 6.28 -14.16
CA LEU A 64 29.75 5.51 -13.69
C LEU A 64 30.24 6.12 -12.36
N GLN A 65 30.22 7.46 -12.25
CA GLN A 65 30.75 8.20 -11.09
C GLN A 65 29.89 7.92 -9.84
N ARG A 66 28.59 7.86 -9.98
CA ARG A 66 27.65 7.48 -8.87
C ARG A 66 28.09 6.15 -8.26
N ASN A 67 28.04 5.09 -9.05
CA ASN A 67 28.19 3.67 -8.59
C ASN A 67 29.65 3.38 -8.18
N ALA A 68 30.61 4.15 -8.69
CA ALA A 68 32.06 3.93 -8.50
C ALA A 68 32.54 4.54 -7.16
N GLY A 69 31.65 5.23 -6.44
CA GLY A 69 31.93 5.82 -5.12
C GLY A 69 33.13 6.76 -5.16
N LEU A 70 34.33 6.20 -5.08
CA LEU A 70 35.60 6.96 -4.95
C LEU A 70 36.64 6.46 -5.96
N VAL A 71 36.25 5.58 -6.90
CA VAL A 71 37.14 5.09 -7.98
C VAL A 71 37.17 6.16 -9.06
N PRO A 72 38.36 6.58 -9.53
CA PRO A 72 38.44 7.57 -10.60
C PRO A 72 37.82 7.05 -11.90
N VAL A 73 37.02 7.89 -12.56
CA VAL A 73 36.36 7.59 -13.87
C VAL A 73 37.08 8.39 -14.95
N PRO A 74 37.60 7.75 -16.00
CA PRO A 74 38.29 8.46 -17.09
C PRO A 74 37.52 9.68 -17.63
N GLU A 75 38.24 10.63 -18.21
CA GLU A 75 37.69 11.90 -18.77
C GLU A 75 37.14 11.65 -20.17
N LEU A 76 36.16 12.44 -20.60
CA LEU A 76 35.68 12.50 -22.01
C LEU A 76 36.39 13.66 -22.72
N PRO A 77 36.56 13.62 -24.05
CA PRO A 77 37.05 14.79 -24.78
C PRO A 77 36.00 15.92 -24.83
N GLY A 78 36.34 17.11 -24.32
CA GLY A 78 35.42 18.29 -24.34
C GLY A 78 35.38 18.93 -25.74
N LYS A 79 35.25 20.27 -25.80
CA LYS A 79 35.75 21.11 -26.91
C LYS A 79 36.86 22.01 -26.31
N SER A 80 38.08 21.78 -26.73
CA SER A 80 39.31 22.54 -26.29
C SER A 80 39.81 23.47 -27.41
N THR A 81 41.02 24.04 -27.30
CA THR A 81 41.88 24.56 -28.42
C THR A 81 41.85 23.59 -29.63
N PHE A 82 40.86 23.73 -30.53
CA PHE A 82 40.83 22.96 -31.78
C PHE A 82 40.61 23.88 -32.99
N PHE A 83 41.62 23.97 -33.87
CA PHE A 83 41.64 24.84 -35.09
C PHE A 83 41.15 24.10 -36.34
N GLY A 84 40.89 22.81 -36.27
CA GLY A 84 40.87 21.91 -37.45
C GLY A 84 39.65 22.11 -38.32
N THR A 85 39.46 21.22 -39.31
CA THR A 85 38.22 21.09 -40.12
C THR A 85 37.10 20.50 -39.25
N SER A 86 35.90 20.34 -39.81
CA SER A 86 34.80 19.53 -39.23
C SER A 86 35.25 18.07 -39.12
N ASP A 87 35.32 17.36 -40.25
CA ASP A 87 35.74 15.94 -40.38
C ASP A 87 36.91 15.63 -39.43
N GLU A 88 37.79 16.60 -39.19
CA GLU A 88 38.96 16.48 -38.27
C GLU A 88 38.48 16.41 -36.82
N PHE A 89 37.56 17.27 -36.41
CA PHE A 89 36.99 17.33 -35.03
C PHE A 89 36.30 15.99 -34.70
N ILE A 90 35.37 15.58 -35.56
CA ILE A 90 34.67 14.26 -35.51
C ILE A 90 35.71 13.17 -35.19
N GLU A 91 36.80 13.14 -35.95
CA GLU A 91 37.87 12.12 -35.85
C GLU A 91 38.64 12.26 -34.51
N LYS A 92 38.85 13.49 -34.03
CA LYS A 92 39.54 13.75 -32.73
C LYS A 92 38.65 13.23 -31.61
N ARG A 93 37.37 13.59 -31.64
CA ARG A 93 36.33 13.13 -30.67
C ARG A 93 36.25 11.59 -30.72
N ARG A 94 36.15 11.02 -31.93
CA ARG A 94 36.04 9.56 -32.15
C ARG A 94 37.14 8.85 -31.35
N GLN A 95 38.39 9.28 -31.50
CA GLN A 95 39.57 8.72 -30.78
C GLN A 95 39.38 8.92 -29.28
N GLY A 96 38.99 10.12 -28.86
CA GLY A 96 38.75 10.48 -27.45
C GLY A 96 37.74 9.54 -26.80
N LEU A 97 36.61 9.29 -27.49
CA LEU A 97 35.53 8.38 -27.03
C LEU A 97 36.10 6.97 -26.88
N GLN A 98 36.82 6.48 -27.90
CA GLN A 98 37.45 5.14 -27.88
C GLN A 98 38.41 5.05 -26.70
N HIS A 99 39.29 6.04 -26.54
CA HIS A 99 40.26 6.14 -25.42
C HIS A 99 39.52 6.02 -24.09
N PHE A 100 38.44 6.79 -23.93
CA PHE A 100 37.59 6.83 -22.70
C PHE A 100 37.10 5.41 -22.36
N LEU A 101 36.53 4.71 -23.34
CA LEU A 101 35.98 3.34 -23.15
C LEU A 101 37.12 2.37 -22.84
N GLU A 102 38.22 2.41 -23.61
CA GLU A 102 39.43 1.58 -23.39
C GLU A 102 39.85 1.68 -21.91
N LYS A 103 39.95 2.90 -21.39
CA LYS A 103 40.33 3.19 -19.98
C LYS A 103 39.27 2.63 -19.03
N VAL A 104 37.99 2.89 -19.30
CA VAL A 104 36.84 2.44 -18.45
C VAL A 104 36.87 0.91 -18.33
N LEU A 105 37.20 0.21 -19.42
CA LEU A 105 37.15 -1.28 -19.47
C LEU A 105 38.33 -1.90 -18.70
N GLN A 106 39.34 -1.10 -18.33
CA GLN A 106 40.52 -1.58 -17.57
C GLN A 106 40.27 -1.45 -16.06
N SER A 107 39.45 -0.49 -15.63
CA SER A 107 38.97 -0.37 -14.21
C SER A 107 37.95 -1.48 -13.95
N VAL A 108 38.30 -2.44 -13.11
CA VAL A 108 37.51 -3.69 -12.89
C VAL A 108 36.20 -3.32 -12.22
N VAL A 109 36.21 -2.30 -11.36
CA VAL A 109 35.00 -1.78 -10.66
C VAL A 109 34.02 -1.24 -11.70
N LEU A 110 34.49 -0.33 -12.56
CA LEU A 110 33.68 0.34 -13.61
C LEU A 110 33.13 -0.72 -14.57
N LEU A 111 33.96 -1.72 -14.92
CA LEU A 111 33.62 -2.83 -15.86
C LEU A 111 32.38 -3.57 -15.36
N SER A 112 32.18 -3.62 -14.04
CA SER A 112 31.09 -4.39 -13.37
C SER A 112 29.80 -3.56 -13.25
N ASP A 113 29.77 -2.32 -13.75
CA ASP A 113 28.56 -1.47 -13.77
C ASP A 113 27.59 -2.07 -14.79
N SER A 114 26.35 -2.34 -14.39
CA SER A 114 25.28 -2.91 -15.25
C SER A 114 24.87 -1.88 -16.31
N GLN A 115 24.78 -0.60 -15.93
CA GLN A 115 24.40 0.52 -16.84
C GLN A 115 25.43 0.64 -17.97
N LEU A 116 26.72 0.42 -17.70
CA LEU A 116 27.79 0.40 -18.74
C LEU A 116 27.54 -0.78 -19.69
N HIS A 117 27.25 -1.95 -19.14
CA HIS A 117 26.99 -3.21 -19.90
C HIS A 117 25.82 -3.00 -20.86
N LEU A 118 24.76 -2.33 -20.42
CA LEU A 118 23.58 -2.01 -21.27
C LEU A 118 23.95 -0.97 -22.33
N PHE A 119 24.71 0.06 -21.95
CA PHE A 119 25.17 1.15 -22.86
C PHE A 119 25.95 0.56 -24.05
N LEU A 120 26.77 -0.47 -23.80
CA LEU A 120 27.76 -1.01 -24.76
C LEU A 120 27.16 -2.14 -25.60
N GLN A 121 26.14 -2.84 -25.09
CA GLN A 121 25.64 -4.12 -25.68
C GLN A 121 24.13 -4.10 -25.95
N SER A 122 23.33 -3.26 -25.28
CA SER A 122 21.88 -3.08 -25.58
C SER A 122 21.72 -1.99 -26.63
N GLN A 123 20.64 -2.06 -27.41
CA GLN A 123 20.20 -0.95 -28.28
C GLN A 123 19.09 -0.19 -27.53
N LEU A 124 19.13 -0.22 -26.20
CA LEU A 124 18.18 0.53 -25.33
C LEU A 124 18.52 2.02 -25.38
N SER A 125 17.52 2.89 -25.25
CA SER A 125 17.68 4.33 -24.99
C SER A 125 18.34 4.50 -23.62
N VAL A 126 18.71 5.72 -23.24
CA VAL A 126 19.21 6.03 -21.87
C VAL A 126 18.04 5.83 -20.90
N PRO A 127 16.88 6.50 -21.08
CA PRO A 127 15.72 6.27 -20.21
C PRO A 127 15.34 4.79 -20.04
N GLU A 128 15.47 3.99 -21.10
CA GLU A 128 15.18 2.53 -21.09
C GLU A 128 16.20 1.80 -20.21
N ILE A 129 17.45 2.28 -20.16
CA ILE A 129 18.53 1.73 -19.29
C ILE A 129 18.24 2.14 -17.84
N GLU A 130 17.87 3.41 -17.62
CA GLU A 130 17.48 3.94 -16.29
C GLU A 130 16.29 3.13 -15.75
N ALA A 131 15.44 2.63 -16.65
CA ALA A 131 14.29 1.74 -16.32
C ALA A 131 14.80 0.35 -15.94
N CYS A 132 15.49 -0.35 -16.87
CA CYS A 132 15.95 -1.76 -16.72
C CYS A 132 16.74 -1.92 -15.39
N VAL A 133 17.00 -0.80 -14.68
CA VAL A 133 17.77 -0.72 -13.41
C VAL A 133 16.98 0.12 -12.41
N GLU B 9 45.83 -11.44 -49.19
CA GLU B 9 44.73 -11.65 -48.20
C GLU B 9 43.87 -12.83 -48.68
N VAL B 10 43.49 -13.72 -47.76
CA VAL B 10 42.68 -14.94 -48.05
C VAL B 10 41.42 -14.96 -47.16
N ILE B 11 40.27 -15.22 -47.78
CA ILE B 11 38.94 -15.30 -47.09
C ILE B 11 38.35 -16.68 -47.38
N THR B 12 37.99 -17.43 -46.34
CA THR B 12 37.34 -18.77 -46.43
C THR B 12 35.98 -18.69 -45.75
N VAL B 13 34.93 -19.14 -46.44
CA VAL B 13 33.54 -19.21 -45.87
C VAL B 13 32.98 -20.61 -46.15
N ARG B 14 32.55 -21.29 -45.09
CA ARG B 14 31.80 -22.57 -45.18
C ARG B 14 30.46 -22.39 -44.46
N VAL B 15 29.41 -23.01 -45.01
CA VAL B 15 28.05 -23.06 -44.39
C VAL B 15 27.81 -24.52 -43.98
N GLN B 16 27.87 -24.80 -42.68
CA GLN B 16 27.88 -26.18 -42.12
C GLN B 16 26.69 -26.34 -41.16
N ASP B 17 26.52 -27.54 -40.62
CA ASP B 17 25.72 -27.86 -39.41
C ASP B 17 24.32 -27.26 -39.52
N PRO B 18 23.47 -27.70 -40.49
CA PRO B 18 22.06 -27.33 -40.48
C PRO B 18 21.40 -27.91 -39.22
N ARG B 19 20.54 -27.13 -38.56
CA ARG B 19 19.85 -27.53 -37.31
C ARG B 19 18.43 -26.97 -37.31
N VAL B 20 17.49 -27.72 -36.73
CA VAL B 20 16.05 -27.33 -36.61
C VAL B 20 15.85 -26.69 -35.23
N GLN B 21 15.75 -25.36 -35.20
CA GLN B 21 15.41 -24.59 -33.98
C GLN B 21 13.89 -24.72 -33.78
N ASN B 22 13.43 -24.85 -32.55
CA ASN B 22 11.99 -24.98 -32.16
C ASN B 22 11.36 -26.20 -32.84
N GLU B 23 11.84 -27.40 -32.55
CA GLU B 23 11.30 -28.67 -33.12
C GLU B 23 9.78 -28.70 -32.94
N GLY B 24 9.04 -29.12 -33.98
CA GLY B 24 7.64 -29.58 -33.87
C GLY B 24 6.61 -28.47 -33.69
N SER B 25 6.95 -27.39 -32.96
CA SER B 25 6.08 -26.20 -32.78
C SER B 25 6.01 -25.42 -34.10
N TRP B 26 4.97 -24.61 -34.27
CA TRP B 26 4.61 -23.94 -35.55
C TRP B 26 5.73 -23.01 -36.02
N ASN B 27 6.46 -22.34 -35.12
CA ASN B 27 7.60 -21.45 -35.45
C ASN B 27 8.88 -22.28 -35.54
N SER B 28 8.75 -23.57 -35.88
CA SER B 28 9.86 -24.47 -36.32
C SER B 28 10.56 -23.80 -37.50
N TYR B 29 11.90 -23.85 -37.56
CA TYR B 29 12.69 -23.38 -38.72
C TYR B 29 14.09 -23.99 -38.69
N VAL B 30 14.76 -23.93 -39.84
CA VAL B 30 16.17 -24.44 -40.03
C VAL B 30 17.09 -23.24 -40.15
N ASP B 31 18.15 -23.19 -39.34
CA ASP B 31 19.26 -22.23 -39.53
C ASP B 31 20.53 -23.01 -39.86
N TYR B 32 21.52 -22.31 -40.40
CA TYR B 32 22.80 -22.86 -40.89
C TYR B 32 23.93 -22.09 -40.20
N LYS B 33 25.00 -22.78 -39.82
CA LYS B 33 26.20 -22.16 -39.21
C LYS B 33 27.07 -21.61 -40.35
N ILE B 34 27.42 -20.33 -40.29
CA ILE B 34 28.36 -19.68 -41.26
C ILE B 34 29.71 -19.49 -40.55
N PHE B 35 30.69 -20.29 -40.95
CA PHE B 35 32.10 -20.27 -40.46
C PHE B 35 32.92 -19.46 -41.46
N LEU B 36 33.25 -18.22 -41.10
CA LEU B 36 34.12 -17.30 -41.88
C LEU B 36 35.51 -17.30 -41.25
N HIS B 37 36.50 -17.88 -41.94
CA HIS B 37 37.94 -17.86 -41.55
C HIS B 37 38.72 -16.97 -42.51
N THR B 38 39.19 -15.81 -42.05
CA THR B 38 39.92 -14.82 -42.86
C THR B 38 41.28 -14.58 -42.21
N ASN B 39 42.17 -13.89 -42.92
CA ASN B 39 43.29 -13.10 -42.32
C ASN B 39 43.38 -11.73 -43.01
N SER B 40 42.27 -11.29 -43.59
CA SER B 40 42.16 -10.08 -44.44
C SER B 40 41.92 -8.86 -43.55
N LYS B 41 42.58 -7.73 -43.84
CA LYS B 41 42.42 -6.44 -43.13
C LYS B 41 41.05 -5.81 -43.44
N ALA B 42 40.31 -6.35 -44.41
CA ALA B 42 38.92 -5.96 -44.76
C ALA B 42 37.98 -6.30 -43.60
N PHE B 43 38.06 -7.52 -43.08
CA PHE B 43 37.23 -8.06 -41.97
C PHE B 43 37.91 -7.80 -40.62
N THR B 44 37.19 -8.12 -39.55
CA THR B 44 37.56 -7.82 -38.13
C THR B 44 37.96 -9.14 -37.46
N ALA B 45 36.99 -10.01 -37.18
CA ALA B 45 37.19 -11.39 -36.66
C ALA B 45 37.92 -12.27 -37.69
N LYS B 46 38.97 -12.94 -37.23
CA LYS B 46 39.85 -13.79 -38.07
C LYS B 46 39.35 -15.25 -38.06
N THR B 47 38.59 -15.68 -37.04
CA THR B 47 37.61 -16.80 -37.16
C THR B 47 36.27 -16.34 -36.60
N SER B 48 35.16 -16.62 -37.25
CA SER B 48 33.81 -16.16 -36.80
C SER B 48 32.78 -17.23 -37.11
N CYS B 49 31.70 -17.25 -36.32
CA CYS B 49 30.70 -18.35 -36.21
C CYS B 49 29.34 -17.69 -35.94
N VAL B 50 28.42 -17.72 -36.90
CA VAL B 50 27.03 -17.18 -36.71
C VAL B 50 26.03 -18.14 -37.35
N ARG B 51 24.86 -18.28 -36.76
CA ARG B 51 23.73 -19.08 -37.30
C ARG B 51 22.79 -18.13 -38.05
N ARG B 52 22.33 -18.50 -39.24
CA ARG B 52 21.46 -17.66 -40.09
C ARG B 52 20.37 -18.53 -40.74
N ARG B 53 19.10 -18.10 -40.60
CA ARG B 53 17.94 -18.65 -41.33
C ARG B 53 18.12 -18.42 -42.83
N TYR B 54 17.36 -19.11 -43.68
CA TYR B 54 17.41 -18.87 -45.15
C TYR B 54 16.82 -17.48 -45.42
N ARG B 55 15.75 -17.12 -44.71
CA ARG B 55 15.04 -15.83 -44.90
C ARG B 55 16.01 -14.67 -44.64
N GLU B 56 17.03 -14.88 -43.80
CA GLU B 56 18.06 -13.86 -43.50
C GLU B 56 18.93 -13.66 -44.74
N PHE B 57 19.28 -14.74 -45.46
CA PHE B 57 20.04 -14.69 -46.74
C PHE B 57 19.23 -13.92 -47.78
N VAL B 58 17.93 -14.21 -47.86
CA VAL B 58 16.99 -13.55 -48.82
C VAL B 58 17.07 -12.03 -48.61
N TRP B 59 17.01 -11.60 -47.35
CA TRP B 59 17.18 -10.18 -46.94
C TRP B 59 18.54 -9.69 -47.44
N LEU B 60 19.61 -10.41 -47.08
CA LEU B 60 21.02 -10.03 -47.37
C LEU B 60 21.18 -9.77 -48.87
N ARG B 61 20.61 -10.62 -49.71
CA ARG B 61 20.73 -10.48 -51.19
C ARG B 61 20.06 -9.16 -51.62
N LYS B 62 18.82 -8.94 -51.20
CA LYS B 62 18.08 -7.68 -51.51
C LYS B 62 18.92 -6.47 -51.07
N GLN B 63 19.58 -6.55 -49.91
CA GLN B 63 20.42 -5.46 -49.36
C GLN B 63 21.68 -5.28 -50.22
N LEU B 64 22.32 -6.38 -50.63
CA LEU B 64 23.53 -6.34 -51.50
C LEU B 64 23.16 -5.65 -52.82
N GLN B 65 21.96 -5.91 -53.35
CA GLN B 65 21.49 -5.39 -54.66
C GLN B 65 21.32 -3.88 -54.60
N ARG B 66 20.78 -3.34 -53.50
CA ARG B 66 20.67 -1.86 -53.29
C ARG B 66 22.05 -1.21 -53.47
N ASN B 67 23.01 -1.56 -52.62
CA ASN B 67 24.32 -0.86 -52.48
C ASN B 67 25.22 -1.14 -53.70
N ALA B 68 24.98 -2.25 -54.42
CA ALA B 68 25.83 -2.71 -55.54
C ALA B 68 25.46 -1.99 -56.84
N GLY B 69 24.42 -1.16 -56.82
CA GLY B 69 24.03 -0.31 -57.97
C GLY B 69 23.76 -1.13 -59.22
N LEU B 70 24.81 -1.50 -59.95
CA LEU B 70 24.71 -2.20 -61.26
C LEU B 70 25.63 -3.43 -61.30
N VAL B 71 26.23 -3.79 -60.17
CA VAL B 71 27.11 -5.00 -60.05
C VAL B 71 26.20 -6.20 -59.88
N PRO B 72 26.38 -7.28 -60.66
CA PRO B 72 25.55 -8.48 -60.51
C PRO B 72 25.79 -9.12 -59.13
N VAL B 73 24.71 -9.53 -58.46
CA VAL B 73 24.72 -10.20 -57.13
C VAL B 73 24.37 -11.67 -57.35
N PRO B 74 25.23 -12.62 -56.94
CA PRO B 74 24.96 -14.05 -57.11
C PRO B 74 23.55 -14.47 -56.68
N GLU B 75 23.05 -15.58 -57.26
CA GLU B 75 21.70 -16.13 -57.01
C GLU B 75 21.72 -16.97 -55.72
N LEU B 76 20.57 -17.07 -55.05
CA LEU B 76 20.34 -18.05 -53.94
C LEU B 76 19.67 -19.29 -54.52
N PRO B 77 19.84 -20.47 -53.91
CA PRO B 77 19.02 -21.63 -54.27
C PRO B 77 17.55 -21.46 -53.84
N GLY B 78 16.61 -21.56 -54.78
CA GLY B 78 15.15 -21.47 -54.53
C GLY B 78 14.60 -22.71 -53.85
N LYS B 79 13.36 -23.10 -54.18
CA LYS B 79 12.78 -24.44 -53.91
C LYS B 79 12.52 -25.19 -55.23
N SER B 86 13.59 -34.56 -46.73
CA SER B 86 14.11 -33.31 -46.13
C SER B 86 15.65 -33.32 -46.23
N ASP B 87 16.32 -34.12 -45.39
CA ASP B 87 17.80 -34.08 -45.16
C ASP B 87 18.56 -33.87 -46.47
N GLU B 88 18.05 -34.37 -47.60
CA GLU B 88 18.66 -34.17 -48.95
C GLU B 88 18.53 -32.70 -49.40
N PHE B 89 17.33 -32.12 -49.24
CA PHE B 89 17.03 -30.71 -49.63
C PHE B 89 17.90 -29.75 -48.81
N ILE B 90 17.85 -29.90 -47.49
CA ILE B 90 18.71 -29.18 -46.50
C ILE B 90 20.14 -29.14 -47.04
N GLU B 91 20.68 -30.30 -47.42
CA GLU B 91 22.09 -30.46 -47.89
C GLU B 91 22.28 -29.77 -49.25
N LYS B 92 21.28 -29.81 -50.14
CA LYS B 92 21.35 -29.13 -51.46
C LYS B 92 21.40 -27.62 -51.24
N ARG B 93 20.49 -27.11 -50.41
CA ARG B 93 20.42 -25.68 -50.00
C ARG B 93 21.73 -25.28 -49.31
N ARG B 94 22.21 -26.08 -48.36
CA ARG B 94 23.47 -25.82 -47.60
C ARG B 94 24.59 -25.50 -48.59
N GLN B 95 24.78 -26.34 -49.61
CA GLN B 95 25.81 -26.16 -50.67
C GLN B 95 25.52 -24.85 -51.42
N GLY B 96 24.25 -24.65 -51.82
CA GLY B 96 23.80 -23.45 -52.54
C GLY B 96 24.13 -22.17 -51.79
N LEU B 97 23.85 -22.14 -50.48
CA LEU B 97 24.14 -20.98 -49.58
C LEU B 97 25.66 -20.75 -49.55
N GLN B 98 26.44 -21.81 -49.35
CA GLN B 98 27.93 -21.72 -49.33
C GLN B 98 28.40 -21.16 -50.67
N HIS B 99 27.93 -21.72 -51.78
CA HIS B 99 28.27 -21.26 -53.17
C HIS B 99 27.98 -19.77 -53.28
N PHE B 100 26.79 -19.34 -52.85
CA PHE B 100 26.31 -17.93 -52.89
C PHE B 100 27.32 -17.01 -52.19
N LEU B 101 27.71 -17.36 -50.97
CA LEU B 101 28.67 -16.56 -50.15
C LEU B 101 30.04 -16.57 -50.82
N GLU B 102 30.54 -17.73 -51.23
CA GLU B 102 31.83 -17.89 -51.95
C GLU B 102 31.88 -16.88 -53.12
N LYS B 103 30.83 -16.84 -53.95
CA LYS B 103 30.69 -15.93 -55.10
C LYS B 103 30.66 -14.46 -54.64
N VAL B 104 29.85 -14.16 -53.62
CA VAL B 104 29.69 -12.78 -53.06
C VAL B 104 31.06 -12.27 -52.59
N LEU B 105 31.86 -13.12 -51.98
CA LEU B 105 33.16 -12.73 -51.34
C LEU B 105 34.23 -12.48 -52.41
N GLN B 106 33.99 -12.86 -53.67
CA GLN B 106 34.93 -12.66 -54.80
C GLN B 106 34.66 -11.31 -55.48
N SER B 107 33.40 -10.83 -55.47
CA SER B 107 33.04 -9.47 -55.94
C SER B 107 33.53 -8.45 -54.91
N VAL B 108 34.51 -7.63 -55.28
CA VAL B 108 35.24 -6.72 -54.35
C VAL B 108 34.27 -5.63 -53.87
N VAL B 109 33.33 -5.22 -54.73
CA VAL B 109 32.28 -4.21 -54.42
C VAL B 109 31.39 -4.78 -53.31
N LEU B 110 30.85 -5.98 -53.52
CA LEU B 110 29.91 -6.66 -52.59
C LEU B 110 30.63 -6.90 -51.25
N LEU B 111 31.91 -7.29 -51.31
CA LEU B 111 32.77 -7.60 -50.13
C LEU B 111 32.83 -6.38 -49.20
N SER B 112 32.74 -5.17 -49.75
CA SER B 112 32.87 -3.89 -49.02
C SER B 112 31.53 -3.42 -48.44
N ASP B 113 30.45 -4.18 -48.59
CA ASP B 113 29.14 -3.88 -47.96
C ASP B 113 29.26 -4.13 -46.46
N SER B 114 28.92 -3.12 -45.65
CA SER B 114 28.95 -3.17 -44.16
C SER B 114 27.89 -4.15 -43.65
N GLN B 115 26.70 -4.15 -44.28
CA GLN B 115 25.57 -5.04 -43.90
C GLN B 115 25.98 -6.50 -44.10
N LEU B 116 26.76 -6.82 -45.13
CA LEU B 116 27.31 -8.19 -45.36
C LEU B 116 28.26 -8.55 -44.22
N HIS B 117 29.15 -7.62 -43.86
CA HIS B 117 30.18 -7.79 -42.80
C HIS B 117 29.48 -8.11 -41.46
N LEU B 118 28.38 -7.42 -41.16
CA LEU B 118 27.59 -7.66 -39.91
C LEU B 118 26.87 -9.02 -40.00
N PHE B 119 26.29 -9.33 -41.16
CA PHE B 119 25.57 -10.62 -41.40
C PHE B 119 26.50 -11.81 -41.12
N LEU B 120 27.78 -11.70 -41.51
CA LEU B 120 28.75 -12.84 -41.52
C LEU B 120 29.50 -12.96 -40.18
N GLN B 121 29.64 -11.85 -39.46
CA GLN B 121 30.46 -11.65 -38.25
C GLN B 121 29.45 -10.70 -37.63
N SER B 122 29.04 -10.88 -36.42
CA SER B 122 27.94 -10.18 -35.69
C SER B 122 26.90 -11.28 -35.58
N GLN B 123 26.43 -11.43 -34.33
CA GLN B 123 25.22 -12.25 -33.99
C GLN B 123 24.09 -11.24 -33.80
N LEU B 124 24.10 -10.15 -34.55
CA LEU B 124 22.99 -9.17 -34.59
C LEU B 124 21.81 -9.78 -35.36
N SER B 125 20.58 -9.41 -34.98
CA SER B 125 19.36 -9.66 -35.79
C SER B 125 19.47 -8.89 -37.09
N VAL B 126 18.54 -9.09 -38.02
CA VAL B 126 18.47 -8.27 -39.27
C VAL B 126 18.09 -6.84 -38.87
N PRO B 127 16.96 -6.61 -38.15
CA PRO B 127 16.61 -5.26 -37.69
C PRO B 127 17.75 -4.53 -36.95
N GLU B 128 18.55 -5.26 -36.17
CA GLU B 128 19.72 -4.72 -35.42
C GLU B 128 20.81 -4.28 -36.40
N ILE B 129 20.95 -4.97 -37.53
CA ILE B 129 21.92 -4.62 -38.61
C ILE B 129 21.39 -3.39 -39.35
N GLU B 130 20.08 -3.38 -39.67
CA GLU B 130 19.41 -2.21 -40.32
C GLU B 130 19.57 -0.98 -39.43
N ALA B 131 19.64 -1.17 -38.11
CA ALA B 131 19.89 -0.10 -37.12
C ALA B 131 21.36 0.34 -37.18
N CYS B 132 22.31 -0.57 -36.92
CA CYS B 132 23.77 -0.29 -36.82
C CYS B 132 24.25 0.48 -38.08
N VAL B 133 23.37 0.64 -39.08
CA VAL B 133 23.62 1.31 -40.39
C VAL B 133 22.48 2.30 -40.68
N GLN B 134 22.63 3.59 -40.35
CA GLN B 134 21.58 4.58 -40.69
C GLN B 134 22.23 5.94 -40.92
N GLY B 135 21.52 6.82 -41.63
CA GLY B 135 22.00 8.17 -41.98
C GLY B 135 23.39 8.15 -42.60
N ARG B 136 23.66 9.12 -43.48
CA ARG B 136 24.92 9.24 -44.24
C ARG B 136 26.07 9.44 -43.25
N SER B 137 27.24 8.86 -43.55
CA SER B 137 28.50 9.11 -42.80
C SER B 137 28.81 10.62 -42.67
N THR B 138 29.83 10.95 -41.90
CA THR B 138 30.26 12.35 -41.63
C THR B 138 31.43 12.72 -42.55
N THR B 140 30.65 11.68 -46.41
CA THR B 140 29.74 11.72 -47.53
C THR B 140 28.59 12.69 -47.25
N VAL B 141 28.88 13.88 -46.70
CA VAL B 141 27.89 14.95 -46.38
C VAL B 141 28.59 16.30 -46.43
N SER B 142 27.89 17.34 -46.91
CA SER B 142 28.36 18.75 -46.96
C SER B 142 28.84 19.20 -45.58
N ASP B 143 30.01 19.83 -45.51
CA ASP B 143 30.63 20.38 -44.27
C ASP B 143 29.68 21.45 -43.69
N ALA B 144 28.44 21.54 -44.21
CA ALA B 144 27.37 22.43 -43.74
C ALA B 144 26.31 21.62 -42.99
N ILE B 145 25.87 20.50 -43.54
CA ILE B 145 24.92 19.53 -42.90
C ILE B 145 25.59 18.94 -41.65
N LEU B 146 26.89 18.65 -41.73
CA LEU B 146 27.71 18.11 -40.62
C LEU B 146 27.82 19.12 -39.47
N ARG B 147 27.92 20.42 -39.75
CA ARG B 147 28.07 21.48 -38.71
C ARG B 147 26.71 21.71 -38.03
N TYR B 148 25.62 21.55 -38.78
CA TYR B 148 24.22 21.65 -38.29
C TYR B 148 23.93 20.49 -37.34
N ALA B 149 24.48 19.31 -37.67
CA ALA B 149 24.38 18.06 -36.89
C ALA B 149 25.14 18.18 -35.57
N SER B 151 25.74 20.60 -33.62
CA SER B 151 25.27 21.50 -32.58
C SER B 151 24.01 21.09 -31.78
N ASN B 152 23.29 20.03 -32.12
CA ASN B 152 22.09 19.53 -31.42
C ASN B 152 21.97 19.89 -29.92
N LEU B 153 20.89 19.43 -29.29
CA LEU B 153 20.36 19.85 -27.97
C LEU B 153 19.65 18.67 -27.30
N GLU B 154 19.02 18.93 -26.14
CA GLU B 154 18.24 17.96 -25.31
C GLU B 154 16.80 17.83 -25.87
N GLU C 9 1.00 42.41 -16.29
CA GLU C 9 -0.07 43.35 -15.77
C GLU C 9 -1.10 43.66 -16.87
N VAL C 10 -0.74 43.49 -18.14
CA VAL C 10 -1.68 43.47 -19.31
C VAL C 10 -1.51 42.15 -20.07
N ILE C 11 -2.63 41.50 -20.43
CA ILE C 11 -2.69 40.21 -21.16
C ILE C 11 -3.49 40.44 -22.45
N THR C 12 -2.92 40.08 -23.60
CA THR C 12 -3.56 40.15 -24.94
C THR C 12 -3.62 38.75 -25.53
N VAL C 13 -4.78 38.36 -26.06
CA VAL C 13 -5.00 37.06 -26.76
C VAL C 13 -5.68 37.33 -28.10
N ARG C 14 -5.08 36.83 -29.18
CA ARG C 14 -5.67 36.81 -30.54
C ARG C 14 -5.71 35.36 -31.02
N VAL C 15 -6.77 34.98 -31.74
CA VAL C 15 -6.92 33.67 -32.42
C VAL C 15 -6.85 33.94 -33.92
N GLN C 16 -5.73 33.58 -34.56
CA GLN C 16 -5.43 33.94 -35.97
C GLN C 16 -5.19 32.65 -36.77
N ASP C 17 -4.95 32.82 -38.08
CA ASP C 17 -4.32 31.82 -38.98
C ASP C 17 -5.01 30.47 -38.86
N PRO C 18 -6.31 30.36 -39.25
CA PRO C 18 -6.96 29.05 -39.38
C PRO C 18 -6.25 28.26 -40.48
N ARG C 19 -6.01 26.97 -40.26
CA ARG C 19 -5.28 26.09 -41.21
C ARG C 19 -5.89 24.68 -41.18
N VAL C 20 -5.88 24.00 -42.33
CA VAL C 20 -6.34 22.60 -42.50
C VAL C 20 -5.14 21.67 -42.36
N GLN C 21 -5.03 21.02 -41.20
CA GLN C 21 -4.02 19.94 -40.96
C GLN C 21 -4.54 18.67 -41.65
N ASN C 22 -3.62 17.90 -42.25
CA ASN C 22 -3.91 16.61 -42.94
C ASN C 22 -4.92 16.83 -44.07
N GLU C 23 -4.56 17.63 -45.09
CA GLU C 23 -5.41 17.92 -46.27
C GLU C 23 -5.93 16.60 -46.85
N GLY C 24 -7.22 16.52 -47.20
CA GLY C 24 -7.76 15.51 -48.12
C GLY C 24 -7.95 14.14 -47.50
N SER C 25 -7.05 13.70 -46.61
CA SER C 25 -7.17 12.42 -45.85
C SER C 25 -8.31 12.53 -44.84
N TRP C 26 -8.86 11.39 -44.41
CA TRP C 26 -10.09 11.28 -43.59
C TRP C 26 -9.93 12.01 -42.24
N ASN C 27 -8.75 11.98 -41.63
CA ASN C 27 -8.45 12.70 -40.36
C ASN C 27 -8.04 14.15 -40.66
N SER C 28 -8.52 14.71 -41.77
CA SER C 28 -8.52 16.16 -42.09
C SER C 28 -9.20 16.91 -40.95
N TYR C 29 -8.67 18.05 -40.52
CA TYR C 29 -9.31 18.94 -39.52
C TYR C 29 -8.73 20.36 -39.58
N VAL C 30 -9.42 21.31 -38.96
CA VAL C 30 -9.01 22.74 -38.88
C VAL C 30 -8.56 23.05 -37.45
N ASP C 31 -7.37 23.62 -37.29
CA ASP C 31 -6.91 24.20 -35.99
C ASP C 31 -6.68 25.70 -36.19
N TYR C 32 -6.58 26.43 -35.08
CA TYR C 32 -6.46 27.91 -35.01
C TYR C 32 -5.23 28.21 -34.16
N LYS C 33 -4.44 29.22 -34.54
CA LYS C 33 -3.26 29.69 -33.79
C LYS C 33 -3.75 30.61 -32.67
N ILE C 34 -3.37 30.32 -31.42
CA ILE C 34 -3.65 31.20 -30.24
C ILE C 34 -2.35 31.92 -29.87
N PHE C 35 -2.31 33.22 -30.16
CA PHE C 35 -1.20 34.14 -29.87
C PHE C 35 -1.54 34.88 -28.57
N LEU C 36 -0.89 34.48 -27.47
CA LEU C 36 -1.02 35.11 -26.13
C LEU C 36 0.21 35.99 -25.90
N HIS C 37 0.02 37.31 -25.90
CA HIS C 37 1.05 38.35 -25.69
C HIS C 37 0.80 39.03 -24.36
N THR C 38 1.69 38.80 -23.38
CA THR C 38 1.63 39.44 -22.03
C THR C 38 2.84 40.39 -21.83
N ASN C 39 2.44 41.67 -21.76
CA ASN C 39 3.29 42.87 -21.62
C ASN C 39 3.22 43.54 -20.21
N SER C 40 3.95 42.91 -19.30
CA SER C 40 4.22 43.43 -17.93
C SER C 40 5.49 44.31 -18.00
N LYS C 41 5.50 45.47 -17.33
CA LYS C 41 6.72 46.18 -16.88
C LYS C 41 7.36 46.92 -18.03
N ALA C 42 6.95 46.72 -19.31
CA ALA C 42 7.65 46.99 -20.59
C ALA C 42 9.08 46.37 -20.58
N PHE C 43 9.15 45.05 -20.32
CA PHE C 43 10.32 44.34 -19.73
C PHE C 43 10.99 43.65 -20.89
N THR C 44 10.78 42.36 -21.19
CA THR C 44 11.09 41.75 -22.50
C THR C 44 9.73 41.45 -23.18
N ALA C 45 9.72 40.69 -24.29
CA ALA C 45 8.53 40.62 -25.19
C ALA C 45 7.39 39.86 -24.57
N LYS C 46 7.58 38.80 -23.74
CA LYS C 46 6.65 37.65 -23.51
C LYS C 46 5.34 37.31 -24.37
N THR C 47 5.60 36.33 -25.21
CA THR C 47 4.78 35.88 -26.38
C THR C 47 4.71 34.35 -26.34
N SER C 48 3.54 33.79 -26.67
CA SER C 48 3.33 32.32 -26.76
C SER C 48 2.41 32.03 -27.94
N CYS C 49 2.55 30.83 -28.51
CA CYS C 49 2.02 30.46 -29.86
C CYS C 49 1.65 28.98 -29.80
N VAL C 50 0.37 28.64 -29.82
CA VAL C 50 -0.09 27.21 -29.83
C VAL C 50 -1.25 27.08 -30.80
N ARG C 51 -1.33 25.94 -31.48
CA ARG C 51 -2.45 25.59 -32.39
C ARG C 51 -3.44 24.73 -31.63
N ARG C 52 -4.75 25.01 -31.75
CA ARG C 52 -5.81 24.28 -31.02
C ARG C 52 -7.01 24.04 -31.95
N ARG C 53 -7.48 22.79 -32.02
CA ARG C 53 -8.75 22.38 -32.67
C ARG C 53 -9.92 23.04 -31.92
N TYR C 54 -11.11 23.09 -32.52
CA TYR C 54 -12.32 23.60 -31.83
C TYR C 54 -12.68 22.66 -30.69
N ARG C 55 -12.57 21.35 -30.94
CA ARG C 55 -12.93 20.30 -29.95
C ARG C 55 -12.08 20.48 -28.69
N GLU C 56 -10.87 21.04 -28.81
CA GLU C 56 -9.98 21.31 -27.66
C GLU C 56 -10.59 22.44 -26.82
N PHE C 57 -11.15 23.47 -27.44
CA PHE C 57 -11.87 24.58 -26.75
C PHE C 57 -13.09 24.02 -26.00
N VAL C 58 -13.83 23.12 -26.65
CA VAL C 58 -15.04 22.47 -26.06
C VAL C 58 -14.64 21.80 -24.76
N TRP C 59 -13.54 21.05 -24.77
CA TRP C 59 -12.93 20.42 -23.58
C TRP C 59 -12.62 21.50 -22.55
N LEU C 60 -11.86 22.53 -22.95
CA LEU C 60 -11.37 23.62 -22.07
C LEU C 60 -12.55 24.24 -21.33
N ARG C 61 -13.67 24.50 -22.01
CA ARG C 61 -14.85 25.13 -21.38
C ARG C 61 -15.38 24.20 -20.29
N LYS C 62 -15.62 22.93 -20.61
CA LYS C 62 -16.11 21.93 -19.63
C LYS C 62 -15.17 21.91 -18.42
N GLN C 63 -13.85 21.99 -18.64
CA GLN C 63 -12.83 21.98 -17.56
C GLN C 63 -12.90 23.27 -16.74
N LEU C 64 -13.07 24.42 -17.39
CA LEU C 64 -13.21 25.73 -16.68
C LEU C 64 -14.43 25.67 -15.77
N GLN C 65 -15.51 25.03 -16.22
CA GLN C 65 -16.81 24.97 -15.49
C GLN C 65 -16.67 24.14 -14.21
N ARG C 66 -15.92 23.03 -14.25
CA ARG C 66 -15.59 22.20 -13.05
C ARG C 66 -15.00 23.11 -11.96
N ASN C 67 -13.83 23.69 -12.22
CA ASN C 67 -12.98 24.38 -11.23
C ASN C 67 -13.61 25.71 -10.80
N ALA C 68 -14.48 26.30 -11.64
CA ALA C 68 -15.08 27.63 -11.42
C ALA C 68 -16.29 27.55 -10.49
N GLY C 69 -16.69 26.35 -10.09
CA GLY C 69 -17.80 26.10 -9.15
C GLY C 69 -19.10 26.74 -9.63
N LEU C 70 -19.26 28.04 -9.37
CA LEU C 70 -20.52 28.81 -9.62
C LEU C 70 -20.21 30.12 -10.35
N VAL C 71 -18.97 30.31 -10.82
CA VAL C 71 -18.57 31.50 -11.64
C VAL C 71 -19.02 31.21 -13.07
N PRO C 72 -19.73 32.16 -13.73
CA PRO C 72 -20.15 31.96 -15.12
C PRO C 72 -18.93 31.86 -16.04
N VAL C 73 -18.96 30.89 -16.96
CA VAL C 73 -17.91 30.65 -17.98
C VAL C 73 -18.45 31.09 -19.34
N PRO C 74 -17.77 32.02 -20.04
CA PRO C 74 -18.24 32.48 -21.35
C PRO C 74 -18.64 31.35 -22.32
N GLU C 75 -19.51 31.67 -23.27
CA GLU C 75 -20.04 30.72 -24.29
C GLU C 75 -19.03 30.57 -25.43
N LEU C 76 -19.04 29.41 -26.10
CA LEU C 76 -18.33 29.20 -27.38
C LEU C 76 -19.30 29.43 -28.54
N PRO C 77 -18.83 29.82 -29.74
CA PRO C 77 -19.69 29.80 -30.93
C PRO C 77 -20.05 28.37 -31.37
N GLY C 78 -21.33 28.05 -31.46
CA GLY C 78 -21.84 26.72 -31.91
C GLY C 78 -21.68 26.52 -33.42
N LYS C 79 -22.72 25.92 -34.07
CA LYS C 79 -23.04 26.14 -35.51
C LYS C 79 -24.35 26.89 -35.69
N SER C 80 -25.28 26.87 -34.71
CA SER C 80 -26.65 27.44 -34.82
C SER C 80 -26.87 28.29 -36.10
N THR C 81 -27.38 27.67 -37.17
CA THR C 81 -27.90 28.31 -38.42
C THR C 81 -27.00 29.48 -38.89
N PHE C 82 -25.93 29.18 -39.65
CA PHE C 82 -24.83 30.16 -39.90
C PHE C 82 -25.03 30.89 -41.24
N PHE C 83 -25.38 30.27 -42.39
CA PHE C 83 -25.91 30.97 -43.60
C PHE C 83 -24.81 31.64 -44.46
N GLY C 84 -23.61 31.04 -44.50
CA GLY C 84 -22.49 31.64 -45.26
C GLY C 84 -21.69 30.67 -46.11
N THR C 85 -20.57 31.13 -46.66
CA THR C 85 -19.54 30.28 -47.35
C THR C 85 -18.79 29.46 -46.30
N SER C 86 -17.84 28.63 -46.73
CA SER C 86 -16.84 27.96 -45.85
C SER C 86 -15.97 29.04 -45.19
N ASP C 87 -15.05 29.64 -45.95
CA ASP C 87 -14.09 30.69 -45.50
C ASP C 87 -14.79 31.68 -44.55
N GLU C 88 -16.09 31.95 -44.76
CA GLU C 88 -16.91 32.84 -43.90
C GLU C 88 -17.12 32.22 -42.52
N PHE C 89 -17.48 30.94 -42.45
CA PHE C 89 -17.73 30.19 -41.19
C PHE C 89 -16.48 30.18 -40.33
N ILE C 90 -15.37 29.70 -40.92
CA ILE C 90 -14.01 29.70 -40.30
C ILE C 90 -13.80 31.05 -39.62
N GLU C 91 -14.03 32.15 -40.34
CA GLU C 91 -13.77 33.53 -39.87
C GLU C 91 -14.76 33.91 -38.75
N LYS C 92 -16.01 33.47 -38.82
CA LYS C 92 -17.03 33.74 -37.78
C LYS C 92 -16.62 33.02 -36.50
N ARG C 93 -16.28 31.74 -36.60
CA ARG C 93 -15.78 30.90 -35.49
C ARG C 93 -14.51 31.52 -34.91
N ARG C 94 -13.55 31.88 -35.78
CA ARG C 94 -12.25 32.48 -35.37
C ARG C 94 -12.51 33.64 -34.40
N GLN C 95 -13.40 34.57 -34.77
CA GLN C 95 -13.80 35.73 -33.94
C GLN C 95 -14.42 35.24 -32.64
N GLY C 96 -15.36 34.29 -32.74
CA GLY C 96 -16.06 33.69 -31.59
C GLY C 96 -15.09 33.11 -30.58
N LEU C 97 -14.10 32.34 -31.05
CA LEU C 97 -13.04 31.73 -30.20
C LEU C 97 -12.24 32.84 -29.51
N GLN C 98 -11.81 33.85 -30.26
CA GLN C 98 -11.04 35.01 -29.72
C GLN C 98 -11.89 35.69 -28.63
N HIS C 99 -13.15 36.00 -28.95
CA HIS C 99 -14.12 36.63 -28.01
C HIS C 99 -14.18 35.80 -26.72
N PHE C 100 -14.35 34.48 -26.86
CA PHE C 100 -14.44 33.52 -25.73
C PHE C 100 -13.23 33.65 -24.81
N LEU C 101 -12.02 33.63 -25.38
CA LEU C 101 -10.75 33.72 -24.60
C LEU C 101 -10.64 35.11 -23.97
N GLU C 102 -10.90 36.18 -24.72
CA GLU C 102 -10.89 37.58 -24.23
C GLU C 102 -11.73 37.66 -22.95
N LYS C 103 -12.97 37.13 -22.99
CA LYS C 103 -13.92 37.10 -21.84
C LYS C 103 -13.34 36.26 -20.71
N VAL C 104 -12.84 35.06 -21.01
CA VAL C 104 -12.27 34.11 -20.00
C VAL C 104 -11.12 34.79 -19.26
N LEU C 105 -10.29 35.57 -19.96
CA LEU C 105 -9.06 36.20 -19.39
C LEU C 105 -9.42 37.38 -18.48
N GLN C 106 -10.67 37.86 -18.52
CA GLN C 106 -11.15 38.99 -17.68
C GLN C 106 -11.72 38.46 -16.35
N SER C 107 -12.26 37.25 -16.33
CA SER C 107 -12.67 36.54 -15.07
C SER C 107 -11.41 36.09 -14.33
N VAL C 108 -11.13 36.69 -13.18
CA VAL C 108 -9.85 36.50 -12.43
C VAL C 108 -9.78 35.06 -11.92
N VAL C 109 -10.93 34.49 -11.57
CA VAL C 109 -11.07 33.07 -11.10
C VAL C 109 -10.63 32.15 -12.24
N LEU C 110 -11.23 32.31 -13.42
CA LEU C 110 -10.97 31.46 -14.61
C LEU C 110 -9.50 31.60 -15.02
N LEU C 111 -8.97 32.84 -14.95
CA LEU C 111 -7.56 33.18 -15.33
C LEU C 111 -6.59 32.33 -14.52
N SER C 112 -6.96 31.95 -13.28
CA SER C 112 -6.10 31.22 -12.31
C SER C 112 -6.20 29.70 -12.49
N ASP C 113 -6.98 29.22 -13.47
CA ASP C 113 -7.08 27.77 -13.80
C ASP C 113 -5.75 27.35 -14.43
N SER C 114 -5.11 26.30 -13.90
CA SER C 114 -3.83 25.74 -14.39
C SER C 114 -4.03 25.10 -15.77
N GLN C 115 -5.17 24.40 -15.96
CA GLN C 115 -5.51 23.72 -17.24
C GLN C 115 -5.65 24.75 -18.35
N LEU C 116 -6.19 25.94 -18.07
CA LEU C 116 -6.27 27.06 -19.04
C LEU C 116 -4.85 27.52 -19.41
N HIS C 117 -3.99 27.70 -18.40
CA HIS C 117 -2.59 28.17 -18.56
C HIS C 117 -1.83 27.20 -19.47
N LEU C 118 -2.04 25.88 -19.32
CA LEU C 118 -1.40 24.85 -20.16
C LEU C 118 -1.99 24.89 -21.58
N PHE C 119 -3.31 25.03 -21.69
CA PHE C 119 -4.03 25.11 -22.99
C PHE C 119 -3.47 26.25 -23.85
N LEU C 120 -3.15 27.39 -23.22
CA LEU C 120 -2.82 28.67 -23.92
C LEU C 120 -1.31 28.77 -24.19
N GLN C 121 -0.47 28.10 -23.38
CA GLN C 121 1.00 28.32 -23.36
C GLN C 121 1.81 27.03 -23.56
N SER C 122 1.27 25.86 -23.27
CA SER C 122 1.92 24.54 -23.55
C SER C 122 1.54 24.10 -24.96
N GLN C 123 2.39 23.29 -25.59
CA GLN C 123 2.06 22.55 -26.82
C GLN C 123 1.71 21.12 -26.42
N LEU C 124 1.18 20.95 -25.20
CA LEU C 124 0.70 19.64 -24.69
C LEU C 124 -0.61 19.29 -25.38
N SER C 125 -0.87 17.99 -25.58
CA SER C 125 -2.21 17.45 -25.95
C SER C 125 -3.18 17.74 -24.80
N VAL C 126 -4.47 17.46 -24.98
CA VAL C 126 -5.47 17.54 -23.88
C VAL C 126 -5.14 16.44 -22.87
N PRO C 127 -5.06 15.14 -23.27
CA PRO C 127 -4.66 14.08 -22.34
C PRO C 127 -3.37 14.37 -21.55
N GLU C 128 -2.39 15.01 -22.19
CA GLU C 128 -1.11 15.41 -21.56
C GLU C 128 -1.34 16.50 -20.50
N ILE C 129 -2.33 17.37 -20.71
CA ILE C 129 -2.73 18.42 -19.72
C ILE C 129 -3.49 17.74 -18.57
N GLU C 130 -4.40 16.82 -18.89
CA GLU C 130 -5.15 16.02 -17.87
C GLU C 130 -4.16 15.25 -17.00
N ALA C 131 -3.00 14.86 -17.57
CA ALA C 131 -1.89 14.19 -16.86
C ALA C 131 -1.16 15.21 -15.96
N CYS C 132 -0.58 16.27 -16.54
CA CYS C 132 0.25 17.29 -15.83
C CYS C 132 -0.51 17.83 -14.60
N VAL C 133 -1.78 17.44 -14.42
CA VAL C 133 -2.71 17.86 -13.34
C VAL C 133 -3.35 16.62 -12.71
N GLN C 134 -4.27 15.91 -13.39
CA GLN C 134 -4.95 14.70 -12.84
C GLN C 134 -4.22 13.43 -13.31
N GLU D 8 7.87 56.33 -44.21
CA GLU D 8 8.09 56.81 -42.82
C GLU D 8 7.99 55.66 -41.81
N GLU D 9 7.65 54.42 -42.25
CA GLU D 9 7.78 53.20 -41.40
C GLU D 9 9.27 52.91 -41.19
N VAL D 10 9.68 52.63 -39.95
CA VAL D 10 11.09 52.32 -39.58
C VAL D 10 11.15 50.95 -38.89
N ILE D 11 12.09 50.09 -39.29
CA ILE D 11 12.46 48.84 -38.57
C ILE D 11 13.95 48.92 -38.23
N THR D 12 14.29 48.77 -36.95
CA THR D 12 15.69 48.76 -36.45
C THR D 12 15.96 47.40 -35.78
N VAL D 13 17.06 46.74 -36.16
CA VAL D 13 17.50 45.45 -35.55
C VAL D 13 18.98 45.57 -35.18
N ARG D 14 19.29 45.30 -33.92
CA ARG D 14 20.69 45.18 -33.42
C ARG D 14 20.84 43.80 -32.78
N VAL D 15 22.01 43.19 -32.97
CA VAL D 15 22.40 41.91 -32.32
C VAL D 15 23.51 42.24 -31.32
N GLN D 16 23.19 42.21 -30.02
CA GLN D 16 24.06 42.71 -28.93
C GLN D 16 24.33 41.56 -27.94
N ASP D 17 25.16 41.84 -26.93
CA ASP D 17 25.27 41.07 -25.66
C ASP D 17 25.45 39.58 -25.94
N PRO D 18 26.56 39.15 -26.58
CA PRO D 18 26.87 37.73 -26.67
C PRO D 18 27.11 37.19 -25.26
N ARG D 19 26.60 36.00 -24.96
CA ARG D 19 26.71 35.36 -23.61
C ARG D 19 26.89 33.85 -23.79
N VAL D 20 27.67 33.24 -22.89
CA VAL D 20 27.96 31.77 -22.88
C VAL D 20 26.98 31.12 -21.90
N GLN D 21 25.95 30.48 -22.43
CA GLN D 21 24.98 29.67 -21.62
C GLN D 21 25.67 28.33 -21.33
N ASN D 22 25.49 27.79 -20.13
CA ASN D 22 26.07 26.50 -19.64
C ASN D 22 27.60 26.55 -19.71
N GLU D 23 28.24 27.45 -18.97
CA GLU D 23 29.73 27.57 -18.90
C GLU D 23 30.35 26.19 -18.66
N GLY D 24 31.43 25.87 -19.39
CA GLY D 24 32.38 24.79 -19.02
C GLY D 24 31.87 23.39 -19.28
N SER D 25 30.56 23.12 -19.09
CA SER D 25 29.92 21.81 -19.40
C SER D 25 29.86 21.62 -20.92
N TRP D 26 29.73 20.37 -21.37
CA TRP D 26 29.86 19.95 -22.79
C TRP D 26 28.81 20.65 -23.67
N ASN D 27 27.59 20.87 -23.17
CA ASN D 27 26.51 21.58 -23.90
C ASN D 27 26.64 23.09 -23.69
N SER D 28 27.88 23.57 -23.45
CA SER D 28 28.28 25.00 -23.53
C SER D 28 27.91 25.52 -24.92
N TYR D 29 27.37 26.74 -25.01
CA TYR D 29 27.12 27.42 -26.30
C TYR D 29 26.98 28.94 -26.08
N VAL D 30 27.10 29.68 -27.18
CA VAL D 30 26.95 31.17 -27.20
C VAL D 30 25.63 31.52 -27.88
N ASP D 31 24.79 32.33 -27.21
CA ASP D 31 23.62 32.95 -27.85
C ASP D 31 23.83 34.47 -27.88
N TYR D 32 23.03 35.14 -28.71
CA TYR D 32 23.12 36.59 -28.99
C TYR D 32 21.73 37.18 -28.75
N LYS D 33 21.66 38.37 -28.16
CA LYS D 33 20.40 39.10 -27.93
C LYS D 33 20.04 39.83 -29.23
N ILE D 34 18.82 39.60 -29.74
CA ILE D 34 18.27 40.30 -30.94
C ILE D 34 17.25 41.34 -30.44
N PHE D 35 17.63 42.62 -30.52
CA PHE D 35 16.81 43.79 -30.15
C PHE D 35 16.19 44.34 -31.43
N LEU D 36 14.89 44.07 -31.65
CA LEU D 36 14.10 44.59 -32.79
C LEU D 36 13.23 45.74 -32.29
N HIS D 37 13.54 46.98 -32.71
CA HIS D 37 12.75 48.20 -32.43
C HIS D 37 12.07 48.67 -33.73
N THR D 38 10.76 48.54 -33.82
CA THR D 38 9.96 48.90 -35.01
C THR D 38 8.91 49.92 -34.59
N ASN D 39 8.23 50.53 -35.56
CA ASN D 39 6.88 51.13 -35.41
C ASN D 39 6.01 50.74 -36.61
N SER D 40 6.37 49.64 -37.27
CA SER D 40 5.78 49.17 -38.55
C SER D 40 4.56 48.32 -38.24
N LYS D 41 3.47 48.49 -39.02
CA LYS D 41 2.22 47.69 -38.89
C LYS D 41 2.44 46.26 -39.41
N ALA D 42 3.58 45.97 -40.02
CA ALA D 42 4.02 44.60 -40.44
C ALA D 42 4.24 43.72 -39.20
N PHE D 43 4.98 44.22 -38.21
CA PHE D 43 5.32 43.53 -36.95
C PHE D 43 4.26 43.84 -35.87
N THR D 44 4.41 43.18 -34.73
CA THR D 44 3.44 43.20 -33.58
C THR D 44 4.08 44.00 -32.45
N ALA D 45 5.09 43.45 -31.78
CA ALA D 45 5.90 44.11 -30.73
C ALA D 45 6.70 45.29 -31.32
N LYS D 46 6.60 46.45 -30.67
CA LYS D 46 7.23 47.71 -31.11
C LYS D 46 8.62 47.86 -30.46
N THR D 47 8.89 47.21 -29.32
CA THR D 47 10.26 46.79 -28.91
C THR D 47 10.23 45.31 -28.54
N SER D 48 11.21 44.51 -28.98
CA SER D 48 11.25 43.05 -28.69
C SER D 48 12.70 42.64 -28.44
N CYS D 49 12.86 41.56 -27.67
CA CYS D 49 14.14 41.09 -27.06
C CYS D 49 14.09 39.56 -27.04
N VAL D 50 14.92 38.89 -27.84
CA VAL D 50 15.02 37.40 -27.83
C VAL D 50 16.49 37.01 -27.94
N ARG D 51 16.87 35.91 -27.29
CA ARG D 51 18.23 35.32 -27.38
C ARG D 51 18.17 34.19 -28.42
N ARG D 52 19.16 34.12 -29.32
CA ARG D 52 19.21 33.11 -30.41
C ARG D 52 20.64 32.60 -30.58
N ARG D 53 20.81 31.26 -30.58
CA ARG D 53 22.05 30.55 -30.94
C ARG D 53 22.38 30.84 -32.40
N TYR D 54 23.62 30.58 -32.85
CA TYR D 54 24.00 30.72 -34.27
C TYR D 54 23.24 29.65 -35.07
N ARG D 55 23.13 28.44 -34.54
CA ARG D 55 22.49 27.30 -35.21
C ARG D 55 21.03 27.64 -35.52
N GLU D 56 20.41 28.50 -34.71
CA GLU D 56 19.02 28.97 -34.93
C GLU D 56 18.98 29.85 -36.18
N PHE D 57 19.97 30.72 -36.39
CA PHE D 57 20.11 31.57 -37.61
C PHE D 57 20.27 30.67 -38.84
N VAL D 58 21.10 29.64 -38.73
CA VAL D 58 21.36 28.66 -39.82
C VAL D 58 20.03 28.07 -40.28
N TRP D 59 19.20 27.64 -39.33
CA TRP D 59 17.83 27.15 -39.57
C TRP D 59 17.02 28.24 -40.29
N LEU D 60 16.98 29.45 -39.71
CA LEU D 60 16.19 30.59 -40.21
C LEU D 60 16.51 30.85 -41.68
N ARG D 61 17.79 30.82 -42.06
CA ARG D 61 18.21 31.08 -43.45
C ARG D 61 17.62 30.00 -44.36
N LYS D 62 17.80 28.72 -44.02
CA LYS D 62 17.25 27.59 -44.81
C LYS D 62 15.74 27.78 -44.97
N GLN D 63 15.04 28.24 -43.91
CA GLN D 63 13.57 28.45 -43.92
C GLN D 63 13.23 29.63 -44.82
N LEU D 64 13.99 30.73 -44.76
CA LEU D 64 13.77 31.92 -45.62
C LEU D 64 13.91 31.50 -47.09
N GLN D 65 14.86 30.60 -47.40
CA GLN D 65 15.17 30.18 -48.79
C GLN D 65 14.00 29.38 -49.37
N ARG D 66 13.36 28.51 -48.58
CA ARG D 66 12.14 27.77 -49.00
C ARG D 66 11.09 28.76 -49.52
N ASN D 67 10.60 29.64 -48.63
CA ASN D 67 9.41 30.50 -48.87
C ASN D 67 9.74 31.60 -49.90
N ALA D 68 11.01 31.95 -50.06
CA ALA D 68 11.46 33.08 -50.92
C ALA D 68 11.57 32.65 -52.39
N GLY D 69 11.35 31.36 -52.68
CA GLY D 69 11.31 30.82 -54.05
C GLY D 69 12.59 31.12 -54.83
N LEU D 70 12.70 32.32 -55.38
CA LEU D 70 13.82 32.74 -56.27
C LEU D 70 14.42 34.07 -55.82
N VAL D 71 14.00 34.60 -54.67
CA VAL D 71 14.53 35.86 -54.09
C VAL D 71 15.83 35.52 -53.38
N PRO D 72 16.94 36.25 -53.64
CA PRO D 72 18.20 35.99 -52.95
C PRO D 72 18.06 36.26 -51.44
N VAL D 73 18.58 35.35 -50.62
CA VAL D 73 18.60 35.45 -49.13
C VAL D 73 20.02 35.78 -48.69
N PRO D 74 20.25 36.88 -47.94
CA PRO D 74 21.58 37.25 -47.49
C PRO D 74 22.38 36.10 -46.86
N GLU D 75 23.71 36.20 -46.89
CA GLU D 75 24.66 35.19 -46.37
C GLU D 75 24.81 35.35 -44.85
N LEU D 76 25.12 34.26 -44.14
CA LEU D 76 25.56 34.29 -42.72
C LEU D 76 27.08 34.29 -42.68
N PRO D 77 27.72 34.84 -41.63
CA PRO D 77 29.16 34.64 -41.43
C PRO D 77 29.49 33.19 -41.05
N GLY D 78 30.37 32.53 -41.83
CA GLY D 78 30.75 31.12 -41.64
C GLY D 78 31.68 30.92 -40.44
N LYS D 79 32.48 29.86 -40.45
CA LYS D 79 33.76 29.78 -39.69
C LYS D 79 34.91 29.72 -40.72
N SER D 80 35.62 30.83 -40.80
CA SER D 80 36.57 31.20 -41.90
C SER D 80 38.02 31.12 -41.44
N THR D 81 38.94 31.53 -42.32
CA THR D 81 40.41 31.64 -42.09
C THR D 81 40.68 32.64 -40.97
N PHE D 82 39.90 32.64 -39.90
CA PHE D 82 40.00 33.59 -38.75
C PHE D 82 41.01 33.05 -37.71
N PHE D 83 42.09 33.78 -37.47
CA PHE D 83 43.19 33.39 -36.53
C PHE D 83 43.02 34.05 -35.15
N GLY D 84 41.97 34.85 -34.92
CA GLY D 84 41.92 35.83 -33.82
C GLY D 84 41.74 35.17 -32.47
N THR D 85 41.42 35.97 -31.43
CA THR D 85 41.04 35.47 -30.08
C THR D 85 39.63 34.88 -30.16
N SER D 86 39.12 34.33 -29.05
CA SER D 86 37.68 33.96 -28.91
C SER D 86 36.83 35.23 -29.00
N ASP D 87 36.84 36.06 -27.95
CA ASP D 87 36.08 37.33 -27.83
C ASP D 87 36.08 38.09 -29.16
N GLU D 88 37.16 37.99 -29.96
CA GLU D 88 37.28 38.63 -31.29
C GLU D 88 36.32 37.97 -32.30
N PHE D 89 36.30 36.64 -32.33
CA PHE D 89 35.43 35.84 -33.26
C PHE D 89 33.96 36.14 -32.98
N ILE D 90 33.55 35.98 -31.71
CA ILE D 90 32.22 36.32 -31.18
C ILE D 90 31.79 37.67 -31.76
N GLU D 91 32.66 38.69 -31.64
CA GLU D 91 32.37 40.08 -32.07
C GLU D 91 32.28 40.16 -33.60
N LYS D 92 33.10 39.41 -34.34
CA LYS D 92 33.06 39.37 -35.83
C LYS D 92 31.72 38.77 -36.27
N ARG D 93 31.36 37.63 -35.69
CA ARG D 93 30.07 36.92 -35.92
C ARG D 93 28.91 37.84 -35.53
N ARG D 94 28.97 38.46 -34.35
CA ARG D 94 27.92 39.39 -33.84
C ARG D 94 27.56 40.40 -34.93
N GLN D 95 28.57 41.07 -35.50
CA GLN D 95 28.40 42.06 -36.60
C GLN D 95 27.78 41.37 -37.81
N GLY D 96 28.33 40.21 -38.19
CA GLY D 96 27.83 39.41 -39.33
C GLY D 96 26.36 39.07 -39.20
N LEU D 97 25.93 38.62 -38.02
CA LEU D 97 24.52 38.28 -37.71
C LEU D 97 23.66 39.54 -37.85
N GLN D 98 24.09 40.66 -37.26
CA GLN D 98 23.36 41.96 -37.35
C GLN D 98 23.23 42.34 -38.83
N HIS D 99 24.34 42.32 -39.57
CA HIS D 99 24.38 42.62 -41.03
C HIS D 99 23.34 41.75 -41.75
N PHE D 100 23.34 40.45 -41.49
CA PHE D 100 22.43 39.45 -42.11
C PHE D 100 20.97 39.87 -41.91
N LEU D 101 20.59 40.19 -40.66
CA LEU D 101 19.20 40.59 -40.31
C LEU D 101 18.87 41.92 -40.98
N GLU D 102 19.77 42.92 -40.89
CA GLU D 102 19.61 44.25 -41.54
C GLU D 102 19.23 44.04 -43.02
N LYS D 103 19.99 43.20 -43.72
CA LYS D 103 19.78 42.88 -45.16
C LYS D 103 18.43 42.18 -45.34
N VAL D 104 18.13 41.17 -44.52
CA VAL D 104 16.88 40.36 -44.59
C VAL D 104 15.67 41.30 -44.44
N LEU D 105 15.76 42.30 -43.56
CA LEU D 105 14.62 43.21 -43.22
C LEU D 105 14.38 44.22 -44.34
N GLN D 106 15.30 44.35 -45.31
CA GLN D 106 15.16 45.28 -46.46
C GLN D 106 14.48 44.57 -47.64
N SER D 107 14.64 43.24 -47.77
CA SER D 107 13.88 42.41 -48.75
C SER D 107 12.44 42.28 -48.27
N VAL D 108 11.49 42.88 -48.99
CA VAL D 108 10.07 43.00 -48.57
C VAL D 108 9.43 41.61 -48.56
N VAL D 109 9.85 40.73 -49.47
CA VAL D 109 9.38 39.32 -49.56
C VAL D 109 9.78 38.60 -48.28
N LEU D 110 11.07 38.63 -47.94
CA LEU D 110 11.66 37.95 -46.76
C LEU D 110 11.00 38.49 -45.48
N LEU D 111 10.78 39.80 -45.43
CA LEU D 111 10.18 40.53 -44.27
C LEU D 111 8.80 39.94 -43.95
N SER D 112 8.09 39.43 -44.96
CA SER D 112 6.70 38.91 -44.85
C SER D 112 6.67 37.43 -44.45
N ASP D 113 7.83 36.79 -44.22
CA ASP D 113 7.91 35.39 -43.73
C ASP D 113 7.45 35.38 -42.27
N SER D 114 6.47 34.53 -41.95
CA SER D 114 5.89 34.36 -40.59
C SER D 114 6.95 33.73 -39.67
N GLN D 115 7.72 32.76 -40.17
CA GLN D 115 8.79 32.07 -39.40
C GLN D 115 9.86 33.07 -38.96
N LEU D 116 10.18 34.06 -39.81
CA LEU D 116 11.13 35.16 -39.45
C LEU D 116 10.53 35.99 -38.32
N HIS D 117 9.25 36.35 -38.43
CA HIS D 117 8.52 37.18 -37.45
C HIS D 117 8.54 36.49 -36.08
N LEU D 118 8.36 35.16 -36.04
CA LEU D 118 8.40 34.37 -34.78
C LEU D 118 9.83 34.31 -34.25
N PHE D 119 10.82 34.10 -35.13
CA PHE D 119 12.26 34.02 -34.78
C PHE D 119 12.69 35.32 -34.05
N LEU D 120 12.20 36.48 -34.51
CA LEU D 120 12.69 37.82 -34.09
C LEU D 120 11.92 38.34 -32.87
N GLN D 121 10.67 37.89 -32.68
CA GLN D 121 9.72 38.50 -31.70
C GLN D 121 9.13 37.49 -30.72
N SER D 122 9.09 36.18 -31.03
CA SER D 122 8.66 35.12 -30.09
C SER D 122 9.88 34.64 -29.30
N GLN D 123 9.65 34.12 -28.10
CA GLN D 123 10.65 33.35 -27.33
C GLN D 123 10.35 31.87 -27.53
N LEU D 124 9.77 31.52 -28.69
CA LEU D 124 9.50 30.11 -29.09
C LEU D 124 10.83 29.45 -29.47
N SER D 125 10.93 28.14 -29.22
CA SER D 125 12.00 27.27 -29.77
C SER D 125 11.85 27.24 -31.30
N VAL D 126 12.81 26.63 -32.01
CA VAL D 126 12.68 26.40 -33.47
C VAL D 126 11.56 25.38 -33.69
N PRO D 127 11.59 24.18 -33.07
CA PRO D 127 10.49 23.22 -33.18
C PRO D 127 9.09 23.81 -32.90
N GLU D 128 9.00 24.71 -31.93
CA GLU D 128 7.74 25.42 -31.55
C GLU D 128 7.29 26.34 -32.68
N ILE D 129 8.24 26.93 -33.43
CA ILE D 129 7.95 27.79 -34.61
C ILE D 129 7.51 26.88 -35.77
N GLU D 130 8.21 25.77 -35.99
CA GLU D 130 7.86 24.74 -37.02
C GLU D 130 6.46 24.22 -36.74
N ALA D 131 6.04 24.20 -35.48
CA ALA D 131 4.67 23.81 -35.04
C ALA D 131 3.68 24.92 -35.37
N CYS D 132 3.87 26.14 -34.82
CA CYS D 132 2.95 27.30 -34.97
C CYS D 132 2.63 27.54 -36.48
N VAL D 133 3.30 26.83 -37.38
CA VAL D 133 3.19 26.91 -38.87
C VAL D 133 3.03 25.50 -39.45
N GLN D 134 1.82 25.01 -39.73
CA GLN D 134 1.70 23.66 -40.35
C GLN D 134 0.55 23.62 -41.37
N GLY D 135 0.63 22.65 -42.28
CA GLY D 135 0.16 22.65 -43.69
C GLY D 135 -0.49 23.93 -44.15
N ARG D 136 -0.08 24.57 -45.26
CA ARG D 136 -0.59 25.91 -45.64
C ARG D 136 -2.09 25.77 -45.96
N SER D 137 -2.95 26.75 -45.57
CA SER D 137 -4.38 26.42 -45.37
C SER D 137 -5.32 27.61 -45.17
N THR D 138 -6.62 27.19 -45.18
CA THR D 138 -8.02 27.68 -44.95
C THR D 138 -8.39 28.84 -45.83
N THR D 140 -5.85 29.33 -48.96
CA THR D 140 -5.06 28.70 -50.01
C THR D 140 -5.34 27.19 -50.05
N VAL D 141 -6.62 26.80 -50.01
CA VAL D 141 -7.09 25.38 -50.07
C VAL D 141 -8.48 25.34 -50.72
N SER D 142 -8.72 24.31 -51.54
CA SER D 142 -10.00 24.10 -52.29
C SER D 142 -11.16 24.08 -51.29
N ASP D 143 -12.25 24.81 -51.60
CA ASP D 143 -13.47 24.88 -50.77
C ASP D 143 -14.09 23.48 -50.66
N ALA D 144 -13.36 22.45 -51.09
CA ALA D 144 -13.75 21.03 -51.01
C ALA D 144 -12.92 20.33 -49.92
N ILE D 145 -11.60 20.53 -49.91
CA ILE D 145 -10.67 20.00 -48.87
C ILE D 145 -11.03 20.63 -47.51
N LEU D 146 -11.37 21.92 -47.52
CA LEU D 146 -11.78 22.70 -46.31
C LEU D 146 -13.09 22.17 -45.74
N ARG D 147 -14.05 21.74 -46.56
CA ARG D 147 -15.37 21.23 -46.11
C ARG D 147 -15.20 19.81 -45.54
N TYR D 148 -14.26 19.04 -46.08
CA TYR D 148 -13.89 17.67 -45.63
C TYR D 148 -13.23 17.77 -44.26
N ALA D 149 -12.43 18.82 -44.06
CA ALA D 149 -11.71 19.15 -42.80
C ALA D 149 -12.69 19.55 -41.71
N SER D 151 -15.69 18.69 -41.07
CA SER D 151 -16.50 17.63 -40.51
C SER D 151 -15.59 16.58 -39.82
N ASN D 152 -15.78 16.32 -38.53
CA ASN D 152 -14.92 15.40 -37.72
C ASN D 152 -15.62 14.88 -36.46
N LEU D 153 -14.94 13.96 -35.75
CA LEU D 153 -15.50 13.03 -34.72
C LEU D 153 -14.55 12.93 -33.53
N GLU D 154 -15.08 12.52 -32.37
CA GLU D 154 -14.37 12.27 -31.09
C GLU D 154 -14.18 13.59 -30.35
N VAL E 10 45.36 -13.82 2.41
CA VAL E 10 45.42 -15.03 1.52
C VAL E 10 44.13 -15.84 1.70
N ILE E 11 43.55 -16.28 0.58
CA ILE E 11 42.32 -17.12 0.50
C ILE E 11 42.71 -18.41 -0.25
N THR E 12 42.41 -19.57 0.34
CA THR E 12 42.62 -20.92 -0.25
C THR E 12 41.27 -21.61 -0.36
N VAL E 13 40.97 -22.21 -1.52
CA VAL E 13 39.73 -23.02 -1.75
C VAL E 13 40.14 -24.35 -2.37
N ARG E 14 39.72 -25.46 -1.77
CA ARG E 14 39.83 -26.83 -2.33
C ARG E 14 38.42 -27.42 -2.40
N VAL E 15 38.14 -28.18 -3.46
CA VAL E 15 36.89 -28.98 -3.64
C VAL E 15 37.27 -30.46 -3.52
N GLN E 16 36.92 -31.10 -2.40
CA GLN E 16 37.38 -32.46 -2.05
C GLN E 16 36.17 -33.37 -1.86
N ASP E 17 36.43 -34.65 -1.57
CA ASP E 17 35.48 -35.62 -0.95
C ASP E 17 34.15 -35.63 -1.70
N PRO E 18 34.12 -36.05 -2.98
CA PRO E 18 32.85 -36.31 -3.67
C PRO E 18 32.12 -37.45 -2.94
N ARG E 19 30.81 -37.33 -2.75
CA ARG E 19 29.96 -38.33 -2.03
C ARG E 19 28.59 -38.42 -2.69
N VAL E 20 28.00 -39.62 -2.68
CA VAL E 20 26.65 -39.91 -3.21
C VAL E 20 25.65 -39.82 -2.04
N GLN E 21 24.91 -38.72 -1.98
CA GLN E 21 23.78 -38.55 -1.02
C GLN E 21 22.59 -39.34 -1.56
N ASN E 22 21.83 -39.99 -0.68
CA ASN E 22 20.62 -40.80 -1.00
C ASN E 22 20.98 -41.93 -1.97
N GLU E 23 21.85 -42.86 -1.55
CA GLU E 23 22.26 -44.03 -2.37
C GLU E 23 21.01 -44.73 -2.92
N GLY E 24 21.02 -45.11 -4.21
CA GLY E 24 20.11 -46.13 -4.77
C GLY E 24 18.69 -45.62 -5.02
N SER E 25 18.15 -44.75 -4.16
CA SER E 25 16.81 -44.11 -4.35
C SER E 25 16.89 -43.11 -5.50
N TRP E 26 15.74 -42.79 -6.10
CA TRP E 26 15.60 -42.01 -7.36
C TRP E 26 16.22 -40.60 -7.21
N ASN E 27 16.10 -39.97 -6.03
CA ASN E 27 16.69 -38.63 -5.74
C ASN E 27 18.14 -38.80 -5.28
N SER E 28 18.81 -39.88 -5.71
CA SER E 28 20.28 -40.08 -5.64
C SER E 28 20.96 -38.89 -6.32
N TYR E 29 22.04 -38.36 -5.76
CA TYR E 29 22.87 -37.29 -6.38
C TYR E 29 24.27 -37.24 -5.74
N VAL E 30 25.22 -36.57 -6.42
CA VAL E 30 26.61 -36.36 -5.96
C VAL E 30 26.79 -34.90 -5.53
N ASP E 31 27.29 -34.67 -4.33
CA ASP E 31 27.75 -33.32 -3.89
C ASP E 31 29.25 -33.40 -3.60
N TYR E 32 29.89 -32.23 -3.50
CA TYR E 32 31.34 -32.04 -3.32
C TYR E 32 31.53 -31.12 -2.09
N LYS E 33 32.54 -31.41 -1.28
CA LYS E 33 32.90 -30.59 -0.09
C LYS E 33 33.74 -29.41 -0.57
N ILE E 34 33.34 -28.18 -0.25
CA ILE E 34 34.12 -26.95 -0.53
C ILE E 34 34.76 -26.47 0.78
N PHE E 35 36.08 -26.65 0.88
CA PHE E 35 36.93 -26.25 2.03
C PHE E 35 37.57 -24.90 1.67
N LEU E 36 37.05 -23.83 2.26
CA LEU E 36 37.58 -22.44 2.12
C LEU E 36 38.40 -22.09 3.37
N HIS E 37 39.72 -22.00 3.22
CA HIS E 37 40.69 -21.69 4.29
C HIS E 37 41.29 -20.30 4.03
N THR E 38 40.95 -19.33 4.87
CA THR E 38 41.44 -17.92 4.76
C THR E 38 42.25 -17.58 6.02
N ASN E 39 43.20 -16.68 5.92
CA ASN E 39 44.41 -16.60 6.79
C ASN E 39 44.98 -15.18 6.68
N SER E 40 44.42 -14.23 7.46
CA SER E 40 45.06 -12.96 7.91
C SER E 40 45.96 -13.26 9.12
N LYS E 41 47.17 -12.66 9.14
CA LYS E 41 48.16 -12.83 10.22
C LYS E 41 47.70 -12.13 11.51
N ALA E 42 46.61 -11.32 11.45
CA ALA E 42 45.99 -10.67 12.63
C ALA E 42 45.39 -11.73 13.55
N PHE E 43 44.58 -12.66 12.97
CA PHE E 43 43.91 -13.77 13.69
C PHE E 43 44.79 -15.04 13.70
N THR E 44 44.18 -16.21 13.88
CA THR E 44 44.69 -17.54 13.46
C THR E 44 43.76 -18.00 12.32
N ALA E 45 43.83 -19.27 11.89
CA ALA E 45 43.27 -19.74 10.59
C ALA E 45 41.74 -19.78 10.66
N LYS E 46 41.07 -19.16 9.69
CA LYS E 46 39.60 -19.18 9.48
C LYS E 46 39.35 -20.28 8.46
N THR E 47 38.44 -21.20 8.77
CA THR E 47 38.11 -22.40 7.96
C THR E 47 36.58 -22.49 7.81
N SER E 48 36.10 -22.89 6.63
CA SER E 48 34.66 -23.15 6.37
C SER E 48 34.52 -24.40 5.49
N CYS E 49 33.37 -25.06 5.60
CA CYS E 49 33.13 -26.45 5.10
C CYS E 49 31.68 -26.54 4.67
N VAL E 50 31.38 -26.62 3.37
CA VAL E 50 29.98 -26.76 2.87
C VAL E 50 29.98 -27.78 1.72
N ARG E 51 28.90 -28.55 1.61
CA ARG E 51 28.68 -29.52 0.51
C ARG E 51 27.79 -28.86 -0.53
N ARG E 52 28.13 -28.99 -1.82
CA ARG E 52 27.40 -28.35 -2.94
C ARG E 52 27.28 -29.31 -4.12
N ARG E 53 26.06 -29.50 -4.64
CA ARG E 53 25.76 -30.21 -5.91
C ARG E 53 26.41 -29.44 -7.07
N TYR E 54 26.55 -30.06 -8.24
CA TYR E 54 27.06 -29.37 -9.45
C TYR E 54 26.04 -28.32 -9.88
N ARG E 55 24.76 -28.68 -9.81
CA ARG E 55 23.63 -27.79 -10.24
C ARG E 55 23.69 -26.49 -9.43
N GLU E 56 24.20 -26.55 -8.19
CA GLU E 56 24.33 -25.35 -7.32
C GLU E 56 25.41 -24.43 -7.91
N PHE E 57 26.52 -24.98 -8.42
CA PHE E 57 27.59 -24.22 -9.10
C PHE E 57 27.03 -23.56 -10.36
N VAL E 58 26.22 -24.29 -11.12
CA VAL E 58 25.58 -23.79 -12.38
C VAL E 58 24.78 -22.53 -12.04
N TRP E 59 23.99 -22.59 -10.97
CA TRP E 59 23.23 -21.44 -10.43
C TRP E 59 24.21 -20.31 -10.09
N LEU E 60 25.23 -20.62 -9.29
CA LEU E 60 26.23 -19.63 -8.77
C LEU E 60 26.83 -18.86 -9.95
N ARG E 61 27.19 -19.54 -11.03
CA ARG E 61 27.82 -18.89 -12.22
C ARG E 61 26.83 -17.90 -12.82
N LYS E 62 25.59 -18.32 -13.10
CA LYS E 62 24.53 -17.45 -13.65
C LYS E 62 24.37 -16.21 -12.75
N GLN E 63 24.42 -16.41 -11.42
CA GLN E 63 24.27 -15.31 -10.42
C GLN E 63 25.48 -14.38 -10.48
N LEU E 64 26.71 -14.93 -10.58
CA LEU E 64 27.95 -14.13 -10.68
C LEU E 64 27.87 -13.26 -11.94
N GLN E 65 27.31 -13.78 -13.04
CA GLN E 65 27.25 -13.09 -14.36
C GLN E 65 26.32 -11.88 -14.27
N ARG E 66 25.18 -11.99 -13.58
CA ARG E 66 24.27 -10.85 -13.33
C ARG E 66 25.04 -9.68 -12.72
N ASN E 67 25.59 -9.87 -11.52
CA ASN E 67 26.16 -8.79 -10.66
C ASN E 67 27.48 -8.28 -11.26
N ALA E 68 28.17 -9.08 -12.07
CA ALA E 68 29.51 -8.78 -12.63
C ALA E 68 29.41 -7.89 -13.86
N GLY E 69 28.19 -7.60 -14.33
CA GLY E 69 27.93 -6.72 -15.49
C GLY E 69 28.68 -7.19 -16.74
N LEU E 70 29.95 -6.80 -16.84
CA LEU E 70 30.80 -7.02 -18.05
C LEU E 70 32.15 -7.62 -17.66
N VAL E 71 32.32 -8.05 -16.41
CA VAL E 71 33.54 -8.76 -15.93
C VAL E 71 33.40 -10.22 -16.35
N PRO E 72 34.42 -10.81 -17.00
CA PRO E 72 34.36 -12.22 -17.39
C PRO E 72 34.26 -13.12 -16.16
N VAL E 73 33.38 -14.11 -16.21
CA VAL E 73 33.16 -15.13 -15.13
C VAL E 73 33.73 -16.46 -15.63
N PRO E 74 34.69 -17.08 -14.89
CA PRO E 74 35.27 -18.35 -15.31
C PRO E 74 34.25 -19.41 -15.73
N GLU E 75 34.68 -20.36 -16.55
CA GLU E 75 33.84 -21.47 -17.10
C GLU E 75 33.74 -22.60 -16.07
N LEU E 76 32.64 -23.36 -16.10
CA LEU E 76 32.50 -24.64 -15.36
C LEU E 76 32.87 -25.79 -16.30
N PRO E 77 33.33 -26.94 -15.78
CA PRO E 77 33.46 -28.14 -16.61
C PRO E 77 32.09 -28.72 -17.00
N GLY E 78 31.82 -28.87 -18.31
CA GLY E 78 30.56 -29.43 -18.84
C GLY E 78 30.45 -30.95 -18.62
N LYS E 79 29.75 -31.63 -19.53
CA LYS E 79 29.74 -33.11 -19.67
C LYS E 79 30.33 -33.51 -21.03
N SER E 80 30.38 -32.63 -22.05
CA SER E 80 30.37 -32.97 -23.50
C SER E 80 30.51 -34.48 -23.78
N THR E 81 31.73 -35.02 -23.88
CA THR E 81 32.03 -36.40 -24.39
C THR E 81 33.34 -36.96 -23.79
N PHE E 82 33.28 -37.56 -22.60
CA PHE E 82 34.48 -37.75 -21.73
C PHE E 82 35.10 -39.15 -21.87
N PHE E 83 34.36 -40.28 -21.96
CA PHE E 83 34.83 -41.65 -22.28
C PHE E 83 35.31 -42.49 -21.08
N GLY E 84 35.79 -41.87 -20.00
CA GLY E 84 36.51 -42.54 -18.91
C GLY E 84 35.60 -43.43 -18.06
N THR E 85 36.07 -43.85 -16.88
CA THR E 85 35.26 -44.53 -15.84
C THR E 85 34.32 -43.50 -15.20
N SER E 86 33.43 -43.93 -14.29
CA SER E 86 32.68 -43.04 -13.37
C SER E 86 33.66 -42.28 -12.48
N ASP E 87 34.26 -42.97 -11.49
CA ASP E 87 35.23 -42.40 -10.52
C ASP E 87 36.19 -41.41 -11.20
N GLU E 88 36.53 -41.65 -12.48
CA GLU E 88 37.42 -40.76 -13.29
C GLU E 88 36.70 -39.45 -13.60
N PHE E 89 35.43 -39.49 -14.02
CA PHE E 89 34.62 -38.29 -14.36
C PHE E 89 34.47 -37.40 -13.14
N ILE E 90 33.98 -37.98 -12.05
CA ILE E 90 33.86 -37.34 -10.69
C ILE E 90 35.15 -36.53 -10.43
N GLU E 91 36.30 -37.18 -10.58
CA GLU E 91 37.63 -36.59 -10.28
C GLU E 91 37.97 -35.47 -11.28
N LYS E 92 37.59 -35.62 -12.55
CA LYS E 92 37.82 -34.58 -13.60
C LYS E 92 36.99 -33.35 -13.25
N ARG E 93 35.70 -33.55 -12.96
CA ARG E 93 34.75 -32.50 -12.53
C ARG E 93 35.26 -31.84 -11.24
N ARG E 94 35.66 -32.65 -10.25
CA ARG E 94 36.17 -32.16 -8.94
C ARG E 94 37.25 -31.11 -9.18
N GLN E 95 38.24 -31.42 -10.02
CA GLN E 95 39.36 -30.50 -10.39
C GLN E 95 38.78 -29.26 -11.07
N GLY E 96 37.88 -29.46 -12.04
CA GLY E 96 37.23 -28.38 -12.80
C GLY E 96 36.52 -27.40 -11.88
N LEU E 97 35.75 -27.91 -10.91
CA LEU E 97 35.02 -27.09 -9.90
C LEU E 97 36.05 -26.30 -9.07
N GLN E 98 37.10 -26.95 -8.58
CA GLN E 98 38.17 -26.29 -7.79
C GLN E 98 38.80 -25.18 -8.64
N HIS E 99 39.18 -25.50 -9.88
CA HIS E 99 39.78 -24.53 -10.84
C HIS E 99 38.85 -23.32 -10.97
N PHE E 100 37.55 -23.56 -11.18
CA PHE E 100 36.50 -22.52 -11.35
C PHE E 100 36.51 -21.57 -10.16
N LEU E 101 36.48 -22.10 -8.94
CA LEU E 101 36.46 -21.30 -7.69
C LEU E 101 37.78 -20.54 -7.53
N GLU E 102 38.92 -21.22 -7.73
CA GLU E 102 40.27 -20.60 -7.69
C GLU E 102 40.28 -19.34 -8.56
N LYS E 103 39.81 -19.45 -9.80
CA LYS E 103 39.73 -18.34 -10.79
C LYS E 103 38.78 -17.25 -10.27
N VAL E 104 37.58 -17.64 -9.81
CA VAL E 104 36.52 -16.71 -9.31
C VAL E 104 37.10 -15.88 -8.16
N LEU E 105 37.90 -16.49 -7.28
CA LEU E 105 38.42 -15.85 -6.04
C LEU E 105 39.55 -14.86 -6.37
N GLN E 106 40.08 -14.88 -7.60
CA GLN E 106 41.15 -13.96 -8.05
C GLN E 106 40.54 -12.70 -8.68
N SER E 107 39.35 -12.78 -9.26
CA SER E 107 38.57 -11.60 -9.73
C SER E 107 38.00 -10.88 -8.51
N VAL E 108 38.49 -9.67 -8.23
CA VAL E 108 38.19 -8.92 -6.98
C VAL E 108 36.71 -8.52 -7.00
N VAL E 109 36.17 -8.24 -8.18
CA VAL E 109 34.72 -7.89 -8.38
C VAL E 109 33.87 -9.09 -7.96
N LEU E 110 34.15 -10.27 -8.52
CA LEU E 110 33.40 -11.53 -8.27
C LEU E 110 33.51 -11.89 -6.79
N LEU E 111 34.70 -11.71 -6.19
CA LEU E 111 35.01 -12.02 -4.78
C LEU E 111 34.05 -11.25 -3.85
N SER E 112 33.60 -10.07 -4.27
CA SER E 112 32.75 -9.15 -3.47
C SER E 112 31.26 -9.45 -3.64
N ASP E 113 30.89 -10.49 -4.41
CA ASP E 113 29.48 -10.93 -4.56
C ASP E 113 29.05 -11.58 -3.23
N SER E 114 27.94 -11.11 -2.65
CA SER E 114 27.37 -11.62 -1.38
C SER E 114 26.86 -13.04 -1.58
N GLN E 115 26.22 -13.32 -2.71
CA GLN E 115 25.67 -14.66 -3.06
C GLN E 115 26.80 -15.69 -3.12
N LEU E 116 27.98 -15.31 -3.62
CA LEU E 116 29.18 -16.19 -3.62
C LEU E 116 29.60 -16.48 -2.18
N HIS E 117 29.66 -15.45 -1.34
CA HIS E 117 30.06 -15.52 0.08
C HIS E 117 29.15 -16.50 0.83
N LEU E 118 27.84 -16.45 0.56
CA LEU E 118 26.84 -17.38 1.18
C LEU E 118 27.03 -18.80 0.62
N PHE E 119 27.25 -18.93 -0.68
CA PHE E 119 27.46 -20.23 -1.37
C PHE E 119 28.65 -20.98 -0.73
N LEU E 120 29.72 -20.26 -0.38
CA LEU E 120 31.03 -20.83 0.04
C LEU E 120 31.09 -21.05 1.55
N GLN E 121 30.32 -20.29 2.33
CA GLN E 121 30.49 -20.21 3.82
C GLN E 121 29.17 -20.49 4.57
N SER E 122 28.00 -20.32 3.97
CA SER E 122 26.70 -20.71 4.57
C SER E 122 26.38 -22.16 4.21
N GLN E 123 25.60 -22.84 5.05
CA GLN E 123 24.97 -24.14 4.67
C GLN E 123 23.52 -23.84 4.28
N LEU E 124 23.28 -22.66 3.72
CA LEU E 124 21.95 -22.27 3.18
C LEU E 124 21.71 -23.01 1.87
N SER E 125 20.46 -23.32 1.56
CA SER E 125 20.00 -23.78 0.22
C SER E 125 20.24 -22.64 -0.77
N VAL E 126 20.03 -22.88 -2.06
CA VAL E 126 20.05 -21.81 -3.10
C VAL E 126 18.86 -20.88 -2.85
N PRO E 127 17.60 -21.39 -2.81
CA PRO E 127 16.45 -20.55 -2.49
C PRO E 127 16.61 -19.70 -1.21
N GLU E 128 17.27 -20.25 -0.18
CA GLU E 128 17.55 -19.56 1.10
C GLU E 128 18.54 -18.41 0.87
N ILE E 129 19.48 -18.57 -0.07
CA ILE E 129 20.46 -17.51 -0.46
C ILE E 129 19.71 -16.44 -1.27
N GLU E 130 18.87 -16.86 -2.22
CA GLU E 130 18.02 -15.94 -3.04
C GLU E 130 17.12 -15.11 -2.10
N ALA E 131 16.74 -15.68 -0.95
CA ALA E 131 15.97 -15.00 0.12
C ALA E 131 16.86 -14.00 0.85
N CYS E 132 17.95 -14.46 1.50
CA CYS E 132 18.86 -13.66 2.35
C CYS E 132 19.33 -12.40 1.58
N VAL E 133 18.98 -12.29 0.29
CA VAL E 133 19.35 -11.19 -0.66
C VAL E 133 18.08 -10.69 -1.37
N GLN E 134 17.48 -11.45 -2.28
CA GLN E 134 16.26 -11.03 -3.03
C GLN E 134 15.01 -11.59 -2.35
N ILE F 11 53.15 -32.61 16.74
CA ILE F 11 51.77 -32.04 16.93
C ILE F 11 51.57 -31.69 18.40
N THR F 12 51.24 -30.43 18.70
CA THR F 12 51.08 -29.91 20.08
C THR F 12 49.64 -29.40 20.24
N VAL F 13 48.96 -29.84 21.31
CA VAL F 13 47.58 -29.39 21.65
C VAL F 13 47.56 -28.96 23.12
N ARG F 14 47.11 -27.73 23.37
CA ARG F 14 46.83 -27.22 24.74
C ARG F 14 45.37 -26.77 24.78
N VAL F 15 44.71 -27.00 25.92
CA VAL F 15 43.33 -26.51 26.21
C VAL F 15 43.46 -25.45 27.30
N GLN F 16 43.30 -24.17 26.93
CA GLN F 16 43.59 -23.01 27.81
C GLN F 16 42.33 -22.16 27.96
N ASP F 17 42.43 -21.10 28.78
CA ASP F 17 41.49 -19.94 28.80
C ASP F 17 40.05 -20.41 28.90
N PRO F 18 39.63 -21.07 30.01
CA PRO F 18 38.21 -21.33 30.23
C PRO F 18 37.49 -19.98 30.40
N ARG F 19 36.31 -19.85 29.80
CA ARG F 19 35.49 -18.60 29.83
C ARG F 19 34.02 -18.96 29.93
N VAL F 20 33.25 -18.13 30.66
CA VAL F 20 31.78 -18.30 30.84
C VAL F 20 31.08 -17.43 29.80
N GLN F 21 30.57 -18.05 28.74
CA GLN F 21 29.74 -17.38 27.71
C GLN F 21 28.33 -17.23 28.30
N ASN F 22 27.67 -16.10 28.05
CA ASN F 22 26.30 -15.78 28.54
C ASN F 22 26.24 -15.80 30.07
N GLU F 23 27.01 -14.94 30.75
CA GLU F 23 27.02 -14.84 32.24
C GLU F 23 25.58 -14.76 32.76
N GLY F 24 25.25 -15.49 33.83
CA GLY F 24 24.09 -15.24 34.69
C GLY F 24 22.76 -15.68 34.09
N SER F 25 22.57 -15.55 32.77
CA SER F 25 21.35 -16.01 32.04
C SER F 25 21.35 -17.54 32.01
N TRP F 26 20.17 -18.15 31.82
CA TRP F 26 19.92 -19.60 31.96
C TRP F 26 20.78 -20.42 30.97
N ASN F 27 21.04 -19.92 29.76
CA ASN F 27 21.89 -20.59 28.75
C ASN F 27 23.36 -20.20 28.99
N SER F 28 23.73 -19.87 30.24
CA SER F 28 25.12 -19.76 30.74
C SER F 28 25.82 -21.09 30.44
N TYR F 29 27.08 -21.03 30.00
CA TYR F 29 27.93 -22.24 29.83
C TYR F 29 29.41 -21.85 29.78
N VAL F 30 30.28 -22.84 29.97
CA VAL F 30 31.77 -22.68 29.92
C VAL F 30 32.28 -23.34 28.64
N ASP F 31 33.06 -22.59 27.84
CA ASP F 31 33.83 -23.19 26.72
C ASP F 31 35.32 -23.01 27.02
N TYR F 32 36.14 -23.77 26.31
CA TYR F 32 37.61 -23.86 26.49
C TYR F 32 38.25 -23.58 25.14
N LYS F 33 39.36 -22.85 25.12
CA LYS F 33 40.15 -22.56 23.89
C LYS F 33 41.04 -23.77 23.62
N ILE F 34 40.97 -24.33 22.41
CA ILE F 34 41.86 -25.43 21.95
C ILE F 34 42.87 -24.84 20.98
N PHE F 35 44.13 -24.74 21.44
CA PHE F 35 45.30 -24.24 20.68
C PHE F 35 46.06 -25.46 20.15
N LEU F 36 45.90 -25.73 18.85
CA LEU F 36 46.60 -26.82 18.12
C LEU F 36 47.74 -26.20 17.32
N HIS F 37 48.99 -26.46 17.73
CA HIS F 37 50.23 -26.03 17.00
C HIS F 37 50.91 -27.27 16.41
N THR F 38 50.89 -27.42 15.09
CA THR F 38 51.45 -28.56 14.35
C THR F 38 52.49 -28.04 13.36
N ASN F 39 53.25 -28.93 12.75
CA ASN F 39 53.92 -28.73 11.44
C ASN F 39 53.75 -29.99 10.58
N SER F 40 52.72 -30.78 10.89
CA SER F 40 52.46 -32.13 10.33
C SER F 40 51.67 -31.98 9.04
N LYS F 41 52.01 -32.75 8.00
CA LYS F 41 51.30 -32.77 6.69
C LYS F 41 49.92 -33.45 6.82
N ALA F 42 49.63 -34.07 7.98
CA ALA F 42 48.30 -34.65 8.33
C ALA F 42 47.26 -33.53 8.46
N PHE F 43 47.58 -32.47 9.19
CA PHE F 43 46.71 -31.28 9.44
C PHE F 43 46.95 -30.22 8.37
N THR F 44 46.13 -29.15 8.43
CA THR F 44 46.07 -28.05 7.44
C THR F 44 46.68 -26.80 8.09
N ALA F 45 45.99 -26.19 9.04
CA ALA F 45 46.44 -25.04 9.86
C ALA F 45 47.63 -25.44 10.76
N LYS F 46 48.72 -24.66 10.70
CA LYS F 46 49.98 -24.91 11.44
C LYS F 46 49.94 -24.22 12.82
N THR F 47 49.13 -23.16 12.99
CA THR F 47 48.56 -22.78 14.32
C THR F 47 47.05 -22.61 14.17
N SER F 48 46.25 -23.12 15.11
CA SER F 48 44.76 -23.03 15.06
C SER F 48 44.22 -22.80 16.46
N CYS F 49 43.05 -22.16 16.53
CA CYS F 49 42.43 -21.59 17.75
C CYS F 49 40.91 -21.76 17.62
N VAL F 50 40.29 -22.62 18.41
CA VAL F 50 38.81 -22.79 18.42
C VAL F 50 38.33 -22.94 19.87
N ARG F 51 37.14 -22.42 20.16
CA ARG F 51 36.48 -22.55 21.48
C ARG F 51 35.49 -23.73 21.39
N ARG F 52 35.47 -24.60 22.39
CA ARG F 52 34.60 -25.81 22.42
C ARG F 52 34.01 -26.01 23.82
N ARG F 53 32.69 -26.17 23.90
CA ARG F 53 31.94 -26.60 25.11
C ARG F 53 32.39 -28.01 25.49
N TYR F 54 32.10 -28.45 26.72
CA TYR F 54 32.40 -29.84 27.15
C TYR F 54 31.50 -30.79 26.36
N ARG F 55 30.24 -30.42 26.16
CA ARG F 55 29.24 -31.26 25.46
C ARG F 55 29.72 -31.56 24.03
N GLU F 56 30.52 -30.65 23.45
CA GLU F 56 31.11 -30.84 22.09
C GLU F 56 32.14 -31.97 22.15
N PHE F 57 32.95 -32.03 23.21
CA PHE F 57 33.95 -33.13 23.43
C PHE F 57 33.21 -34.46 23.57
N VAL F 58 32.11 -34.47 24.34
CA VAL F 58 31.27 -35.67 24.58
C VAL F 58 30.83 -36.24 23.21
N TRP F 59 30.35 -35.37 22.33
CA TRP F 59 29.98 -35.71 20.94
C TRP F 59 31.21 -36.29 20.23
N LEU F 60 32.32 -35.56 20.25
CA LEU F 60 33.57 -35.92 19.54
C LEU F 60 33.99 -37.34 19.92
N ARG F 61 33.93 -37.69 21.20
CA ARG F 61 34.34 -39.04 21.69
C ARG F 61 33.42 -40.08 21.05
N LYS F 62 32.12 -39.91 21.15
CA LYS F 62 31.12 -40.85 20.54
C LYS F 62 31.44 -41.02 19.05
N GLN F 63 31.80 -39.92 18.36
CA GLN F 63 32.11 -39.94 16.90
C GLN F 63 33.42 -40.69 16.66
N LEU F 64 34.44 -40.46 17.49
CA LEU F 64 35.75 -41.17 17.39
C LEU F 64 35.52 -42.67 17.54
N GLN F 65 34.61 -43.08 18.43
CA GLN F 65 34.33 -44.51 18.75
C GLN F 65 33.70 -45.21 17.56
N ARG F 66 32.79 -44.56 16.83
CA ARG F 66 32.18 -45.09 15.58
C ARG F 66 33.30 -45.50 14.61
N ASN F 67 34.10 -44.53 14.16
CA ASN F 67 35.07 -44.68 13.04
C ASN F 67 36.26 -45.54 13.46
N ALA F 68 36.55 -45.63 14.76
CA ALA F 68 37.73 -46.32 15.32
C ALA F 68 37.48 -47.83 15.44
N GLY F 69 36.27 -48.29 15.14
CA GLY F 69 35.92 -49.72 15.08
C GLY F 69 36.23 -50.45 16.40
N LEU F 70 37.49 -50.83 16.61
CA LEU F 70 37.94 -51.64 17.78
C LEU F 70 39.14 -50.99 18.48
N VAL F 71 39.53 -49.78 18.05
CA VAL F 71 40.68 -49.04 18.66
C VAL F 71 40.16 -48.36 19.91
N PRO F 72 40.85 -48.50 21.07
CA PRO F 72 40.42 -47.81 22.29
C PRO F 72 40.49 -46.29 22.11
N VAL F 73 39.46 -45.58 22.56
CA VAL F 73 39.36 -44.08 22.53
C VAL F 73 39.53 -43.58 23.96
N PRO F 74 40.51 -42.69 24.23
CA PRO F 74 40.73 -42.17 25.58
C PRO F 74 39.45 -41.68 26.28
N GLU F 75 39.46 -41.66 27.61
CA GLU F 75 38.32 -41.25 28.47
C GLU F 75 38.28 -39.72 28.58
N LEU F 76 37.10 -39.15 28.81
CA LEU F 76 36.92 -37.73 29.20
C LEU F 76 36.82 -37.66 30.72
N PRO F 77 37.18 -36.52 31.36
CA PRO F 77 36.86 -36.32 32.78
C PRO F 77 35.34 -36.13 33.00
N GLY F 78 34.74 -36.98 33.86
CA GLY F 78 33.29 -36.98 34.13
C GLY F 78 32.85 -35.79 34.99
N LYS F 79 31.70 -35.91 35.64
CA LYS F 79 31.29 -35.10 36.80
C LYS F 79 32.52 -34.55 37.52
N SER F 86 33.89 -23.65 41.97
CA SER F 86 33.93 -23.70 40.50
C SER F 86 35.40 -23.71 40.04
N ASP F 87 36.08 -22.56 40.10
CA ASP F 87 37.38 -22.30 39.42
C ASP F 87 38.31 -23.51 39.52
N GLU F 88 38.25 -24.27 40.61
CA GLU F 88 39.06 -25.51 40.81
C GLU F 88 38.60 -26.61 39.86
N PHE F 89 37.28 -26.83 39.76
CA PHE F 89 36.66 -27.88 38.89
C PHE F 89 36.99 -27.60 37.43
N ILE F 90 36.69 -26.37 36.98
CA ILE F 90 37.04 -25.83 35.64
C ILE F 90 38.48 -26.25 35.31
N GLU F 91 39.42 -25.98 36.22
CA GLU F 91 40.88 -26.23 36.02
C GLU F 91 41.16 -27.73 35.98
N LYS F 92 40.45 -28.54 36.79
CA LYS F 92 40.62 -30.02 36.80
C LYS F 92 40.15 -30.58 35.44
N ARG F 93 38.96 -30.16 35.00
CA ARG F 93 38.37 -30.51 33.68
C ARG F 93 39.31 -30.04 32.56
N ARG F 94 39.76 -28.79 32.61
CA ARG F 94 40.67 -28.19 31.60
C ARG F 94 41.84 -29.14 31.34
N GLN F 95 42.51 -29.61 32.42
CA GLN F 95 43.64 -30.57 32.34
C GLN F 95 43.16 -31.88 31.72
N GLY F 96 42.02 -32.39 32.20
CA GLY F 96 41.40 -33.62 31.71
C GLY F 96 41.14 -33.59 30.21
N LEU F 97 40.57 -32.48 29.72
CA LEU F 97 40.30 -32.25 28.28
C LEU F 97 41.62 -32.25 27.50
N GLN F 98 42.63 -31.52 27.98
CA GLN F 98 43.97 -31.47 27.34
C GLN F 98 44.54 -32.88 27.28
N HIS F 99 44.53 -33.59 28.40
CA HIS F 99 45.02 -34.99 28.52
C HIS F 99 44.33 -35.85 27.46
N PHE F 100 43.00 -35.75 27.36
CA PHE F 100 42.14 -36.52 26.40
C PHE F 100 42.65 -36.30 24.98
N LEU F 101 42.83 -35.03 24.58
CA LEU F 101 43.27 -34.67 23.20
C LEU F 101 44.70 -35.17 22.98
N GLU F 102 45.61 -34.93 23.93
CA GLU F 102 47.02 -35.41 23.88
C GLU F 102 47.04 -36.91 23.55
N LYS F 103 46.25 -37.70 24.27
CA LYS F 103 46.11 -39.17 24.09
C LYS F 103 45.54 -39.47 22.70
N VAL F 104 44.45 -38.79 22.31
CA VAL F 104 43.76 -39.00 21.01
C VAL F 104 44.75 -38.76 19.86
N LEU F 105 45.62 -37.74 19.99
CA LEU F 105 46.54 -37.32 18.91
C LEU F 105 47.71 -38.32 18.77
N GLN F 106 47.90 -39.23 19.72
CA GLN F 106 48.97 -40.26 19.69
C GLN F 106 48.47 -41.53 18.99
N SER F 107 47.16 -41.84 19.06
CA SER F 107 46.53 -42.93 18.29
C SER F 107 46.43 -42.49 16.81
N VAL F 108 47.18 -43.15 15.94
CA VAL F 108 47.36 -42.74 14.51
C VAL F 108 46.02 -42.92 13.78
N VAL F 109 45.24 -43.93 14.17
CA VAL F 109 43.89 -44.21 13.60
C VAL F 109 42.98 -43.03 13.92
N LEU F 110 42.88 -42.67 15.21
CA LEU F 110 42.01 -41.56 15.71
C LEU F 110 42.43 -40.25 15.05
N LEU F 111 43.74 -40.02 14.92
CA LEU F 111 44.35 -38.79 14.33
C LEU F 111 43.82 -38.58 12.91
N SER F 112 43.50 -39.67 12.19
CA SER F 112 43.07 -39.65 10.77
C SER F 112 41.55 -39.45 10.64
N ASP F 113 40.82 -39.29 11.74
CA ASP F 113 39.36 -38.99 11.71
C ASP F 113 39.18 -37.56 11.20
N SER F 114 38.36 -37.38 10.15
CA SER F 114 38.05 -36.06 9.53
C SER F 114 37.25 -35.20 10.51
N GLN F 115 36.30 -35.81 11.23
CA GLN F 115 35.44 -35.11 12.23
C GLN F 115 36.31 -34.53 13.35
N LEU F 116 37.37 -35.23 13.77
CA LEU F 116 38.34 -34.71 14.77
C LEU F 116 39.06 -33.48 14.19
N HIS F 117 39.51 -33.58 12.94
CA HIS F 117 40.26 -32.51 12.22
C HIS F 117 39.40 -31.24 12.16
N LEU F 118 38.09 -31.38 11.89
CA LEU F 118 37.13 -30.24 11.84
C LEU F 118 36.91 -29.69 13.25
N PHE F 119 36.76 -30.57 14.24
CA PHE F 119 36.53 -30.19 15.67
C PHE F 119 37.69 -29.30 16.16
N LEU F 120 38.93 -29.61 15.75
CA LEU F 120 40.17 -29.01 16.32
C LEU F 120 40.58 -27.74 15.55
N GLN F 121 40.20 -27.65 14.26
CA GLN F 121 40.75 -26.63 13.32
C GLN F 121 39.65 -25.79 12.64
N SER F 122 38.41 -26.28 12.52
CA SER F 122 37.27 -25.48 12.01
C SER F 122 36.61 -24.73 13.17
N GLN F 123 35.96 -23.62 12.89
CA GLN F 123 35.03 -22.95 13.82
C GLN F 123 33.61 -23.34 13.40
N LEU F 124 33.46 -24.55 12.85
CA LEU F 124 32.14 -25.13 12.49
C LEU F 124 31.43 -25.57 13.77
N SER F 125 30.10 -25.50 13.80
CA SER F 125 29.24 -26.12 14.84
C SER F 125 29.41 -27.63 14.73
N VAL F 126 28.84 -28.38 15.67
CA VAL F 126 28.79 -29.87 15.57
C VAL F 126 27.88 -30.24 14.40
N PRO F 127 26.61 -29.78 14.34
CA PRO F 127 25.74 -30.03 13.19
C PRO F 127 26.37 -29.71 11.83
N GLU F 128 27.17 -28.64 11.76
CA GLU F 128 27.89 -28.22 10.53
C GLU F 128 28.97 -29.25 10.17
N ILE F 129 29.59 -29.89 11.17
CA ILE F 129 30.59 -30.96 10.97
C ILE F 129 29.86 -32.24 10.52
N GLU F 130 28.74 -32.57 11.17
CA GLU F 130 27.86 -33.72 10.80
C GLU F 130 27.38 -33.55 9.36
N ALA F 131 27.23 -32.31 8.90
CA ALA F 131 26.88 -31.96 7.50
C ALA F 131 28.08 -32.19 6.58
N CYS F 132 29.21 -31.51 6.82
CA CYS F 132 30.43 -31.55 5.96
C CYS F 132 30.85 -33.03 5.71
N VAL F 133 30.19 -33.98 6.36
CA VAL F 133 30.45 -35.45 6.31
C VAL F 133 29.12 -36.20 6.10
N GLN F 134 28.72 -36.57 4.88
CA GLN F 134 27.44 -37.34 4.73
C GLN F 134 27.55 -38.41 3.64
N GLY F 135 26.66 -39.39 3.73
CA GLY F 135 26.76 -40.80 3.26
C GLY F 135 28.11 -41.21 2.77
N ARG F 136 28.73 -42.30 3.22
CA ARG F 136 30.07 -42.73 2.73
C ARG F 136 29.95 -43.07 1.23
N SER F 137 30.94 -42.71 0.39
CA SER F 137 30.65 -42.44 -1.05
C SER F 137 31.86 -42.17 -1.92
N THR F 138 31.53 -42.23 -3.25
CA THR F 138 32.11 -42.11 -4.61
C THR F 138 33.27 -43.04 -4.85
N THR F 140 33.65 -45.91 -2.01
CA THR F 140 32.95 -46.83 -1.12
C THR F 140 31.50 -47.06 -1.57
N VAL F 141 31.24 -47.17 -2.88
CA VAL F 141 29.88 -47.41 -3.46
C VAL F 141 30.04 -48.15 -4.80
N SER F 142 29.10 -49.07 -5.09
CA SER F 142 29.00 -49.82 -6.36
C SER F 142 29.02 -48.84 -7.54
N ASP F 143 29.82 -49.13 -8.56
CA ASP F 143 29.93 -48.32 -9.80
C ASP F 143 28.57 -48.30 -10.52
N ALA F 144 27.52 -48.79 -9.85
CA ALA F 144 26.12 -48.82 -10.31
C ALA F 144 25.30 -47.78 -9.56
N ILE F 145 25.43 -47.72 -8.22
CA ILE F 145 24.78 -46.69 -7.35
C ILE F 145 25.33 -45.31 -7.71
N LEU F 146 26.63 -45.23 -7.99
CA LEU F 146 27.33 -43.97 -8.38
C LEU F 146 26.84 -43.47 -9.74
N ARG F 147 26.53 -44.36 -10.69
CA ARG F 147 26.06 -43.98 -12.06
C ARG F 147 24.60 -43.51 -11.98
N TYR F 148 23.82 -44.08 -11.07
CA TYR F 148 22.41 -43.71 -10.79
C TYR F 148 22.36 -42.31 -10.17
N ALA F 149 23.36 -42.02 -9.32
CA ALA F 149 23.55 -40.72 -8.63
C ALA F 149 23.92 -39.64 -9.64
N SER F 151 23.22 -39.16 -12.70
CA SER F 151 22.18 -38.72 -13.61
C SER F 151 21.03 -38.08 -12.81
N ASN F 152 20.66 -36.81 -13.10
CA ASN F 152 19.59 -36.07 -12.38
C ASN F 152 19.01 -34.92 -13.22
N LEU F 153 17.93 -34.30 -12.70
CA LEU F 153 17.02 -33.39 -13.45
C LEU F 153 16.67 -32.15 -12.60
N GLU F 154 16.34 -31.06 -13.29
CA GLU F 154 15.79 -29.79 -12.74
C GLU F 154 15.79 -28.76 -13.87
N GLU G 9 -15.01 45.54 4.17
CA GLU G 9 -13.84 44.93 4.87
C GLU G 9 -12.54 45.41 4.22
N VAL G 10 -11.56 45.79 5.05
CA VAL G 10 -10.30 46.50 4.67
C VAL G 10 -9.10 45.72 5.23
N ILE G 11 -8.04 45.56 4.45
CA ILE G 11 -6.76 44.90 4.81
C ILE G 11 -5.63 45.93 4.65
N THR G 12 -4.83 46.13 5.69
CA THR G 12 -3.64 47.02 5.70
C THR G 12 -2.39 46.18 6.01
N VAL G 13 -1.33 46.37 5.24
CA VAL G 13 -0.01 45.70 5.45
C VAL G 13 1.09 46.76 5.41
N ARG G 14 1.91 46.79 6.46
CA ARG G 14 3.16 47.59 6.53
C ARG G 14 4.33 46.65 6.81
N VAL G 15 5.49 46.91 6.20
CA VAL G 15 6.77 46.21 6.46
C VAL G 15 7.69 47.20 7.17
N GLN G 16 7.91 47.02 8.47
CA GLN G 16 8.61 48.00 9.33
C GLN G 16 9.83 47.32 9.97
N ASP G 17 10.59 48.09 10.75
CA ASP G 17 11.55 47.61 11.79
C ASP G 17 12.49 46.56 11.21
N PRO G 18 13.35 46.91 10.23
CA PRO G 18 14.43 46.01 9.81
C PRO G 18 15.37 45.80 11.00
N ARG G 19 15.83 44.57 11.22
CA ARG G 19 16.72 44.18 12.35
C ARG G 19 17.71 43.12 11.89
N VAL G 20 18.92 43.15 12.48
CA VAL G 20 20.00 42.17 12.27
C VAL G 20 19.89 41.10 13.35
N GLN G 21 19.36 39.93 13.01
CA GLN G 21 19.37 38.72 13.89
C GLN G 21 20.76 38.12 13.84
N ASN G 22 21.25 37.63 14.99
CA ASN G 22 22.58 36.97 15.16
C ASN G 22 23.70 37.92 14.73
N GLU G 23 23.86 39.05 15.43
CA GLU G 23 24.92 40.06 15.14
C GLU G 23 26.28 39.35 15.07
N GLY G 24 27.11 39.69 14.07
CA GLY G 24 28.56 39.41 14.09
C GLY G 24 28.92 37.97 13.76
N SER G 25 28.13 36.99 14.21
CA SER G 25 28.32 35.55 13.89
C SER G 25 27.98 35.31 12.40
N TRP G 26 28.51 34.23 11.83
CA TRP G 26 28.49 33.92 10.37
C TRP G 26 27.04 33.80 9.87
N ASN G 27 26.11 33.26 10.65
CA ASN G 27 24.67 33.15 10.29
C ASN G 27 23.93 34.45 10.66
N SER G 28 24.66 35.57 10.68
CA SER G 28 24.11 36.96 10.70
C SER G 28 23.14 37.11 9.51
N TYR G 29 22.00 37.75 9.71
CA TYR G 29 21.04 38.09 8.62
C TYR G 29 20.06 39.20 9.04
N VAL G 30 19.38 39.80 8.06
CA VAL G 30 18.37 40.87 8.27
C VAL G 30 16.97 40.29 8.02
N ASP G 31 16.05 40.48 8.95
CA ASP G 31 14.60 40.20 8.74
C ASP G 31 13.83 41.51 8.91
N TYR G 32 12.58 41.52 8.46
CA TYR G 32 11.66 42.68 8.44
C TYR G 32 10.37 42.26 9.14
N LYS G 33 9.78 43.16 9.93
CA LYS G 33 8.50 42.93 10.63
C LYS G 33 7.36 43.20 9.63
N ILE G 34 6.46 42.24 9.44
CA ILE G 34 5.23 42.40 8.61
C ILE G 34 4.04 42.56 9.56
N PHE G 35 3.51 43.78 9.63
CA PHE G 35 2.34 44.18 10.43
C PHE G 35 1.12 44.18 9.50
N LEU G 36 0.28 43.14 9.62
CA LEU G 36 -0.99 42.98 8.87
C LEU G 36 -2.14 43.35 9.79
N HIS G 37 -2.79 44.48 9.53
CA HIS G 37 -3.94 45.03 10.29
C HIS G 37 -5.19 44.96 9.42
N THR G 38 -6.13 44.09 9.79
CA THR G 38 -7.46 43.97 9.11
C THR G 38 -8.60 44.33 10.02
N ASN G 39 -9.60 45.08 9.54
CA ASN G 39 -10.66 45.74 10.31
C ASN G 39 -11.97 45.63 9.55
N SER G 40 -12.72 44.54 9.84
CA SER G 40 -14.19 44.41 9.62
C SER G 40 -14.93 45.10 10.77
N LYS G 41 -16.02 45.81 10.45
CA LYS G 41 -16.87 46.54 11.44
C LYS G 41 -17.68 45.53 12.29
N ALA G 42 -17.67 44.22 11.92
CA ALA G 42 -18.32 43.14 12.69
C ALA G 42 -17.59 42.95 14.04
N PHE G 43 -16.24 42.84 13.98
CA PHE G 43 -15.35 42.65 15.14
C PHE G 43 -14.89 44.01 15.73
N THR G 44 -13.77 44.02 16.46
CA THR G 44 -12.81 45.14 16.59
C THR G 44 -11.56 44.76 15.77
N ALA G 45 -10.48 45.53 15.85
CA ALA G 45 -9.31 45.46 14.93
C ALA G 45 -8.53 44.17 15.13
N LYS G 46 -8.30 43.41 14.05
CA LYS G 46 -7.46 42.18 14.02
C LYS G 46 -6.08 42.62 13.57
N THR G 47 -5.05 42.22 14.31
CA THR G 47 -3.63 42.60 14.10
C THR G 47 -2.76 41.33 14.12
N SER G 48 -1.75 41.26 13.26
CA SER G 48 -0.73 40.17 13.26
C SER G 48 0.65 40.76 12.99
N CYS G 49 1.68 40.09 13.47
CA CYS G 49 3.09 40.54 13.58
C CYS G 49 3.96 39.30 13.31
N VAL G 50 4.68 39.28 12.19
CA VAL G 50 5.66 38.19 11.89
C VAL G 50 6.91 38.81 11.30
N ARG G 51 8.08 38.23 11.61
CA ARG G 51 9.38 38.64 11.05
C ARG G 51 9.71 37.70 9.89
N ARG G 52 10.17 38.26 8.75
CA ARG G 52 10.47 37.47 7.52
C ARG G 52 11.76 37.98 6.88
N ARG G 53 12.69 37.07 6.59
CA ARG G 53 13.91 37.31 5.76
C ARG G 53 13.47 37.68 4.34
N TYR G 54 14.37 38.25 3.53
CA TYR G 54 14.07 38.54 2.11
C TYR G 54 13.89 37.23 1.35
N ARG G 55 14.75 36.25 1.66
CA ARG G 55 14.75 34.91 0.99
C ARG G 55 13.39 34.26 1.18
N GLU G 56 12.69 34.56 2.27
CA GLU G 56 11.33 34.02 2.54
C GLU G 56 10.34 34.63 1.54
N PHE G 57 10.46 35.93 1.23
CA PHE G 57 9.64 36.62 0.21
C PHE G 57 9.88 35.99 -1.17
N VAL G 58 11.15 35.72 -1.48
CA VAL G 58 11.57 35.11 -2.78
C VAL G 58 10.82 33.78 -2.95
N TRP G 59 10.80 32.96 -1.89
CA TRP G 59 10.03 31.70 -1.83
C TRP G 59 8.55 32.01 -2.09
N LEU G 60 7.98 32.93 -1.30
CA LEU G 60 6.54 33.28 -1.33
C LEU G 60 6.12 33.63 -2.76
N ARG G 61 6.93 34.40 -3.48
CA ARG G 61 6.60 34.82 -4.86
C ARG G 61 6.54 33.59 -5.75
N LYS G 62 7.56 32.73 -5.74
CA LYS G 62 7.60 31.48 -6.53
C LYS G 62 6.34 30.65 -6.21
N GLN G 63 5.93 30.60 -4.95
CA GLN G 63 4.73 29.82 -4.50
C GLN G 63 3.45 30.48 -5.03
N LEU G 64 3.35 31.81 -4.97
CA LEU G 64 2.18 32.56 -5.50
C LEU G 64 2.04 32.27 -7.00
N GLN G 65 3.17 32.17 -7.73
CA GLN G 65 3.20 31.99 -9.21
C GLN G 65 2.65 30.61 -9.58
N ARG G 66 2.98 29.56 -8.81
CA ARG G 66 2.43 28.19 -9.01
C ARG G 66 0.89 28.25 -9.02
N ASN G 67 0.30 28.66 -7.89
CA ASN G 67 -1.16 28.56 -7.62
C ASN G 67 -1.95 29.56 -8.46
N ALA G 68 -1.31 30.65 -8.92
CA ALA G 68 -1.96 31.77 -9.63
C ALA G 68 -2.10 31.45 -11.13
N GLY G 69 -1.57 30.31 -11.58
CA GLY G 69 -1.72 29.82 -12.97
C GLY G 69 -1.25 30.85 -14.00
N LEU G 70 -2.09 31.83 -14.32
CA LEU G 70 -1.85 32.83 -15.40
C LEU G 70 -2.09 34.26 -14.88
N VAL G 71 -2.32 34.42 -13.57
CA VAL G 71 -2.53 35.76 -12.94
C VAL G 71 -1.15 36.35 -12.70
N PRO G 72 -0.90 37.62 -13.11
CA PRO G 72 0.39 38.25 -12.86
C PRO G 72 0.64 38.42 -11.36
N VAL G 73 1.85 38.09 -10.91
CA VAL G 73 2.32 38.22 -9.49
C VAL G 73 3.28 39.39 -9.42
N PRO G 74 3.02 40.41 -8.57
CA PRO G 74 3.90 41.58 -8.45
C PRO G 74 5.39 41.20 -8.30
N GLU G 75 6.27 42.14 -8.68
CA GLU G 75 7.75 41.97 -8.64
C GLU G 75 8.27 42.24 -7.23
N LEU G 76 9.40 41.64 -6.86
CA LEU G 76 10.16 41.99 -5.63
C LEU G 76 11.27 42.97 -6.02
N PRO G 77 11.74 43.83 -5.09
CA PRO G 77 12.97 44.61 -5.35
C PRO G 77 14.22 43.72 -5.36
N GLY G 78 15.00 43.74 -6.44
CA GLY G 78 16.25 42.98 -6.59
C GLY G 78 17.40 43.56 -5.75
N LYS G 79 18.63 43.43 -6.27
CA LYS G 79 19.83 44.11 -5.73
C LYS G 79 20.42 45.10 -6.72
N SER G 80 20.06 45.06 -8.01
CA SER G 80 20.32 46.11 -9.05
C SER G 80 21.19 47.27 -8.50
N THR G 81 22.52 47.15 -8.59
CA THR G 81 23.52 47.88 -7.74
C THR G 81 23.20 49.39 -7.71
N PHE G 82 22.34 49.83 -6.79
CA PHE G 82 22.26 51.22 -6.29
C PHE G 82 23.34 51.39 -5.19
N PHE G 83 24.23 52.38 -5.36
CA PHE G 83 25.43 52.59 -4.48
C PHE G 83 25.18 53.71 -3.47
N GLY G 84 24.00 53.74 -2.85
CA GLY G 84 23.70 54.46 -1.59
C GLY G 84 24.47 53.91 -0.40
N THR G 85 24.08 54.31 0.81
CA THR G 85 24.58 53.74 2.10
C THR G 85 23.99 52.34 2.27
N SER G 86 24.39 51.62 3.33
CA SER G 86 23.69 50.42 3.84
C SER G 86 22.27 50.79 4.26
N ASP G 87 22.12 51.47 5.39
CA ASP G 87 20.84 51.94 5.98
C ASP G 87 19.87 52.41 4.88
N GLU G 88 20.38 53.00 3.79
CA GLU G 88 19.59 53.47 2.62
C GLU G 88 19.03 52.28 1.84
N PHE G 89 19.84 51.26 1.58
CA PHE G 89 19.44 50.02 0.82
C PHE G 89 18.33 49.30 1.59
N ILE G 90 18.58 49.00 2.87
CA ILE G 90 17.59 48.41 3.82
C ILE G 90 16.24 49.12 3.62
N GLU G 91 16.26 50.46 3.66
CA GLU G 91 15.04 51.31 3.58
C GLU G 91 14.41 51.21 2.19
N LYS G 92 15.21 51.13 1.12
CA LYS G 92 14.71 50.99 -0.28
C LYS G 92 14.01 49.64 -0.41
N ARG G 93 14.66 48.57 0.04
CA ARG G 93 14.12 47.19 0.06
C ARG G 93 12.84 47.16 0.91
N ARG G 94 12.89 47.74 2.11
CA ARG G 94 11.73 47.78 3.05
C ARG G 94 10.49 48.28 2.31
N GLN G 95 10.60 49.42 1.60
CA GLN G 95 9.51 50.02 0.80
C GLN G 95 9.08 49.04 -0.29
N GLY G 96 10.06 48.47 -1.01
CA GLY G 96 9.83 47.51 -2.11
C GLY G 96 9.03 46.31 -1.62
N LEU G 97 9.40 45.73 -0.47
CA LEU G 97 8.70 44.58 0.15
C LEU G 97 7.25 44.99 0.47
N GLN G 98 7.06 46.15 1.12
CA GLN G 98 5.73 46.68 1.48
C GLN G 98 4.90 46.84 0.20
N HIS G 99 5.46 47.50 -0.82
CA HIS G 99 4.82 47.70 -2.13
C HIS G 99 4.35 46.36 -2.70
N PHE G 100 5.25 45.36 -2.69
CA PHE G 100 4.99 43.99 -3.21
C PHE G 100 3.76 43.40 -2.53
N LEU G 101 3.70 43.44 -1.19
CA LEU G 101 2.58 42.88 -0.41
C LEU G 101 1.29 43.67 -0.69
N GLU G 102 1.37 45.01 -0.66
CA GLU G 102 0.23 45.90 -0.98
C GLU G 102 -0.41 45.46 -2.30
N LYS G 103 0.41 45.27 -3.34
CA LYS G 103 -0.03 44.84 -4.69
C LYS G 103 -0.63 43.42 -4.62
N VAL G 104 0.04 42.49 -3.95
CA VAL G 104 -0.39 41.07 -3.81
C VAL G 104 -1.78 41.04 -3.15
N LEU G 105 -2.03 41.90 -2.17
CA LEU G 105 -3.28 41.87 -1.35
C LEU G 105 -4.45 42.45 -2.17
N GLN G 106 -4.19 43.11 -3.30
CA GLN G 106 -5.24 43.69 -4.18
C GLN G 106 -5.69 42.67 -5.23
N SER G 107 -4.82 41.74 -5.64
CA SER G 107 -5.19 40.59 -6.51
C SER G 107 -5.98 39.58 -5.67
N VAL G 108 -7.26 39.41 -5.97
CA VAL G 108 -8.23 38.63 -5.16
C VAL G 108 -7.82 37.15 -5.22
N VAL G 109 -7.29 36.71 -6.36
CA VAL G 109 -6.81 35.32 -6.58
C VAL G 109 -5.65 35.06 -5.62
N LEU G 110 -4.63 35.92 -5.66
CA LEU G 110 -3.39 35.80 -4.83
C LEU G 110 -3.77 35.85 -3.35
N LEU G 111 -4.71 36.73 -2.99
CA LEU G 111 -5.20 36.94 -1.60
C LEU G 111 -5.72 35.63 -1.01
N SER G 112 -6.26 34.74 -1.86
CA SER G 112 -6.91 33.47 -1.47
C SER G 112 -5.90 32.32 -1.37
N ASP G 113 -4.60 32.58 -1.60
CA ASP G 113 -3.52 31.56 -1.43
C ASP G 113 -3.36 31.30 0.07
N SER G 114 -3.43 30.03 0.49
CA SER G 114 -3.28 29.59 1.90
C SER G 114 -1.84 29.81 2.35
N GLN G 115 -0.87 29.54 1.48
CA GLN G 115 0.58 29.72 1.78
C GLN G 115 0.89 31.19 2.07
N LEU G 116 0.24 32.13 1.37
CA LEU G 116 0.36 33.58 1.65
C LEU G 116 -0.19 33.89 3.04
N HIS G 117 -1.37 33.35 3.36
CA HIS G 117 -2.09 33.55 4.65
C HIS G 117 -1.19 33.08 5.80
N LEU G 118 -0.49 31.95 5.64
CA LEU G 118 0.44 31.42 6.67
C LEU G 118 1.70 32.30 6.75
N PHE G 119 2.22 32.73 5.60
CA PHE G 119 3.43 33.62 5.52
C PHE G 119 3.19 34.90 6.33
N LEU G 120 1.98 35.47 6.25
CA LEU G 120 1.65 36.83 6.77
C LEU G 120 1.18 36.77 8.22
N GLN G 121 0.62 35.64 8.67
CA GLN G 121 -0.11 35.54 9.97
C GLN G 121 0.42 34.41 10.87
N SER G 122 1.08 33.38 10.34
CA SER G 122 1.75 32.32 11.15
C SER G 122 3.18 32.76 11.45
N GLN G 123 3.73 32.26 12.56
CA GLN G 123 5.19 32.34 12.84
C GLN G 123 5.82 31.01 12.45
N LEU G 124 5.23 30.32 11.47
CA LEU G 124 5.76 29.05 10.92
C LEU G 124 6.99 29.37 10.06
N SER G 125 7.95 28.44 10.01
CA SER G 125 9.06 28.44 9.03
C SER G 125 8.46 28.26 7.63
N VAL G 126 9.26 28.38 6.58
CA VAL G 126 8.82 28.05 5.19
C VAL G 126 8.56 26.55 5.12
N PRO G 127 9.53 25.66 5.46
CA PRO G 127 9.28 24.22 5.49
C PRO G 127 8.02 23.81 6.26
N GLU G 128 7.73 24.49 7.38
CA GLU G 128 6.53 24.24 8.23
C GLU G 128 5.27 24.63 7.46
N ILE G 129 5.33 25.65 6.60
CA ILE G 129 4.20 26.08 5.73
C ILE G 129 4.04 25.06 4.61
N GLU G 130 5.14 24.64 3.99
CA GLU G 130 5.15 23.59 2.92
C GLU G 130 4.54 22.30 3.50
N ALA G 131 4.70 22.06 4.80
CA ALA G 131 4.11 20.92 5.53
C ALA G 131 2.60 21.14 5.71
N CYS G 132 2.19 22.23 6.40
CA CYS G 132 0.77 22.54 6.75
C CYS G 132 -0.11 22.49 5.49
N VAL G 133 0.49 22.30 4.31
CA VAL G 133 -0.16 22.26 2.96
C VAL G 133 0.34 21.02 2.20
N GLN G 134 1.59 20.96 1.74
CA GLN G 134 2.12 19.79 1.00
C GLN G 134 2.88 18.85 1.95
N GLU H 9 -4.18 61.85 21.04
CA GLU H 9 -4.09 62.82 22.18
C GLU H 9 -4.63 62.16 23.47
N VAL H 10 -5.58 61.21 23.35
CA VAL H 10 -6.22 60.53 24.51
C VAL H 10 -6.08 59.01 24.35
N ILE H 11 -5.69 58.33 25.44
CA ILE H 11 -5.60 56.84 25.51
C ILE H 11 -6.49 56.37 26.65
N THR H 12 -7.43 55.46 26.39
CA THR H 12 -8.34 54.85 27.40
C THR H 12 -8.09 53.34 27.41
N VAL H 13 -7.88 52.77 28.59
CA VAL H 13 -7.72 51.30 28.80
C VAL H 13 -8.66 50.86 29.92
N ARG H 14 -9.50 49.87 29.64
CA ARG H 14 -10.35 49.19 30.64
C ARG H 14 -10.03 47.69 30.58
N VAL H 15 -10.02 47.03 31.75
CA VAL H 15 -9.86 45.55 31.88
C VAL H 15 -11.20 45.01 32.38
N GLN H 16 -11.96 44.36 31.50
CA GLN H 16 -13.37 43.94 31.74
C GLN H 16 -13.49 42.43 31.59
N ASP H 17 -14.69 41.91 31.85
CA ASP H 17 -15.17 40.57 31.40
C ASP H 17 -14.17 39.49 31.80
N PRO H 18 -13.92 39.25 33.10
CA PRO H 18 -13.14 38.08 33.52
C PRO H 18 -13.91 36.82 33.13
N ARG H 19 -13.20 35.81 32.62
CA ARG H 19 -13.80 34.53 32.15
C ARG H 19 -12.87 33.38 32.50
N VAL H 20 -13.45 32.22 32.84
CA VAL H 20 -12.71 30.98 33.19
C VAL H 20 -12.61 30.13 31.92
N GLN H 21 -11.44 30.12 31.29
CA GLN H 21 -11.13 29.24 30.14
C GLN H 21 -10.84 27.84 30.71
N ASN H 22 -11.29 26.77 30.05
CA ASN H 22 -11.10 25.36 30.45
C ASN H 22 -11.70 25.11 31.84
N GLU H 23 -13.02 25.28 32.01
CA GLU H 23 -13.73 25.02 33.28
C GLU H 23 -13.34 23.65 33.83
N GLY H 24 -13.07 23.56 35.14
CA GLY H 24 -13.07 22.29 35.91
C GLY H 24 -11.85 21.41 35.67
N SER H 25 -11.31 21.37 34.45
CA SER H 25 -10.07 20.62 34.10
C SER H 25 -8.86 21.32 34.74
N TRP H 26 -7.76 20.59 34.92
CA TRP H 26 -6.57 21.00 35.70
C TRP H 26 -5.93 22.27 35.10
N ASN H 27 -5.94 22.43 33.79
CA ASN H 27 -5.40 23.65 33.10
C ASN H 27 -6.49 24.72 33.02
N SER H 28 -7.44 24.71 33.98
CA SER H 28 -8.39 25.82 34.26
C SER H 28 -7.57 27.07 34.53
N TYR H 29 -8.01 28.22 34.01
CA TYR H 29 -7.42 29.54 34.32
C TYR H 29 -8.41 30.66 33.99
N VAL H 30 -8.12 31.85 34.53
CA VAL H 30 -8.93 33.10 34.31
C VAL H 30 -8.12 34.03 33.41
N ASP H 31 -8.73 34.50 32.33
CA ASP H 31 -8.16 35.62 31.52
C ASP H 31 -9.13 36.80 31.62
N TYR H 32 -8.63 37.98 31.26
CA TYR H 32 -9.32 39.29 31.36
C TYR H 32 -9.27 39.93 29.98
N LYS H 33 -10.36 40.58 29.57
CA LYS H 33 -10.44 41.33 28.28
C LYS H 33 -9.81 42.71 28.51
N ILE H 34 -8.83 43.08 27.69
CA ILE H 34 -8.19 44.44 27.71
C ILE H 34 -8.72 45.22 26.51
N PHE H 35 -9.58 46.20 26.79
CA PHE H 35 -10.20 47.13 25.80
C PHE H 35 -9.39 48.43 25.82
N LEU H 36 -8.56 48.61 24.80
CA LEU H 36 -7.75 49.84 24.58
C LEU H 36 -8.42 50.69 23.50
N HIS H 37 -8.98 51.84 23.89
CA HIS H 37 -9.58 52.84 22.97
C HIS H 37 -8.70 54.09 22.95
N THR H 38 -8.01 54.34 21.84
CA THR H 38 -7.08 55.47 21.65
C THR H 38 -7.56 56.30 20.45
N ASN H 39 -6.97 57.48 20.27
CA ASN H 39 -6.87 58.18 18.96
C ASN H 39 -5.45 58.73 18.77
N SER H 40 -4.50 58.14 19.49
CA SER H 40 -3.09 58.61 19.61
C SER H 40 -2.28 58.04 18.43
N LYS H 41 -1.40 58.86 17.84
CA LYS H 41 -0.49 58.44 16.74
C LYS H 41 0.63 57.51 17.27
N ALA H 42 0.74 57.35 18.59
CA ALA H 42 1.66 56.40 19.27
C ALA H 42 1.24 54.95 18.95
N PHE H 43 -0.05 54.64 19.09
CA PHE H 43 -0.65 53.31 18.85
C PHE H 43 -1.13 53.20 17.39
N THR H 44 -1.58 52.00 17.04
CA THR H 44 -1.97 51.60 15.66
C THR H 44 -3.51 51.46 15.62
N ALA H 45 -4.05 50.42 16.24
CA ALA H 45 -5.51 50.19 16.43
C ALA H 45 -6.13 51.28 17.33
N LYS H 46 -7.22 51.87 16.85
CA LYS H 46 -7.94 52.97 17.53
C LYS H 46 -9.05 52.42 18.43
N THR H 47 -9.55 51.21 18.19
CA THR H 47 -10.15 50.33 19.24
C THR H 47 -9.51 48.94 19.14
N SER H 48 -9.14 48.32 20.27
CA SER H 48 -8.49 46.99 20.28
C SER H 48 -9.00 46.18 21.47
N CYS H 49 -8.97 44.86 21.33
CA CYS H 49 -9.63 43.87 22.21
C CYS H 49 -8.74 42.63 22.28
N VAL H 50 -8.12 42.36 23.42
CA VAL H 50 -7.29 41.12 23.61
C VAL H 50 -7.58 40.53 24.99
N ARG H 51 -7.54 39.21 25.10
CA ARG H 51 -7.69 38.48 26.38
C ARG H 51 -6.27 38.15 26.89
N ARG H 52 -6.00 38.38 28.18
CA ARG H 52 -4.68 38.15 28.81
C ARG H 52 -4.84 37.51 30.19
N ARG H 53 -4.12 36.40 30.42
CA ARG H 53 -3.95 35.74 31.75
C ARG H 53 -3.24 36.71 32.69
N TYR H 54 -3.29 36.46 34.00
CA TYR H 54 -2.54 37.29 34.99
C TYR H 54 -1.04 37.05 34.76
N ARG H 55 -0.65 35.80 34.51
CA ARG H 55 0.77 35.41 34.34
C ARG H 55 1.38 36.18 33.16
N GLU H 56 0.54 36.57 32.18
CA GLU H 56 0.99 37.38 31.02
C GLU H 56 1.36 38.80 31.50
N PHE H 57 0.57 39.38 32.42
CA PHE H 57 0.85 40.70 33.04
C PHE H 57 2.18 40.62 33.81
N VAL H 58 2.38 39.54 34.57
CA VAL H 58 3.60 39.32 35.38
C VAL H 58 4.82 39.39 34.46
N TRP H 59 4.75 38.71 33.31
CA TRP H 59 5.78 38.76 32.24
C TRP H 59 5.95 40.21 31.79
N LEU H 60 4.85 40.87 31.40
CA LEU H 60 4.84 42.24 30.84
C LEU H 60 5.58 43.19 31.78
N ARG H 61 5.33 43.09 33.09
CA ARG H 61 5.96 43.98 34.10
C ARG H 61 7.48 43.75 34.07
N LYS H 62 7.93 42.50 34.17
CA LYS H 62 9.38 42.15 34.13
C LYS H 62 10.00 42.74 32.84
N GLN H 63 9.28 42.66 31.72
CA GLN H 63 9.77 43.18 30.40
C GLN H 63 9.82 44.71 30.43
N LEU H 64 8.81 45.38 30.99
CA LEU H 64 8.78 46.85 31.12
C LEU H 64 9.98 47.31 31.94
N GLN H 65 10.35 46.56 32.99
CA GLN H 65 11.43 46.92 33.93
C GLN H 65 12.79 46.88 33.23
N ARG H 66 13.03 45.90 32.36
CA ARG H 66 14.26 45.82 31.53
C ARG H 66 14.46 47.13 30.77
N ASN H 67 13.52 47.44 29.87
CA ASN H 67 13.64 48.53 28.86
C ASN H 67 13.54 49.91 29.53
N ALA H 68 12.93 50.00 30.70
CA ALA H 68 12.65 51.27 31.42
C ALA H 68 13.89 51.72 32.22
N GLY H 69 14.95 50.93 32.25
CA GLY H 69 16.27 51.38 32.74
C GLY H 69 16.24 51.89 34.15
N LEU H 70 15.74 53.09 34.43
CA LEU H 70 15.73 53.81 35.75
C LEU H 70 14.27 54.14 36.19
N VAL H 71 13.33 54.00 35.27
CA VAL H 71 11.95 54.56 35.41
C VAL H 71 11.17 53.59 36.27
N PRO H 72 10.48 54.05 37.33
CA PRO H 72 9.65 53.16 38.14
C PRO H 72 8.49 52.60 37.30
N VAL H 73 8.24 51.29 37.44
CA VAL H 73 7.15 50.54 36.75
C VAL H 73 6.07 50.23 37.79
N PRO H 74 4.81 50.65 37.56
CA PRO H 74 3.72 50.40 38.51
C PRO H 74 3.64 48.95 39.00
N GLU H 75 3.05 48.74 40.19
CA GLU H 75 2.91 47.41 40.85
C GLU H 75 1.70 46.69 40.27
N LEU H 76 1.72 45.35 40.30
CA LEU H 76 0.54 44.49 40.02
C LEU H 76 -0.10 44.12 41.35
N PRO H 77 -1.43 43.84 41.39
CA PRO H 77 -2.04 43.24 42.57
C PRO H 77 -1.58 41.79 42.81
N GLY H 78 -1.01 41.50 43.98
CA GLY H 78 -0.52 40.15 44.35
C GLY H 78 -1.65 39.17 44.65
N LYS H 79 -1.36 38.18 45.50
CA LYS H 79 -2.37 37.22 46.04
C LYS H 79 -2.54 37.36 47.55
N SER H 80 -1.59 37.97 48.27
CA SER H 80 -1.71 38.34 49.71
C SER H 80 -1.95 39.86 49.88
N PHE H 83 -11.14 36.64 53.93
CA PHE H 83 -10.95 35.63 52.85
C PHE H 83 -11.45 36.23 51.50
N GLY H 84 -12.63 36.86 51.52
CA GLY H 84 -13.42 37.21 50.32
C GLY H 84 -13.93 35.98 49.57
N THR H 85 -14.95 36.15 48.72
CA THR H 85 -15.44 35.10 47.77
C THR H 85 -14.41 34.96 46.64
N SER H 86 -14.60 34.00 45.73
CA SER H 86 -13.87 33.94 44.44
C SER H 86 -14.20 35.20 43.61
N ASP H 87 -15.41 35.26 43.06
CA ASP H 87 -15.92 36.39 42.23
C ASP H 87 -15.46 37.74 42.78
N GLU H 88 -15.31 37.87 44.10
CA GLU H 88 -14.82 39.10 44.78
C GLU H 88 -13.33 39.33 44.46
N PHE H 89 -12.50 38.29 44.56
CA PHE H 89 -11.05 38.34 44.30
C PHE H 89 -10.79 38.74 42.84
N ILE H 90 -11.40 37.99 41.91
CA ILE H 90 -11.42 38.27 40.45
C ILE H 90 -11.64 39.77 40.25
N GLU H 91 -12.67 40.33 40.87
CA GLU H 91 -13.09 41.75 40.71
C GLU H 91 -12.04 42.69 41.32
N LYS H 92 -11.41 42.31 42.45
CA LYS H 92 -10.36 43.12 43.10
C LYS H 92 -9.13 43.17 42.16
N ARG H 93 -8.72 42.00 41.67
CA ARG H 93 -7.60 41.85 40.70
C ARG H 93 -7.93 42.63 39.42
N ARG H 94 -9.14 42.46 38.88
CA ARG H 94 -9.61 43.15 37.64
C ARG H 94 -9.30 44.64 37.75
N GLN H 95 -9.72 45.28 38.86
CA GLN H 95 -9.48 46.71 39.14
C GLN H 95 -7.97 46.97 39.20
N GLY H 96 -7.24 46.13 39.95
CA GLY H 96 -5.78 46.22 40.11
C GLY H 96 -5.06 46.20 38.77
N LEU H 97 -5.43 45.28 37.88
CA LEU H 97 -4.86 45.16 36.51
C LEU H 97 -5.16 46.45 35.72
N GLN H 98 -6.41 46.92 35.75
CA GLN H 98 -6.81 48.17 35.06
C GLN H 98 -5.97 49.33 35.60
N HIS H 99 -5.89 49.46 36.92
CA HIS H 99 -5.08 50.51 37.61
C HIS H 99 -3.64 50.46 37.09
N PHE H 100 -3.06 49.25 37.06
CA PHE H 100 -1.66 48.99 36.62
C PHE H 100 -1.45 49.55 35.20
N LEU H 101 -2.34 49.21 34.27
CA LEU H 101 -2.24 49.64 32.85
C LEU H 101 -2.44 51.16 32.77
N GLU H 102 -3.47 51.71 33.45
CA GLU H 102 -3.74 53.17 33.51
C GLU H 102 -2.44 53.91 33.88
N LYS H 103 -1.76 53.45 34.94
CA LYS H 103 -0.48 54.04 35.44
C LYS H 103 0.61 53.89 34.38
N VAL H 104 0.76 52.68 33.81
CA VAL H 104 1.80 52.36 32.79
C VAL H 104 1.64 53.30 31.59
N LEU H 105 0.39 53.60 31.18
CA LEU H 105 0.08 54.38 29.96
C LEU H 105 0.36 55.88 30.19
N GLN H 106 0.58 56.30 31.44
CA GLN H 106 0.87 57.72 31.80
C GLN H 106 2.39 57.96 31.77
N SER H 107 3.21 56.94 32.06
CA SER H 107 4.69 57.00 31.90
C SER H 107 5.01 56.94 30.41
N VAL H 108 5.55 58.04 29.87
CA VAL H 108 5.76 58.23 28.40
C VAL H 108 6.84 57.24 27.94
N VAL H 109 7.82 56.96 28.79
CA VAL H 109 8.92 55.98 28.51
C VAL H 109 8.31 54.59 28.34
N LEU H 110 7.52 54.14 29.32
CA LEU H 110 6.86 52.81 29.34
C LEU H 110 5.93 52.69 28.13
N LEU H 111 5.20 53.75 27.82
CA LEU H 111 4.22 53.82 26.71
C LEU H 111 4.91 53.48 25.38
N SER H 112 6.20 53.80 25.24
CA SER H 112 7.00 53.64 24.00
C SER H 112 7.62 52.23 23.91
N ASP H 113 7.36 51.35 24.87
CA ASP H 113 7.83 49.92 24.81
C ASP H 113 7.01 49.21 23.73
N SER H 114 7.69 48.56 22.78
CA SER H 114 7.07 47.81 21.66
C SER H 114 6.37 46.56 22.20
N GLN H 115 6.99 45.89 23.19
CA GLN H 115 6.44 44.67 23.82
C GLN H 115 5.10 44.99 24.50
N LEU H 116 4.97 46.17 25.12
CA LEU H 116 3.68 46.64 25.71
C LEU H 116 2.64 46.81 24.59
N HIS H 117 3.03 47.45 23.49
CA HIS H 117 2.16 47.74 22.32
C HIS H 117 1.61 46.42 21.77
N LEU H 118 2.44 45.38 21.68
CA LEU H 118 2.02 44.03 21.19
C LEU H 118 1.11 43.36 22.22
N PHE H 119 1.44 43.47 23.51
CA PHE H 119 0.65 42.89 24.62
C PHE H 119 -0.79 43.42 24.58
N LEU H 120 -0.96 44.71 24.27
CA LEU H 120 -2.25 45.44 24.42
C LEU H 120 -3.09 45.36 23.12
N GLN H 121 -2.44 45.17 21.97
CA GLN H 121 -3.09 45.35 20.63
C GLN H 121 -2.93 44.12 19.73
N SER H 122 -1.92 43.25 19.94
CA SER H 122 -1.77 41.97 19.21
C SER H 122 -2.52 40.87 19.94
N GLN H 123 -2.94 39.84 19.23
CA GLN H 123 -3.44 38.58 19.82
C GLN H 123 -2.29 37.57 19.77
N LEU H 124 -1.05 38.06 19.82
CA LEU H 124 0.17 37.20 19.85
C LEU H 124 0.30 36.58 21.23
N SER H 125 0.87 35.38 21.31
CA SER H 125 1.33 34.74 22.57
C SER H 125 2.47 35.60 23.14
N VAL H 126 2.95 35.29 24.34
CA VAL H 126 4.16 35.95 24.92
C VAL H 126 5.36 35.53 24.09
N PRO H 127 5.65 34.22 23.91
CA PRO H 127 6.75 33.78 23.05
C PRO H 127 6.74 34.40 21.64
N GLU H 128 5.56 34.61 21.06
CA GLU H 128 5.38 35.24 19.73
C GLU H 128 5.78 36.72 19.79
N ILE H 129 5.56 37.38 20.93
CA ILE H 129 5.98 38.79 21.16
C ILE H 129 7.49 38.83 21.34
N GLU H 130 8.04 37.91 22.14
CA GLU H 130 9.51 37.77 22.36
C GLU H 130 10.20 37.52 21.02
N ALA H 131 9.51 36.88 20.07
CA ALA H 131 9.98 36.66 18.68
C ALA H 131 9.92 37.96 17.89
N CYS H 132 8.72 38.57 17.73
CA CYS H 132 8.48 39.79 16.90
C CYS H 132 9.48 40.90 17.29
N VAL H 133 10.27 40.69 18.34
CA VAL H 133 11.28 41.64 18.91
C VAL H 133 12.60 40.90 19.12
N GLN H 134 13.56 41.00 18.19
CA GLN H 134 14.85 40.28 18.34
C GLN H 134 16.04 41.19 17.96
N GLY H 135 17.22 40.85 18.49
CA GLY H 135 18.35 41.75 18.84
C GLY H 135 18.33 43.12 18.22
N ARG H 136 18.55 44.20 18.97
CA ARG H 136 18.19 45.58 18.53
C ARG H 136 19.07 45.93 17.32
N SER H 137 18.54 46.64 16.29
CA SER H 137 19.13 46.53 14.94
C SER H 137 18.76 47.60 13.93
N THR H 138 19.48 47.47 12.78
CA THR H 138 19.60 48.03 11.40
C THR H 138 19.87 49.52 11.40
N THR H 140 21.03 50.99 15.01
CA THR H 140 21.85 50.83 16.20
C THR H 140 22.80 49.64 16.03
N VAL H 141 23.48 49.55 14.88
CA VAL H 141 24.52 48.52 14.58
C VAL H 141 25.58 49.12 13.66
N SER H 142 26.84 48.74 13.87
CA SER H 142 28.02 49.17 13.06
C SER H 142 27.75 48.84 11.59
N ASP H 143 28.03 49.80 10.70
CA ASP H 143 27.84 49.63 9.23
C ASP H 143 28.79 48.53 8.73
N ALA H 144 29.35 47.75 9.66
CA ALA H 144 30.20 46.57 9.36
C ALA H 144 29.42 45.29 9.68
N ILE H 145 28.79 45.22 10.85
CA ILE H 145 27.93 44.07 11.28
C ILE H 145 26.71 43.99 10.35
N LEU H 146 26.14 45.15 9.99
CA LEU H 146 25.10 45.29 8.94
C LEU H 146 26.04 45.28 7.73
N ARG H 147 25.81 44.46 6.76
CA ARG H 147 26.72 44.31 5.59
C ARG H 147 27.32 42.94 5.73
N TYR H 148 27.74 42.46 6.92
CA TYR H 148 28.00 41.01 7.18
C TYR H 148 26.65 40.28 7.19
N ALA H 149 25.63 40.95 7.73
CA ALA H 149 24.23 40.45 7.81
C ALA H 149 23.60 40.38 6.42
N SER H 151 24.80 39.81 3.53
CA SER H 151 25.26 38.75 2.65
C SER H 151 24.94 37.37 3.26
N ASN H 152 24.20 36.50 2.57
CA ASN H 152 23.83 35.15 3.09
C ASN H 152 23.45 34.17 1.96
N LEU H 153 23.33 32.91 2.32
CA LEU H 153 22.45 31.84 1.74
C LEU H 153 22.30 30.77 2.84
N GLU H 154 21.19 30.02 2.86
CA GLU H 154 20.89 29.05 3.97
C GLU H 154 19.61 28.28 3.66
N GLU I 9 46.17 9.41 -11.49
CA GLU I 9 45.32 9.93 -10.37
C GLU I 9 45.79 9.31 -9.06
N VAL I 10 45.94 10.12 -8.02
CA VAL I 10 46.51 9.76 -6.68
C VAL I 10 45.51 10.17 -5.60
N ILE I 11 45.30 9.31 -4.60
CA ILE I 11 44.49 9.58 -3.37
C ILE I 11 45.43 9.43 -2.15
N THR I 12 45.51 10.48 -1.32
CA THR I 12 46.37 10.54 -0.11
C THR I 12 45.48 10.76 1.11
N VAL I 13 45.67 9.98 2.18
CA VAL I 13 44.89 10.08 3.45
C VAL I 13 45.88 10.13 4.62
N ARG I 14 45.75 11.14 5.47
CA ARG I 14 46.46 11.27 6.76
C ARG I 14 45.42 11.42 7.87
N VAL I 15 45.67 10.82 9.03
CA VAL I 15 44.86 10.98 10.27
C VAL I 15 45.72 11.75 11.27
N GLN I 16 45.41 13.02 11.50
CA GLN I 16 46.25 13.96 12.29
C GLN I 16 45.44 14.51 13.46
N ASP I 17 46.08 15.33 14.29
CA ASP I 17 45.44 16.30 15.24
C ASP I 17 44.39 15.59 16.09
N PRO I 18 44.78 14.62 16.96
CA PRO I 18 43.86 14.08 17.96
C PRO I 18 43.48 15.21 18.93
N ARG I 19 42.20 15.30 19.30
CA ARG I 19 41.66 16.37 20.18
C ARG I 19 40.59 15.78 21.11
N VAL I 20 40.49 16.32 22.32
CA VAL I 20 39.46 15.96 23.33
C VAL I 20 38.30 16.96 23.19
N GLN I 21 37.20 16.52 22.58
CA GLN I 21 35.92 17.29 22.52
C GLN I 21 35.25 17.14 23.88
N ASN I 22 34.62 18.22 24.36
CA ASN I 22 33.87 18.29 25.65
C ASN I 22 34.78 17.91 26.82
N GLU I 23 35.84 18.69 27.06
CA GLU I 23 36.80 18.47 28.19
C GLU I 23 36.01 18.28 29.49
N GLY I 24 36.39 17.29 30.31
CA GLY I 24 36.03 17.25 31.74
C GLY I 24 34.60 16.78 32.01
N SER I 25 33.63 17.15 31.17
CA SER I 25 32.22 16.70 31.25
C SER I 25 32.15 15.22 30.86
N TRP I 26 31.09 14.52 31.30
CA TRP I 26 30.94 13.04 31.21
C TRP I 26 30.95 12.58 29.75
N ASN I 27 30.39 13.34 28.82
CA ASN I 27 30.40 13.03 27.35
C ASN I 27 31.70 13.55 26.71
N SER I 28 32.78 13.64 27.50
CA SER I 28 34.18 13.80 27.04
C SER I 28 34.49 12.66 26.06
N TYR I 29 35.19 12.95 24.95
CA TYR I 29 35.68 11.93 23.99
C TYR I 29 36.80 12.48 23.11
N VAL I 30 37.54 11.59 22.44
CA VAL I 30 38.65 11.93 21.51
C VAL I 30 38.19 11.67 20.07
N ASP I 31 38.34 12.65 19.19
CA ASP I 31 38.18 12.45 17.73
C ASP I 31 39.51 12.77 17.05
N TYR I 32 39.64 12.37 15.79
CA TYR I 32 40.86 12.48 14.96
C TYR I 32 40.46 13.18 13.65
N LYS I 33 41.31 14.06 13.14
CA LYS I 33 41.10 14.77 11.85
C LYS I 33 41.53 13.83 10.73
N ILE I 34 40.65 13.57 9.75
CA ILE I 34 40.98 12.80 8.53
C ILE I 34 41.12 13.79 7.37
N PHE I 35 42.36 13.99 6.93
CA PHE I 35 42.78 14.86 5.80
C PHE I 35 42.92 13.95 4.57
N LEU I 36 41.94 13.99 3.67
CA LEU I 36 41.91 13.27 2.38
C LEU I 36 42.26 14.25 1.26
N HIS I 37 43.47 14.11 0.68
CA HIS I 37 44.01 14.96 -0.41
C HIS I 37 44.09 14.12 -1.69
N THR I 38 43.24 14.47 -2.67
CA THR I 38 43.14 13.74 -3.96
C THR I 38 43.46 14.73 -5.09
N ASN I 39 43.76 14.20 -6.26
CA ASN I 39 44.71 14.87 -7.23
C ASN I 39 44.68 14.08 -8.56
N SER I 40 43.65 14.36 -9.39
CA SER I 40 43.64 14.15 -10.87
C SER I 40 44.36 15.32 -11.55
N LYS I 41 45.15 15.04 -12.59
CA LYS I 41 45.88 16.08 -13.38
C LYS I 41 44.89 16.87 -14.26
N ALA I 42 43.63 16.44 -14.36
CA ALA I 42 42.54 17.15 -15.07
C ALA I 42 42.19 18.45 -14.32
N PHE I 43 41.99 18.34 -13.00
CA PHE I 43 41.50 19.38 -12.06
C PHE I 43 42.70 20.11 -11.47
N THR I 44 43.42 19.36 -10.59
CA THR I 44 44.39 19.64 -9.50
C THR I 44 43.66 20.10 -8.24
N ALA I 45 44.36 20.50 -7.18
CA ALA I 45 43.81 20.74 -5.81
C ALA I 45 43.29 19.45 -5.18
N LYS I 46 42.01 19.49 -4.75
CA LYS I 46 41.11 18.62 -3.96
C LYS I 46 41.60 18.17 -2.60
N THR I 47 41.05 18.76 -1.54
CA THR I 47 41.33 18.52 -0.11
C THR I 47 39.99 18.42 0.64
N SER I 48 39.90 17.53 1.62
CA SER I 48 38.74 17.40 2.54
C SER I 48 39.26 17.14 3.96
N CYS I 49 38.50 17.56 4.96
CA CYS I 49 38.79 17.63 6.40
C CYS I 49 37.52 17.20 7.15
N VAL I 50 37.55 16.08 7.84
CA VAL I 50 36.43 15.65 8.73
C VAL I 50 37.04 15.08 10.02
N ARG I 51 36.35 15.31 11.14
CA ARG I 51 36.73 14.75 12.47
C ARG I 51 35.90 13.50 12.70
N ARG I 52 36.53 12.41 13.17
CA ARG I 52 35.86 11.10 13.38
C ARG I 52 36.34 10.48 14.70
N ARG I 53 35.39 10.08 15.56
CA ARG I 53 35.62 9.25 16.77
C ARG I 53 36.18 7.89 16.34
N TYR I 54 36.76 7.11 17.26
CA TYR I 54 37.22 5.73 16.96
C TYR I 54 36.00 4.86 16.68
N ARG I 55 34.94 5.05 17.46
CA ARG I 55 33.69 4.26 17.35
C ARG I 55 33.11 4.41 15.94
N GLU I 56 33.35 5.54 15.28
CA GLU I 56 32.88 5.79 13.90
C GLU I 56 33.65 4.88 12.94
N PHE I 57 34.96 4.70 13.16
CA PHE I 57 35.81 3.76 12.36
C PHE I 57 35.30 2.33 12.54
N VAL I 58 34.97 1.96 13.78
CA VAL I 58 34.47 0.60 14.13
C VAL I 58 33.22 0.33 13.29
N TRP I 59 32.31 1.30 13.23
CA TRP I 59 31.09 1.25 12.37
C TRP I 59 31.52 1.06 10.92
N LEU I 60 32.40 1.95 10.42
CA LEU I 60 32.86 1.98 9.01
C LEU I 60 33.37 0.60 8.60
N ARG I 61 34.16 -0.06 9.45
CA ARG I 61 34.74 -1.38 9.13
C ARG I 61 33.60 -2.40 8.97
N LYS I 62 32.68 -2.47 9.93
CA LYS I 62 31.51 -3.38 9.87
C LYS I 62 30.74 -3.13 8.56
N GLN I 63 30.59 -1.86 8.16
CA GLN I 63 29.86 -1.46 6.92
C GLN I 63 30.64 -1.91 5.68
N LEU I 64 31.97 -1.73 5.68
CA LEU I 64 32.84 -2.15 4.56
C LEU I 64 32.71 -3.68 4.38
N GLN I 65 32.61 -4.43 5.48
CA GLN I 65 32.57 -5.91 5.48
C GLN I 65 31.27 -6.41 4.84
N ARG I 66 30.13 -5.75 5.11
CA ARG I 66 28.83 -6.06 4.46
C ARG I 66 29.00 -6.04 2.94
N ASN I 67 29.33 -4.87 2.38
CA ASN I 67 29.30 -4.59 0.92
C ASN I 67 30.43 -5.33 0.20
N ALA I 68 31.51 -5.68 0.91
CA ALA I 68 32.74 -6.29 0.35
C ALA I 68 32.57 -7.80 0.16
N GLY I 69 31.45 -8.36 0.61
CA GLY I 69 31.14 -9.80 0.52
C GLY I 69 32.25 -10.68 1.10
N LEU I 70 33.29 -10.93 0.30
CA LEU I 70 34.39 -11.89 0.62
C LEU I 70 35.75 -11.24 0.35
N VAL I 71 35.80 -9.93 0.12
CA VAL I 71 37.07 -9.16 0.00
C VAL I 71 37.55 -8.87 1.41
N PRO I 72 38.84 -9.15 1.73
CA PRO I 72 39.35 -8.86 3.06
C PRO I 72 39.35 -7.35 3.34
N VAL I 73 38.90 -6.97 4.54
CA VAL I 73 38.85 -5.56 5.03
C VAL I 73 39.94 -5.39 6.07
N PRO I 74 40.90 -4.44 5.89
CA PRO I 74 41.97 -4.23 6.85
C PRO I 74 41.50 -4.15 8.31
N GLU I 75 42.40 -4.46 9.25
CA GLU I 75 42.14 -4.46 10.72
C GLU I 75 42.24 -3.03 11.27
N LEU I 76 41.52 -2.75 12.36
CA LEU I 76 41.70 -1.51 13.17
C LEU I 76 42.63 -1.83 14.34
N PRO I 77 43.36 -0.84 14.88
CA PRO I 77 44.08 -1.04 16.15
C PRO I 77 43.12 -1.18 17.34
N GLY I 78 43.22 -2.29 18.08
CA GLY I 78 42.33 -2.62 19.21
C GLY I 78 42.69 -1.82 20.45
N LYS I 79 42.41 -2.39 21.63
CA LYS I 79 42.70 -1.80 22.97
C LYS I 79 43.71 -2.66 23.74
N SER I 80 43.92 -3.93 23.39
CA SER I 80 44.55 -4.98 24.25
C SER I 80 45.11 -4.43 25.57
N THR I 81 46.37 -3.97 25.60
CA THR I 81 47.16 -3.55 26.80
C THR I 81 48.59 -3.13 26.39
N PHE I 82 48.78 -1.86 26.01
CA PHE I 82 49.99 -1.39 25.27
C PHE I 82 51.09 -0.93 26.24
N PHE I 83 50.77 -0.56 27.48
CA PHE I 83 51.65 -0.21 28.61
C PHE I 83 52.08 1.26 28.67
N GLY I 84 52.00 2.04 27.59
CA GLY I 84 52.73 3.31 27.47
C GLY I 84 52.06 4.42 28.28
N THR I 85 52.36 5.70 27.97
CA THR I 85 51.63 6.88 28.47
C THR I 85 50.25 6.95 27.78
N SER I 86 49.41 7.91 28.16
CA SER I 86 48.21 8.32 27.40
C SER I 86 48.63 8.83 26.01
N ASP I 87 49.24 10.03 25.94
CA ASP I 87 49.70 10.70 24.70
C ASP I 87 50.33 9.68 23.74
N GLU I 88 50.99 8.64 24.27
CA GLU I 88 51.64 7.55 23.49
C GLU I 88 50.57 6.68 22.82
N PHE I 89 49.53 6.28 23.56
CA PHE I 89 48.41 5.43 23.06
C PHE I 89 47.69 6.14 21.92
N ILE I 90 47.24 7.37 22.17
CA ILE I 90 46.63 8.29 21.17
C ILE I 90 47.44 8.21 19.87
N GLU I 91 48.76 8.39 19.97
CA GLU I 91 49.68 8.43 18.81
C GLU I 91 49.78 7.05 18.15
N LYS I 92 49.75 5.96 18.92
CA LYS I 92 49.80 4.57 18.37
C LYS I 92 48.52 4.32 17.58
N ARG I 93 47.36 4.64 18.18
CA ARG I 93 46.02 4.54 17.55
C ARG I 93 45.99 5.41 16.28
N ARG I 94 46.44 6.67 16.39
CA ARG I 94 46.46 7.65 15.27
C ARG I 94 47.10 6.98 14.05
N GLN I 95 48.29 6.39 14.22
CA GLN I 95 49.05 5.68 13.15
C GLN I 95 48.22 4.51 12.65
N GLY I 96 47.67 3.71 13.56
CA GLY I 96 46.83 2.53 13.25
C GLY I 96 45.65 2.90 12.38
N LEU I 97 44.94 3.98 12.73
CA LEU I 97 43.77 4.50 11.96
C LEU I 97 44.25 4.90 10.56
N GLN I 98 45.34 5.66 10.46
CA GLN I 98 45.91 6.11 9.17
C GLN I 98 46.25 4.87 8.32
N HIS I 99 46.98 3.91 8.92
CA HIS I 99 47.37 2.63 8.27
C HIS I 99 46.12 1.95 7.71
N PHE I 100 45.07 1.84 8.53
CA PHE I 100 43.77 1.19 8.18
C PHE I 100 43.20 1.84 6.91
N LEU I 101 43.11 3.17 6.88
CA LEU I 101 42.55 3.93 5.73
C LEU I 101 43.45 3.75 4.50
N GLU I 102 44.77 3.91 4.67
CA GLU I 102 45.77 3.71 3.59
C GLU I 102 45.51 2.36 2.90
N LYS I 103 45.37 1.30 3.68
CA LYS I 103 45.09 -0.09 3.21
C LYS I 103 43.74 -0.14 2.50
N VAL I 104 42.70 0.42 3.13
CA VAL I 104 41.30 0.42 2.59
C VAL I 104 41.30 1.09 1.21
N LEU I 105 42.06 2.17 1.04
CA LEU I 105 42.05 3.00 -0.20
C LEU I 105 42.79 2.27 -1.34
N GLN I 106 43.53 1.20 -1.05
CA GLN I 106 44.27 0.40 -2.06
C GLN I 106 43.38 -0.74 -2.60
N SER I 107 42.45 -1.25 -1.80
CA SER I 107 41.42 -2.22 -2.25
C SER I 107 40.38 -1.48 -3.10
N VAL I 108 40.34 -1.78 -4.40
CA VAL I 108 39.55 -1.02 -5.41
C VAL I 108 38.06 -1.24 -5.11
N VAL I 109 37.70 -2.44 -4.62
CA VAL I 109 36.29 -2.79 -4.24
C VAL I 109 35.86 -1.89 -3.08
N LEU I 110 36.66 -1.85 -2.01
CA LEU I 110 36.38 -1.07 -0.78
C LEU I 110 36.31 0.42 -1.14
N LEU I 111 37.21 0.88 -2.01
CA LEU I 111 37.32 2.29 -2.47
C LEU I 111 35.99 2.76 -3.07
N SER I 112 35.23 1.84 -3.68
CA SER I 112 33.97 2.12 -4.41
C SER I 112 32.75 2.09 -3.47
N ASP I 113 32.94 1.86 -2.16
CA ASP I 113 31.85 1.91 -1.16
C ASP I 113 31.44 3.38 -0.99
N SER I 114 30.14 3.67 -1.14
CA SER I 114 29.55 5.04 -1.00
C SER I 114 29.64 5.49 0.45
N GLN I 115 29.40 4.58 1.40
CA GLN I 115 29.43 4.86 2.86
C GLN I 115 30.85 5.28 3.26
N LEU I 116 31.88 4.69 2.68
CA LEU I 116 33.30 5.09 2.91
C LEU I 116 33.51 6.53 2.40
N HIS I 117 33.02 6.81 1.19
CA HIS I 117 33.14 8.13 0.52
C HIS I 117 32.51 9.22 1.40
N LEU I 118 31.35 8.93 2.00
CA LEU I 118 30.65 9.88 2.91
C LEU I 118 31.43 10.03 4.22
N PHE I 119 31.94 8.92 4.77
CA PHE I 119 32.73 8.89 6.03
C PHE I 119 33.95 9.82 5.90
N LEU I 120 34.59 9.83 4.73
CA LEU I 120 35.92 10.48 4.50
C LEU I 120 35.75 11.94 4.06
N GLN I 121 34.63 12.28 3.43
CA GLN I 121 34.45 13.58 2.72
C GLN I 121 33.20 14.36 3.19
N SER I 122 32.19 13.71 3.76
CA SER I 122 31.00 14.39 4.35
C SER I 122 31.30 14.71 5.82
N GLN I 123 30.68 15.77 6.33
CA GLN I 123 30.63 16.05 7.79
C GLN I 123 29.30 15.53 8.33
N LEU I 124 28.75 14.49 7.69
CA LEU I 124 27.51 13.80 8.12
C LEU I 124 27.83 12.95 9.34
N SER I 125 26.86 12.79 10.24
CA SER I 125 26.89 11.78 11.33
C SER I 125 26.88 10.39 10.69
N VAL I 126 27.04 9.33 11.49
CA VAL I 126 26.89 7.93 11.01
C VAL I 126 25.42 7.72 10.63
N PRO I 127 24.44 7.96 11.55
CA PRO I 127 23.02 7.85 11.20
C PRO I 127 22.61 8.61 9.94
N GLU I 128 23.21 9.78 9.71
CA GLU I 128 22.97 10.64 8.51
C GLU I 128 23.51 9.94 7.25
N ILE I 129 24.60 9.19 7.38
CA ILE I 129 25.19 8.38 6.26
C ILE I 129 24.30 7.16 6.01
N GLU I 130 23.86 6.49 7.08
CA GLU I 130 22.91 5.33 7.00
C GLU I 130 21.62 5.79 6.32
N ALA I 131 21.25 7.06 6.48
CA ALA I 131 20.09 7.69 5.82
C ALA I 131 20.40 7.93 4.33
N CYS I 132 21.42 8.73 4.02
CA CYS I 132 21.80 9.14 2.63
C CYS I 132 21.93 7.89 1.72
N VAL I 133 21.83 6.68 2.30
CA VAL I 133 21.96 5.35 1.61
C VAL I 133 20.76 4.48 2.03
N GLU J 8 64.32 27.92 4.43
CA GLU J 8 64.03 28.46 3.08
C GLU J 8 62.68 27.89 2.59
N GLU J 9 61.57 28.59 2.87
CA GLU J 9 60.20 28.02 2.83
C GLU J 9 59.30 28.79 1.84
N VAL J 10 59.59 30.06 1.58
CA VAL J 10 58.81 31.02 0.77
C VAL J 10 57.42 30.47 0.42
N ILE J 11 56.39 31.30 0.59
CA ILE J 11 54.94 31.04 0.41
C ILE J 11 54.45 32.11 -0.57
N THR J 12 53.72 31.71 -1.61
CA THR J 12 53.15 32.63 -2.63
C THR J 12 51.62 32.50 -2.63
N VAL J 13 50.92 33.64 -2.51
CA VAL J 13 49.42 33.68 -2.56
C VAL J 13 49.02 34.75 -3.58
N ARG J 14 48.20 34.36 -4.55
CA ARG J 14 47.56 35.27 -5.54
C ARG J 14 46.04 35.07 -5.45
N VAL J 15 45.29 36.16 -5.56
CA VAL J 15 43.79 36.15 -5.64
C VAL J 15 43.42 36.57 -7.05
N GLN J 16 42.97 35.63 -7.88
CA GLN J 16 42.76 35.80 -9.34
C GLN J 16 41.30 35.51 -9.67
N ASP J 17 40.94 35.69 -10.94
CA ASP J 17 39.72 35.12 -11.60
C ASP J 17 38.48 35.41 -10.77
N PRO J 18 38.07 36.70 -10.60
CA PRO J 18 36.77 37.00 -10.03
C PRO J 18 35.67 36.47 -10.95
N ARG J 19 34.63 35.87 -10.39
CA ARG J 19 33.51 35.26 -11.15
C ARG J 19 32.19 35.51 -10.41
N VAL J 20 31.11 35.70 -11.16
CA VAL J 20 29.74 35.92 -10.62
C VAL J 20 29.01 34.57 -10.60
N GLN J 21 28.90 33.95 -9.42
CA GLN J 21 28.12 32.72 -9.21
C GLN J 21 26.64 33.14 -9.13
N ASN J 22 25.73 32.35 -9.71
CA ASN J 22 24.26 32.58 -9.73
C ASN J 22 23.95 33.93 -10.40
N GLU J 23 24.28 34.09 -11.68
CA GLU J 23 23.99 35.33 -12.46
C GLU J 23 22.52 35.72 -12.29
N GLY J 24 22.24 37.01 -12.07
CA GLY J 24 20.91 37.61 -12.29
C GLY J 24 19.90 37.30 -11.19
N SER J 25 19.92 36.09 -10.62
CA SER J 25 19.06 35.68 -9.48
C SER J 25 19.49 36.42 -8.21
N TRP J 26 18.60 36.55 -7.23
CA TRP J 26 18.75 37.40 -6.02
C TRP J 26 19.98 36.96 -5.19
N ASN J 27 20.29 35.66 -5.12
CA ASN J 27 21.47 35.13 -4.40
C ASN J 27 22.70 35.16 -5.34
N SER J 28 22.71 36.07 -6.30
CA SER J 28 23.91 36.47 -7.10
C SER J 28 25.01 36.89 -6.14
N TYR J 29 26.26 36.50 -6.39
CA TYR J 29 27.44 36.96 -5.61
C TYR J 29 28.72 36.75 -6.42
N VAL J 30 29.79 37.42 -5.99
CA VAL J 30 31.15 37.32 -6.60
C VAL J 30 32.05 36.54 -5.65
N ASP J 31 32.70 35.49 -6.14
CA ASP J 31 33.80 34.83 -5.40
C ASP J 31 35.11 35.02 -6.19
N TYR J 32 36.23 34.78 -5.52
CA TYR J 32 37.61 35.02 -6.01
C TYR J 32 38.37 33.70 -5.82
N LYS J 33 39.21 33.34 -6.79
CA LYS J 33 40.08 32.14 -6.73
C LYS J 33 41.32 32.51 -5.91
N ILE J 34 41.63 31.75 -4.86
CA ILE J 34 42.85 31.92 -4.03
C ILE J 34 43.82 30.79 -4.40
N PHE J 35 44.88 31.14 -5.12
CA PHE J 35 45.99 30.25 -5.56
C PHE J 35 47.14 30.41 -4.55
N LEU J 36 47.30 29.42 -3.68
CA LEU J 36 48.41 29.34 -2.68
C LEU J 36 49.45 28.34 -3.20
N HIS J 37 50.63 28.84 -3.61
CA HIS J 37 51.80 28.00 -4.01
C HIS J 37 52.89 28.13 -2.95
N THR J 38 53.15 27.06 -2.20
CA THR J 38 54.12 27.01 -1.10
C THR J 38 55.13 25.91 -1.39
N ASN J 39 56.22 25.84 -0.63
CA ASN J 39 57.04 24.62 -0.39
C ASN J 39 57.36 24.51 1.11
N SER J 40 56.55 25.16 1.94
CA SER J 40 56.78 25.35 3.39
C SER J 40 56.24 24.14 4.15
N LYS J 41 56.96 23.64 5.16
CA LYS J 41 56.52 22.51 6.02
C LYS J 41 55.40 22.95 6.97
N ALA J 42 55.10 24.24 7.03
CA ALA J 42 53.94 24.83 7.78
C ALA J 42 52.62 24.37 7.16
N PHE J 43 52.50 24.47 5.83
CA PHE J 43 51.31 24.09 5.03
C PHE J 43 51.41 22.63 4.59
N THR J 44 50.33 22.15 3.96
CA THR J 44 50.13 20.73 3.56
C THR J 44 50.23 20.66 2.03
N ALA J 45 49.23 21.17 1.31
CA ALA J 45 49.20 21.30 -0.16
C ALA J 45 50.28 22.29 -0.66
N LYS J 46 51.07 21.86 -1.63
CA LYS J 46 52.22 22.64 -2.19
C LYS J 46 51.75 23.46 -3.40
N THR J 47 50.65 23.09 -4.07
CA THR J 47 49.77 24.04 -4.83
C THR J 47 48.33 23.81 -4.41
N SER J 48 47.55 24.88 -4.17
CA SER J 48 46.14 24.76 -3.74
C SER J 48 45.31 25.86 -4.40
N CYS J 49 44.01 25.60 -4.56
CA CYS J 49 43.05 26.36 -5.39
C CYS J 49 41.69 26.31 -4.69
N VAL J 50 41.21 27.43 -4.15
CA VAL J 50 39.86 27.50 -3.51
C VAL J 50 39.20 28.82 -3.92
N ARG J 51 37.88 28.81 -4.08
CA ARG J 51 37.05 30.00 -4.36
C ARG J 51 36.48 30.50 -3.02
N ARG J 52 36.53 31.80 -2.78
CA ARG J 52 36.05 32.42 -1.51
C ARG J 52 35.30 33.73 -1.80
N ARG J 53 34.09 33.86 -1.25
CA ARG J 53 33.29 35.12 -1.21
C ARG J 53 34.06 36.17 -0.41
N TYR J 54 33.69 37.45 -0.53
CA TYR J 54 34.29 38.52 0.30
C TYR J 54 33.85 38.30 1.75
N ARG J 55 32.59 37.92 1.96
CA ARG J 55 32.02 37.74 3.32
C ARG J 55 32.81 36.65 4.06
N GLU J 56 33.40 35.71 3.33
CA GLU J 56 34.25 34.63 3.92
C GLU J 56 35.54 35.27 4.47
N PHE J 57 36.13 36.22 3.75
CA PHE J 57 37.33 36.99 4.21
C PHE J 57 36.99 37.76 5.49
N VAL J 58 35.82 38.40 5.50
CA VAL J 58 35.33 39.21 6.66
C VAL J 58 35.32 38.31 7.90
N TRP J 59 34.77 37.10 7.77
CA TRP J 59 34.77 36.06 8.82
C TRP J 59 36.22 35.76 9.21
N LEU J 60 37.06 35.43 8.23
CA LEU J 60 38.49 35.02 8.45
C LEU J 60 39.21 36.06 9.29
N ARG J 61 39.01 37.35 8.99
CA ARG J 61 39.70 38.45 9.72
C ARG J 61 39.24 38.43 11.18
N LYS J 62 37.93 38.40 11.43
CA LYS J 62 37.38 38.34 12.81
C LYS J 62 38.00 37.14 13.54
N GLN J 63 38.14 36.00 12.87
CA GLN J 63 38.71 34.75 13.45
C GLN J 63 40.20 34.94 13.75
N LEU J 64 40.95 35.55 12.83
CA LEU J 64 42.39 35.84 13.01
C LEU J 64 42.58 36.73 14.25
N GLN J 65 41.67 37.69 14.47
CA GLN J 65 41.75 38.68 15.58
C GLN J 65 41.57 37.98 16.93
N ARG J 66 40.65 37.02 17.03
CA ARG J 66 40.46 36.19 18.25
C ARG J 66 41.80 35.57 18.67
N ASN J 67 42.36 34.71 17.82
CA ASN J 67 43.52 33.82 18.14
C ASN J 67 44.81 34.65 18.26
N ALA J 68 44.87 35.82 17.63
CA ALA J 68 46.09 36.67 17.54
C ALA J 68 46.25 37.52 18.80
N GLY J 69 45.28 37.48 19.73
CA GLY J 69 45.32 38.20 21.01
C GLY J 69 45.53 39.70 20.82
N LEU J 70 46.79 40.11 20.65
CA LEU J 70 47.20 41.54 20.58
C LEU J 70 48.12 41.78 19.38
N VAL J 71 48.25 40.81 18.48
CA VAL J 71 49.02 40.98 17.21
C VAL J 71 48.11 41.70 16.22
N PRO J 72 48.58 42.78 15.57
CA PRO J 72 47.77 43.48 14.58
C PRO J 72 47.45 42.56 13.39
N VAL J 73 46.18 42.59 12.94
CA VAL J 73 45.68 41.80 11.77
C VAL J 73 45.45 42.77 10.63
N PRO J 74 46.08 42.56 9.44
CA PRO J 74 45.89 43.46 8.31
C PRO J 74 44.43 43.80 8.00
N GLU J 75 44.20 44.95 7.36
CA GLU J 75 42.86 45.47 6.99
C GLU J 75 42.37 44.80 5.70
N LEU J 76 41.05 44.69 5.53
CA LEU J 76 40.41 44.32 4.24
C LEU J 76 40.00 45.60 3.50
N PRO J 77 39.96 45.58 2.16
CA PRO J 77 39.68 46.77 1.39
C PRO J 77 38.24 47.28 1.48
N GLY J 78 37.19 46.60 1.94
CA GLY J 78 36.07 47.26 2.65
C GLY J 78 35.06 47.87 1.75
N LYS J 79 33.73 47.63 1.92
CA LYS J 79 32.63 48.26 1.17
C LYS J 79 33.16 49.28 0.16
N SER J 86 31.32 48.31 -12.17
CA SER J 86 31.62 47.06 -11.43
C SER J 86 33.07 46.67 -11.70
N ASP J 87 33.35 46.13 -12.89
CA ASP J 87 34.63 45.41 -13.22
C ASP J 87 35.85 46.11 -12.61
N GLU J 88 35.82 47.44 -12.49
CA GLU J 88 36.91 48.24 -11.87
C GLU J 88 36.96 47.98 -10.34
N PHE J 89 35.81 48.01 -9.68
CA PHE J 89 35.68 47.78 -8.21
C PHE J 89 36.16 46.37 -7.86
N ILE J 90 35.60 45.36 -8.53
CA ILE J 90 36.00 43.93 -8.46
C ILE J 90 37.54 43.86 -8.46
N GLU J 91 38.18 44.51 -9.44
CA GLU J 91 39.66 44.48 -9.64
C GLU J 91 40.37 45.21 -8.48
N LYS J 92 39.79 46.30 -7.96
CA LYS J 92 40.38 47.05 -6.81
C LYS J 92 40.34 46.15 -5.57
N ARG J 93 39.18 45.56 -5.30
CA ARG J 93 38.96 44.59 -4.19
C ARG J 93 39.89 43.38 -4.37
N ARG J 94 39.96 42.81 -5.57
CA ARG J 94 40.82 41.64 -5.90
C ARG J 94 42.24 41.91 -5.39
N GLN J 95 42.82 43.07 -5.74
CA GLN J 95 44.17 43.50 -5.31
C GLN J 95 44.20 43.61 -3.78
N GLY J 96 43.19 44.28 -3.20
CA GLY J 96 43.05 44.47 -1.75
C GLY J 96 43.05 43.14 -1.00
N LEU J 97 42.29 42.16 -1.47
CA LEU J 97 42.21 40.79 -0.89
C LEU J 97 43.59 40.14 -0.97
N GLN J 98 44.25 40.20 -2.13
CA GLN J 98 45.61 39.62 -2.32
C GLN J 98 46.57 40.29 -1.34
N HIS J 99 46.57 41.62 -1.28
CA HIS J 99 47.40 42.43 -0.35
C HIS J 99 47.18 41.93 1.08
N PHE J 100 45.91 41.79 1.49
CA PHE J 100 45.50 41.34 2.85
C PHE J 100 46.15 40.00 3.17
N LEU J 101 46.05 39.02 2.27
CA LEU J 101 46.60 37.65 2.47
C LEU J 101 48.13 37.73 2.50
N GLU J 102 48.75 38.43 1.56
CA GLU J 102 50.22 38.64 1.49
C GLU J 102 50.72 39.12 2.87
N LYS J 103 50.08 40.14 3.44
CA LYS J 103 50.40 40.71 4.77
C LYS J 103 50.20 39.66 5.87
N VAL J 104 49.05 38.97 5.86
CA VAL J 104 48.67 37.95 6.87
C VAL J 104 49.74 36.85 6.88
N LEU J 105 50.25 36.46 5.71
CA LEU J 105 51.20 35.31 5.57
C LEU J 105 52.60 35.70 6.06
N GLN J 106 52.86 36.99 6.29
CA GLN J 106 54.18 37.49 6.79
C GLN J 106 54.18 37.54 8.32
N SER J 107 53.04 37.73 8.96
CA SER J 107 52.88 37.61 10.43
C SER J 107 52.93 36.13 10.81
N VAL J 108 53.98 35.71 11.51
CA VAL J 108 54.28 34.28 11.80
C VAL J 108 53.20 33.73 12.73
N VAL J 109 52.68 34.56 13.64
CA VAL J 109 51.58 34.21 14.58
C VAL J 109 50.33 33.88 13.77
N LEU J 110 49.91 34.79 12.89
CA LEU J 110 48.69 34.65 12.05
C LEU J 110 48.84 33.43 11.15
N LEU J 111 50.03 33.21 10.59
CA LEU J 111 50.36 32.09 9.66
C LEU J 111 50.07 30.75 10.34
N SER J 112 50.19 30.68 11.67
CA SER J 112 50.04 29.44 12.47
C SER J 112 48.57 29.20 12.87
N ASP J 113 47.63 30.06 12.45
CA ASP J 113 46.18 29.86 12.70
C ASP J 113 45.71 28.71 11.81
N SER J 114 45.07 27.70 12.42
CA SER J 114 44.54 26.49 11.73
C SER J 114 43.35 26.90 10.84
N GLN J 115 42.50 27.81 11.32
CA GLN J 115 41.32 28.31 10.57
C GLN J 115 41.76 29.00 9.27
N LEU J 116 42.89 29.73 9.30
CA LEU J 116 43.48 30.35 8.08
C LEU J 116 43.91 29.24 7.10
N HIS J 117 44.60 28.22 7.62
CA HIS J 117 45.12 27.07 6.84
C HIS J 117 43.96 26.36 6.12
N LEU J 118 42.82 26.19 6.79
CA LEU J 118 41.61 25.56 6.20
C LEU J 118 40.99 26.49 5.17
N PHE J 119 40.92 27.80 5.47
CA PHE J 119 40.35 28.83 4.57
C PHE J 119 41.09 28.82 3.22
N LEU J 120 42.41 28.64 3.24
CA LEU J 120 43.31 28.84 2.08
C LEU J 120 43.46 27.53 1.28
N GLN J 121 43.32 26.37 1.93
CA GLN J 121 43.70 25.05 1.36
C GLN J 121 42.56 24.02 1.37
N SER J 122 41.54 24.16 2.22
CA SER J 122 40.32 23.30 2.21
C SER J 122 39.29 23.91 1.29
N GLN J 123 38.40 23.08 0.75
CA GLN J 123 37.18 23.54 0.04
C GLN J 123 36.01 23.42 1.04
N LEU J 124 36.31 23.53 2.35
CA LEU J 124 35.28 23.48 3.42
C LEU J 124 34.51 24.80 3.42
N SER J 125 33.23 24.75 3.81
CA SER J 125 32.43 25.95 4.17
C SER J 125 33.05 26.61 5.39
N VAL J 126 32.57 27.78 5.79
CA VAL J 126 33.00 28.44 7.06
C VAL J 126 32.51 27.57 8.23
N PRO J 127 31.19 27.27 8.35
CA PRO J 127 30.70 26.38 9.40
C PRO J 127 31.46 25.05 9.52
N GLU J 128 31.86 24.48 8.38
CA GLU J 128 32.63 23.21 8.30
C GLU J 128 34.03 23.42 8.88
N ILE J 129 34.61 24.62 8.72
CA ILE J 129 35.94 24.99 9.31
C ILE J 129 35.77 25.19 10.81
N GLU J 130 34.70 25.90 11.23
CA GLU J 130 34.39 26.11 12.66
C GLU J 130 34.21 24.75 13.35
N ALA J 131 33.73 23.73 12.60
CA ALA J 131 33.59 22.34 13.07
C ALA J 131 34.98 21.67 13.17
N CYS J 132 35.71 21.57 12.04
CA CYS J 132 37.02 20.85 11.93
C CYS J 132 37.98 21.35 13.01
N VAL J 133 37.60 22.38 13.77
CA VAL J 133 38.40 23.03 14.86
C VAL J 133 37.51 23.16 16.11
N GLN J 134 37.64 22.20 17.05
CA GLN J 134 36.96 22.30 18.36
C GLN J 134 37.80 21.58 19.40
N GLY J 135 37.51 21.82 20.67
CA GLY J 135 38.17 21.18 21.83
C GLY J 135 39.68 21.25 21.75
N ARG J 136 40.33 21.30 22.93
CA ARG J 136 41.80 21.34 23.08
C ARG J 136 42.39 20.06 22.48
N SER J 137 43.56 20.16 21.86
CA SER J 137 44.37 18.98 21.44
C SER J 137 44.58 17.97 22.58
N THR J 138 45.13 16.82 22.25
CA THR J 138 45.40 15.67 23.16
C THR J 138 46.84 15.73 23.69
N THR J 140 47.89 19.49 24.82
CA THR J 140 47.59 20.67 25.60
C THR J 140 46.41 20.39 26.56
N VAL J 141 46.41 19.24 27.23
CA VAL J 141 45.36 18.81 28.22
C VAL J 141 45.99 17.90 29.26
N SER J 142 45.56 18.03 30.52
CA SER J 142 46.00 17.21 31.67
C SER J 142 45.80 15.73 31.33
N ASP J 143 46.81 14.90 31.61
CA ASP J 143 46.77 13.43 31.37
C ASP J 143 45.67 12.81 32.24
N ALA J 144 44.81 13.64 32.82
CA ALA J 144 43.61 13.25 33.62
C ALA J 144 42.34 13.49 32.80
N ILE J 145 42.21 14.68 32.18
CA ILE J 145 41.07 15.03 31.28
C ILE J 145 41.11 14.11 30.05
N LEU J 146 42.31 13.82 29.54
CA LEU J 146 42.55 12.93 28.38
C LEU J 146 42.15 11.49 28.71
N ARG J 147 42.37 11.00 29.93
CA ARG J 147 42.03 9.61 30.34
C ARG J 147 40.50 9.47 30.53
N TYR J 148 39.86 10.56 30.97
CA TYR J 148 38.39 10.67 31.14
C TYR J 148 37.72 10.63 29.75
N ALA J 149 38.37 11.27 28.77
CA ALA J 149 37.94 11.35 27.36
C ALA J 149 38.06 9.98 26.69
N SER J 151 37.75 7.00 27.78
CA SER J 151 36.77 6.00 28.18
C SER J 151 35.36 6.47 27.81
N ASN J 152 34.60 5.73 27.00
CA ASN J 152 33.24 6.13 26.53
C ASN J 152 32.34 4.94 26.15
N LEU J 153 31.07 5.25 25.87
CA LEU J 153 29.91 4.31 25.77
C LEU J 153 29.02 4.70 24.59
N GLU J 154 28.27 3.72 24.07
CA GLU J 154 27.61 3.72 22.73
C GLU J 154 28.65 3.46 21.64
N VAL K 10 -26.57 37.00 -14.41
CA VAL K 10 -27.11 37.45 -13.08
C VAL K 10 -27.37 36.20 -12.23
N ILE K 11 -27.02 36.26 -10.93
CA ILE K 11 -27.34 35.24 -9.90
C ILE K 11 -28.18 35.94 -8.81
N THR K 12 -29.33 35.37 -8.48
CA THR K 12 -30.25 35.86 -7.43
C THR K 12 -30.42 34.76 -6.37
N VAL K 13 -30.31 35.11 -5.10
CA VAL K 13 -30.51 34.18 -3.95
C VAL K 13 -31.46 34.84 -2.95
N ARG K 14 -32.54 34.13 -2.60
CA ARG K 14 -33.47 34.51 -1.51
C ARG K 14 -33.52 33.35 -0.51
N VAL K 15 -33.61 33.67 0.77
CA VAL K 15 -33.81 32.69 1.89
C VAL K 15 -35.22 32.93 2.44
N GLN K 16 -36.16 32.03 2.13
CA GLN K 16 -37.59 32.21 2.43
C GLN K 16 -38.09 31.07 3.32
N ASP K 17 -39.37 31.12 3.70
CA ASP K 17 -40.17 29.97 4.21
C ASP K 17 -39.44 29.25 5.33
N PRO K 18 -39.20 29.89 6.49
CA PRO K 18 -38.74 29.19 7.67
C PRO K 18 -39.80 28.17 8.11
N ARG K 19 -39.39 26.96 8.48
CA ARG K 19 -40.31 25.85 8.88
C ARG K 19 -39.67 25.04 10.00
N VAL K 20 -40.51 24.51 10.90
CA VAL K 20 -40.12 23.62 12.02
C VAL K 20 -40.26 22.17 11.56
N GLN K 21 -39.15 21.52 11.25
CA GLN K 21 -39.09 20.05 10.97
C GLN K 21 -39.15 19.32 12.31
N ASN K 22 -39.87 18.20 12.36
CA ASN K 22 -40.04 17.32 13.55
C ASN K 22 -40.65 18.12 14.71
N GLU K 23 -41.88 18.62 14.54
CA GLU K 23 -42.62 19.38 15.60
C GLU K 23 -42.57 18.60 16.91
N GLY K 24 -42.30 19.28 18.04
CA GLY K 24 -42.64 18.78 19.38
C GLY K 24 -41.67 17.72 19.91
N SER K 25 -41.17 16.83 19.06
CA SER K 25 -40.14 15.81 19.42
C SER K 25 -38.80 16.51 19.67
N TRP K 26 -37.91 15.86 20.43
CA TRP K 26 -36.64 16.45 20.96
C TRP K 26 -35.72 16.90 19.81
N ASN K 27 -35.68 16.18 18.70
CA ASN K 27 -34.88 16.55 17.49
C ASN K 27 -35.68 17.54 16.60
N SER K 28 -36.59 18.30 17.22
CA SER K 28 -37.23 19.51 16.63
C SER K 28 -36.12 20.46 16.18
N TYR K 29 -36.28 21.10 15.01
CA TYR K 29 -35.34 22.15 14.51
C TYR K 29 -36.00 22.99 13.42
N VAL K 30 -35.42 24.16 13.13
CA VAL K 30 -35.86 25.11 12.08
C VAL K 30 -34.89 25.05 10.91
N ASP K 31 -35.39 24.86 9.69
CA ASP K 31 -34.61 25.03 8.44
C ASP K 31 -35.24 26.15 7.63
N TYR K 32 -34.50 26.64 6.63
CA TYR K 32 -34.86 27.79 5.75
C TYR K 32 -34.71 27.31 4.31
N LYS K 33 -35.62 27.72 3.43
CA LYS K 33 -35.57 27.40 1.99
C LYS K 33 -34.62 28.39 1.32
N ILE K 34 -33.62 27.89 0.59
CA ILE K 34 -32.69 28.72 -0.23
C ILE K 34 -33.09 28.57 -1.70
N PHE K 35 -33.67 29.64 -2.25
CA PHE K 35 -34.11 29.75 -3.67
C PHE K 35 -33.00 30.50 -4.42
N LEU K 36 -32.21 29.76 -5.21
CA LEU K 36 -31.14 30.31 -6.08
C LEU K 36 -31.65 30.33 -7.52
N HIS K 37 -31.90 31.53 -8.05
CA HIS K 37 -32.40 31.79 -9.42
C HIS K 37 -31.29 32.47 -10.23
N THR K 38 -30.73 31.74 -11.21
CA THR K 38 -29.63 32.22 -12.06
C THR K 38 -30.09 32.19 -13.52
N ASN K 39 -29.33 32.84 -14.39
CA ASN K 39 -29.34 32.61 -15.85
C ASN K 39 -27.89 32.68 -16.34
N LYS K 46 -32.41 26.74 -14.31
CA LYS K 46 -32.43 28.20 -14.09
C LYS K 46 -32.71 28.47 -12.59
N THR K 47 -33.32 27.52 -11.88
CA THR K 47 -33.88 27.64 -10.54
C THR K 47 -33.44 26.43 -9.70
N SER K 48 -33.09 26.63 -8.42
CA SER K 48 -32.76 25.56 -7.47
C SER K 48 -33.37 25.88 -6.09
N CYS K 49 -33.62 24.84 -5.30
CA CYS K 49 -34.49 24.88 -4.09
C CYS K 49 -33.94 23.87 -3.09
N VAL K 50 -33.33 24.32 -1.99
CA VAL K 50 -32.81 23.40 -0.94
C VAL K 50 -33.14 24.00 0.43
N ARG K 51 -33.43 23.13 1.40
CA ARG K 51 -33.69 23.52 2.81
C ARG K 51 -32.39 23.33 3.60
N ARG K 52 -32.02 24.31 4.43
CA ARG K 52 -30.75 24.28 5.21
C ARG K 52 -30.99 24.80 6.63
N ARG K 53 -30.56 24.03 7.64
CA ARG K 53 -30.48 24.44 9.07
C ARG K 53 -29.53 25.63 9.21
N TYR K 54 -29.58 26.36 10.33
CA TYR K 54 -28.60 27.45 10.59
C TYR K 54 -27.22 26.84 10.78
N ARG K 55 -27.16 25.70 11.49
CA ARG K 55 -25.89 25.00 11.81
C ARG K 55 -25.18 24.63 10.50
N GLU K 56 -25.92 24.40 9.42
CA GLU K 56 -25.36 24.08 8.08
C GLU K 56 -24.64 25.32 7.54
N PHE K 57 -25.21 26.52 7.72
CA PHE K 57 -24.58 27.81 7.32
C PHE K 57 -23.29 28.01 8.11
N VAL K 58 -23.32 27.72 9.41
CA VAL K 58 -22.14 27.86 10.32
C VAL K 58 -21.00 27.03 9.75
N TRP K 59 -21.29 25.79 9.36
CA TRP K 59 -20.33 24.87 8.68
C TRP K 59 -19.83 25.55 7.40
N LEU K 60 -20.76 25.98 6.54
CA LEU K 60 -20.46 26.57 5.21
C LEU K 60 -19.46 27.72 5.36
N ARG K 61 -19.66 28.59 6.35
CA ARG K 61 -18.78 29.75 6.57
C ARG K 61 -17.37 29.25 6.90
N LYS K 62 -17.24 28.35 7.88
CA LYS K 62 -15.93 27.77 8.26
C LYS K 62 -15.25 27.18 7.03
N GLN K 63 -16.01 26.51 6.16
CA GLN K 63 -15.49 25.86 4.92
C GLN K 63 -15.06 26.94 3.92
N LEU K 64 -15.83 28.00 3.76
CA LEU K 64 -15.48 29.13 2.85
C LEU K 64 -14.16 29.76 3.32
N GLN K 65 -13.95 29.85 4.63
CA GLN K 65 -12.76 30.50 5.25
C GLN K 65 -11.49 29.69 4.95
N ARG K 66 -11.57 28.36 5.01
CA ARG K 66 -10.45 27.44 4.62
C ARG K 66 -9.96 27.82 3.22
N ASN K 67 -10.81 27.65 2.21
CA ASN K 67 -10.45 27.70 0.77
C ASN K 67 -10.14 29.15 0.34
N ALA K 68 -10.66 30.15 1.06
CA ALA K 68 -10.56 31.58 0.71
C ALA K 68 -9.22 32.17 1.18
N GLY K 69 -8.40 31.38 1.90
CA GLY K 69 -7.09 31.79 2.42
C GLY K 69 -7.19 33.06 3.26
N LEU K 70 -7.16 34.21 2.59
CA LEU K 70 -7.07 35.56 3.22
C LEU K 70 -8.12 36.49 2.62
N VAL K 71 -9.09 35.97 1.85
CA VAL K 71 -10.26 36.76 1.35
C VAL K 71 -11.26 36.82 2.49
N PRO K 72 -11.78 38.02 2.83
CA PRO K 72 -12.77 38.14 3.90
C PRO K 72 -14.07 37.41 3.52
N VAL K 73 -14.63 36.65 4.47
CA VAL K 73 -15.90 35.89 4.33
C VAL K 73 -16.97 36.62 5.13
N PRO K 74 -18.10 37.04 4.51
CA PRO K 74 -19.17 37.74 5.23
C PRO K 74 -19.57 37.06 6.55
N GLU K 75 -20.14 37.85 7.46
CA GLU K 75 -20.57 37.40 8.82
C GLU K 75 -21.95 36.75 8.73
N LEU K 76 -22.25 35.83 9.65
CA LEU K 76 -23.62 35.29 9.87
C LEU K 76 -24.26 36.07 11.00
N PRO K 77 -25.62 36.17 11.05
CA PRO K 77 -26.29 36.71 12.24
C PRO K 77 -26.19 35.75 13.44
N GLY K 78 -25.65 36.21 14.56
CA GLY K 78 -25.56 35.44 15.84
C GLY K 78 -26.90 35.40 16.54
N LYS K 79 -26.96 35.67 17.88
CA LYS K 79 -28.19 36.11 18.58
C LYS K 79 -28.09 37.58 19.02
N PHE K 82 -31.49 41.55 21.59
CA PHE K 82 -32.80 41.97 21.04
C PHE K 82 -33.89 41.15 21.76
N PHE K 83 -34.89 41.85 22.33
CA PHE K 83 -35.97 41.28 23.20
C PHE K 83 -37.27 41.03 22.41
N GLY K 84 -37.19 40.76 21.11
CA GLY K 84 -38.35 40.57 20.23
C GLY K 84 -39.14 39.31 20.52
N THR K 85 -40.16 39.02 19.71
CA THR K 85 -40.92 37.75 19.73
C THR K 85 -40.05 36.63 19.16
N SER K 86 -40.56 35.40 19.14
CA SER K 86 -39.97 34.27 18.37
C SER K 86 -40.03 34.60 16.88
N ASP K 87 -41.22 34.55 16.27
CA ASP K 87 -41.48 34.82 14.84
C ASP K 87 -40.64 36.01 14.35
N GLU K 88 -40.37 37.00 15.22
CA GLU K 88 -39.53 38.18 14.91
C GLU K 88 -38.06 37.77 14.74
N PHE K 89 -37.53 36.95 15.64
CA PHE K 89 -36.12 36.45 15.59
C PHE K 89 -35.88 35.65 14.31
N ILE K 90 -36.72 34.65 14.07
CA ILE K 90 -36.75 33.83 12.82
C ILE K 90 -36.59 34.76 11.61
N GLU K 91 -37.41 35.82 11.55
CA GLU K 91 -37.45 36.78 10.42
C GLU K 91 -36.16 37.61 10.38
N LYS K 92 -35.59 37.98 11.52
CA LYS K 92 -34.31 38.75 11.60
C LYS K 92 -33.18 37.86 11.06
N ARG K 93 -33.10 36.63 11.54
CA ARG K 93 -32.13 35.59 11.09
C ARG K 93 -32.32 35.35 9.58
N ARG K 94 -33.56 35.14 9.14
CA ARG K 94 -33.90 34.87 7.72
C ARG K 94 -33.23 35.94 6.84
N GLN K 95 -33.41 37.22 7.16
CA GLN K 95 -32.80 38.37 6.43
C GLN K 95 -31.28 38.26 6.51
N GLY K 96 -30.75 38.02 7.71
CA GLY K 96 -29.30 37.88 7.95
C GLY K 96 -28.68 36.80 7.08
N LEU K 97 -29.32 35.63 7.00
CA LEU K 97 -28.86 34.49 6.16
C LEU K 97 -28.86 34.92 4.69
N GLN K 98 -29.94 35.54 4.23
CA GLN K 98 -30.07 36.04 2.83
C GLN K 98 -28.95 37.04 2.55
N HIS K 99 -28.77 38.02 3.44
CA HIS K 99 -27.70 39.05 3.36
C HIS K 99 -26.34 38.35 3.20
N PHE K 100 -26.06 37.36 4.06
CA PHE K 100 -24.80 36.58 4.08
C PHE K 100 -24.54 35.97 2.70
N LEU K 101 -25.53 35.29 2.13
CA LEU K 101 -25.41 34.62 0.81
C LEU K 101 -25.23 35.67 -0.29
N GLU K 102 -26.05 36.72 -0.29
CA GLU K 102 -25.96 37.85 -1.25
C GLU K 102 -24.51 38.35 -1.31
N LYS K 103 -23.91 38.61 -0.14
CA LYS K 103 -22.50 39.08 0.00
C LYS K 103 -21.54 38.03 -0.52
N VAL K 104 -21.71 36.77 -0.13
CA VAL K 104 -20.84 35.62 -0.52
C VAL K 104 -20.82 35.50 -2.05
N LEU K 105 -21.98 35.70 -2.70
CA LEU K 105 -22.14 35.49 -4.17
C LEU K 105 -21.48 36.65 -4.95
N GLN K 106 -21.10 37.74 -4.29
CA GLN K 106 -20.45 38.92 -4.93
C GLN K 106 -18.91 38.75 -4.89
N SER K 107 -18.37 38.05 -3.88
CA SER K 107 -16.93 37.67 -3.82
C SER K 107 -16.69 36.55 -4.83
N VAL K 108 -15.92 36.84 -5.89
CA VAL K 108 -15.75 35.95 -7.07
C VAL K 108 -14.97 34.71 -6.62
N VAL K 109 -14.05 34.86 -5.66
CA VAL K 109 -13.25 33.75 -5.06
C VAL K 109 -14.21 32.78 -4.37
N LEU K 110 -15.04 33.30 -3.46
CA LEU K 110 -16.00 32.50 -2.65
C LEU K 110 -16.99 31.81 -3.58
N LEU K 111 -17.45 32.51 -4.63
CA LEU K 111 -18.43 32.03 -5.63
C LEU K 111 -17.91 30.74 -6.29
N SER K 112 -16.59 30.60 -6.41
CA SER K 112 -15.91 29.47 -7.12
C SER K 112 -15.67 28.28 -6.18
N ASP K 113 -16.10 28.36 -4.91
CA ASP K 113 -15.98 27.22 -3.95
C ASP K 113 -16.99 26.15 -4.38
N SER K 114 -16.53 24.91 -4.55
CA SER K 114 -17.36 23.75 -4.94
C SER K 114 -18.33 23.38 -3.80
N GLN K 115 -17.85 23.45 -2.55
CA GLN K 115 -18.66 23.14 -1.34
C GLN K 115 -19.84 24.12 -1.24
N LEU K 116 -19.65 25.39 -1.60
CA LEU K 116 -20.75 26.39 -1.65
C LEU K 116 -21.77 25.97 -2.71
N HIS K 117 -21.29 25.60 -3.91
CA HIS K 117 -22.12 25.18 -5.06
C HIS K 117 -23.01 23.99 -4.67
N LEU K 118 -22.45 23.03 -3.93
CA LEU K 118 -23.21 21.84 -3.43
C LEU K 118 -24.20 22.26 -2.35
N PHE K 119 -23.81 23.14 -1.44
CA PHE K 119 -24.66 23.66 -0.33
C PHE K 119 -25.92 24.30 -0.91
N LEU K 120 -25.79 25.04 -2.02
CA LEU K 120 -26.86 25.92 -2.58
C LEU K 120 -27.74 25.16 -3.58
N GLN K 121 -27.22 24.11 -4.22
CA GLN K 121 -27.85 23.44 -5.38
C GLN K 121 -28.05 21.93 -5.20
N SER K 122 -27.27 21.26 -4.35
CA SER K 122 -27.47 19.83 -4.01
C SER K 122 -28.44 19.73 -2.83
N GLN K 123 -29.13 18.59 -2.73
CA GLN K 123 -29.90 18.21 -1.53
C GLN K 123 -29.04 17.22 -0.73
N LEU K 124 -27.70 17.34 -0.85
CA LEU K 124 -26.74 16.51 -0.10
C LEU K 124 -26.71 16.99 1.36
N SER K 125 -26.45 16.08 2.29
CA SER K 125 -26.09 16.41 3.70
C SER K 125 -24.76 17.16 3.69
N VAL K 126 -24.32 17.67 4.84
CA VAL K 126 -22.96 18.27 4.98
C VAL K 126 -21.94 17.14 4.83
N PRO K 127 -21.99 16.05 5.63
CA PRO K 127 -21.08 14.92 5.44
C PRO K 127 -20.99 14.40 4.00
N GLU K 128 -22.11 14.39 3.27
CA GLU K 128 -22.18 13.96 1.85
C GLU K 128 -21.42 14.96 0.96
N ILE K 129 -21.42 16.24 1.32
CA ILE K 129 -20.65 17.30 0.60
C ILE K 129 -19.16 17.14 0.93
N GLU K 130 -18.83 16.91 2.20
CA GLU K 130 -17.44 16.65 2.66
C GLU K 130 -16.89 15.42 1.93
N ALA K 131 -17.76 14.47 1.58
CA ALA K 131 -17.43 13.27 0.79
C ALA K 131 -17.20 13.65 -0.68
N CYS K 132 -18.20 14.22 -1.36
CA CYS K 132 -18.17 14.55 -2.82
C CYS K 132 -16.91 15.39 -3.13
N VAL K 133 -16.14 15.79 -2.11
CA VAL K 133 -14.91 16.62 -2.19
C VAL K 133 -13.79 15.94 -1.40
N GLN K 134 -13.83 15.90 -0.06
CA GLN K 134 -12.76 15.28 0.78
C GLN K 134 -13.16 13.85 1.15
N GLU L 9 -52.30 40.57 -12.88
CA GLU L 9 -53.77 40.71 -13.19
C GLU L 9 -54.20 39.63 -14.19
N VAL L 10 -53.29 39.17 -15.06
CA VAL L 10 -53.55 38.14 -16.10
C VAL L 10 -52.55 36.99 -15.94
N ILE L 11 -53.04 35.74 -16.00
CA ILE L 11 -52.21 34.51 -16.04
C ILE L 11 -52.56 33.72 -17.30
N THR L 12 -51.57 33.40 -18.12
CA THR L 12 -51.73 32.58 -19.35
C THR L 12 -50.87 31.32 -19.22
N VAL L 13 -51.46 30.14 -19.48
CA VAL L 13 -50.74 28.84 -19.47
C VAL L 13 -51.08 28.09 -20.76
N ARG L 14 -50.05 27.69 -21.50
CA ARG L 14 -50.17 26.81 -22.69
C ARG L 14 -49.28 25.58 -22.45
N VAL L 15 -49.75 24.41 -22.88
CA VAL L 15 -48.98 23.13 -22.86
C VAL L 15 -48.68 22.77 -24.32
N GLN L 16 -47.43 22.93 -24.75
CA GLN L 16 -47.02 22.84 -26.17
C GLN L 16 -45.93 21.77 -26.32
N ASP L 17 -45.50 21.53 -27.56
CA ASP L 17 -44.24 20.84 -27.91
C ASP L 17 -44.11 19.52 -27.17
N PRO L 18 -44.99 18.52 -27.41
CA PRO L 18 -44.76 17.17 -26.90
C PRO L 18 -43.50 16.60 -27.54
N ARG L 19 -42.67 15.92 -26.75
CA ARG L 19 -41.38 15.34 -27.21
C ARG L 19 -41.14 14.00 -26.52
N VAL L 20 -40.52 13.05 -27.23
CA VAL L 20 -40.15 11.70 -26.72
C VAL L 20 -38.71 11.77 -26.22
N GLN L 21 -38.53 11.82 -24.90
CA GLN L 21 -37.18 11.74 -24.25
C GLN L 21 -36.10 10.64 -24.40
N ASN L 22 -36.25 9.36 -24.11
CA ASN L 22 -35.19 8.36 -24.24
C ASN L 22 -35.72 7.57 -25.42
N GLU L 23 -35.51 7.97 -26.68
CA GLU L 23 -36.13 7.28 -27.85
C GLU L 23 -35.81 5.78 -27.77
N GLY L 24 -36.79 4.91 -28.04
CA GLY L 24 -36.56 3.50 -28.40
C GLY L 24 -36.22 2.60 -27.22
N SER L 25 -35.45 3.08 -26.24
CA SER L 25 -35.09 2.34 -25.00
C SER L 25 -36.34 2.21 -24.11
N TRP L 26 -36.34 1.23 -23.21
CA TRP L 26 -37.53 0.81 -22.40
C TRP L 26 -38.04 1.96 -21.52
N ASN L 27 -37.16 2.82 -20.99
CA ASN L 27 -37.53 4.01 -20.17
C ASN L 27 -37.83 5.19 -21.10
N SER L 28 -38.25 4.92 -22.35
CA SER L 28 -38.87 5.89 -23.28
C SER L 28 -40.05 6.56 -22.59
N TYR L 29 -40.23 7.86 -22.75
CA TYR L 29 -41.44 8.57 -22.26
C TYR L 29 -41.62 9.89 -23.02
N VAL L 30 -42.84 10.43 -22.90
CA VAL L 30 -43.25 11.73 -23.49
C VAL L 30 -43.38 12.77 -22.37
N ASP L 31 -42.73 13.92 -22.53
CA ASP L 31 -42.98 15.10 -21.67
C ASP L 31 -43.54 16.22 -22.54
N TYR L 32 -44.13 17.23 -21.89
CA TYR L 32 -44.84 18.37 -22.51
C TYR L 32 -44.22 19.64 -21.93
N LYS L 33 -44.04 20.67 -22.77
CA LYS L 33 -43.54 22.00 -22.36
C LYS L 33 -44.71 22.79 -21.78
N ILE L 34 -44.57 23.29 -20.55
CA ILE L 34 -45.58 24.18 -19.90
C ILE L 34 -45.03 25.61 -19.93
N PHE L 35 -45.64 26.44 -20.77
CA PHE L 35 -45.32 27.88 -20.96
C PHE L 35 -46.33 28.69 -20.13
N LEU L 36 -45.89 29.20 -18.98
CA LEU L 36 -46.68 30.07 -18.08
C LEU L 36 -46.23 31.52 -18.30
N HIS L 37 -47.09 32.34 -18.90
CA HIS L 37 -46.87 33.81 -19.08
C HIS L 37 -47.83 34.58 -18.19
N THR L 38 -47.33 35.23 -17.14
CA THR L 38 -48.12 35.99 -16.15
C THR L 38 -47.60 37.42 -16.12
N ASN L 39 -48.33 38.31 -15.45
CA ASN L 39 -47.80 39.57 -14.86
C ASN L 39 -48.37 39.75 -13.44
N SER L 40 -48.77 38.63 -12.83
CA SER L 40 -49.48 38.58 -11.53
C SER L 40 -48.46 38.58 -10.40
N LYS L 41 -48.73 39.34 -9.32
CA LYS L 41 -47.87 39.39 -8.10
C LYS L 41 -47.98 38.09 -7.29
N ALA L 42 -48.90 37.20 -7.65
CA ALA L 42 -49.04 35.83 -7.07
C ALA L 42 -47.82 34.97 -7.42
N PHE L 43 -47.42 34.97 -8.69
CA PHE L 43 -46.27 34.21 -9.26
C PHE L 43 -44.99 35.07 -9.19
N THR L 44 -43.88 34.45 -9.57
CA THR L 44 -42.51 35.01 -9.48
C THR L 44 -42.02 35.32 -10.91
N ALA L 45 -41.72 34.29 -11.70
CA ALA L 45 -41.34 34.36 -13.12
C ALA L 45 -42.52 34.88 -13.99
N LYS L 46 -42.26 35.88 -14.80
CA LYS L 46 -43.28 36.56 -15.65
C LYS L 46 -43.34 35.89 -17.03
N THR L 47 -42.28 35.22 -17.49
CA THR L 47 -42.38 34.08 -18.46
C THR L 47 -41.62 32.88 -17.89
N SER L 48 -42.17 31.67 -17.97
CA SER L 48 -41.52 30.45 -17.43
C SER L 48 -41.79 29.28 -18.39
N CYS L 49 -40.87 28.31 -18.38
CA CYS L 49 -40.75 27.21 -19.37
C CYS L 49 -40.26 25.98 -18.61
N VAL L 50 -41.10 24.96 -18.44
CA VAL L 50 -40.68 23.67 -17.78
C VAL L 50 -41.29 22.51 -18.56
N ARG L 51 -40.56 21.39 -18.64
CA ARG L 51 -41.03 20.13 -19.26
C ARG L 51 -41.57 19.23 -18.13
N ARG L 52 -42.73 18.60 -18.33
CA ARG L 52 -43.39 17.73 -17.33
C ARG L 52 -43.98 16.49 -17.99
N ARG L 53 -43.66 15.32 -17.47
CA ARG L 53 -44.29 14.01 -17.81
C ARG L 53 -45.77 14.06 -17.44
N TYR L 54 -46.59 13.14 -17.96
CA TYR L 54 -48.02 13.04 -17.55
C TYR L 54 -48.07 12.59 -16.09
N ARG L 55 -47.21 11.66 -15.70
CA ARG L 55 -47.18 11.08 -14.34
C ARG L 55 -46.93 12.19 -13.31
N GLU L 56 -46.24 13.27 -13.73
CA GLU L 56 -45.98 14.43 -12.85
C GLU L 56 -47.29 15.18 -12.61
N PHE L 57 -48.15 15.33 -13.63
CA PHE L 57 -49.50 15.95 -13.51
C PHE L 57 -50.36 15.11 -12.55
N VAL L 58 -50.30 13.79 -12.69
CA VAL L 58 -51.08 12.83 -11.84
C VAL L 58 -50.72 13.11 -10.37
N TRP L 59 -49.43 13.23 -10.08
CA TRP L 59 -48.92 13.61 -8.75
C TRP L 59 -49.52 14.95 -8.35
N LEU L 60 -49.36 15.98 -9.20
CA LEU L 60 -49.79 17.37 -8.93
C LEU L 60 -51.25 17.39 -8.53
N ARG L 61 -52.11 16.64 -9.22
CA ARG L 61 -53.57 16.61 -8.93
C ARG L 61 -53.78 16.05 -7.52
N LYS L 62 -53.19 14.90 -7.21
CA LYS L 62 -53.28 14.28 -5.85
C LYS L 62 -52.85 15.30 -4.80
N GLN L 63 -51.78 16.06 -5.07
CA GLN L 63 -51.23 17.08 -4.14
C GLN L 63 -52.21 18.25 -3.99
N LEU L 64 -52.80 18.71 -5.10
CA LEU L 64 -53.80 19.81 -5.09
C LEU L 64 -54.99 19.38 -4.22
N GLN L 65 -55.39 18.10 -4.29
CA GLN L 65 -56.59 17.57 -3.58
C GLN L 65 -56.36 17.58 -2.07
N ARG L 66 -55.14 17.23 -1.60
CA ARG L 66 -54.76 17.31 -0.17
C ARG L 66 -55.06 18.72 0.36
N ASN L 67 -54.36 19.74 -0.18
CA ASN L 67 -54.32 21.12 0.35
C ASN L 67 -55.65 21.84 0.12
N ALA L 68 -56.45 21.39 -0.86
CA ALA L 68 -57.71 22.05 -1.28
C ALA L 68 -58.88 21.62 -0.39
N GLY L 69 -58.65 20.70 0.55
CA GLY L 69 -59.64 20.26 1.55
C GLY L 69 -60.92 19.77 0.90
N LEU L 70 -61.82 20.68 0.51
CA LEU L 70 -63.17 20.36 -0.02
C LEU L 70 -63.44 21.12 -1.32
N VAL L 71 -62.44 21.82 -1.87
CA VAL L 71 -62.55 22.56 -3.16
C VAL L 71 -62.39 21.53 -4.28
N PRO L 72 -63.29 21.50 -5.28
CA PRO L 72 -63.15 20.57 -6.39
C PRO L 72 -61.89 20.88 -7.20
N VAL L 73 -61.13 19.85 -7.57
CA VAL L 73 -59.89 19.92 -8.39
C VAL L 73 -60.21 19.40 -9.78
N PRO L 74 -59.99 20.18 -10.86
CA PRO L 74 -60.28 19.73 -12.22
C PRO L 74 -59.74 18.33 -12.54
N GLU L 75 -60.34 17.66 -13.52
CA GLU L 75 -59.99 16.28 -13.96
C GLU L 75 -58.81 16.34 -14.93
N LEU L 76 -58.02 15.27 -14.99
CA LEU L 76 -56.99 15.05 -16.04
C LEU L 76 -57.60 14.19 -17.14
N PRO L 77 -57.13 14.28 -18.40
CA PRO L 77 -57.50 13.29 -19.42
C PRO L 77 -56.88 11.91 -19.14
N GLY L 78 -57.70 10.86 -19.03
CA GLY L 78 -57.25 9.45 -18.86
C GLY L 78 -56.64 8.87 -20.12
N LYS L 79 -56.93 7.59 -20.44
CA LYS L 79 -56.13 6.77 -21.40
C LYS L 79 -56.74 6.69 -22.85
N PHE L 83 -56.76 6.20 -28.67
CA PHE L 83 -57.21 5.05 -29.52
C PHE L 83 -57.36 5.41 -30.99
N GLY L 84 -57.16 6.66 -31.43
CA GLY L 84 -56.82 7.05 -32.82
C GLY L 84 -55.41 6.61 -33.17
N THR L 85 -54.61 7.45 -33.89
CA THR L 85 -53.16 7.26 -34.09
C THR L 85 -52.43 7.58 -32.77
N SER L 86 -51.11 7.40 -32.72
CA SER L 86 -50.24 7.91 -31.62
C SER L 86 -50.33 9.44 -31.58
N ASP L 87 -49.68 10.11 -32.54
CA ASP L 87 -49.62 11.59 -32.67
C ASP L 87 -50.98 12.23 -32.35
N GLU L 88 -52.09 11.54 -32.64
CA GLU L 88 -53.47 12.01 -32.33
C GLU L 88 -53.71 12.01 -30.83
N PHE L 89 -53.34 10.92 -30.13
CA PHE L 89 -53.52 10.75 -28.67
C PHE L 89 -52.74 11.83 -27.91
N ILE L 90 -51.43 11.91 -28.21
CA ILE L 90 -50.50 12.96 -27.71
C ILE L 90 -51.22 14.32 -27.76
N GLU L 91 -51.79 14.66 -28.91
CA GLU L 91 -52.45 15.97 -29.17
C GLU L 91 -53.74 16.09 -28.35
N LYS L 92 -54.49 15.00 -28.18
CA LYS L 92 -55.74 15.00 -27.36
C LYS L 92 -55.37 15.26 -25.90
N ARG L 93 -54.39 14.52 -25.40
CA ARG L 93 -53.83 14.67 -24.03
C ARG L 93 -53.27 16.09 -23.85
N ARG L 94 -52.48 16.57 -24.80
CA ARG L 94 -51.85 17.92 -24.77
C ARG L 94 -52.94 18.96 -24.44
N GLN L 95 -54.05 18.94 -25.19
CA GLN L 95 -55.21 19.85 -24.99
C GLN L 95 -55.79 19.64 -23.58
N GLY L 96 -56.00 18.37 -23.22
CA GLY L 96 -56.54 17.98 -21.90
C GLY L 96 -55.71 18.54 -20.76
N LEU L 97 -54.39 18.42 -20.83
CA LEU L 97 -53.42 18.94 -19.83
C LEU L 97 -53.56 20.47 -19.76
N GLN L 98 -53.56 21.14 -20.91
CA GLN L 98 -53.71 22.63 -20.98
C GLN L 98 -55.04 23.01 -20.32
N HIS L 99 -56.14 22.35 -20.71
CA HIS L 99 -57.49 22.58 -20.14
C HIS L 99 -57.43 22.46 -18.61
N PHE L 100 -56.81 21.38 -18.12
CA PHE L 100 -56.66 21.07 -16.66
C PHE L 100 -56.00 22.25 -15.95
N LEU L 101 -54.87 22.74 -16.47
CA LEU L 101 -54.11 23.86 -15.86
C LEU L 101 -54.94 25.15 -15.93
N GLU L 102 -55.53 25.45 -17.10
CA GLU L 102 -56.41 26.63 -17.29
C GLU L 102 -57.46 26.67 -16.18
N LYS L 103 -58.14 25.54 -15.94
CA LYS L 103 -59.18 25.39 -14.89
C LYS L 103 -58.57 25.58 -13.50
N VAL L 104 -57.44 24.93 -13.23
CA VAL L 104 -56.73 24.98 -11.91
C VAL L 104 -56.38 26.44 -11.59
N LEU L 105 -55.95 27.21 -12.60
CA LEU L 105 -55.46 28.60 -12.40
C LEU L 105 -56.62 29.56 -12.14
N GLN L 106 -57.87 29.14 -12.36
CA GLN L 106 -59.08 29.98 -12.13
C GLN L 106 -59.59 29.78 -10.70
N SER L 107 -59.38 28.60 -10.09
CA SER L 107 -59.65 28.35 -8.65
C SER L 107 -58.59 29.07 -7.81
N VAL L 108 -59.00 30.10 -7.06
CA VAL L 108 -58.07 31.02 -6.34
C VAL L 108 -57.38 30.23 -5.22
N VAL L 109 -58.08 29.26 -4.63
CA VAL L 109 -57.54 28.37 -3.55
C VAL L 109 -56.39 27.55 -4.14
N LEU L 110 -56.65 26.85 -5.25
CA LEU L 110 -55.68 25.96 -5.93
C LEU L 110 -54.47 26.79 -6.39
N LEU L 111 -54.72 28.00 -6.91
CA LEU L 111 -53.69 28.94 -7.43
C LEU L 111 -52.66 29.24 -6.34
N SER L 112 -53.08 29.23 -5.07
CA SER L 112 -52.25 29.59 -3.89
C SER L 112 -51.46 28.39 -3.36
N ASP L 113 -51.55 27.21 -3.98
CA ASP L 113 -50.75 26.02 -3.61
C ASP L 113 -49.30 26.29 -4.03
N SER L 114 -48.36 26.14 -3.09
CA SER L 114 -46.90 26.34 -3.32
C SER L 114 -46.36 25.23 -4.23
N GLN L 115 -46.83 24.00 -4.04
CA GLN L 115 -46.40 22.82 -4.84
C GLN L 115 -46.79 23.03 -6.32
N LEU L 116 -47.95 23.65 -6.59
CA LEU L 116 -48.37 24.01 -7.97
C LEU L 116 -47.39 25.04 -8.55
N HIS L 117 -47.05 26.06 -7.76
CA HIS L 117 -46.15 27.17 -8.15
C HIS L 117 -44.78 26.60 -8.54
N LEU L 118 -44.27 25.61 -7.78
CA LEU L 118 -42.97 24.94 -8.07
C LEU L 118 -43.11 24.08 -9.33
N PHE L 119 -44.22 23.34 -9.46
CA PHE L 119 -44.50 22.45 -10.63
C PHE L 119 -44.44 23.27 -11.93
N LEU L 120 -44.96 24.50 -11.92
CA LEU L 120 -45.21 25.33 -13.14
C LEU L 120 -43.99 26.19 -13.46
N GLN L 121 -43.17 26.55 -12.46
CA GLN L 121 -42.12 27.60 -12.59
C GLN L 121 -40.72 27.10 -12.18
N SER L 122 -40.59 26.05 -11.37
CA SER L 122 -39.29 25.41 -11.04
C SER L 122 -38.99 24.33 -12.06
N GLN L 123 -37.71 24.04 -12.29
CA GLN L 123 -37.27 22.82 -13.03
C GLN L 123 -36.87 21.78 -11.98
N LEU L 124 -37.50 21.82 -10.80
CA LEU L 124 -37.30 20.82 -9.72
C LEU L 124 -37.99 19.52 -10.13
N SER L 125 -37.44 18.37 -9.70
CA SER L 125 -38.11 17.05 -9.75
C SER L 125 -39.33 17.10 -8.84
N VAL L 126 -40.17 16.06 -8.85
CA VAL L 126 -41.30 15.93 -7.88
C VAL L 126 -40.70 15.75 -6.48
N PRO L 127 -39.84 14.74 -6.24
CA PRO L 127 -39.19 14.58 -4.94
C PRO L 127 -38.52 15.86 -4.40
N GLU L 128 -37.93 16.66 -5.29
CA GLU L 128 -37.27 17.96 -4.94
C GLU L 128 -38.33 18.97 -4.49
N ILE L 129 -39.54 18.92 -5.05
CA ILE L 129 -40.69 19.79 -4.65
C ILE L 129 -41.22 19.29 -3.30
N GLU L 130 -41.38 17.97 -3.14
CA GLU L 130 -41.81 17.34 -1.85
C GLU L 130 -40.82 17.72 -0.75
N ALA L 131 -39.54 17.93 -1.10
CA ALA L 131 -38.48 18.40 -0.19
C ALA L 131 -38.68 19.88 0.13
N CYS L 132 -38.64 20.77 -0.88
CA CYS L 132 -38.72 22.25 -0.73
C CYS L 132 -39.93 22.63 0.15
N VAL L 133 -40.79 21.66 0.49
CA VAL L 133 -42.05 21.82 1.29
C VAL L 133 -42.08 20.76 2.40
N GLN L 134 -41.64 21.06 3.62
CA GLN L 134 -41.75 20.05 4.72
C GLN L 134 -42.04 20.73 6.05
N GLY L 135 -42.60 19.97 6.99
CA GLY L 135 -43.03 20.45 8.32
C GLY L 135 -43.85 21.72 8.24
N ARG L 136 -44.58 22.00 9.31
CA ARG L 136 -45.40 23.25 9.47
C ARG L 136 -44.44 24.45 9.45
N SER L 137 -44.85 25.56 8.84
CA SER L 137 -44.14 26.86 8.92
C SER L 137 -43.86 27.26 10.39
N THR L 138 -43.11 28.34 10.57
CA THR L 138 -42.73 28.88 11.92
C THR L 138 -43.66 30.03 12.30
N THR L 140 -47.55 29.06 11.66
CA THR L 140 -48.65 28.12 11.87
C THR L 140 -48.24 27.05 12.91
N VAL L 141 -47.59 27.45 14.01
CA VAL L 141 -47.10 26.54 15.09
C VAL L 141 -47.02 27.34 16.40
N SER L 142 -47.37 26.70 17.52
CA SER L 142 -47.38 27.30 18.89
C SER L 142 -46.01 27.90 19.19
N ASP L 143 -45.97 29.12 19.72
CA ASP L 143 -44.73 29.85 20.10
C ASP L 143 -44.01 29.05 21.20
N ALA L 144 -44.45 27.80 21.45
CA ALA L 144 -43.83 26.86 22.39
C ALA L 144 -43.08 25.76 21.63
N ILE L 145 -43.72 25.18 20.60
CA ILE L 145 -43.09 24.16 19.69
C ILE L 145 -41.95 24.83 18.93
N LEU L 146 -42.13 26.08 18.52
CA LEU L 146 -41.11 26.89 17.78
C LEU L 146 -39.89 27.17 18.68
N ARG L 147 -40.07 27.40 19.98
CA ARG L 147 -38.95 27.71 20.91
C ARG L 147 -38.16 26.43 21.23
N TYR L 148 -38.85 25.29 21.24
CA TYR L 148 -38.27 23.93 21.44
C TYR L 148 -37.42 23.57 20.23
N ALA L 149 -37.88 23.98 19.05
CA ALA L 149 -37.21 23.77 17.73
C ALA L 149 -35.95 24.61 17.65
N SER L 151 -33.84 25.60 19.80
CA SER L 151 -32.71 25.19 20.62
C SER L 151 -32.26 23.79 20.19
N ASN L 152 -30.98 23.61 19.81
CA ASN L 152 -30.41 22.30 19.39
C ASN L 152 -28.88 22.23 19.57
N LEU L 153 -28.33 21.03 19.34
CA LEU L 153 -26.91 20.65 19.60
C LEU L 153 -26.40 19.78 18.44
N GLU L 154 -25.07 19.74 18.24
CA GLU L 154 -24.32 18.77 17.41
C GLU L 154 -24.30 19.25 15.96
N VAL M 10 -11.66 -24.06 40.76
CA VAL M 10 -10.30 -24.45 41.23
C VAL M 10 -9.47 -24.91 40.02
N ILE M 11 -8.21 -24.50 39.97
CA ILE M 11 -7.22 -24.86 38.89
C ILE M 11 -6.04 -25.58 39.57
N THR M 12 -5.71 -26.77 39.08
CA THR M 12 -4.59 -27.62 39.57
C THR M 12 -3.60 -27.84 38.42
N VAL M 13 -2.31 -27.65 38.68
CA VAL M 13 -1.21 -27.87 37.70
C VAL M 13 -0.13 -28.74 38.36
N ARG M 14 0.22 -29.85 37.71
CA ARG M 14 1.36 -30.72 38.07
C ARG M 14 2.29 -30.81 36.86
N VAL M 15 3.60 -30.83 37.12
CA VAL M 15 4.66 -31.06 36.09
C VAL M 15 5.28 -32.42 36.39
N GLN M 16 4.98 -33.43 35.56
CA GLN M 16 5.34 -34.85 35.81
C GLN M 16 6.18 -35.37 34.65
N ASP M 17 6.61 -36.63 34.74
CA ASP M 17 7.09 -37.49 33.62
C ASP M 17 8.15 -36.76 32.80
N PRO M 18 9.34 -36.43 33.36
CA PRO M 18 10.46 -35.96 32.56
C PRO M 18 10.89 -37.06 31.59
N ARG M 19 11.18 -36.71 30.33
CA ARG M 19 11.57 -37.67 29.26
C ARG M 19 12.62 -37.04 28.35
N VAL M 20 13.54 -37.85 27.84
CA VAL M 20 14.62 -37.44 26.89
C VAL M 20 14.14 -37.69 25.46
N GLN M 21 13.73 -36.63 24.76
CA GLN M 21 13.38 -36.68 23.33
C GLN M 21 14.70 -36.70 22.53
N ASN M 22 14.75 -37.47 21.46
CA ASN M 22 15.93 -37.61 20.54
C ASN M 22 17.15 -38.10 21.32
N GLU M 23 17.09 -39.31 21.90
CA GLU M 23 18.21 -39.92 22.65
C GLU M 23 19.49 -39.85 21.81
N GLY M 24 20.62 -39.48 22.43
CA GLY M 24 21.97 -39.75 21.88
C GLY M 24 22.39 -38.81 20.77
N SER M 25 21.47 -38.41 19.88
CA SER M 25 21.73 -37.43 18.79
C SER M 25 21.93 -36.04 19.40
N TRP M 26 22.59 -35.14 18.68
CA TRP M 26 23.06 -33.81 19.15
C TRP M 26 21.87 -32.94 19.62
N ASN M 27 20.73 -33.01 18.95
CA ASN M 27 19.49 -32.27 19.33
C ASN M 27 18.71 -33.07 20.39
N SER M 28 19.40 -33.89 21.18
CA SER M 28 18.91 -34.50 22.44
C SER M 28 18.42 -33.38 23.35
N TYR M 29 17.28 -33.56 24.04
CA TYR M 29 16.77 -32.60 25.06
C TYR M 29 15.77 -33.29 25.98
N VAL M 30 15.49 -32.66 27.12
CA VAL M 30 14.50 -33.12 28.14
C VAL M 30 13.28 -32.21 28.07
N ASP M 31 12.08 -32.79 27.94
CA ASP M 31 10.81 -32.06 28.13
C ASP M 31 10.07 -32.67 29.34
N TYR M 32 9.08 -31.94 29.83
CA TYR M 32 8.28 -32.26 31.05
C TYR M 32 6.81 -32.21 30.64
N LYS M 33 6.00 -33.13 31.15
CA LYS M 33 4.53 -33.17 30.92
C LYS M 33 3.88 -32.19 31.89
N ILE M 34 3.08 -31.24 31.37
CA ILE M 34 2.26 -30.29 32.18
C ILE M 34 0.81 -30.76 32.15
N PHE M 35 0.35 -31.28 33.28
CA PHE M 35 -1.04 -31.77 33.53
C PHE M 35 -1.80 -30.65 34.24
N LEU M 36 -2.65 -29.94 33.51
CA LEU M 36 -3.55 -28.88 34.03
C LEU M 36 -4.96 -29.45 34.18
N HIS M 37 -5.40 -29.63 35.43
CA HIS M 37 -6.73 -30.17 35.81
C HIS M 37 -7.54 -29.04 36.45
N THR M 38 -8.60 -28.58 35.75
CA THR M 38 -9.49 -27.49 36.22
C THR M 38 -10.91 -28.04 36.33
N ASN M 39 -11.77 -27.30 37.04
CA ASN M 39 -13.22 -27.65 37.09
C ASN M 39 -14.11 -26.43 37.12
N SER M 40 -14.83 -26.10 36.00
CA SER M 40 -16.13 -25.33 36.06
C SER M 40 -17.26 -25.74 37.07
N LYS M 41 -17.37 -24.99 38.16
CA LYS M 41 -18.30 -25.18 39.28
C LYS M 41 -17.98 -26.44 40.08
N ALA M 42 -16.89 -27.13 39.78
CA ALA M 42 -16.50 -28.48 40.27
C ALA M 42 -17.55 -29.52 39.87
N PHE M 43 -17.93 -29.53 38.57
CA PHE M 43 -19.01 -30.40 38.01
C PHE M 43 -18.33 -31.62 37.38
N THR M 44 -17.92 -31.54 36.12
CA THR M 44 -17.00 -32.53 35.49
C THR M 44 -15.57 -31.93 35.34
N ALA M 45 -14.63 -32.86 35.16
CA ALA M 45 -13.17 -32.54 35.06
C ALA M 45 -12.92 -31.96 33.66
N LYS M 46 -12.27 -30.79 33.54
CA LYS M 46 -11.45 -30.37 32.36
C LYS M 46 -10.02 -30.81 32.69
N THR M 47 -9.41 -31.53 31.77
CA THR M 47 -8.01 -32.02 31.86
C THR M 47 -7.25 -31.66 30.57
N SER M 48 -5.99 -31.27 30.69
CA SER M 48 -5.13 -30.94 29.52
C SER M 48 -3.70 -31.44 29.79
N CYS M 49 -2.97 -31.76 28.73
CA CYS M 49 -1.72 -32.56 28.74
C CYS M 49 -0.81 -32.01 27.63
N VAL M 50 0.28 -31.33 27.97
CA VAL M 50 1.26 -30.83 26.95
C VAL M 50 2.68 -31.07 27.48
N ARG M 51 3.60 -31.36 26.57
CA ARG M 51 5.05 -31.53 26.88
C ARG M 51 5.76 -30.20 26.58
N ARG M 52 6.63 -29.73 27.46
CA ARG M 52 7.34 -28.44 27.32
C ARG M 52 8.79 -28.57 27.77
N ARG M 53 9.74 -28.15 26.91
CA ARG M 53 11.18 -27.98 27.24
C ARG M 53 11.34 -26.94 28.34
N TYR M 54 12.50 -26.89 29.01
CA TYR M 54 12.78 -25.82 30.01
C TYR M 54 12.87 -24.48 29.29
N ARG M 55 13.50 -24.47 28.11
CA ARG M 55 13.72 -23.24 27.30
C ARG M 55 12.36 -22.62 26.96
N GLU M 56 11.31 -23.43 26.85
CA GLU M 56 9.94 -22.95 26.57
C GLU M 56 9.43 -22.17 27.79
N PHE M 57 9.69 -22.64 29.01
CA PHE M 57 9.34 -21.95 30.28
C PHE M 57 10.08 -20.60 30.34
N VAL M 58 11.36 -20.59 29.97
CA VAL M 58 12.22 -19.37 29.97
C VAL M 58 11.55 -18.32 29.09
N TRP M 59 11.11 -18.72 27.90
CA TRP M 59 10.33 -17.87 26.96
C TRP M 59 9.07 -17.37 27.68
N LEU M 60 8.28 -18.30 28.22
CA LEU M 60 6.97 -18.02 28.86
C LEU M 60 7.14 -16.93 29.92
N ARG M 61 8.19 -17.02 30.75
CA ARG M 61 8.44 -16.04 31.84
C ARG M 61 8.67 -14.67 31.21
N LYS M 62 9.59 -14.56 30.24
CA LYS M 62 9.88 -13.28 29.54
C LYS M 62 8.58 -12.72 28.98
N GLN M 63 7.70 -13.56 28.42
CA GLN M 63 6.41 -13.14 27.82
C GLN M 63 5.46 -12.66 28.92
N LEU M 64 5.38 -13.37 30.05
CA LEU M 64 4.54 -12.97 31.20
C LEU M 64 4.98 -11.58 31.69
N GLN M 65 6.28 -11.31 31.69
CA GLN M 65 6.88 -10.05 32.23
C GLN M 65 6.47 -8.86 31.33
N ARG M 66 6.45 -9.03 30.01
CA ARG M 66 5.97 -8.01 29.04
C ARG M 66 4.56 -7.55 29.46
N ASN M 67 3.58 -8.46 29.42
CA ASN M 67 2.13 -8.16 29.54
C ASN M 67 1.78 -7.76 30.98
N ALA M 68 2.58 -8.17 31.97
CA ALA M 68 2.31 -7.98 33.41
C ALA M 68 2.75 -6.58 33.87
N GLY M 69 3.37 -5.79 32.98
CA GLY M 69 3.86 -4.43 33.26
C GLY M 69 4.77 -4.39 34.49
N LEU M 70 4.15 -4.31 35.68
CA LEU M 70 4.84 -4.09 36.97
C LEU M 70 4.36 -5.10 38.02
N VAL M 71 3.61 -6.13 37.61
CA VAL M 71 3.22 -7.26 38.49
C VAL M 71 4.41 -8.21 38.58
N PRO M 72 4.85 -8.62 39.78
CA PRO M 72 5.97 -9.56 39.90
C PRO M 72 5.60 -10.91 39.29
N VAL M 73 6.54 -11.48 38.53
CA VAL M 73 6.41 -12.82 37.87
C VAL M 73 7.30 -13.80 38.62
N PRO M 74 6.77 -14.91 39.15
CA PRO M 74 7.58 -15.89 39.88
C PRO M 74 8.87 -16.29 39.16
N GLU M 75 9.87 -16.75 39.93
CA GLU M 75 11.20 -17.16 39.44
C GLU M 75 11.14 -18.60 38.90
N LEU M 76 12.02 -18.93 37.96
CA LEU M 76 12.27 -20.33 37.50
C LEU M 76 13.47 -20.87 38.26
N PRO M 77 13.58 -22.21 38.45
CA PRO M 77 14.82 -22.80 38.96
C PRO M 77 15.98 -22.71 37.95
N GLY M 78 17.09 -22.09 38.32
CA GLY M 78 18.28 -21.88 37.45
C GLY M 78 19.08 -23.16 37.29
N LYS M 79 20.42 -23.02 37.14
CA LYS M 79 21.38 -24.15 37.16
C LYS M 79 22.31 -24.08 38.38
N SER M 80 22.46 -22.93 39.05
CA SER M 80 23.34 -22.73 40.24
C SER M 80 24.02 -24.03 40.73
N THR M 81 25.24 -24.27 40.26
CA THR M 81 26.08 -25.51 40.37
C THR M 81 25.61 -26.51 41.43
N PHE M 82 24.60 -27.31 41.09
CA PHE M 82 23.97 -28.35 41.95
C PHE M 82 24.80 -29.64 41.90
N PHE M 83 25.16 -30.16 43.08
CA PHE M 83 26.14 -31.26 43.32
C PHE M 83 25.53 -32.68 43.17
N GLY M 84 24.22 -32.81 42.98
CA GLY M 84 23.55 -34.12 43.06
C GLY M 84 23.84 -35.00 41.85
N THR M 85 23.08 -36.10 41.70
CA THR M 85 23.07 -36.97 40.49
C THR M 85 22.37 -36.22 39.35
N SER M 86 22.30 -36.83 38.16
CA SER M 86 21.43 -36.39 37.05
C SER M 86 19.96 -36.48 37.48
N ASP M 87 19.42 -37.70 37.58
CA ASP M 87 18.05 -38.03 37.99
C ASP M 87 17.57 -37.09 39.12
N GLU M 88 18.49 -36.71 40.02
CA GLU M 88 18.21 -35.80 41.16
C GLU M 88 17.94 -34.38 40.64
N PHE M 89 18.75 -33.87 39.72
CA PHE M 89 18.63 -32.50 39.14
C PHE M 89 17.28 -32.37 38.41
N ILE M 90 17.01 -33.30 37.49
CA ILE M 90 15.72 -33.43 36.76
C ILE M 90 14.58 -33.25 37.76
N GLU M 91 14.61 -33.99 38.87
CA GLU M 91 13.55 -34.01 39.91
C GLU M 91 13.50 -32.66 40.64
N LYS M 92 14.64 -32.03 40.90
CA LYS M 92 14.70 -30.69 41.57
C LYS M 92 14.06 -29.65 40.65
N ARG M 93 14.46 -29.64 39.38
CA ARG M 93 13.90 -28.76 38.32
C ARG M 93 12.40 -29.02 38.18
N ARG M 94 12.00 -30.30 38.09
CA ARG M 94 10.58 -30.71 37.93
C ARG M 94 9.73 -30.00 38.98
N GLN M 95 10.14 -30.08 40.25
CA GLN M 95 9.44 -29.42 41.40
C GLN M 95 9.44 -27.91 41.19
N GLY M 96 10.60 -27.35 40.84
CA GLY M 96 10.78 -25.91 40.58
C GLY M 96 9.82 -25.39 39.53
N LEU M 97 9.70 -26.12 38.40
CA LEU M 97 8.78 -25.79 37.29
C LEU M 97 7.34 -25.81 37.81
N GLN M 98 6.96 -26.88 38.52
CA GLN M 98 5.59 -27.02 39.09
C GLN M 98 5.33 -25.83 40.04
N HIS M 99 6.26 -25.55 40.95
CA HIS M 99 6.18 -24.42 41.91
C HIS M 99 5.93 -23.12 41.14
N PHE M 100 6.72 -22.88 40.08
CA PHE M 100 6.64 -21.67 39.22
C PHE M 100 5.22 -21.50 38.67
N LEU M 101 4.65 -22.57 38.09
CA LEU M 101 3.29 -22.55 37.49
C LEU M 101 2.25 -22.34 38.59
N GLU M 102 2.35 -23.09 39.70
CA GLU M 102 1.45 -22.96 40.88
C GLU M 102 1.36 -21.48 41.28
N LYS M 103 2.51 -20.81 41.42
CA LYS M 103 2.62 -19.37 41.78
C LYS M 103 1.98 -18.50 40.70
N VAL M 104 2.31 -18.75 39.43
CA VAL M 104 1.81 -17.98 38.24
C VAL M 104 0.28 -18.04 38.23
N LEU M 105 -0.30 -19.20 38.54
CA LEU M 105 -1.78 -19.44 38.44
C LEU M 105 -2.52 -18.73 39.58
N GLN M 106 -1.82 -18.25 40.61
CA GLN M 106 -2.42 -17.53 41.77
C GLN M 106 -2.46 -16.02 41.50
N SER M 107 -1.52 -15.49 40.70
CA SER M 107 -1.56 -14.09 40.22
C SER M 107 -2.65 -13.96 39.15
N VAL M 108 -3.72 -13.22 39.45
CA VAL M 108 -4.95 -13.17 38.61
C VAL M 108 -4.62 -12.47 37.29
N VAL M 109 -3.69 -11.49 37.33
CA VAL M 109 -3.22 -10.75 36.13
C VAL M 109 -2.53 -11.75 35.19
N LEU M 110 -1.55 -12.50 35.70
CA LEU M 110 -0.73 -13.47 34.93
C LEU M 110 -1.66 -14.56 34.37
N LEU M 111 -2.64 -15.01 35.17
CA LEU M 111 -3.61 -16.07 34.81
C LEU M 111 -4.37 -15.67 33.54
N SER M 112 -4.57 -14.37 33.31
CA SER M 112 -5.37 -13.82 32.18
C SER M 112 -4.51 -13.62 30.92
N ASP M 113 -3.23 -13.98 30.95
CA ASP M 113 -2.33 -13.92 29.75
C ASP M 113 -2.77 -15.02 28.79
N SER M 114 -3.04 -14.67 27.53
CA SER M 114 -3.47 -15.60 26.45
C SER M 114 -2.31 -16.53 26.09
N GLN M 115 -1.08 -16.00 26.05
CA GLN M 115 0.14 -16.78 25.72
C GLN M 115 0.36 -17.87 26.77
N LEU M 116 0.07 -17.61 28.04
CA LEU M 116 0.14 -18.62 29.13
C LEU M 116 -0.90 -19.71 28.86
N HIS M 117 -2.13 -19.32 28.52
CA HIS M 117 -3.27 -20.23 28.25
C HIS M 117 -2.91 -21.18 27.09
N LEU M 118 -2.25 -20.67 26.04
CA LEU M 118 -1.80 -21.49 24.88
C LEU M 118 -0.65 -22.41 25.31
N PHE M 119 0.31 -21.90 26.10
CA PHE M 119 1.47 -22.66 26.61
C PHE M 119 1.00 -23.89 27.39
N LEU M 120 -0.08 -23.76 28.17
CA LEU M 120 -0.52 -24.78 29.16
C LEU M 120 -1.52 -25.76 28.53
N GLN M 121 -2.25 -25.35 27.49
CA GLN M 121 -3.42 -26.09 26.95
C GLN M 121 -3.32 -26.38 25.45
N SER M 122 -2.55 -25.62 24.67
CA SER M 122 -2.28 -25.92 23.23
C SER M 122 -1.07 -26.84 23.12
N GLN M 123 -1.01 -27.63 22.06
CA GLN M 123 0.21 -28.36 21.64
C GLN M 123 0.90 -27.54 20.55
N LEU M 124 0.73 -26.22 20.58
CA LEU M 124 1.40 -25.28 19.64
C LEU M 124 2.87 -25.16 20.04
N SER M 125 3.74 -24.93 19.06
CA SER M 125 5.15 -24.49 19.28
C SER M 125 5.12 -23.11 19.92
N VAL M 126 6.28 -22.58 20.32
CA VAL M 126 6.39 -21.18 20.81
C VAL M 126 6.13 -20.25 19.62
N PRO M 127 6.86 -20.36 18.48
CA PRO M 127 6.57 -19.55 17.30
C PRO M 127 5.10 -19.55 16.86
N GLU M 128 4.42 -20.71 16.99
CA GLU M 128 2.99 -20.88 16.65
C GLU M 128 2.12 -20.08 17.63
N ILE M 129 2.55 -19.95 18.89
CA ILE M 129 1.85 -19.13 19.93
C ILE M 129 2.11 -17.65 19.63
N GLU M 130 3.35 -17.28 19.31
CA GLU M 130 3.73 -15.91 18.91
C GLU M 130 2.91 -15.49 17.68
N ALA M 131 2.54 -16.44 16.83
CA ALA M 131 1.67 -16.25 15.65
C ALA M 131 0.22 -16.04 16.09
N CYS M 132 -0.39 -17.03 16.78
CA CYS M 132 -1.82 -17.02 17.20
C CYS M 132 -2.15 -15.72 17.95
N VAL M 133 -1.15 -14.88 18.23
CA VAL M 133 -1.23 -13.57 18.96
C VAL M 133 -0.50 -12.50 18.16
N GLN M 134 -1.11 -11.97 17.09
CA GLN M 134 -0.62 -10.76 16.38
C GLN M 134 -1.56 -9.61 16.77
N GLU N 8 -9.72 -50.44 50.02
CA GLU N 8 -11.19 -50.43 49.67
C GLU N 8 -11.45 -49.35 48.60
N GLU N 9 -10.54 -49.21 47.64
CA GLU N 9 -10.70 -48.30 46.47
C GLU N 9 -11.79 -48.88 45.56
N VAL N 10 -12.69 -48.02 45.06
CA VAL N 10 -13.80 -48.41 44.14
C VAL N 10 -13.71 -47.57 42.85
N ILE N 11 -13.83 -48.23 41.70
CA ILE N 11 -13.87 -47.59 40.35
C ILE N 11 -15.17 -47.99 39.66
N THR N 12 -15.96 -47.01 39.22
CA THR N 12 -17.23 -47.23 38.48
C THR N 12 -17.10 -46.57 37.10
N VAL N 13 -17.43 -47.31 36.04
CA VAL N 13 -17.44 -46.80 34.64
C VAL N 13 -18.77 -47.18 34.00
N ARG N 14 -19.49 -46.19 33.48
CA ARG N 14 -20.70 -46.37 32.66
C ARG N 14 -20.47 -45.69 31.30
N VAL N 15 -20.97 -46.30 30.23
CA VAL N 15 -20.97 -45.75 28.85
C VAL N 15 -22.43 -45.43 28.50
N GLN N 16 -22.79 -44.14 28.49
CA GLN N 16 -24.20 -43.67 28.38
C GLN N 16 -24.33 -42.76 27.16
N ASP N 17 -25.56 -42.31 26.89
CA ASP N 17 -25.89 -41.15 26.03
C ASP N 17 -25.19 -41.26 24.68
N PRO N 18 -25.52 -42.27 23.84
CA PRO N 18 -25.05 -42.28 22.46
C PRO N 18 -25.65 -41.08 21.72
N ARG N 19 -24.85 -40.40 20.89
CA ARG N 19 -25.28 -39.19 20.14
C ARG N 19 -24.63 -39.20 18.75
N VAL N 20 -25.36 -38.70 17.75
CA VAL N 20 -24.89 -38.60 16.34
C VAL N 20 -24.32 -37.19 16.14
N GLN N 21 -22.99 -37.07 16.12
CA GLN N 21 -22.28 -35.81 15.80
C GLN N 21 -22.32 -35.66 14.27
N ASN N 22 -22.51 -34.45 13.77
CA ASN N 22 -22.57 -34.10 12.31
C ASN N 22 -23.70 -34.88 11.62
N GLU N 23 -24.95 -34.66 12.03
CA GLU N 23 -26.15 -35.31 11.41
C GLU N 23 -26.09 -35.19 9.89
N GLY N 24 -26.38 -36.26 9.16
CA GLY N 24 -26.76 -36.22 7.74
C GLY N 24 -25.60 -36.00 6.78
N SER N 25 -24.60 -35.18 7.15
CA SER N 25 -23.37 -34.95 6.35
C SER N 25 -22.51 -36.22 6.37
N TRP N 26 -21.62 -36.38 5.39
CA TRP N 26 -20.84 -37.61 5.11
C TRP N 26 -19.96 -38.00 6.31
N ASN N 27 -19.40 -37.02 7.04
CA ASN N 27 -18.56 -37.26 8.25
C ASN N 27 -19.47 -37.39 9.48
N SER N 28 -20.73 -37.81 9.28
CA SER N 28 -21.65 -38.28 10.34
C SER N 28 -20.95 -39.40 11.12
N TYR N 29 -21.09 -39.42 12.45
CA TYR N 29 -20.61 -40.54 13.30
C TYR N 29 -21.31 -40.51 14.66
N VAL N 30 -21.22 -41.63 15.37
CA VAL N 30 -21.79 -41.81 16.75
C VAL N 30 -20.63 -41.83 17.76
N ASP N 31 -20.72 -40.98 18.78
CA ASP N 31 -19.82 -41.09 19.97
C ASP N 31 -20.67 -41.44 21.20
N TYR N 32 -20.01 -41.90 22.25
CA TYR N 32 -20.61 -42.39 23.51
C TYR N 32 -19.96 -41.61 24.65
N LYS N 33 -20.75 -41.25 25.67
CA LYS N 33 -20.26 -40.56 26.89
C LYS N 33 -19.70 -41.63 27.83
N ILE N 34 -18.45 -41.48 28.27
CA ILE N 34 -17.81 -42.37 29.28
C ILE N 34 -17.76 -41.62 30.61
N PHE N 35 -18.61 -42.04 31.55
CA PHE N 35 -18.72 -41.50 32.93
C PHE N 35 -17.91 -42.43 33.85
N LEU N 36 -16.72 -41.98 34.25
CA LEU N 36 -15.83 -42.67 35.21
C LEU N 36 -15.96 -42.01 36.57
N HIS N 37 -16.57 -42.70 37.54
CA HIS N 37 -16.69 -42.26 38.96
C HIS N 37 -15.80 -43.14 39.84
N THR N 38 -14.72 -42.61 40.37
CA THR N 38 -13.73 -43.32 41.20
C THR N 38 -13.64 -42.61 42.56
N ASN N 39 -12.97 -43.24 43.52
CA ASN N 39 -12.31 -42.56 44.68
C ASN N 39 -10.92 -43.16 44.89
N SER N 40 -10.36 -43.76 43.83
CA SER N 40 -9.10 -44.55 43.85
C SER N 40 -7.93 -43.61 43.66
N LYS N 41 -6.83 -43.81 44.41
CA LYS N 41 -5.58 -43.02 44.30
C LYS N 41 -4.83 -43.36 43.00
N ALA N 42 -5.27 -44.38 42.26
CA ALA N 42 -4.76 -44.76 40.91
C ALA N 42 -5.08 -43.65 39.90
N PHE N 43 -6.33 -43.18 39.88
CA PHE N 43 -6.85 -42.12 38.98
C PHE N 43 -6.71 -40.74 39.63
N THR N 44 -7.04 -39.71 38.85
CA THR N 44 -6.86 -38.28 39.21
C THR N 44 -8.25 -37.69 39.49
N ALA N 45 -9.06 -37.48 38.44
CA ALA N 45 -10.47 -37.03 38.50
C ALA N 45 -11.36 -38.08 39.22
N LYS N 46 -12.12 -37.62 40.19
CA LYS N 46 -12.99 -38.49 41.04
C LYS N 46 -14.40 -38.58 40.44
N THR N 47 -14.83 -37.61 39.61
CA THR N 47 -15.84 -37.83 38.54
C THR N 47 -15.30 -37.28 37.23
N SER N 48 -15.44 -38.00 36.11
CA SER N 48 -14.92 -37.56 34.79
C SER N 48 -15.93 -37.95 33.70
N CYS N 49 -15.91 -37.18 32.60
CA CYS N 49 -16.93 -37.18 31.52
C CYS N 49 -16.20 -36.92 30.20
N VAL N 50 -16.11 -37.91 29.31
CA VAL N 50 -15.50 -37.72 27.97
C VAL N 50 -16.35 -38.45 26.93
N ARG N 51 -16.44 -37.90 25.73
CA ARG N 51 -17.13 -38.53 24.56
C ARG N 51 -16.07 -39.24 23.72
N ARG N 52 -16.35 -40.47 23.28
CA ARG N 52 -15.39 -41.29 22.49
C ARG N 52 -16.14 -42.04 21.38
N ARG N 53 -15.64 -41.91 20.15
CA ARG N 53 -16.07 -42.71 18.96
C ARG N 53 -15.75 -44.18 19.22
N TYR N 54 -16.34 -45.10 18.45
CA TYR N 54 -16.02 -46.55 18.55
C TYR N 54 -14.57 -46.75 18.08
N ARG N 55 -14.18 -46.05 17.00
CA ARG N 55 -12.84 -46.19 16.40
C ARG N 55 -11.76 -45.83 17.43
N GLU N 56 -12.10 -44.96 18.39
CA GLU N 56 -11.17 -44.57 19.49
C GLU N 56 -10.96 -45.77 20.41
N PHE N 57 -12.01 -46.54 20.72
CA PHE N 57 -11.93 -47.78 21.52
C PHE N 57 -11.05 -48.80 20.80
N VAL N 58 -11.23 -48.94 19.48
CA VAL N 58 -10.46 -49.89 18.63
C VAL N 58 -8.97 -49.58 18.81
N TRP N 59 -8.61 -48.29 18.73
CA TRP N 59 -7.23 -47.79 18.98
C TRP N 59 -6.81 -48.21 20.39
N LEU N 60 -7.62 -47.86 21.40
CA LEU N 60 -7.33 -48.08 22.83
C LEU N 60 -6.98 -49.56 23.07
N ARG N 61 -7.74 -50.48 22.47
CA ARG N 61 -7.52 -51.93 22.65
C ARG N 61 -6.13 -52.29 22.09
N LYS N 62 -5.84 -51.91 20.85
CA LYS N 62 -4.52 -52.16 20.22
C LYS N 62 -3.41 -51.62 21.12
N GLN N 63 -3.61 -50.45 21.73
CA GLN N 63 -2.61 -49.79 22.62
C GLN N 63 -2.47 -50.60 23.92
N LEU N 64 -3.58 -51.06 24.50
CA LEU N 64 -3.57 -51.89 25.73
C LEU N 64 -2.78 -53.17 25.47
N GLN N 65 -2.92 -53.75 24.27
CA GLN N 65 -2.29 -55.05 23.89
C GLN N 65 -0.77 -54.89 23.82
N ARG N 66 -0.26 -53.77 23.28
CA ARG N 66 1.19 -53.46 23.26
C ARG N 66 1.76 -53.56 24.69
N ASN N 67 1.29 -52.71 25.60
CA ASN N 67 1.88 -52.48 26.95
C ASN N 67 1.62 -53.68 27.85
N ALA N 68 0.58 -54.48 27.57
CA ALA N 68 0.13 -55.61 28.42
C ALA N 68 0.96 -56.87 28.16
N GLY N 69 1.86 -56.83 27.17
CA GLY N 69 2.76 -57.94 26.81
C GLY N 69 1.98 -59.21 26.50
N LEU N 70 1.62 -59.96 27.55
CA LEU N 70 0.98 -61.31 27.43
C LEU N 70 -0.24 -61.40 28.36
N VAL N 71 -0.70 -60.28 28.91
CA VAL N 71 -1.96 -60.21 29.71
C VAL N 71 -3.11 -60.15 28.71
N PRO N 72 -4.16 -60.99 28.85
CA PRO N 72 -5.30 -60.93 27.94
C PRO N 72 -6.03 -59.59 28.09
N VAL N 73 -6.40 -58.99 26.96
CA VAL N 73 -7.16 -57.71 26.87
C VAL N 73 -8.58 -58.04 26.44
N PRO N 74 -9.61 -57.64 27.21
CA PRO N 74 -11.01 -57.93 26.86
C PRO N 74 -11.36 -57.58 25.40
N GLU N 75 -12.39 -58.24 24.85
CA GLU N 75 -12.86 -58.06 23.45
C GLU N 75 -13.77 -56.84 23.37
N LEU N 76 -13.83 -56.21 22.19
CA LEU N 76 -14.85 -55.17 21.85
C LEU N 76 -16.00 -55.86 21.12
N PRO N 77 -17.23 -55.32 21.18
CA PRO N 77 -18.31 -55.77 20.30
C PRO N 77 -18.06 -55.38 18.84
N GLY N 78 -18.03 -56.36 17.92
CA GLY N 78 -17.83 -56.16 16.47
C GLY N 78 -19.02 -55.51 15.78
N LYS N 79 -18.95 -55.43 14.45
CA LYS N 79 -19.90 -54.66 13.60
C LYS N 79 -20.67 -55.60 12.66
N SER N 80 -20.17 -56.80 12.36
CA SER N 80 -20.67 -57.71 11.28
C SER N 80 -21.97 -57.21 10.64
N SER N 86 -31.32 -49.36 13.78
CA SER N 86 -30.16 -48.62 14.33
C SER N 86 -30.25 -48.65 15.86
N ASP N 87 -31.15 -47.86 16.45
CA ASP N 87 -31.24 -47.58 17.91
C ASP N 87 -30.96 -48.85 18.73
N GLU N 88 -31.35 -50.02 18.23
CA GLU N 88 -31.11 -51.34 18.90
C GLU N 88 -29.61 -51.67 18.88
N PHE N 89 -28.95 -51.51 17.73
CA PHE N 89 -27.50 -51.81 17.54
C PHE N 89 -26.67 -50.89 18.44
N ILE N 90 -26.89 -49.58 18.34
CA ILE N 90 -26.30 -48.53 19.21
C ILE N 90 -26.33 -49.03 20.66
N GLU N 91 -27.50 -49.48 21.13
CA GLU N 91 -27.73 -49.91 22.54
C GLU N 91 -26.96 -51.21 22.83
N LYS N 92 -26.87 -52.14 21.86
CA LYS N 92 -26.11 -53.40 22.01
C LYS N 92 -24.62 -53.08 22.17
N ARG N 93 -24.10 -52.24 21.26
CA ARG N 93 -22.71 -51.74 21.27
C ARG N 93 -22.44 -50.99 22.58
N ARG N 94 -23.33 -50.08 22.97
CA ARG N 94 -23.21 -49.27 24.21
C ARG N 94 -22.90 -50.19 25.39
N GLN N 95 -23.70 -51.26 25.56
CA GLN N 95 -23.51 -52.28 26.64
C GLN N 95 -22.14 -52.95 26.46
N GLY N 96 -21.83 -53.37 25.24
CA GLY N 96 -20.55 -54.03 24.87
C GLY N 96 -19.35 -53.18 25.27
N LEU N 97 -19.38 -51.89 24.94
CA LEU N 97 -18.31 -50.90 25.29
C LEU N 97 -18.20 -50.82 26.81
N GLN N 98 -19.32 -50.66 27.52
CA GLN N 98 -19.33 -50.58 29.01
C GLN N 98 -18.71 -51.87 29.57
N HIS N 99 -19.17 -53.03 29.10
CA HIS N 99 -18.67 -54.37 29.51
C HIS N 99 -17.14 -54.39 29.33
N PHE N 100 -16.66 -53.98 28.15
CA PHE N 100 -15.22 -53.94 27.78
C PHE N 100 -14.43 -53.15 28.82
N LEU N 101 -14.88 -51.94 29.15
CA LEU N 101 -14.19 -51.04 30.12
C LEU N 101 -14.26 -51.67 31.52
N GLU N 102 -15.43 -52.14 31.95
CA GLU N 102 -15.62 -52.82 33.26
C GLU N 102 -14.56 -53.92 33.41
N LYS N 103 -14.39 -54.77 32.40
CA LYS N 103 -13.39 -55.88 32.37
C LYS N 103 -11.97 -55.31 32.42
N VAL N 104 -11.67 -54.31 31.59
CA VAL N 104 -10.32 -53.67 31.51
C VAL N 104 -9.93 -53.12 32.88
N LEU N 105 -10.89 -52.53 33.61
CA LEU N 105 -10.63 -51.84 34.90
C LEU N 105 -10.39 -52.85 36.03
N GLN N 106 -10.67 -54.14 35.81
CA GLN N 106 -10.46 -55.22 36.81
C GLN N 106 -9.05 -55.83 36.64
N SER N 107 -8.49 -55.83 35.43
CA SER N 107 -7.08 -56.20 35.17
C SER N 107 -6.17 -55.09 35.69
N VAL N 108 -5.40 -55.37 36.75
CA VAL N 108 -4.60 -54.36 37.50
C VAL N 108 -3.48 -53.84 36.58
N VAL N 109 -2.95 -54.71 35.72
CA VAL N 109 -1.89 -54.37 34.72
C VAL N 109 -2.46 -53.33 33.75
N LEU N 110 -3.61 -53.64 33.13
CA LEU N 110 -4.28 -52.78 32.12
C LEU N 110 -4.65 -51.44 32.77
N LEU N 111 -5.12 -51.48 34.02
CA LEU N 111 -5.56 -50.30 34.80
C LEU N 111 -4.42 -49.28 34.92
N SER N 112 -3.17 -49.76 34.93
CA SER N 112 -1.94 -48.95 35.13
C SER N 112 -1.42 -48.37 33.81
N ASP N 113 -2.09 -48.62 32.68
CA ASP N 113 -1.73 -48.02 31.36
C ASP N 113 -2.06 -46.52 31.42
N SER N 114 -1.10 -45.67 31.11
CA SER N 114 -1.24 -44.18 31.10
C SER N 114 -2.17 -43.77 29.95
N GLN N 115 -2.03 -44.42 28.78
CA GLN N 115 -2.87 -44.14 27.58
C GLN N 115 -4.34 -44.41 27.89
N LEU N 116 -4.66 -45.44 28.68
CA LEU N 116 -6.04 -45.74 29.15
C LEU N 116 -6.53 -44.59 30.03
N HIS N 117 -5.69 -44.15 30.97
CA HIS N 117 -6.00 -43.07 31.94
C HIS N 117 -6.34 -41.78 31.18
N LEU N 118 -5.60 -41.46 30.11
CA LEU N 118 -5.85 -40.26 29.26
C LEU N 118 -7.14 -40.47 28.46
N PHE N 119 -7.36 -41.67 27.91
CA PHE N 119 -8.57 -42.02 27.11
C PHE N 119 -9.84 -41.77 27.95
N LEU N 120 -9.80 -42.11 29.24
CA LEU N 120 -11.00 -42.17 30.13
C LEU N 120 -11.24 -40.81 30.82
N GLN N 121 -10.18 -40.01 31.01
CA GLN N 121 -10.22 -38.81 31.90
C GLN N 121 -9.77 -37.52 31.18
N SER N 122 -8.99 -37.59 30.10
CA SER N 122 -8.63 -36.42 29.27
C SER N 122 -9.68 -36.23 28.18
N GLN N 123 -9.85 -35.00 27.71
CA GLN N 123 -10.61 -34.68 26.47
C GLN N 123 -9.58 -34.49 25.35
N LEU N 124 -8.44 -35.18 25.44
CA LEU N 124 -7.40 -35.20 24.39
C LEU N 124 -7.89 -36.05 23.22
N SER N 125 -7.49 -35.71 22.00
CA SER N 125 -7.62 -36.57 20.79
C SER N 125 -6.76 -37.81 21.01
N VAL N 126 -6.84 -38.79 20.10
CA VAL N 126 -5.94 -39.97 20.12
C VAL N 126 -4.53 -39.48 19.79
N PRO N 127 -4.29 -38.79 18.65
CA PRO N 127 -2.97 -38.23 18.35
C PRO N 127 -2.36 -37.41 19.50
N GLU N 128 -3.17 -36.66 20.22
CA GLU N 128 -2.75 -35.82 21.39
C GLU N 128 -2.30 -36.74 22.54
N ILE N 129 -2.92 -37.92 22.68
CA ILE N 129 -2.52 -38.94 23.71
C ILE N 129 -1.21 -39.60 23.25
N GLU N 130 -1.11 -39.96 21.97
CA GLU N 130 0.11 -40.53 21.36
C GLU N 130 1.28 -39.54 21.54
N ALA N 131 0.98 -38.25 21.56
CA ALA N 131 1.96 -37.15 21.81
C ALA N 131 2.34 -37.14 23.30
N CYS N 132 1.38 -36.92 24.21
CA CYS N 132 1.60 -36.79 25.68
C CYS N 132 2.46 -37.95 26.20
N VAL N 133 2.73 -38.95 25.36
CA VAL N 133 3.51 -40.21 25.66
C VAL N 133 4.56 -40.43 24.56
N GLN N 134 5.80 -40.00 24.69
CA GLN N 134 6.81 -40.23 23.60
C GLN N 134 8.20 -40.10 24.19
N GLY N 135 9.20 -40.66 23.49
CA GLY N 135 10.62 -40.60 23.89
C GLY N 135 10.83 -41.13 25.32
N ARG N 136 11.96 -41.81 25.54
CA ARG N 136 12.21 -42.61 26.76
C ARG N 136 12.24 -41.68 27.96
N SER N 137 11.70 -42.12 29.11
CA SER N 137 11.82 -41.42 30.40
C SER N 137 13.28 -41.07 30.74
N THR N 138 13.48 -40.30 31.81
CA THR N 138 14.83 -39.87 32.28
C THR N 138 15.30 -40.79 33.41
N THR N 140 14.77 -44.71 32.42
CA THR N 140 15.00 -45.77 31.45
C THR N 140 15.97 -45.29 30.35
N VAL N 141 17.05 -44.60 30.72
CA VAL N 141 18.11 -44.08 29.79
C VAL N 141 19.42 -43.94 30.59
N SER N 142 20.55 -44.22 29.93
CA SER N 142 21.92 -44.09 30.50
C SER N 142 22.12 -42.69 31.07
N ASP N 143 22.67 -42.60 32.28
CA ASP N 143 22.98 -41.33 32.98
C ASP N 143 23.99 -40.52 32.15
N ALA N 144 24.24 -40.96 30.92
CA ALA N 144 25.15 -40.31 29.93
C ALA N 144 24.32 -39.67 28.82
N ILE N 145 23.31 -40.36 28.27
CA ILE N 145 22.33 -39.82 27.28
C ILE N 145 21.54 -38.68 27.93
N LEU N 146 21.18 -38.84 29.21
CA LEU N 146 20.45 -37.84 30.02
C LEU N 146 21.28 -36.56 30.21
N ARG N 147 22.60 -36.68 30.40
CA ARG N 147 23.51 -35.51 30.64
C ARG N 147 23.74 -34.77 29.32
N TYR N 148 23.75 -35.50 28.20
CA TYR N 148 23.87 -34.96 26.82
C TYR N 148 22.60 -34.15 26.48
N ALA N 149 21.45 -34.65 26.95
CA ALA N 149 20.12 -34.03 26.78
C ALA N 149 20.03 -32.74 27.59
N SER N 151 22.17 -30.53 28.40
CA SER N 151 22.92 -29.40 27.90
C SER N 151 22.42 -29.00 26.50
N ASN N 152 21.98 -27.76 26.29
CA ASN N 152 21.42 -27.29 24.97
C ASN N 152 21.52 -25.76 24.78
N LEU N 153 21.16 -25.31 23.58
CA LEU N 153 20.88 -23.88 23.21
C LEU N 153 19.61 -23.82 22.35
N VAL O 10 -16.87 1.66 45.17
CA VAL O 10 -17.95 0.63 45.15
C VAL O 10 -18.65 0.70 43.78
N ILE O 11 -18.95 -0.47 43.19
CA ILE O 11 -19.70 -0.64 41.92
C ILE O 11 -20.95 -1.48 42.23
N THR O 12 -22.13 -1.00 41.87
CA THR O 12 -23.44 -1.67 42.06
C THR O 12 -24.08 -1.88 40.69
N VAL O 13 -24.58 -3.09 40.42
CA VAL O 13 -25.30 -3.44 39.16
C VAL O 13 -26.61 -4.14 39.53
N ARG O 14 -27.72 -3.63 39.01
CA ARG O 14 -29.06 -4.28 39.08
C ARG O 14 -29.57 -4.46 37.65
N VAL O 15 -30.25 -5.57 37.39
CA VAL O 15 -30.95 -5.87 36.12
C VAL O 15 -32.46 -5.84 36.41
N GLN O 16 -33.15 -4.78 35.97
CA GLN O 16 -34.56 -4.50 36.33
C GLN O 16 -35.40 -4.42 35.05
N ASP O 17 -36.71 -4.21 35.23
CA ASP O 17 -37.67 -3.70 34.20
C ASP O 17 -37.55 -4.51 32.91
N PRO O 18 -37.88 -5.83 32.93
CA PRO O 18 -38.02 -6.59 31.69
C PRO O 18 -39.17 -5.99 30.86
N ARG O 19 -38.98 -5.86 29.55
CA ARG O 19 -39.97 -5.26 28.62
C ARG O 19 -39.95 -5.99 27.28
N VAL O 20 -41.11 -6.08 26.63
CA VAL O 20 -41.29 -6.69 25.29
C VAL O 20 -41.22 -5.58 24.25
N GLN O 21 -40.09 -5.47 23.56
CA GLN O 21 -39.92 -4.56 22.39
C GLN O 21 -40.61 -5.22 21.20
N ASN O 22 -41.28 -4.42 20.36
CA ASN O 22 -41.99 -4.85 19.12
C ASN O 22 -43.07 -5.89 19.46
N GLU O 23 -44.07 -5.51 20.25
CA GLU O 23 -45.20 -6.40 20.65
C GLU O 23 -45.79 -7.05 19.39
N GLY O 24 -46.07 -8.37 19.45
CA GLY O 24 -46.99 -9.04 18.52
C GLY O 24 -46.39 -9.33 17.14
N SER O 25 -45.55 -8.44 16.61
CA SER O 25 -44.83 -8.63 15.32
C SER O 25 -43.75 -9.71 15.50
N TRP O 26 -43.32 -10.34 14.41
CA TRP O 26 -42.43 -11.54 14.39
C TRP O 26 -41.09 -11.24 15.07
N ASN O 27 -40.54 -10.02 14.92
CA ASN O 27 -39.27 -9.61 15.57
C ASN O 27 -39.56 -9.09 16.99
N SER O 28 -40.63 -9.57 17.61
CA SER O 28 -40.92 -9.44 19.06
C SER O 28 -39.73 -10.00 19.84
N TYR O 29 -39.30 -9.34 20.92
CA TYR O 29 -38.25 -9.84 21.84
C TYR O 29 -38.31 -9.14 23.20
N VAL O 30 -37.65 -9.72 24.20
CA VAL O 30 -37.55 -9.19 25.59
C VAL O 30 -36.14 -8.65 25.82
N ASP O 31 -36.02 -7.41 26.27
CA ASP O 31 -34.74 -6.85 26.78
C ASP O 31 -34.91 -6.50 28.26
N TYR O 32 -33.80 -6.29 28.94
CA TYR O 32 -33.70 -6.02 30.40
C TYR O 32 -32.89 -4.74 30.58
N LYS O 33 -33.28 -3.88 31.51
CA LYS O 33 -32.56 -2.63 31.86
C LYS O 33 -31.41 -3.00 32.79
N ILE O 34 -30.18 -2.60 32.43
CA ILE O 34 -28.97 -2.75 33.30
C ILE O 34 -28.63 -1.39 33.89
N PHE O 35 -28.89 -1.24 35.20
CA PHE O 35 -28.62 -0.03 36.00
C PHE O 35 -27.30 -0.26 36.74
N LEU O 36 -26.23 0.38 36.24
CA LEU O 36 -24.87 0.36 36.85
C LEU O 36 -24.65 1.66 37.61
N HIS O 37 -24.62 1.59 38.94
CA HIS O 37 -24.43 2.73 39.87
C HIS O 37 -23.07 2.57 40.56
N THR O 38 -22.12 3.45 40.22
CA THR O 38 -20.74 3.43 40.76
C THR O 38 -20.48 4.77 41.46
N ASN O 39 -19.40 4.80 42.24
CA ASN O 39 -18.74 6.05 42.68
C ASN O 39 -17.21 5.82 42.62
N ALA O 45 -22.38 8.07 42.79
CA ALA O 45 -22.92 9.31 42.17
C ALA O 45 -22.91 9.26 40.64
N LYS O 46 -22.15 8.31 40.05
CA LYS O 46 -22.16 7.99 38.60
C LYS O 46 -23.20 6.89 38.38
N THR O 47 -24.09 7.09 37.41
CA THR O 47 -25.23 6.20 37.07
C THR O 47 -25.23 5.98 35.55
N SER O 48 -25.53 4.75 35.11
CA SER O 48 -25.69 4.40 33.68
C SER O 48 -26.87 3.44 33.52
N CYS O 49 -27.49 3.46 32.35
CA CYS O 49 -28.81 2.84 32.05
C CYS O 49 -28.78 2.35 30.61
N VAL O 50 -28.75 1.04 30.38
CA VAL O 50 -28.78 0.45 29.00
C VAL O 50 -29.72 -0.76 29.00
N ARG O 51 -30.42 -0.97 27.89
CA ARG O 51 -31.29 -2.14 27.67
C ARG O 51 -30.51 -3.18 26.88
N ARG O 52 -30.58 -4.45 27.28
CA ARG O 52 -29.82 -5.56 26.63
C ARG O 52 -30.69 -6.81 26.53
N ARG O 53 -30.79 -7.40 25.33
CA ARG O 53 -31.38 -8.73 25.06
C ARG O 53 -30.58 -9.80 25.80
N TYR O 54 -31.13 -11.01 25.96
CA TYR O 54 -30.39 -12.15 26.57
C TYR O 54 -29.26 -12.54 25.63
N ARG O 55 -29.54 -12.55 24.32
CA ARG O 55 -28.56 -12.97 23.27
C ARG O 55 -27.33 -12.06 23.35
N GLU O 56 -27.50 -10.82 23.80
CA GLU O 56 -26.38 -9.86 23.96
C GLU O 56 -25.48 -10.33 25.11
N PHE O 57 -26.05 -10.82 26.22
CA PHE O 57 -25.31 -11.41 27.36
C PHE O 57 -24.52 -12.63 26.89
N VAL O 58 -25.16 -13.49 26.08
CA VAL O 58 -24.54 -14.73 25.53
C VAL O 58 -23.26 -14.33 24.78
N TRP O 59 -23.36 -13.31 23.94
CA TRP O 59 -22.20 -12.71 23.23
C TRP O 59 -21.15 -12.27 24.25
N LEU O 60 -21.57 -11.44 25.21
CA LEU O 60 -20.68 -10.81 26.22
C LEU O 60 -19.86 -11.90 26.93
N ARG O 61 -20.49 -13.01 27.30
CA ARG O 61 -19.79 -14.11 28.01
C ARG O 61 -18.71 -14.68 27.11
N LYS O 62 -19.05 -15.04 25.87
CA LYS O 62 -18.08 -15.58 24.88
C LYS O 62 -16.90 -14.60 24.75
N GLN O 63 -17.18 -13.29 24.73
CA GLN O 63 -16.15 -12.22 24.58
C GLN O 63 -15.29 -12.15 25.85
N LEU O 64 -15.90 -12.24 27.04
CA LEU O 64 -15.16 -12.23 28.33
C LEU O 64 -14.20 -13.42 28.36
N GLN O 65 -14.62 -14.58 27.82
CA GLN O 65 -13.83 -15.85 27.87
C GLN O 65 -12.58 -15.72 26.99
N ARG O 66 -12.67 -15.08 25.83
CA ARG O 66 -11.50 -14.79 24.95
C ARG O 66 -10.42 -14.07 25.76
N ASN O 67 -10.72 -12.86 26.24
CA ASN O 67 -9.74 -11.90 26.82
C ASN O 67 -9.27 -12.39 28.20
N ALA O 68 -10.05 -13.23 28.87
CA ALA O 68 -9.79 -13.69 30.26
C ALA O 68 -8.80 -14.87 30.28
N GLY O 69 -8.41 -15.37 29.10
CA GLY O 69 -7.39 -16.42 28.95
C GLY O 69 -7.75 -17.68 29.73
N LEU O 70 -7.46 -17.69 31.04
CA LEU O 70 -7.62 -18.88 31.92
C LEU O 70 -8.40 -18.51 33.20
N VAL O 71 -8.94 -17.29 33.27
CA VAL O 71 -9.76 -16.82 34.43
C VAL O 71 -11.17 -17.37 34.22
N PRO O 72 -11.77 -18.02 35.24
CA PRO O 72 -13.14 -18.52 35.11
C PRO O 72 -14.13 -17.35 34.92
N VAL O 73 -15.07 -17.51 33.99
CA VAL O 73 -16.15 -16.51 33.68
C VAL O 73 -17.46 -17.07 34.22
N PRO O 74 -18.18 -16.35 35.10
CA PRO O 74 -19.45 -16.82 35.65
C PRO O 74 -20.42 -17.35 34.58
N GLU O 75 -21.34 -18.23 35.00
CA GLU O 75 -22.35 -18.89 34.12
C GLU O 75 -23.54 -17.94 33.91
N LEU O 76 -24.25 -18.08 32.78
CA LEU O 76 -25.56 -17.43 32.54
C LEU O 76 -26.66 -18.43 32.89
N PRO O 77 -27.87 -17.97 33.27
CA PRO O 77 -29.02 -18.88 33.37
C PRO O 77 -29.49 -19.39 32.00
N GLY O 78 -29.52 -20.71 31.80
CA GLY O 78 -29.93 -21.35 30.53
C GLY O 78 -31.43 -21.31 30.33
N LYS O 79 -31.99 -22.35 29.67
CA LYS O 79 -33.45 -22.63 29.65
C LYS O 79 -33.79 -23.93 30.40
N SER O 80 -32.83 -24.85 30.62
CA SER O 80 -33.07 -26.25 31.06
C SER O 80 -34.53 -26.52 31.44
N PHE O 82 -39.27 -26.02 33.32
CA PHE O 82 -39.86 -26.25 34.67
C PHE O 82 -41.40 -26.12 34.63
N PHE O 83 -41.98 -25.40 33.65
CA PHE O 83 -43.41 -25.09 33.46
C PHE O 83 -43.99 -24.28 34.64
N GLY O 84 -43.21 -23.29 35.12
CA GLY O 84 -43.70 -22.03 35.77
C GLY O 84 -44.54 -21.20 34.81
N THR O 85 -44.97 -20.00 35.23
CA THR O 85 -45.65 -19.01 34.36
C THR O 85 -44.59 -18.40 33.42
N SER O 86 -45.01 -17.56 32.47
CA SER O 86 -44.11 -16.65 31.72
C SER O 86 -43.43 -15.68 32.69
N ASP O 87 -44.19 -14.70 33.21
CA ASP O 87 -43.74 -13.67 34.18
C ASP O 87 -42.77 -14.26 35.21
N GLU O 88 -42.95 -15.52 35.59
CA GLU O 88 -42.07 -16.25 36.56
C GLU O 88 -40.71 -16.51 35.92
N PHE O 89 -40.66 -16.99 34.68
CA PHE O 89 -39.41 -17.30 33.94
C PHE O 89 -38.58 -16.03 33.77
N ILE O 90 -39.21 -14.98 33.21
CA ILE O 90 -38.64 -13.61 33.05
C ILE O 90 -37.93 -13.23 34.36
N GLU O 91 -38.61 -13.38 35.49
CA GLU O 91 -38.11 -12.98 36.84
C GLU O 91 -36.96 -13.88 37.26
N LYS O 92 -36.99 -15.18 36.94
CA LYS O 92 -35.90 -16.14 37.27
C LYS O 92 -34.65 -15.75 36.48
N ARG O 93 -34.81 -15.54 35.18
CA ARG O 93 -33.74 -15.08 34.25
C ARG O 93 -33.20 -13.73 34.73
N ARG O 94 -34.09 -12.76 35.04
CA ARG O 94 -33.72 -11.41 35.51
C ARG O 94 -32.70 -11.53 36.65
N GLN O 95 -33.01 -12.34 37.67
CA GLN O 95 -32.13 -12.59 38.84
C GLN O 95 -30.82 -13.21 38.36
N GLY O 96 -30.91 -14.24 37.50
CA GLY O 96 -29.75 -14.95 36.94
C GLY O 96 -28.79 -13.99 36.24
N LEU O 97 -29.33 -13.09 35.40
CA LEU O 97 -28.55 -12.06 34.67
C LEU O 97 -27.85 -11.14 35.69
N GLN O 98 -28.59 -10.64 36.68
CA GLN O 98 -28.05 -9.76 37.74
C GLN O 98 -26.92 -10.49 38.47
N HIS O 99 -27.17 -11.74 38.90
CA HIS O 99 -26.18 -12.61 39.59
C HIS O 99 -24.91 -12.69 38.73
N PHE O 100 -25.06 -12.98 37.43
CA PHE O 100 -23.96 -13.12 36.45
C PHE O 100 -23.09 -11.86 36.46
N LEU O 101 -23.71 -10.69 36.33
CA LEU O 101 -22.99 -9.38 36.30
C LEU O 101 -22.32 -9.12 37.65
N GLU O 102 -23.05 -9.31 38.76
CA GLU O 102 -22.51 -9.16 40.14
C GLU O 102 -21.20 -9.94 40.26
N LYS O 103 -21.20 -11.21 39.84
CA LYS O 103 -20.02 -12.12 39.86
C LYS O 103 -18.92 -11.58 38.94
N VAL O 104 -19.27 -11.19 37.71
CA VAL O 104 -18.32 -10.68 36.68
C VAL O 104 -17.60 -9.44 37.25
N LEU O 105 -18.32 -8.58 37.97
CA LEU O 105 -17.78 -7.27 38.46
C LEU O 105 -16.84 -7.48 39.65
N GLN O 106 -16.81 -8.68 40.24
CA GLN O 106 -15.92 -9.02 41.39
C GLN O 106 -14.58 -9.58 40.87
N SER O 107 -14.57 -10.23 39.71
CA SER O 107 -13.31 -10.65 39.02
C SER O 107 -12.64 -9.41 38.43
N VAL O 108 -11.48 -9.04 38.96
CA VAL O 108 -10.79 -7.75 38.65
C VAL O 108 -10.32 -7.79 37.20
N VAL O 109 -9.93 -8.98 36.72
CA VAL O 109 -9.48 -9.20 35.31
C VAL O 109 -10.67 -8.90 34.38
N LEU O 110 -11.81 -9.54 34.62
CA LEU O 110 -13.04 -9.40 33.79
C LEU O 110 -13.51 -7.94 33.81
N LEU O 111 -13.44 -7.30 34.98
CA LEU O 111 -13.87 -5.89 35.21
C LEU O 111 -13.11 -4.96 34.25
N SER O 112 -11.88 -5.31 33.88
CA SER O 112 -10.97 -4.48 33.06
C SER O 112 -11.17 -4.73 31.56
N ASP O 113 -12.12 -5.59 31.17
CA ASP O 113 -12.48 -5.83 29.73
C ASP O 113 -13.18 -4.58 29.21
N SER O 114 -12.69 -4.02 28.10
CA SER O 114 -13.26 -2.81 27.45
C SER O 114 -14.63 -3.13 26.85
N GLN O 115 -14.79 -4.32 26.27
CA GLN O 115 -16.07 -4.78 25.66
C GLN O 115 -17.17 -4.87 26.73
N LEU O 116 -16.82 -5.29 27.96
CA LEU O 116 -17.76 -5.31 29.11
C LEU O 116 -18.18 -3.86 29.45
N HIS O 117 -17.21 -2.96 29.51
CA HIS O 117 -17.40 -1.52 29.85
C HIS O 117 -18.37 -0.89 28.84
N LEU O 118 -18.24 -1.22 27.55
CA LEU O 118 -19.14 -0.70 26.48
C LEU O 118 -20.52 -1.35 26.62
N PHE O 119 -20.59 -2.65 26.89
CA PHE O 119 -21.85 -3.42 27.07
C PHE O 119 -22.70 -2.78 28.18
N LEU O 120 -22.06 -2.33 29.27
CA LEU O 120 -22.74 -1.91 30.53
C LEU O 120 -23.06 -0.41 30.51
N GLN O 121 -22.31 0.39 29.74
CA GLN O 121 -22.34 1.88 29.84
C GLN O 121 -22.60 2.56 28.47
N SER O 122 -22.33 1.92 27.34
CA SER O 122 -22.67 2.43 25.99
C SER O 122 -24.07 1.97 25.61
N GLN O 123 -24.74 2.73 24.76
CA GLN O 123 -25.98 2.27 24.08
C GLN O 123 -25.60 1.80 22.68
N LEU O 124 -24.37 1.31 22.52
CA LEU O 124 -23.87 0.74 21.24
C LEU O 124 -24.51 -0.63 21.03
N SER O 125 -24.74 -1.02 19.78
CA SER O 125 -25.07 -2.41 19.37
C SER O 125 -23.87 -3.30 19.71
N VAL O 126 -24.03 -4.62 19.55
CA VAL O 126 -22.88 -5.58 19.69
C VAL O 126 -21.91 -5.31 18.53
N PRO O 127 -22.35 -5.36 17.25
CA PRO O 127 -21.46 -5.04 16.13
C PRO O 127 -20.72 -3.70 16.27
N GLU O 128 -21.37 -2.69 16.85
CA GLU O 128 -20.78 -1.34 17.11
C GLU O 128 -19.68 -1.45 18.17
N ILE O 129 -19.82 -2.36 19.13
CA ILE O 129 -18.79 -2.63 20.18
C ILE O 129 -17.64 -3.40 19.54
N GLU O 130 -17.94 -4.41 18.73
CA GLU O 130 -16.93 -5.20 17.96
C GLU O 130 -16.12 -4.25 17.07
N ALA O 131 -16.75 -3.16 16.61
CA ALA O 131 -16.09 -2.09 15.81
C ALA O 131 -15.19 -1.25 16.71
N CYS O 132 -15.75 -0.58 17.74
CA CYS O 132 -15.04 0.36 18.66
C CYS O 132 -13.76 -0.31 19.21
N VAL O 133 -13.56 -1.61 18.94
CA VAL O 133 -12.42 -2.46 19.41
C VAL O 133 -11.84 -3.21 18.21
N GLU P 9 -36.55 9.58 53.77
CA GLU P 9 -37.69 10.34 54.36
C GLU P 9 -37.64 11.81 53.92
N VAL P 10 -36.45 12.35 53.62
CA VAL P 10 -36.24 13.77 53.21
C VAL P 10 -35.54 13.82 51.85
N ILE P 11 -36.05 14.67 50.94
CA ILE P 11 -35.46 14.95 49.61
C ILE P 11 -35.18 16.44 49.51
N THR P 12 -33.95 16.82 49.20
CA THR P 12 -33.52 18.23 48.98
C THR P 12 -33.00 18.37 47.55
N VAL P 13 -33.49 19.36 46.81
CA VAL P 13 -33.03 19.70 45.44
C VAL P 13 -32.73 21.19 45.38
N ARG P 14 -31.51 21.54 44.97
CA ARG P 14 -31.09 22.93 44.68
C ARG P 14 -30.60 22.97 43.22
N VAL P 15 -30.90 24.07 42.52
CA VAL P 15 -30.39 24.35 41.14
C VAL P 15 -29.42 25.53 41.27
N GLN P 16 -28.13 25.26 41.16
CA GLN P 16 -27.04 26.23 41.46
C GLN P 16 -26.17 26.42 40.22
N ASP P 17 -25.18 27.32 40.33
CA ASP P 17 -24.00 27.41 39.44
C ASP P 17 -24.42 27.43 37.97
N PRO P 18 -25.15 28.46 37.51
CA PRO P 18 -25.39 28.63 36.07
C PRO P 18 -24.05 28.88 35.38
N ARG P 19 -23.82 28.27 34.22
CA ARG P 19 -22.55 28.38 33.46
C ARG P 19 -22.87 28.41 31.96
N VAL P 20 -22.07 29.19 31.22
CA VAL P 20 -22.21 29.34 29.74
C VAL P 20 -21.24 28.36 29.08
N GLN P 21 -21.75 27.23 28.57
CA GLN P 21 -20.97 26.25 27.79
C GLN P 21 -20.83 26.84 26.37
N ASN P 22 -19.67 26.67 25.75
CA ASN P 22 -19.35 27.17 24.37
C ASN P 22 -19.51 28.70 24.30
N GLU P 23 -18.71 29.44 25.08
CA GLU P 23 -18.73 30.93 25.10
C GLU P 23 -18.65 31.46 23.67
N GLY P 24 -19.47 32.46 23.32
CA GLY P 24 -19.26 33.33 22.15
C GLY P 24 -19.62 32.70 20.82
N SER P 25 -19.36 31.39 20.63
CA SER P 25 -19.74 30.63 19.41
C SER P 25 -21.26 30.46 19.35
N TRP P 26 -21.80 30.22 18.17
CA TRP P 26 -23.26 30.24 17.86
C TRP P 26 -24.00 29.17 18.69
N ASN P 27 -23.40 28.02 18.98
CA ASN P 27 -24.02 26.95 19.83
C ASN P 27 -23.70 27.23 21.30
N SER P 28 -23.49 28.51 21.66
CA SER P 28 -23.47 29.02 23.05
C SER P 28 -24.78 28.62 23.72
N TYR P 29 -24.74 28.20 24.98
CA TYR P 29 -25.94 27.94 25.81
C TYR P 29 -25.58 27.95 27.29
N VAL P 30 -26.61 28.05 28.12
CA VAL P 30 -26.50 28.05 29.62
C VAL P 30 -27.06 26.72 30.13
N ASP P 31 -26.28 26.00 30.95
CA ASP P 31 -26.80 24.86 31.74
C ASP P 31 -26.71 25.22 33.23
N TYR P 32 -27.42 24.46 34.04
CA TYR P 32 -27.58 24.67 35.51
C TYR P 32 -27.21 23.36 36.19
N LYS P 33 -26.52 23.44 37.32
CA LYS P 33 -26.16 22.26 38.16
C LYS P 33 -27.38 21.92 39.02
N ILE P 34 -27.83 20.67 38.97
CA ILE P 34 -28.93 20.14 39.83
C ILE P 34 -28.29 19.26 40.90
N PHE P 35 -28.28 19.77 42.14
CA PHE P 35 -27.75 19.08 43.35
C PHE P 35 -28.95 18.47 44.09
N LEU P 36 -29.12 17.15 43.97
CA LEU P 36 -30.17 16.36 44.67
C LEU P 36 -29.52 15.65 45.86
N HIS P 37 -29.85 16.08 47.09
CA HIS P 37 -29.41 15.43 48.35
C HIS P 37 -30.62 14.75 49.01
N THR P 38 -30.66 13.43 49.03
CA THR P 38 -31.78 12.62 49.58
C THR P 38 -31.21 11.71 50.66
N ASN P 39 -32.09 11.06 51.43
CA ASN P 39 -31.82 9.78 52.12
C ASN P 39 -33.01 8.82 51.94
N SER P 40 -33.78 9.05 50.88
CA SER P 40 -35.08 8.39 50.60
C SER P 40 -34.81 7.08 49.84
N LYS P 41 -35.53 6.00 50.20
CA LYS P 41 -35.46 4.67 49.53
C LYS P 41 -36.06 4.74 48.11
N ALA P 42 -36.73 5.84 47.75
CA ALA P 42 -37.28 6.10 46.40
C ALA P 42 -36.13 6.26 45.39
N PHE P 43 -35.13 7.08 45.74
CA PHE P 43 -33.93 7.39 44.90
C PHE P 43 -32.81 6.39 45.22
N THR P 44 -31.73 6.52 44.43
CA THR P 44 -30.55 5.60 44.45
C THR P 44 -29.38 6.36 45.08
N ALA P 45 -28.80 7.33 44.35
CA ALA P 45 -27.75 8.26 44.83
C ALA P 45 -28.27 9.16 45.97
N LYS P 46 -27.53 9.21 47.06
CA LYS P 46 -27.87 9.95 48.30
C LYS P 46 -27.28 11.37 48.25
N THR P 47 -26.22 11.61 47.46
CA THR P 47 -25.92 12.95 46.87
C THR P 47 -25.68 12.77 45.36
N SER P 48 -26.24 13.64 44.52
CA SER P 48 -26.10 13.54 43.04
C SER P 48 -25.95 14.94 42.45
N CYS P 49 -25.29 15.02 41.29
CA CYS P 49 -24.79 16.27 40.65
C CYS P 49 -24.91 16.07 39.14
N VAL P 50 -25.81 16.79 38.46
CA VAL P 50 -25.93 16.75 36.98
C VAL P 50 -26.14 18.17 36.45
N ARG P 51 -25.61 18.47 35.28
CA ARG P 51 -25.82 19.76 34.56
C ARG P 51 -26.95 19.53 33.55
N ARG P 52 -27.91 20.47 33.46
CA ARG P 52 -29.07 20.36 32.55
C ARG P 52 -29.37 21.72 31.91
N ARG P 53 -29.49 21.75 30.58
CA ARG P 53 -29.98 22.91 29.78
C ARG P 53 -31.44 23.19 30.17
N TYR P 54 -31.96 24.37 29.83
CA TYR P 54 -33.38 24.70 30.07
C TYR P 54 -34.24 23.81 29.16
N ARG P 55 -33.80 23.62 27.93
CA ARG P 55 -34.55 22.82 26.92
C ARG P 55 -34.75 21.39 27.42
N GLU P 56 -33.83 20.90 28.27
CA GLU P 56 -33.93 19.56 28.88
C GLU P 56 -35.09 19.54 29.88
N PHE P 57 -35.28 20.61 30.66
CA PHE P 57 -36.41 20.78 31.61
C PHE P 57 -37.73 20.79 30.82
N VAL P 58 -37.76 21.51 29.70
CA VAL P 58 -38.95 21.63 28.83
C VAL P 58 -39.40 20.23 28.41
N TRP P 59 -38.43 19.40 27.98
CA TRP P 59 -38.65 17.97 27.64
C TRP P 59 -39.22 17.26 28.86
N LEU P 60 -38.53 17.37 30.00
CA LEU P 60 -38.86 16.66 31.27
C LEU P 60 -40.32 16.93 31.63
N ARG P 61 -40.77 18.18 31.52
CA ARG P 61 -42.17 18.57 31.88
C ARG P 61 -43.13 17.82 30.95
N LYS P 62 -42.93 17.89 29.64
CA LYS P 62 -43.78 17.19 28.65
C LYS P 62 -43.84 15.70 29.01
N GLN P 63 -42.71 15.11 29.41
CA GLN P 63 -42.60 13.67 29.76
C GLN P 63 -43.37 13.40 31.07
N LEU P 64 -43.24 14.27 32.07
CA LEU P 64 -43.98 14.14 33.36
C LEU P 64 -45.47 14.17 33.09
N GLN P 65 -45.93 14.99 32.14
CA GLN P 65 -47.37 15.18 31.82
C GLN P 65 -47.96 13.90 31.23
N ARG P 66 -47.22 13.21 30.34
CA ARG P 66 -47.64 11.90 29.78
C ARG P 66 -47.99 10.94 30.91
N ASN P 67 -47.00 10.60 31.74
CA ASN P 67 -47.07 9.49 32.74
C ASN P 67 -47.97 9.87 33.92
N ALA P 68 -48.17 11.17 34.16
CA ALA P 68 -48.93 11.69 35.33
C ALA P 68 -50.44 11.66 35.04
N GLY P 69 -50.86 11.29 33.84
CA GLY P 69 -52.27 10.88 33.59
C GLY P 69 -53.27 11.96 33.90
N LEU P 70 -53.58 12.29 35.14
CA LEU P 70 -54.58 13.30 35.59
C LEU P 70 -53.93 14.38 36.49
N VAL P 71 -52.70 14.13 36.93
CA VAL P 71 -52.04 14.87 38.06
C VAL P 71 -51.49 16.16 37.47
N PRO P 72 -51.77 17.33 38.08
CA PRO P 72 -51.19 18.59 37.61
C PRO P 72 -49.65 18.56 37.77
N VAL P 73 -48.93 19.03 36.74
CA VAL P 73 -47.45 19.12 36.70
C VAL P 73 -47.06 20.59 36.84
N PRO P 74 -46.25 20.97 37.84
CA PRO P 74 -45.84 22.36 38.03
C PRO P 74 -45.36 23.06 36.74
N GLU P 75 -45.45 24.39 36.71
CA GLU P 75 -45.06 25.24 35.56
C GLU P 75 -43.55 25.48 35.58
N LEU P 76 -42.96 25.72 34.40
CA LEU P 76 -41.57 26.23 34.27
C LEU P 76 -41.61 27.74 34.10
N PRO P 77 -40.55 28.48 34.50
CA PRO P 77 -40.44 29.90 34.15
C PRO P 77 -40.21 30.11 32.64
N GLY P 78 -41.10 30.88 31.97
CA GLY P 78 -41.06 31.14 30.53
C GLY P 78 -39.91 32.05 30.11
N LYS P 79 -39.88 32.36 28.83
CA LYS P 79 -38.76 33.05 28.12
C LYS P 79 -39.24 34.39 27.55
N SER P 80 -38.48 35.50 27.75
CA SER P 80 -38.54 36.74 26.94
C SER P 80 -37.31 36.74 25.99
N THR P 85 -28.07 35.27 28.58
CA THR P 85 -27.52 36.60 28.93
C THR P 85 -28.26 37.17 30.15
N SER P 86 -27.87 38.35 30.61
CA SER P 86 -28.57 39.10 31.66
C SER P 86 -28.50 38.30 32.96
N ASP P 87 -27.35 38.34 33.65
CA ASP P 87 -27.09 37.71 34.98
C ASP P 87 -28.32 37.73 35.87
N GLU P 88 -29.17 38.75 35.78
CA GLU P 88 -30.46 38.86 36.54
C GLU P 88 -31.47 37.82 36.04
N PHE P 89 -31.62 37.67 34.73
CA PHE P 89 -32.56 36.71 34.09
C PHE P 89 -32.18 35.29 34.48
N ILE P 90 -30.91 34.92 34.22
CA ILE P 90 -30.27 33.64 34.63
C ILE P 90 -30.70 33.32 36.06
N GLU P 91 -30.55 34.27 36.99
CA GLU P 91 -30.84 34.10 38.44
C GLU P 91 -32.35 33.94 38.66
N LYS P 92 -33.19 34.65 37.91
CA LYS P 92 -34.67 34.52 38.02
C LYS P 92 -35.09 33.12 37.58
N ARG P 93 -34.60 32.70 36.42
CA ARG P 93 -34.82 31.34 35.85
C ARG P 93 -34.29 30.29 36.83
N ARG P 94 -33.07 30.45 37.33
CA ARG P 94 -32.41 29.51 38.29
C ARG P 94 -33.39 29.21 39.43
N GLN P 95 -33.96 30.25 40.05
CA GLN P 95 -34.95 30.12 41.15
C GLN P 95 -36.19 29.38 40.64
N GLY P 96 -36.69 29.79 39.47
CA GLY P 96 -37.86 29.18 38.82
C GLY P 96 -37.69 27.69 38.61
N LEU P 97 -36.53 27.28 38.09
CA LEU P 97 -36.17 25.85 37.86
C LEU P 97 -36.17 25.11 39.21
N GLN P 98 -35.50 25.67 40.22
CA GLN P 98 -35.44 25.08 41.59
C GLN P 98 -36.87 24.92 42.12
N HIS P 99 -37.68 25.98 42.05
CA HIS P 99 -39.10 25.99 42.49
C HIS P 99 -39.83 24.84 41.80
N PHE P 100 -39.69 24.72 40.47
CA PHE P 100 -40.34 23.68 39.62
C PHE P 100 -40.02 22.30 40.17
N LEU P 101 -38.73 22.00 40.41
CA LEU P 101 -38.27 20.68 40.91
C LEU P 101 -38.80 20.46 42.33
N GLU P 102 -38.66 21.45 43.22
CA GLU P 102 -39.19 21.40 44.61
C GLU P 102 -40.65 20.93 44.58
N LYS P 103 -41.48 21.57 43.74
CA LYS P 103 -42.93 21.26 43.57
C LYS P 103 -43.10 19.83 43.03
N VAL P 104 -42.34 19.48 41.99
CA VAL P 104 -42.41 18.15 41.32
C VAL P 104 -42.12 17.05 42.36
N LEU P 105 -41.15 17.29 43.25
CA LEU P 105 -40.66 16.27 44.22
C LEU P 105 -41.67 16.08 45.36
N GLN P 106 -42.66 16.96 45.50
CA GLN P 106 -43.72 16.87 46.55
C GLN P 106 -44.91 16.06 46.03
N SER P 107 -45.18 16.05 44.71
CA SER P 107 -46.18 15.17 44.08
C SER P 107 -45.61 13.74 44.03
N VAL P 108 -46.21 12.83 44.80
CA VAL P 108 -45.69 11.45 45.03
C VAL P 108 -45.77 10.67 43.71
N VAL P 109 -46.79 10.95 42.90
CA VAL P 109 -46.99 10.32 41.56
C VAL P 109 -45.82 10.72 40.66
N LEU P 110 -45.56 12.03 40.53
CA LEU P 110 -44.48 12.59 39.68
C LEU P 110 -43.12 12.06 40.15
N LEU P 111 -42.92 11.98 41.47
CA LEU P 111 -41.68 11.52 42.11
C LEU P 111 -41.32 10.11 41.64
N SER P 112 -42.33 9.29 41.31
CA SER P 112 -42.18 7.87 40.93
C SER P 112 -41.94 7.70 39.42
N ASP P 113 -41.85 8.79 38.66
CA ASP P 113 -41.51 8.75 37.20
C ASP P 113 -40.03 8.35 37.09
N SER P 114 -39.74 7.30 36.30
CA SER P 114 -38.37 6.79 36.06
C SER P 114 -37.56 7.82 35.25
N GLN P 115 -38.19 8.46 34.26
CA GLN P 115 -37.56 9.48 33.40
C GLN P 115 -37.09 10.68 34.24
N LEU P 116 -37.85 11.06 35.27
CA LEU P 116 -37.45 12.13 36.22
C LEU P 116 -36.21 11.67 37.00
N HIS P 117 -36.22 10.44 37.49
CA HIS P 117 -35.11 9.83 38.29
C HIS P 117 -33.83 9.84 37.47
N LEU P 118 -33.90 9.53 36.17
CA LEU P 118 -32.73 9.53 35.24
C LEU P 118 -32.28 10.99 35.00
N PHE P 119 -33.24 11.90 34.78
CA PHE P 119 -32.96 13.34 34.53
C PHE P 119 -32.15 13.93 35.69
N LEU P 120 -32.47 13.54 36.93
CA LEU P 120 -31.96 14.19 38.17
C LEU P 120 -30.66 13.52 38.65
N GLN P 121 -30.45 12.25 38.32
CA GLN P 121 -29.37 11.41 38.94
C GLN P 121 -28.45 10.77 37.88
N SER P 122 -28.88 10.58 36.62
CA SER P 122 -28.00 10.10 35.53
C SER P 122 -27.34 11.29 34.85
N GLN P 123 -26.20 11.07 34.21
CA GLN P 123 -25.60 12.02 33.25
C GLN P 123 -25.92 11.50 31.85
N LEU P 124 -27.07 10.85 31.69
CA LEU P 124 -27.59 10.39 30.37
C LEU P 124 -28.09 11.62 29.60
N SER P 125 -27.98 11.57 28.26
CA SER P 125 -28.64 12.53 27.36
C SER P 125 -30.15 12.33 27.49
N VAL P 126 -30.95 13.20 26.85
CA VAL P 126 -32.42 12.99 26.77
C VAL P 126 -32.69 11.76 25.91
N PRO P 127 -32.20 11.69 24.65
CA PRO P 127 -32.36 10.48 23.82
C PRO P 127 -31.96 9.18 24.52
N GLU P 128 -30.91 9.20 25.35
CA GLU P 128 -30.42 8.03 26.13
C GLU P 128 -31.46 7.64 27.20
N ILE P 129 -32.17 8.63 27.75
CA ILE P 129 -33.26 8.40 28.75
C ILE P 129 -34.48 7.84 28.01
N GLU P 130 -34.84 8.42 26.86
CA GLU P 130 -35.94 7.95 25.99
C GLU P 130 -35.66 6.50 25.56
N ALA P 131 -34.40 6.11 25.46
CA ALA P 131 -33.95 4.72 25.15
C ALA P 131 -34.15 3.84 26.38
N CYS P 132 -33.50 4.17 27.52
CA CYS P 132 -33.51 3.35 28.77
C CYS P 132 -34.97 3.00 29.17
N VAL P 133 -35.96 3.59 28.49
CA VAL P 133 -37.43 3.45 28.73
C VAL P 133 -38.14 3.14 27.41
N GLN P 134 -38.43 1.89 27.05
CA GLN P 134 -39.17 1.60 25.79
C GLN P 134 -40.04 0.37 25.94
N GLY P 135 -41.02 0.22 25.04
CA GLY P 135 -41.86 -0.98 24.91
C GLY P 135 -42.50 -1.38 26.24
N ARG P 136 -43.66 -2.03 26.15
CA ARG P 136 -44.50 -2.41 27.32
C ARG P 136 -43.70 -3.40 28.17
N SER P 137 -43.84 -3.31 29.51
CA SER P 137 -43.27 -4.31 30.45
C SER P 137 -43.72 -5.73 30.10
N THR P 138 -43.20 -6.72 30.82
CA THR P 138 -43.56 -8.16 30.68
C THR P 138 -44.60 -8.54 31.72
N THR P 140 -47.64 -5.82 31.80
CA THR P 140 -48.63 -5.06 31.07
C THR P 140 -48.76 -5.59 29.62
N VAL P 141 -48.73 -6.91 29.42
CA VAL P 141 -48.83 -7.58 28.08
C VAL P 141 -49.44 -8.98 28.28
N SER P 142 -50.30 -9.39 27.33
CA SER P 142 -50.96 -10.73 27.30
C SER P 142 -49.88 -11.83 27.39
N ASP P 143 -50.11 -12.82 28.23
CA ASP P 143 -49.23 -14.01 28.42
C ASP P 143 -49.12 -14.77 27.09
N ALA P 144 -49.61 -14.18 26.00
CA ALA P 144 -49.51 -14.71 24.62
C ALA P 144 -48.47 -13.91 23.81
N ILE P 145 -48.53 -12.57 23.89
CA ILE P 145 -47.54 -11.65 23.25
C ILE P 145 -46.17 -11.87 23.91
N LEU P 146 -46.14 -12.08 25.22
CA LEU P 146 -44.91 -12.34 26.01
C LEU P 146 -44.27 -13.66 25.61
N ARG P 147 -45.04 -14.70 25.29
CA ARG P 147 -44.51 -16.05 24.92
C ARG P 147 -43.97 -15.99 23.47
N TYR P 148 -44.58 -15.17 22.62
CA TYR P 148 -44.16 -14.91 21.23
C TYR P 148 -42.81 -14.16 21.23
N ALA P 149 -42.66 -13.25 22.20
CA ALA P 149 -41.45 -12.44 22.44
C ALA P 149 -40.29 -13.32 22.92
N SER P 151 -39.49 -16.35 22.36
CA SER P 151 -38.88 -17.24 21.39
C SER P 151 -38.28 -16.43 20.24
N ASN P 152 -36.97 -16.57 19.97
CA ASN P 152 -36.23 -15.75 18.95
C ASN P 152 -34.94 -16.44 18.47
N LEU P 153 -34.24 -15.78 17.53
CA LEU P 153 -33.14 -16.34 16.70
C LEU P 153 -31.97 -15.33 16.60
N VAL Q 10 7.30 -6.56 47.65
CA VAL Q 10 6.87 -5.21 48.16
C VAL Q 10 7.30 -4.15 47.14
N ILE Q 11 6.42 -3.19 46.84
CA ILE Q 11 6.68 -2.01 45.95
C ILE Q 11 6.44 -0.75 46.79
N THR Q 12 7.42 0.14 46.85
CA THR Q 12 7.36 1.43 47.60
C THR Q 12 7.56 2.57 46.60
N VAL Q 13 6.70 3.59 46.67
CA VAL Q 13 6.77 4.81 45.81
C VAL Q 13 6.66 6.05 46.70
N ARG Q 14 7.63 6.95 46.59
CA ARG Q 14 7.62 8.30 47.21
C ARG Q 14 7.77 9.34 46.10
N VAL Q 15 7.07 10.47 46.24
CA VAL Q 15 7.20 11.65 45.35
C VAL Q 15 7.84 12.76 46.19
N GLN Q 16 9.11 13.05 45.92
CA GLN Q 16 9.94 13.96 46.75
C GLN Q 16 10.47 15.10 45.89
N ASP Q 17 11.21 16.04 46.51
CA ASP Q 17 12.13 17.01 45.87
C ASP Q 17 11.43 17.74 44.73
N PRO Q 18 10.39 18.56 45.00
CA PRO Q 18 9.83 19.45 44.00
C PRO Q 18 10.92 20.47 43.60
N ARG Q 19 11.04 20.76 42.31
CA ARG Q 19 12.07 21.68 41.76
C ARG Q 19 11.49 22.49 40.60
N VAL Q 20 11.95 23.74 40.46
CA VAL Q 20 11.55 24.67 39.36
C VAL Q 20 12.58 24.55 38.25
N GLN Q 21 12.24 23.84 37.17
CA GLN Q 21 13.06 23.78 35.93
C GLN Q 21 12.83 25.08 35.16
N ASN Q 22 13.88 25.63 34.55
CA ASN Q 22 13.86 26.88 33.73
C ASN Q 22 13.37 28.05 34.59
N GLU Q 23 14.11 28.40 35.65
CA GLU Q 23 13.78 29.54 36.55
C GLU Q 23 13.50 30.79 35.70
N GLY Q 24 12.44 31.54 36.02
CA GLY Q 24 12.28 32.94 35.59
C GLY Q 24 11.84 33.12 34.15
N SER Q 25 12.32 32.27 33.23
CA SER Q 25 11.90 32.27 31.79
C SER Q 25 10.45 31.76 31.69
N TRP Q 26 9.77 32.11 30.61
CA TRP Q 26 8.30 31.89 30.40
C TRP Q 26 7.95 30.40 30.47
N ASN Q 27 8.81 29.50 29.97
CA ASN Q 27 8.60 28.03 30.02
C ASN Q 27 9.12 27.48 31.37
N SER Q 28 9.13 28.32 32.42
CA SER Q 28 9.27 27.93 33.84
C SER Q 28 8.22 26.87 34.15
N TYR Q 29 8.56 25.83 34.91
CA TYR Q 29 7.61 24.80 35.41
C TYR Q 29 8.19 24.04 36.61
N VAL Q 30 7.32 23.34 37.34
CA VAL Q 30 7.68 22.49 38.51
C VAL Q 30 7.57 21.02 38.11
N ASP Q 31 8.61 20.23 38.35
CA ASP Q 31 8.54 18.74 38.27
C ASP Q 31 8.84 18.17 39.66
N TYR Q 32 8.51 16.89 39.85
CA TYR Q 32 8.61 16.15 41.13
C TYR Q 32 9.42 14.88 40.85
N LYS Q 33 10.29 14.49 41.77
CA LYS Q 33 11.10 13.25 41.69
C LYS Q 33 10.21 12.08 42.16
N ILE Q 34 10.08 11.05 41.33
CA ILE Q 34 9.36 9.79 41.69
C ILE Q 34 10.41 8.71 41.97
N PHE Q 35 10.56 8.37 43.26
CA PHE Q 35 11.48 7.32 43.78
C PHE Q 35 10.64 6.05 43.98
N LEU Q 36 10.80 5.09 43.06
CA LEU Q 36 10.16 3.75 43.11
C LEU Q 36 11.19 2.73 43.59
N HIS Q 37 11.02 2.22 44.81
CA HIS Q 37 11.90 1.21 45.46
C HIS Q 37 11.14 -0.10 45.59
N THR Q 38 11.54 -1.12 44.83
CA THR Q 38 10.88 -2.45 44.81
C THR Q 38 11.90 -3.51 45.24
N ASN Q 39 11.43 -4.67 45.59
CA ASN Q 39 12.09 -5.59 46.60
C ASN Q 39 11.42 -6.97 46.51
N SER Q 40 11.85 -7.75 45.50
CA SER Q 40 11.76 -9.24 45.43
C SER Q 40 12.91 -9.84 46.25
N LYS Q 41 12.64 -10.93 46.96
CA LYS Q 41 13.63 -11.69 47.78
C LYS Q 41 14.62 -12.44 46.87
N ALA Q 42 14.37 -12.49 45.54
CA ALA Q 42 15.27 -13.08 44.52
C ALA Q 42 15.99 -12.00 43.72
N PHE Q 43 16.40 -10.89 44.32
CA PHE Q 43 17.20 -9.75 43.78
C PHE Q 43 17.76 -8.97 44.99
N THR Q 44 18.30 -7.78 44.78
CA THR Q 44 18.52 -6.74 45.83
C THR Q 44 17.52 -5.61 45.55
N ALA Q 45 17.72 -4.39 46.07
CA ALA Q 45 16.95 -3.16 45.76
C ALA Q 45 17.10 -2.77 44.28
N LYS Q 46 15.99 -2.56 43.59
CA LYS Q 46 15.98 -2.23 42.13
C LYS Q 46 16.01 -0.71 41.92
N THR Q 47 15.57 0.08 42.89
CA THR Q 47 15.53 1.53 42.95
C THR Q 47 15.47 2.17 41.55
N SER Q 48 14.56 3.13 41.35
CA SER Q 48 14.43 3.93 40.13
C SER Q 48 14.04 5.36 40.50
N CYS Q 49 14.40 6.33 39.65
CA CYS Q 49 14.42 7.79 39.91
C CYS Q 49 14.05 8.50 38.61
N VAL Q 50 12.89 9.13 38.53
CA VAL Q 50 12.47 9.92 37.33
C VAL Q 50 11.78 11.20 37.81
N ARG Q 51 11.96 12.29 37.06
CA ARG Q 51 11.29 13.59 37.30
C ARG Q 51 10.07 13.68 36.39
N ARG Q 52 8.92 14.11 36.92
CA ARG Q 52 7.64 14.18 36.16
C ARG Q 52 6.89 15.47 36.52
N ARG Q 53 6.49 16.25 35.51
CA ARG Q 53 5.56 17.40 35.62
C ARG Q 53 4.20 16.90 36.12
N TYR Q 54 3.34 17.79 36.60
CA TYR Q 54 1.95 17.42 37.00
C TYR Q 54 1.18 17.00 35.74
N ARG Q 55 1.38 17.74 34.64
CA ARG Q 55 0.66 17.51 33.36
C ARG Q 55 0.95 16.08 32.88
N GLU Q 56 2.11 15.53 33.23
CA GLU Q 56 2.49 14.13 32.86
C GLU Q 56 1.61 13.16 33.64
N PHE Q 57 1.33 13.43 34.91
CA PHE Q 57 0.40 12.63 35.77
C PHE Q 57 -1.01 12.66 35.16
N VAL Q 58 -1.45 13.85 34.75
CA VAL Q 58 -2.79 14.07 34.13
C VAL Q 58 -2.94 13.14 32.94
N TRP Q 59 -1.91 13.09 32.08
CA TRP Q 59 -1.81 12.17 30.93
C TRP Q 59 -1.93 10.73 31.44
N LEU Q 60 -1.07 10.35 32.40
CA LEU Q 60 -0.96 8.98 32.94
C LEU Q 60 -2.33 8.49 33.41
N ARG Q 61 -3.09 9.35 34.10
CA ARG Q 61 -4.43 8.96 34.62
C ARG Q 61 -5.35 8.65 33.43
N LYS Q 62 -5.45 9.56 32.46
CA LYS Q 62 -6.28 9.35 31.24
C LYS Q 62 -5.88 8.02 30.59
N GLN Q 63 -4.58 7.70 30.53
CA GLN Q 63 -4.05 6.46 29.91
C GLN Q 63 -4.45 5.25 30.74
N LEU Q 64 -4.35 5.33 32.07
CA LEU Q 64 -4.75 4.24 32.99
C LEU Q 64 -6.24 3.94 32.79
N GLN Q 65 -7.06 4.96 32.58
CA GLN Q 65 -8.54 4.84 32.45
C GLN Q 65 -8.91 4.09 31.18
N ARG Q 66 -8.20 4.34 30.06
CA ARG Q 66 -8.39 3.60 28.78
C ARG Q 66 -8.26 2.09 29.06
N ASN Q 67 -7.08 1.64 29.49
CA ASN Q 67 -6.69 0.21 29.57
C ASN Q 67 -7.44 -0.49 30.70
N ALA Q 68 -7.91 0.25 31.71
CA ALA Q 68 -8.54 -0.29 32.94
C ALA Q 68 -10.01 -0.60 32.71
N GLY Q 69 -10.55 -0.26 31.52
CA GLY Q 69 -11.95 -0.54 31.13
C GLY Q 69 -12.94 0.03 32.14
N LEU Q 70 -13.20 -0.71 33.22
CA LEU Q 70 -14.25 -0.41 34.23
C LEU Q 70 -13.66 -0.49 35.65
N VAL Q 71 -12.34 -0.61 35.79
CA VAL Q 71 -11.65 -0.58 37.11
C VAL Q 71 -11.50 0.89 37.51
N PRO Q 72 -11.90 1.27 38.75
CA PRO Q 72 -11.74 2.66 39.19
C PRO Q 72 -10.26 3.04 39.25
N VAL Q 73 -9.92 4.23 38.75
CA VAL Q 73 -8.55 4.81 38.75
C VAL Q 73 -8.53 5.93 39.79
N PRO Q 74 -7.62 5.88 40.79
CA PRO Q 74 -7.56 6.93 41.82
C PRO Q 74 -7.54 8.36 41.26
N GLU Q 75 -7.97 9.32 42.06
CA GLU Q 75 -8.06 10.76 41.70
C GLU Q 75 -6.70 11.42 41.86
N LEU Q 76 -6.44 12.48 41.08
CA LEU Q 76 -5.28 13.39 41.27
C LEU Q 76 -5.74 14.59 42.11
N PRO Q 77 -4.85 15.25 42.86
CA PRO Q 77 -5.17 16.54 43.47
C PRO Q 77 -5.32 17.66 42.42
N GLY Q 78 -6.46 18.33 42.37
CA GLY Q 78 -6.71 19.51 41.49
C GLY Q 78 -5.99 20.76 41.97
N LYS Q 79 -6.63 21.94 41.85
CA LYS Q 79 -6.19 23.21 42.47
C LYS Q 79 -7.20 23.68 43.52
N PHE Q 82 -6.42 27.78 46.00
CA PHE Q 82 -6.56 27.13 47.33
C PHE Q 82 -6.28 28.12 48.47
N PHE Q 83 -5.51 29.19 48.25
CA PHE Q 83 -5.29 30.37 49.12
C PHE Q 83 -4.19 30.18 50.17
N GLY Q 84 -3.50 29.02 50.26
CA GLY Q 84 -2.27 28.89 51.05
C GLY Q 84 -1.10 29.69 50.44
N THR Q 85 0.12 29.47 50.93
CA THR Q 85 1.37 29.99 50.30
C THR Q 85 1.64 29.18 49.02
N SER Q 86 2.68 29.54 48.27
CA SER Q 86 3.25 28.71 47.18
C SER Q 86 3.78 27.40 47.77
N ASP Q 87 4.91 27.45 48.47
CA ASP Q 87 5.60 26.30 49.11
C ASP Q 87 4.58 25.35 49.75
N GLU Q 88 3.45 25.87 50.26
CA GLU Q 88 2.37 25.06 50.87
C GLU Q 88 1.64 24.25 49.80
N PHE Q 89 1.29 24.86 48.67
CA PHE Q 89 0.56 24.22 47.56
C PHE Q 89 1.38 23.06 46.98
N ILE Q 90 2.63 23.37 46.59
CA ILE Q 90 3.65 22.39 46.13
C ILE Q 90 3.59 21.16 47.04
N GLU Q 91 3.65 21.37 48.36
CA GLU Q 91 3.71 20.29 49.37
C GLU Q 91 2.38 19.53 49.44
N LYS Q 92 1.24 20.23 49.27
CA LYS Q 92 -0.11 19.59 49.27
C LYS Q 92 -0.22 18.68 48.05
N ARG Q 93 0.14 19.21 46.87
CA ARG Q 93 0.17 18.48 45.59
C ARG Q 93 1.13 17.28 45.71
N ARG Q 94 2.34 17.52 46.22
CA ARG Q 94 3.39 16.48 46.39
C ARG Q 94 2.79 15.26 47.08
N GLN Q 95 2.10 15.47 48.21
CA GLN Q 95 1.43 14.40 49.01
C GLN Q 95 0.35 13.75 48.15
N GLY Q 96 -0.48 14.57 47.49
CA GLY Q 96 -1.57 14.11 46.61
C GLY Q 96 -1.07 13.19 45.52
N LEU Q 97 0.03 13.57 44.84
CA LEU Q 97 0.68 12.77 43.77
C LEU Q 97 1.15 11.44 44.36
N GLN Q 98 1.84 11.48 45.50
CA GLN Q 98 2.34 10.25 46.18
C GLN Q 98 1.14 9.35 46.52
N HIS Q 99 0.10 9.92 47.13
CA HIS Q 99 -1.14 9.19 47.50
C HIS Q 99 -1.70 8.51 46.24
N PHE Q 100 -1.81 9.25 45.14
CA PHE Q 100 -2.36 8.76 43.84
C PHE Q 100 -1.59 7.52 43.39
N LEU Q 101 -0.25 7.58 43.38
CA LEU Q 101 0.62 6.46 42.93
C LEU Q 101 0.48 5.28 43.91
N GLU Q 102 0.54 5.54 45.22
CA GLU Q 102 0.36 4.51 46.28
C GLU Q 102 -0.91 3.71 45.99
N LYS Q 103 -2.03 4.40 45.73
CA LYS Q 103 -3.35 3.80 45.42
C LYS Q 103 -3.28 3.01 44.10
N VAL Q 104 -2.70 3.61 43.06
CA VAL Q 104 -2.57 3.00 41.70
C VAL Q 104 -1.81 1.67 41.82
N LEU Q 105 -0.76 1.63 42.66
CA LEU Q 105 0.15 0.46 42.77
C LEU Q 105 -0.52 -0.69 43.54
N GLN Q 106 -1.66 -0.43 44.20
CA GLN Q 106 -2.42 -1.46 44.96
C GLN Q 106 -3.47 -2.13 44.05
N SER Q 107 -3.98 -1.43 43.04
CA SER Q 107 -4.86 -2.02 41.99
C SER Q 107 -3.99 -2.87 41.06
N VAL Q 108 -4.19 -4.20 41.08
CA VAL Q 108 -3.31 -5.18 40.39
C VAL Q 108 -3.46 -4.99 38.88
N VAL Q 109 -4.66 -4.63 38.42
CA VAL Q 109 -4.96 -4.35 36.98
C VAL Q 109 -4.12 -3.16 36.53
N LEU Q 110 -4.21 -2.04 37.25
CA LEU Q 110 -3.50 -0.77 36.93
C LEU Q 110 -1.99 -1.01 36.98
N LEU Q 111 -1.53 -1.79 37.94
CA LEU Q 111 -0.09 -2.13 38.17
C LEU Q 111 0.50 -2.78 36.91
N SER Q 112 -0.33 -3.51 36.14
CA SER Q 112 0.08 -4.29 34.94
C SER Q 112 0.06 -3.43 33.67
N ASP Q 113 -0.27 -2.13 33.77
CA ASP Q 113 -0.23 -1.19 32.61
C ASP Q 113 1.24 -0.94 32.26
N SER Q 114 1.61 -1.15 31.00
CA SER Q 114 2.99 -0.94 30.48
C SER Q 114 3.33 0.55 30.49
N GLN Q 115 2.38 1.41 30.13
CA GLN Q 115 2.55 2.88 30.09
C GLN Q 115 2.86 3.40 31.50
N LEU Q 116 2.25 2.84 32.54
CA LEU Q 116 2.56 3.18 33.96
C LEU Q 116 4.00 2.79 34.27
N HIS Q 117 4.41 1.58 33.87
CA HIS Q 117 5.76 1.02 34.12
C HIS Q 117 6.81 1.93 33.49
N LEU Q 118 6.56 2.44 32.28
CA LEU Q 118 7.48 3.37 31.57
C LEU Q 118 7.49 4.74 32.27
N PHE Q 119 6.31 5.23 32.68
CA PHE Q 119 6.15 6.54 33.39
C PHE Q 119 7.01 6.55 34.66
N LEU Q 120 7.07 5.42 35.38
CA LEU Q 120 7.65 5.33 36.76
C LEU Q 120 9.14 4.98 36.70
N GLN Q 121 9.59 4.31 35.63
CA GLN Q 121 10.94 3.68 35.56
C GLN Q 121 11.77 4.12 34.35
N SER Q 122 11.15 4.59 33.27
CA SER Q 122 11.85 5.16 32.09
C SER Q 122 12.05 6.65 32.31
N GLN Q 123 13.08 7.22 31.70
CA GLN Q 123 13.26 8.68 31.57
C GLN Q 123 12.78 9.09 30.18
N LEU Q 124 11.81 8.34 29.63
CA LEU Q 124 11.17 8.65 28.32
C LEU Q 124 10.23 9.83 28.51
N SER Q 125 10.07 10.65 27.47
CA SER Q 125 8.98 11.66 27.37
C SER Q 125 7.64 10.92 27.32
N VAL Q 126 6.53 11.65 27.38
CA VAL Q 126 5.17 11.06 27.17
C VAL Q 126 5.07 10.58 25.72
N PRO Q 127 5.30 11.45 24.71
CA PRO Q 127 5.30 11.00 23.31
C PRO Q 127 6.18 9.76 23.04
N GLU Q 128 7.33 9.67 23.70
CA GLU Q 128 8.28 8.52 23.58
C GLU Q 128 7.64 7.25 24.17
N ILE Q 129 6.82 7.39 25.22
CA ILE Q 129 6.06 6.26 25.84
C ILE Q 129 4.92 5.87 24.90
N GLU Q 130 4.19 6.85 24.36
CA GLU Q 130 3.10 6.62 23.36
C GLU Q 130 3.68 5.90 22.14
N ALA Q 131 4.96 6.13 21.83
CA ALA Q 131 5.70 5.43 20.75
C ALA Q 131 6.02 3.99 21.17
N CYS Q 132 6.78 3.80 22.26
CA CYS Q 132 7.27 2.47 22.74
C CYS Q 132 6.09 1.48 22.87
N VAL Q 133 4.85 1.97 22.68
CA VAL Q 133 3.57 1.19 22.79
C VAL Q 133 2.72 1.47 21.54
N VAL R 10 25.06 1.79 61.52
CA VAL R 10 26.28 1.22 60.89
C VAL R 10 26.09 1.20 59.36
N ILE R 11 27.13 1.60 58.63
CA ILE R 11 27.20 1.53 57.13
C ILE R 11 28.40 0.69 56.74
N THR R 12 28.20 -0.37 55.94
CA THR R 12 29.27 -1.24 55.40
C THR R 12 29.24 -1.15 53.87
N VAL R 13 30.40 -0.90 53.26
CA VAL R 13 30.57 -0.88 51.78
C VAL R 13 31.77 -1.75 51.42
N ARG R 14 31.55 -2.73 50.54
CA ARG R 14 32.61 -3.56 49.92
C ARG R 14 32.50 -3.41 48.40
N VAL R 15 33.66 -3.37 47.74
CA VAL R 15 33.77 -3.37 46.24
C VAL R 15 34.37 -4.72 45.84
N GLN R 16 33.54 -5.61 45.28
CA GLN R 16 33.90 -7.03 45.03
C GLN R 16 33.74 -7.33 43.55
N ASP R 17 34.08 -8.57 43.16
CA ASP R 17 33.68 -9.21 41.88
C ASP R 17 33.97 -8.31 40.69
N PRO R 18 35.26 -7.99 40.40
CA PRO R 18 35.60 -7.31 39.16
C PRO R 18 35.25 -8.25 37.98
N ARG R 19 34.67 -7.70 36.91
CA ARG R 19 34.23 -8.47 35.73
C ARG R 19 34.50 -7.66 34.47
N VAL R 20 34.87 -8.34 33.38
CA VAL R 20 35.14 -7.73 32.05
C VAL R 20 33.86 -7.83 31.22
N GLN R 21 33.13 -6.71 31.09
CA GLN R 21 31.93 -6.61 30.22
C GLN R 21 32.47 -6.42 28.79
N ASN R 22 31.83 -7.05 27.80
CA ASN R 22 32.19 -6.99 26.35
C ASN R 22 33.62 -7.51 26.14
N GLU R 23 33.89 -8.78 26.46
CA GLU R 23 35.21 -9.42 26.26
C GLU R 23 35.72 -9.14 24.85
N GLY R 24 37.00 -8.79 24.69
CA GLY R 24 37.74 -8.88 23.42
C GLY R 24 37.41 -7.78 22.42
N SER R 25 36.15 -7.35 22.34
CA SER R 25 35.70 -6.24 21.46
C SER R 25 36.25 -4.91 22.00
N TRP R 26 36.33 -3.90 21.15
CA TRP R 26 37.03 -2.60 21.40
C TRP R 26 36.40 -1.87 22.61
N ASN R 27 35.08 -1.96 22.80
CA ASN R 27 34.37 -1.34 23.95
C ASN R 27 34.39 -2.30 25.14
N SER R 28 35.41 -3.17 25.22
CA SER R 28 35.79 -3.96 26.42
C SER R 28 36.00 -2.99 27.57
N TYR R 29 35.53 -3.32 28.77
CA TYR R 29 35.80 -2.55 30.01
C TYR R 29 35.58 -3.43 31.24
N VAL R 30 36.10 -2.97 32.38
CA VAL R 30 35.97 -3.64 33.71
C VAL R 30 35.02 -2.80 34.56
N ASP R 31 33.98 -3.43 35.12
CA ASP R 31 33.15 -2.81 36.19
C ASP R 31 33.35 -3.63 37.48
N TYR R 32 32.95 -3.04 38.59
CA TYR R 32 33.12 -3.57 39.97
C TYR R 32 31.75 -3.55 40.63
N LYS R 33 31.44 -4.60 41.40
CA LYS R 33 30.18 -4.70 42.18
C LYS R 33 30.37 -3.90 43.47
N ILE R 34 29.47 -2.95 43.76
CA ILE R 34 29.46 -2.18 45.03
C ILE R 34 28.31 -2.72 45.89
N PHE R 35 28.66 -3.44 46.95
CA PHE R 35 27.75 -4.05 47.95
C PHE R 35 27.71 -3.10 49.16
N LEU R 36 26.62 -2.33 49.28
CA LEU R 36 26.35 -1.41 50.41
C LEU R 36 25.35 -2.09 51.36
N HIS R 37 25.80 -2.50 52.54
CA HIS R 37 24.94 -3.07 53.63
C HIS R 37 24.86 -2.05 54.78
N THR R 38 23.69 -1.45 54.98
CA THR R 38 23.44 -0.41 56.01
C THR R 38 22.30 -0.89 56.91
N ASN R 39 22.09 -0.20 58.03
CA ASN R 39 20.75 -0.13 58.70
C ASN R 39 20.48 1.32 59.14
N SER R 40 21.12 2.25 58.44
CA SER R 40 21.14 3.71 58.76
C SER R 40 19.92 4.37 58.12
N LYS R 41 19.26 5.29 58.85
CA LYS R 41 18.10 6.07 58.37
C LYS R 41 18.53 7.10 57.31
N ALA R 42 19.84 7.30 57.10
CA ALA R 42 20.43 8.16 56.03
C ALA R 42 20.12 7.56 54.65
N PHE R 43 20.36 6.25 54.48
CA PHE R 43 20.13 5.49 53.22
C PHE R 43 18.71 4.90 53.21
N THR R 44 18.37 4.29 52.06
CA THR R 44 17.02 3.74 51.76
C THR R 44 17.11 2.22 51.78
N ALA R 45 17.76 1.61 50.79
CA ALA R 45 18.05 0.16 50.69
C ALA R 45 19.01 -0.28 51.82
N LYS R 46 18.64 -1.34 52.53
CA LYS R 46 19.39 -1.87 53.69
C LYS R 46 20.38 -2.95 53.24
N THR R 47 20.16 -3.61 52.09
CA THR R 47 21.25 -4.22 51.27
C THR R 47 21.09 -3.75 49.82
N SER R 48 22.18 -3.36 49.15
CA SER R 48 22.11 -2.83 47.76
C SER R 48 23.33 -3.32 46.98
N CYS R 49 23.17 -3.44 45.66
CA CYS R 49 24.08 -4.13 44.72
C CYS R 49 24.05 -3.35 43.39
N VAL R 50 25.14 -2.67 43.03
CA VAL R 50 25.24 -1.97 41.72
C VAL R 50 26.64 -2.21 41.14
N ARG R 51 26.73 -2.31 39.81
CA ARG R 51 28.02 -2.43 39.08
C ARG R 51 28.41 -1.03 38.60
N ARG R 52 29.67 -0.64 38.76
CA ARG R 52 30.18 0.70 38.37
C ARG R 52 31.56 0.58 37.72
N ARG R 53 31.73 1.19 36.55
CA ARG R 53 33.03 1.40 35.86
C ARG R 53 33.92 2.28 36.73
N TYR R 54 35.23 2.31 36.46
CA TYR R 54 36.16 3.22 37.19
C TYR R 54 35.82 4.66 36.79
N ARG R 55 35.52 4.89 35.51
CA ARG R 55 35.24 6.24 34.98
C ARG R 55 34.02 6.83 35.70
N GLU R 56 33.11 5.98 36.18
CA GLU R 56 31.92 6.42 36.96
C GLU R 56 32.38 6.97 38.31
N PHE R 57 33.37 6.32 38.97
CA PHE R 57 33.97 6.80 40.24
C PHE R 57 34.64 8.16 40.02
N VAL R 58 35.36 8.30 38.91
CA VAL R 58 36.07 9.56 38.53
C VAL R 58 35.05 10.71 38.49
N TRP R 59 33.91 10.46 37.84
CA TRP R 59 32.76 11.41 37.80
C TRP R 59 32.31 11.70 39.23
N LEU R 60 32.02 10.65 40.00
CA LEU R 60 31.47 10.74 41.39
C LEU R 60 32.37 11.66 42.23
N ARG R 61 33.69 11.50 42.13
CA ARG R 61 34.64 12.32 42.93
C ARG R 61 34.49 13.78 42.54
N LYS R 62 34.54 14.10 41.24
CA LYS R 62 34.36 15.49 40.75
C LYS R 62 33.05 16.07 41.29
N GLN R 63 31.98 15.25 41.31
CA GLN R 63 30.63 15.68 41.79
C GLN R 63 30.67 15.91 43.31
N LEU R 64 31.33 15.03 44.06
CA LEU R 64 31.47 15.17 45.54
C LEU R 64 32.20 16.48 45.84
N GLN R 65 33.20 16.84 45.03
CA GLN R 65 34.06 18.04 45.26
C GLN R 65 33.23 19.32 45.08
N ARG R 66 32.34 19.38 44.09
CA ARG R 66 31.41 20.52 43.88
C ARG R 66 30.65 20.79 45.19
N ASN R 67 29.83 19.83 45.63
CA ASN R 67 28.83 19.99 46.72
C ASN R 67 29.51 20.11 48.09
N ALA R 68 30.74 19.60 48.21
CA ALA R 68 31.49 19.52 49.49
C ALA R 68 32.19 20.87 49.79
N GLY R 69 32.12 21.84 48.89
CA GLY R 69 32.49 23.24 49.19
C GLY R 69 33.91 23.38 49.67
N LEU R 70 34.25 23.05 50.92
CA LEU R 70 35.60 23.20 51.54
C LEU R 70 36.12 21.85 52.09
N VAL R 71 35.29 20.81 52.05
CA VAL R 71 35.56 19.53 52.76
C VAL R 71 36.47 18.71 51.86
N PRO R 72 37.60 18.16 52.38
CA PRO R 72 38.47 17.31 51.57
C PRO R 72 37.73 16.04 51.14
N VAL R 73 37.87 15.65 49.87
CA VAL R 73 37.27 14.42 49.27
C VAL R 73 38.39 13.40 49.06
N PRO R 74 38.27 12.18 49.62
CA PRO R 74 39.30 11.15 49.46
C PRO R 74 39.78 10.96 48.01
N GLU R 75 40.99 10.45 47.85
CA GLU R 75 41.65 10.20 46.53
C GLU R 75 41.18 8.87 45.95
N LEU R 76 41.19 8.76 44.63
CA LEU R 76 41.00 7.47 43.89
C LEU R 76 42.37 6.89 43.57
N PRO R 77 42.52 5.58 43.38
CA PRO R 77 43.80 4.98 43.08
C PRO R 77 44.41 5.25 41.68
N GLY R 78 44.42 4.32 40.69
CA GLY R 78 45.56 4.05 39.79
C GLY R 78 45.63 5.07 38.65
N LYS R 79 46.76 5.10 37.95
CA LYS R 79 46.89 5.46 36.48
C LYS R 79 47.32 4.21 35.68
N SER R 80 48.36 4.32 34.83
CA SER R 80 48.83 3.25 33.91
C SER R 80 50.03 3.73 33.08
N SER R 86 47.34 -7.96 34.44
CA SER R 86 46.01 -7.41 34.77
C SER R 86 45.67 -7.81 36.21
N ASP R 87 45.27 -9.07 36.43
CA ASP R 87 44.51 -9.54 37.62
C ASP R 87 45.04 -8.89 38.91
N GLU R 88 46.35 -8.62 38.98
CA GLU R 88 46.99 -7.94 40.15
C GLU R 88 46.54 -6.47 40.23
N PHE R 89 46.57 -5.76 39.10
CA PHE R 89 46.19 -4.32 39.00
C PHE R 89 44.71 -4.16 39.38
N ILE R 90 43.83 -4.92 38.72
CA ILE R 90 42.37 -5.03 39.03
C ILE R 90 42.20 -5.10 40.54
N GLU R 91 42.91 -6.01 41.21
CA GLU R 91 42.79 -6.27 42.67
C GLU R 91 43.33 -5.08 43.46
N LYS R 92 44.40 -4.41 43.01
CA LYS R 92 44.96 -3.21 43.67
C LYS R 92 43.93 -2.08 43.61
N ARG R 93 43.40 -1.83 42.41
CA ARG R 93 42.33 -0.82 42.14
C ARG R 93 41.09 -1.17 42.98
N ARG R 94 40.66 -2.43 42.96
CA ARG R 94 39.46 -2.91 43.71
C ARG R 94 39.56 -2.44 45.17
N GLN R 95 40.70 -2.69 45.82
CA GLN R 95 40.98 -2.27 47.22
C GLN R 95 40.92 -0.73 47.31
N GLY R 96 41.59 -0.05 46.38
CA GLY R 96 41.63 1.42 46.30
C GLY R 96 40.24 2.02 46.23
N LEU R 97 39.37 1.48 45.37
CA LEU R 97 37.96 1.91 45.22
C LEU R 97 37.21 1.70 46.54
N GLN R 98 37.35 0.52 47.15
CA GLN R 98 36.70 0.20 48.45
C GLN R 98 37.19 1.21 49.50
N HIS R 99 38.50 1.40 49.61
CA HIS R 99 39.13 2.38 50.54
C HIS R 99 38.49 3.76 50.33
N PHE R 100 38.40 4.21 49.08
CA PHE R 100 37.83 5.52 48.68
C PHE R 100 36.42 5.67 49.24
N LEU R 101 35.56 4.67 49.02
CA LEU R 101 34.14 4.69 49.47
C LEU R 101 34.09 4.66 51.00
N GLU R 102 34.85 3.77 51.64
CA GLU R 102 34.96 3.66 53.12
C GLU R 102 35.22 5.05 53.70
N LYS R 103 36.22 5.76 53.16
CA LYS R 103 36.62 7.13 53.59
C LYS R 103 35.48 8.12 53.34
N VAL R 104 34.88 8.08 52.14
CA VAL R 104 33.77 9.00 51.74
C VAL R 104 32.60 8.83 52.71
N LEU R 105 32.30 7.60 53.14
CA LEU R 105 31.12 7.29 53.98
C LEU R 105 31.34 7.74 55.43
N GLN R 106 32.57 8.10 55.81
CA GLN R 106 32.91 8.57 57.18
C GLN R 106 32.77 10.10 57.26
N SER R 107 32.98 10.83 56.15
CA SER R 107 32.70 12.28 56.05
C SER R 107 31.18 12.49 55.98
N VAL R 108 30.60 13.08 57.03
CA VAL R 108 29.13 13.19 57.22
C VAL R 108 28.56 14.11 56.14
N VAL R 109 29.33 15.13 55.74
CA VAL R 109 28.95 16.09 54.66
C VAL R 109 28.82 15.31 53.34
N LEU R 110 29.86 14.57 52.96
CA LEU R 110 29.92 13.78 51.70
C LEU R 110 28.80 12.74 51.70
N LEU R 111 28.55 12.10 52.85
CA LEU R 111 27.52 11.05 53.04
C LEU R 111 26.14 11.57 52.66
N SER R 112 25.90 12.88 52.83
CA SER R 112 24.60 13.55 52.60
C SER R 112 24.44 14.01 51.15
N ASP R 113 25.41 13.75 50.28
CA ASP R 113 25.30 14.05 48.82
C ASP R 113 24.28 13.08 48.21
N SER R 114 23.27 13.61 47.52
CA SER R 114 22.19 12.83 46.85
C SER R 114 22.78 12.05 45.67
N GLN R 115 23.70 12.66 44.92
CA GLN R 115 24.36 12.02 43.75
C GLN R 115 25.15 10.80 44.19
N LEU R 116 25.78 10.83 45.37
CA LEU R 116 26.49 9.66 45.97
C LEU R 116 25.46 8.57 46.27
N HIS R 117 24.34 8.93 46.88
CA HIS R 117 23.26 8.00 47.28
C HIS R 117 22.72 7.27 46.04
N LEU R 118 22.55 7.98 44.92
CA LEU R 118 22.09 7.39 43.64
C LEU R 118 23.19 6.48 43.05
N PHE R 119 24.45 6.93 43.09
CA PHE R 119 25.62 6.17 42.57
C PHE R 119 25.70 4.80 43.27
N LEU R 120 25.41 4.73 44.58
CA LEU R 120 25.67 3.55 45.44
C LEU R 120 24.46 2.62 45.47
N GLN R 121 23.25 3.15 45.24
CA GLN R 121 21.97 2.42 45.51
C GLN R 121 21.05 2.37 44.27
N SER R 122 21.16 3.29 43.31
CA SER R 122 20.41 3.24 42.03
C SER R 122 21.19 2.43 41.01
N GLN R 123 20.51 1.83 40.04
CA GLN R 123 21.13 1.28 38.82
C GLN R 123 20.93 2.31 37.70
N LEU R 124 20.90 3.59 38.06
CA LEU R 124 20.83 4.72 37.09
C LEU R 124 22.20 4.88 36.43
N SER R 125 22.22 5.32 35.17
CA SER R 125 23.43 5.81 34.46
C SER R 125 23.91 7.06 35.18
N VAL R 126 25.09 7.58 34.80
CA VAL R 126 25.57 8.90 35.30
C VAL R 126 24.64 9.99 34.76
N PRO R 127 24.45 10.10 33.42
CA PRO R 127 23.50 11.08 32.88
C PRO R 127 22.10 11.05 33.52
N GLU R 128 21.61 9.86 33.87
CA GLU R 128 20.30 9.66 34.54
C GLU R 128 20.34 10.24 35.96
N ILE R 129 21.50 10.18 36.63
CA ILE R 129 21.71 10.78 37.98
C ILE R 129 21.79 12.31 37.83
N GLU R 130 22.53 12.79 36.84
CA GLU R 130 22.65 14.24 36.51
C GLU R 130 21.25 14.80 36.20
N ALA R 131 20.36 13.97 35.67
CA ALA R 131 18.94 14.31 35.40
C ALA R 131 18.16 14.36 36.71
N CYS R 132 18.09 13.24 37.46
CA CYS R 132 17.29 13.09 38.71
C CYS R 132 17.61 14.26 39.67
N VAL R 133 18.59 15.10 39.36
CA VAL R 133 19.08 16.26 40.15
C VAL R 133 19.15 17.51 39.25
N GLN R 134 18.18 17.71 38.38
CA GLN R 134 18.20 18.80 37.39
C GLN R 134 17.84 20.17 37.99
N GLY R 135 16.75 20.25 38.76
CA GLY R 135 16.03 21.49 39.06
C GLY R 135 16.92 22.54 39.66
N ARG R 136 18.12 22.16 40.11
CA ARG R 136 19.11 23.09 40.69
C ARG R 136 18.52 23.71 41.97
N SER R 137 17.19 23.70 42.11
CA SER R 137 16.48 24.67 43.00
C SER R 137 15.01 24.28 43.26
N THR R 138 14.58 24.13 44.52
CA THR R 138 13.31 23.45 44.85
C THR R 138 12.30 24.53 45.27
N THR R 140 14.43 26.95 47.51
CA THR R 140 15.47 27.94 47.67
C THR R 140 15.41 28.99 46.54
N VAL R 141 14.23 29.55 46.31
CA VAL R 141 13.84 30.35 45.09
C VAL R 141 12.71 31.30 45.48
N SER R 142 12.75 32.52 44.94
CA SER R 142 11.81 33.64 45.27
C SER R 142 10.37 33.18 45.07
N ASP R 143 9.50 33.44 46.05
CA ASP R 143 8.06 33.05 46.01
C ASP R 143 7.38 33.78 44.84
N ALA R 144 8.19 34.39 43.95
CA ALA R 144 7.74 35.06 42.71
C ALA R 144 8.09 34.20 41.49
N ILE R 145 9.33 33.70 41.42
CA ILE R 145 9.80 32.77 40.35
C ILE R 145 9.03 31.46 40.44
N LEU R 146 8.76 30.99 41.67
CA LEU R 146 7.99 29.75 41.96
C LEU R 146 6.53 29.90 41.50
N ARG R 147 5.92 31.07 41.64
CA ARG R 147 4.50 31.30 41.25
C ARG R 147 4.39 31.41 39.72
N TYR R 148 5.43 31.94 39.08
CA TYR R 148 5.56 32.05 37.60
C TYR R 148 5.69 30.64 37.00
N ALA R 149 6.41 29.77 37.71
CA ALA R 149 6.63 28.34 37.35
C ALA R 149 5.33 27.56 37.46
N SER R 151 2.27 28.33 37.05
CA SER R 151 1.25 28.60 36.06
C SER R 151 1.77 28.21 34.66
N ASN R 152 1.07 27.32 33.94
CA ASN R 152 1.50 26.78 32.62
C ASN R 152 0.33 26.19 31.81
N LEU R 153 0.61 25.79 30.55
CA LEU R 153 -0.18 24.80 29.77
C LEU R 153 0.79 24.07 28.81
N VAL S 10 -28.14 -17.47 -34.92
CA VAL S 10 -27.13 -18.10 -35.83
C VAL S 10 -25.87 -17.20 -35.82
N ILE S 11 -24.69 -17.84 -35.77
CA ILE S 11 -23.35 -17.19 -35.90
C ILE S 11 -22.65 -17.82 -37.11
N THR S 12 -22.18 -16.98 -38.04
CA THR S 12 -21.41 -17.39 -39.24
C THR S 12 -20.03 -16.74 -39.18
N VAL S 13 -18.98 -17.52 -39.41
CA VAL S 13 -17.57 -17.03 -39.47
C VAL S 13 -16.93 -17.56 -40.76
N ARG S 14 -16.39 -16.66 -41.57
CA ARG S 14 -15.55 -16.99 -42.75
C ARG S 14 -14.19 -16.30 -42.58
N VAL S 15 -13.12 -16.99 -43.00
CA VAL S 15 -11.73 -16.44 -43.04
C VAL S 15 -11.37 -16.29 -44.52
N GLN S 16 -11.34 -15.06 -45.02
CA GLN S 16 -11.20 -14.76 -46.47
C GLN S 16 -9.96 -13.88 -46.69
N ASP S 17 -9.68 -13.57 -47.96
CA ASP S 17 -8.80 -12.44 -48.40
C ASP S 17 -7.46 -12.49 -47.68
N PRO S 18 -6.63 -13.54 -47.88
CA PRO S 18 -5.25 -13.50 -47.40
C PRO S 18 -4.49 -12.38 -48.12
N ARG S 19 -3.67 -11.62 -47.40
CA ARG S 19 -2.92 -10.46 -47.95
C ARG S 19 -1.53 -10.39 -47.28
N VAL S 20 -0.54 -9.91 -48.03
CA VAL S 20 0.85 -9.68 -47.56
C VAL S 20 0.96 -8.21 -47.13
N GLN S 21 0.96 -7.96 -45.82
CA GLN S 21 1.24 -6.63 -45.24
C GLN S 21 2.75 -6.42 -45.29
N ASN S 22 3.19 -5.19 -45.58
CA ASN S 22 4.62 -4.77 -45.65
C ASN S 22 5.38 -5.61 -46.67
N GLU S 23 5.00 -5.53 -47.95
CA GLU S 23 5.66 -6.27 -49.07
C GLU S 23 7.18 -6.04 -48.99
N GLY S 24 7.97 -7.10 -49.16
CA GLY S 24 9.40 -7.00 -49.52
C GLY S 24 10.31 -6.63 -48.36
N SER S 25 9.87 -5.75 -47.45
CA SER S 25 10.62 -5.38 -46.22
C SER S 25 10.64 -6.56 -45.24
N TRP S 26 11.60 -6.58 -44.34
CA TRP S 26 11.93 -7.73 -43.44
C TRP S 26 10.72 -8.09 -42.55
N ASN S 27 9.95 -7.11 -42.09
CA ASN S 27 8.72 -7.34 -41.27
C ASN S 27 7.52 -7.60 -42.19
N SER S 28 7.76 -8.12 -43.39
CA SER S 28 6.75 -8.74 -44.30
C SER S 28 6.02 -9.84 -43.51
N TYR S 29 4.69 -9.93 -43.66
CA TYR S 29 3.87 -11.03 -43.07
C TYR S 29 2.52 -11.15 -43.79
N VAL S 30 1.84 -12.28 -43.58
CA VAL S 30 0.48 -12.58 -44.14
C VAL S 30 -0.55 -12.50 -43.01
N ASP S 31 -1.61 -11.73 -43.20
CA ASP S 31 -2.80 -11.75 -42.31
C ASP S 31 -4.01 -12.19 -43.13
N TYR S 32 -5.10 -12.57 -42.44
CA TYR S 32 -6.34 -13.13 -43.01
C TYR S 32 -7.49 -12.28 -42.45
N LYS S 33 -8.49 -11.99 -43.29
CA LYS S 33 -9.71 -11.25 -42.88
C LYS S 33 -10.67 -12.24 -42.22
N ILE S 34 -11.13 -11.95 -41.00
CA ILE S 34 -12.15 -12.75 -40.28
C ILE S 34 -13.47 -11.97 -40.33
N PHE S 35 -14.41 -12.48 -41.14
CA PHE S 35 -15.78 -11.94 -41.33
C PHE S 35 -16.72 -12.75 -40.44
N LEU S 36 -17.14 -12.15 -39.32
CA LEU S 36 -18.12 -12.72 -38.36
C LEU S 36 -19.48 -12.07 -38.60
N HIS S 37 -20.43 -12.84 -39.14
CA HIS S 37 -21.81 -12.41 -39.48
C HIS S 37 -22.78 -13.14 -38.55
N THR S 38 -23.42 -12.39 -37.65
CA THR S 38 -24.42 -12.93 -36.67
C THR S 38 -25.78 -12.28 -36.93
N ASN S 39 -26.86 -13.02 -36.69
CA ASN S 39 -28.23 -12.56 -36.97
C ASN S 39 -29.16 -13.06 -35.85
N SER S 40 -29.97 -12.16 -35.39
CA SER S 40 -30.99 -12.28 -34.31
C SER S 40 -32.15 -11.54 -34.91
N LYS S 41 -33.43 -11.81 -34.56
CA LYS S 41 -34.60 -11.08 -35.06
C LYS S 41 -34.66 -9.64 -34.49
N ALA S 42 -33.81 -9.32 -33.51
CA ALA S 42 -33.62 -7.97 -32.94
C ALA S 42 -33.05 -7.01 -33.99
N PHE S 43 -31.97 -7.43 -34.68
CA PHE S 43 -31.22 -6.70 -35.72
C PHE S 43 -31.81 -6.99 -37.12
N THR S 44 -31.07 -6.68 -38.19
CA THR S 44 -31.17 -7.33 -39.52
C THR S 44 -29.95 -8.23 -39.68
N ALA S 45 -28.77 -7.67 -39.97
CA ALA S 45 -27.44 -8.35 -39.95
C ALA S 45 -26.54 -7.57 -38.98
N LYS S 46 -25.89 -8.26 -38.02
CA LYS S 46 -24.66 -7.78 -37.31
C LYS S 46 -23.49 -8.37 -38.09
N THR S 47 -22.53 -7.54 -38.48
CA THR S 47 -21.33 -7.90 -39.28
C THR S 47 -20.08 -7.31 -38.61
N SER S 48 -18.98 -8.04 -38.61
CA SER S 48 -17.67 -7.55 -38.08
C SER S 48 -16.54 -8.07 -38.99
N CYS S 49 -15.44 -7.33 -39.05
CA CYS S 49 -14.33 -7.46 -40.02
C CYS S 49 -13.03 -7.13 -39.27
N VAL S 50 -12.16 -8.12 -39.06
CA VAL S 50 -10.82 -7.88 -38.45
C VAL S 50 -9.78 -8.72 -39.22
N ARG S 51 -8.56 -8.20 -39.36
CA ARG S 51 -7.41 -8.90 -39.95
C ARG S 51 -6.58 -9.50 -38.83
N ARG S 52 -6.16 -10.77 -38.96
CA ARG S 52 -5.38 -11.49 -37.93
C ARG S 52 -4.27 -12.32 -38.57
N ARG S 53 -3.03 -12.17 -38.09
CA ARG S 53 -1.86 -13.02 -38.41
C ARG S 53 -2.15 -14.45 -37.93
N TYR S 54 -1.39 -15.44 -38.42
CA TYR S 54 -1.52 -16.84 -37.93
C TYR S 54 -1.05 -16.89 -36.47
N ARG S 55 0.03 -16.17 -36.16
CA ARG S 55 0.63 -16.15 -34.79
C ARG S 55 -0.42 -15.67 -33.78
N GLU S 56 -1.36 -14.83 -34.21
CA GLU S 56 -2.45 -14.32 -33.35
C GLU S 56 -3.40 -15.49 -33.01
N PHE S 57 -3.70 -16.36 -33.98
CA PHE S 57 -4.54 -17.58 -33.76
C PHE S 57 -3.84 -18.51 -32.77
N VAL S 58 -2.53 -18.68 -32.92
CA VAL S 58 -1.69 -19.55 -32.04
C VAL S 58 -1.86 -19.07 -30.60
N TRP S 59 -1.77 -17.76 -30.39
CA TRP S 59 -2.02 -17.11 -29.08
C TRP S 59 -3.44 -17.45 -28.61
N LEU S 60 -4.44 -17.19 -29.46
CA LEU S 60 -5.88 -17.35 -29.16
C LEU S 60 -6.14 -18.77 -28.65
N ARG S 61 -5.55 -19.78 -29.30
CA ARG S 61 -5.76 -21.20 -28.92
C ARG S 61 -5.21 -21.42 -27.51
N LYS S 62 -3.97 -21.01 -27.25
CA LYS S 62 -3.34 -21.13 -25.91
C LYS S 62 -4.24 -20.46 -24.87
N GLN S 63 -4.83 -19.31 -25.19
CA GLN S 63 -5.72 -18.53 -24.28
C GLN S 63 -7.03 -19.29 -24.06
N LEU S 64 -7.61 -19.85 -25.12
CA LEU S 64 -8.86 -20.66 -25.03
C LEU S 64 -8.62 -21.86 -24.09
N GLN S 65 -7.44 -22.46 -24.16
CA GLN S 65 -7.08 -23.69 -23.39
C GLN S 65 -7.00 -23.36 -21.89
N ARG S 66 -6.46 -22.21 -21.50
CA ARG S 66 -6.44 -21.74 -20.09
C ARG S 66 -7.86 -21.76 -19.53
N ASN S 67 -8.76 -20.94 -20.10
CA ASN S 67 -10.09 -20.63 -19.53
C ASN S 67 -11.03 -21.85 -19.67
N ALA S 68 -10.76 -22.75 -20.61
CA ALA S 68 -11.63 -23.90 -20.95
C ALA S 68 -11.38 -25.08 -19.99
N GLY S 69 -10.39 -24.95 -19.08
CA GLY S 69 -10.04 -25.98 -18.09
C GLY S 69 -9.76 -27.33 -18.74
N LEU S 70 -10.81 -28.09 -19.01
CA LEU S 70 -10.75 -29.50 -19.48
C LEU S 70 -11.68 -29.71 -20.68
N VAL S 71 -12.20 -28.63 -21.27
CA VAL S 71 -13.00 -28.68 -22.54
C VAL S 71 -12.00 -28.75 -23.69
N PRO S 72 -12.16 -29.70 -24.63
CA PRO S 72 -11.26 -29.79 -25.77
C PRO S 72 -11.36 -28.54 -26.64
N VAL S 73 -10.20 -28.01 -27.07
CA VAL S 73 -10.08 -26.81 -27.96
C VAL S 73 -9.64 -27.31 -29.33
N PRO S 74 -10.40 -27.03 -30.41
CA PRO S 74 -10.04 -27.47 -31.75
C PRO S 74 -8.58 -27.19 -32.13
N GLU S 75 -8.04 -27.96 -33.07
CA GLU S 75 -6.63 -27.87 -33.55
C GLU S 75 -6.51 -26.76 -34.60
N LEU S 76 -5.32 -26.16 -34.72
CA LEU S 76 -4.97 -25.25 -35.84
C LEU S 76 -4.24 -26.06 -36.90
N PRO S 77 -4.29 -25.65 -38.19
CA PRO S 77 -3.40 -26.24 -39.20
C PRO S 77 -1.93 -25.85 -38.98
N GLY S 78 -1.03 -26.84 -38.85
CA GLY S 78 0.42 -26.63 -38.67
C GLY S 78 1.11 -26.15 -39.94
N LYS S 79 2.42 -26.35 -40.00
CA LYS S 79 3.26 -26.01 -41.20
C LYS S 79 3.88 -27.25 -41.82
N SER S 80 4.02 -28.37 -41.09
CA SER S 80 4.60 -29.66 -41.59
C SER S 80 4.89 -29.65 -43.10
N THR S 81 6.12 -29.29 -43.51
CA THR S 81 6.47 -28.74 -44.85
C THR S 81 5.81 -29.52 -45.99
N PHE S 82 4.58 -29.13 -46.36
CA PHE S 82 3.86 -29.54 -47.59
C PHE S 82 4.38 -28.73 -48.79
N PHE S 83 4.81 -29.43 -49.84
CA PHE S 83 5.52 -28.87 -51.03
C PHE S 83 4.54 -28.70 -52.20
N GLY S 84 3.31 -28.22 -51.95
CA GLY S 84 2.46 -27.49 -52.95
C GLY S 84 3.09 -26.16 -53.36
N THR S 85 2.34 -25.30 -54.05
CA THR S 85 2.75 -23.90 -54.36
C THR S 85 2.63 -23.07 -53.08
N SER S 86 3.03 -21.80 -53.12
CA SER S 86 2.73 -20.80 -52.07
C SER S 86 1.22 -20.61 -51.97
N ASP S 87 0.62 -19.93 -52.97
CA ASP S 87 -0.84 -19.64 -53.06
C ASP S 87 -1.68 -20.84 -52.60
N GLU S 88 -1.20 -22.07 -52.83
CA GLU S 88 -1.88 -23.33 -52.40
C GLU S 88 -1.83 -23.46 -50.88
N PHE S 89 -0.67 -23.22 -50.25
CA PHE S 89 -0.48 -23.33 -48.78
C PHE S 89 -1.39 -22.32 -48.07
N ILE S 90 -1.27 -21.05 -48.45
CA ILE S 90 -2.15 -19.93 -48.00
C ILE S 90 -3.60 -20.41 -47.97
N GLU S 91 -4.08 -21.00 -49.07
CA GLU S 91 -5.48 -21.45 -49.24
C GLU S 91 -5.78 -22.65 -48.33
N LYS S 92 -4.82 -23.55 -48.12
CA LYS S 92 -4.99 -24.72 -47.22
C LYS S 92 -5.15 -24.21 -45.78
N ARG S 93 -4.24 -23.33 -45.36
CA ARG S 93 -4.24 -22.66 -44.03
C ARG S 93 -5.55 -21.89 -43.87
N ARG S 94 -5.92 -21.08 -44.87
CA ARG S 94 -7.16 -20.25 -44.85
C ARG S 94 -8.36 -21.13 -44.43
N GLN S 95 -8.54 -22.27 -45.09
CA GLN S 95 -9.61 -23.24 -44.81
C GLN S 95 -9.46 -23.76 -43.37
N GLY S 96 -8.24 -24.16 -43.01
CA GLY S 96 -7.90 -24.66 -41.67
C GLY S 96 -8.29 -23.69 -40.57
N LEU S 97 -7.95 -22.40 -40.75
CA LEU S 97 -8.29 -21.31 -39.80
C LEU S 97 -9.81 -21.19 -39.69
N GLN S 98 -10.51 -21.15 -40.83
CA GLN S 98 -11.99 -21.06 -40.87
C GLN S 98 -12.58 -22.26 -40.12
N HIS S 99 -12.12 -23.48 -40.44
CA HIS S 99 -12.56 -24.73 -39.78
C HIS S 99 -12.39 -24.59 -38.27
N PHE S 100 -11.21 -24.14 -37.82
CA PHE S 100 -10.86 -23.96 -36.39
C PHE S 100 -11.89 -23.06 -35.70
N LEU S 101 -12.19 -21.90 -36.29
CA LEU S 101 -13.15 -20.93 -35.72
C LEU S 101 -14.57 -21.53 -35.72
N GLU S 102 -14.99 -22.13 -36.84
CA GLU S 102 -16.30 -22.81 -36.97
C GLU S 102 -16.49 -23.77 -35.79
N LYS S 103 -15.49 -24.62 -35.52
CA LYS S 103 -15.49 -25.61 -34.41
C LYS S 103 -15.55 -24.88 -33.06
N VAL S 104 -14.71 -23.87 -32.87
CA VAL S 104 -14.61 -23.07 -31.60
C VAL S 104 -15.98 -22.46 -31.29
N LEU S 105 -16.69 -21.97 -32.31
CA LEU S 105 -17.98 -21.23 -32.14
C LEU S 105 -19.12 -22.20 -31.78
N GLN S 106 -18.92 -23.51 -31.93
CA GLN S 106 -19.94 -24.55 -31.61
C GLN S 106 -19.80 -25.00 -30.15
N SER S 107 -18.59 -24.95 -29.58
CA SER S 107 -18.35 -25.19 -28.13
C SER S 107 -18.85 -23.97 -27.35
N VAL S 108 -19.92 -24.15 -26.57
CA VAL S 108 -20.65 -23.04 -25.89
C VAL S 108 -19.74 -22.42 -24.83
N VAL S 109 -18.89 -23.24 -24.20
CA VAL S 109 -17.90 -22.79 -23.18
C VAL S 109 -16.91 -21.84 -23.84
N LEU S 110 -16.29 -22.28 -24.95
CA LEU S 110 -15.26 -21.51 -25.69
C LEU S 110 -15.89 -20.21 -26.22
N LEU S 111 -17.14 -20.28 -26.70
CA LEU S 111 -17.90 -19.14 -27.28
C LEU S 111 -18.01 -18.01 -26.25
N SER S 112 -18.03 -18.35 -24.95
CA SER S 112 -18.23 -17.40 -23.83
C SER S 112 -16.90 -16.79 -23.36
N ASP S 113 -15.77 -17.14 -23.98
CA ASP S 113 -14.45 -16.52 -23.67
C ASP S 113 -14.47 -15.08 -24.17
N SER S 114 -14.14 -14.12 -23.29
CA SER S 114 -14.10 -12.66 -23.59
C SER S 114 -12.94 -12.37 -24.55
N GLN S 115 -11.80 -13.04 -24.36
CA GLN S 115 -10.59 -12.87 -25.21
C GLN S 115 -10.89 -13.29 -26.65
N LEU S 116 -11.71 -14.34 -26.85
CA LEU S 116 -12.17 -14.77 -28.20
C LEU S 116 -13.03 -13.67 -28.81
N HIS S 117 -13.97 -13.12 -28.04
CA HIS S 117 -14.91 -12.06 -28.46
C HIS S 117 -14.13 -10.84 -28.94
N LEU S 118 -13.06 -10.47 -28.23
CA LEU S 118 -12.18 -9.31 -28.61
C LEU S 118 -11.38 -9.67 -29.87
N PHE S 119 -10.84 -10.89 -29.95
CA PHE S 119 -10.05 -11.39 -31.10
C PHE S 119 -10.87 -11.27 -32.39
N LEU S 120 -12.17 -11.58 -32.33
CA LEU S 120 -13.07 -11.75 -33.52
C LEU S 120 -13.72 -10.42 -33.91
N GLN S 121 -13.90 -9.50 -32.96
CA GLN S 121 -14.76 -8.29 -33.13
C GLN S 121 -14.02 -6.97 -32.82
N SER S 122 -12.94 -6.98 -32.03
CA SER S 122 -12.09 -5.78 -31.78
C SER S 122 -11.00 -5.73 -32.84
N GLN S 123 -10.50 -4.53 -33.15
CA GLN S 123 -9.25 -4.33 -33.93
C GLN S 123 -8.13 -4.07 -32.93
N LEU S 124 -8.24 -4.62 -31.72
CA LEU S 124 -7.19 -4.53 -30.68
C LEU S 124 -6.03 -5.46 -31.07
N SER S 125 -4.81 -5.09 -30.69
CA SER S 125 -3.62 -5.97 -30.71
C SER S 125 -3.86 -7.12 -29.71
N VAL S 126 -2.98 -8.11 -29.68
CA VAL S 126 -3.03 -9.19 -28.65
C VAL S 126 -2.70 -8.56 -27.29
N PRO S 127 -1.55 -7.86 -27.12
CA PRO S 127 -1.26 -7.17 -25.87
C PRO S 127 -2.39 -6.26 -25.35
N GLU S 128 -3.10 -5.60 -26.27
CA GLU S 128 -4.25 -4.71 -25.95
C GLU S 128 -5.43 -5.55 -25.41
N ILE S 129 -5.59 -6.78 -25.90
CA ILE S 129 -6.64 -7.74 -25.42
C ILE S 129 -6.21 -8.27 -24.04
N GLU S 130 -4.94 -8.63 -23.89
CA GLU S 130 -4.35 -9.09 -22.59
C GLU S 130 -4.54 -7.97 -21.54
N ALA S 131 -4.53 -6.72 -21.97
CA ALA S 131 -4.79 -5.52 -21.12
C ALA S 131 -6.28 -5.45 -20.77
N CYS S 132 -7.17 -5.32 -21.78
CA CYS S 132 -8.64 -5.13 -21.60
C CYS S 132 -9.21 -6.22 -20.65
N VAL S 133 -8.39 -7.20 -20.27
CA VAL S 133 -8.74 -8.36 -19.38
C VAL S 133 -7.67 -8.47 -18.28
N VAL T 10 -30.14 -9.77 -58.64
CA VAL T 10 -30.81 -8.44 -58.53
C VAL T 10 -30.37 -7.76 -57.22
N ILE T 11 -30.03 -6.47 -57.33
CA ILE T 11 -29.52 -5.63 -56.19
C ILE T 11 -30.42 -4.42 -56.07
N THR T 12 -30.98 -4.17 -54.89
CA THR T 12 -31.83 -2.98 -54.57
C THR T 12 -31.16 -2.19 -53.45
N VAL T 13 -31.00 -0.87 -53.64
CA VAL T 13 -30.45 0.04 -52.60
C VAL T 13 -31.38 1.25 -52.47
N ARG T 14 -31.85 1.51 -51.25
CA ARG T 14 -32.62 2.73 -50.89
C ARG T 14 -31.87 3.44 -49.77
N VAL T 15 -31.86 4.77 -49.80
CA VAL T 15 -31.31 5.65 -48.73
C VAL T 15 -32.50 6.36 -48.07
N GLN T 16 -32.86 5.95 -46.86
CA GLN T 16 -34.11 6.37 -46.17
C GLN T 16 -33.75 7.02 -44.83
N ASP T 17 -34.77 7.50 -44.11
CA ASP T 17 -34.75 7.82 -42.66
C ASP T 17 -33.55 8.71 -42.32
N PRO T 18 -33.48 9.95 -42.84
CA PRO T 18 -32.49 10.92 -42.36
C PRO T 18 -32.76 11.22 -40.89
N ARG T 19 -31.70 11.29 -40.07
CA ARG T 19 -31.80 11.53 -38.60
C ARG T 19 -30.64 12.43 -38.15
N VAL T 20 -30.89 13.28 -37.16
CA VAL T 20 -29.89 14.19 -36.56
C VAL T 20 -29.32 13.50 -35.31
N GLN T 21 -28.10 12.96 -35.43
CA GLN T 21 -27.34 12.39 -34.29
C GLN T 21 -26.75 13.58 -33.50
N ASN T 22 -26.74 13.49 -32.18
CA ASN T 22 -26.19 14.52 -31.25
C ASN T 22 -26.91 15.86 -31.45
N GLU T 23 -28.22 15.92 -31.20
CA GLU T 23 -29.04 17.15 -31.33
C GLU T 23 -28.35 18.29 -30.57
N GLY T 24 -28.30 19.49 -31.17
CA GLY T 24 -28.04 20.76 -30.45
C GLY T 24 -26.59 20.98 -30.06
N SER T 25 -25.86 19.93 -29.67
CA SER T 25 -24.41 19.99 -29.35
C SER T 25 -23.60 20.23 -30.64
N TRP T 26 -22.39 20.76 -30.51
CA TRP T 26 -21.54 21.24 -31.62
C TRP T 26 -21.23 20.13 -32.62
N ASN T 27 -21.05 18.88 -32.18
CA ASN T 27 -20.79 17.70 -33.05
C ASN T 27 -22.14 17.11 -33.52
N SER T 28 -23.18 17.94 -33.59
CA SER T 28 -24.46 17.66 -34.30
C SER T 28 -24.14 17.29 -35.74
N TYR T 29 -24.81 16.28 -36.30
CA TYR T 29 -24.70 15.90 -37.74
C TYR T 29 -25.90 15.06 -38.18
N VAL T 30 -26.09 14.95 -39.50
CA VAL T 30 -27.17 14.14 -40.13
C VAL T 30 -26.54 12.88 -40.75
N ASP T 31 -27.06 11.70 -40.41
CA ASP T 31 -26.72 10.45 -41.14
C ASP T 31 -27.99 9.92 -41.81
N TYR T 32 -27.82 9.00 -42.75
CA TYR T 32 -28.87 8.42 -43.61
C TYR T 32 -28.76 6.91 -43.48
N LYS T 33 -29.91 6.21 -43.43
CA LYS T 33 -29.98 4.74 -43.39
C LYS T 33 -29.83 4.22 -44.83
N ILE T 34 -28.88 3.33 -45.07
CA ILE T 34 -28.68 2.65 -46.39
C ILE T 34 -29.21 1.21 -46.26
N PHE T 35 -30.35 0.94 -46.88
CA PHE T 35 -31.04 -0.37 -46.94
C PHE T 35 -30.66 -1.02 -48.27
N LEU T 36 -29.75 -2.00 -48.21
CA LEU T 36 -29.31 -2.82 -49.37
C LEU T 36 -30.01 -4.18 -49.31
N HIS T 37 -30.95 -4.43 -50.22
CA HIS T 37 -31.66 -5.74 -50.37
C HIS T 37 -31.19 -6.40 -51.67
N THR T 38 -30.44 -7.49 -51.57
CA THR T 38 -29.87 -8.23 -52.71
C THR T 38 -30.35 -9.68 -52.63
N ASN T 39 -30.12 -10.44 -53.70
CA ASN T 39 -30.01 -11.93 -53.66
C ASN T 39 -28.81 -12.37 -54.50
N SER T 40 -27.85 -11.47 -54.70
CA SER T 40 -26.71 -11.62 -55.63
C SER T 40 -25.57 -12.32 -54.89
N LYS T 41 -24.89 -13.25 -55.57
CA LYS T 41 -23.71 -14.00 -55.03
C LYS T 41 -22.49 -13.06 -54.92
N ALA T 42 -22.55 -11.84 -55.47
CA ALA T 42 -21.52 -10.78 -55.34
C ALA T 42 -21.43 -10.31 -53.89
N PHE T 43 -22.58 -10.02 -53.26
CA PHE T 43 -22.70 -9.54 -51.86
C PHE T 43 -22.87 -10.73 -50.91
N THR T 44 -22.87 -10.42 -49.61
CA THR T 44 -22.88 -11.39 -48.48
C THR T 44 -24.27 -11.34 -47.83
N ALA T 45 -24.58 -10.28 -47.11
CA ALA T 45 -25.91 -9.99 -46.49
C ALA T 45 -26.98 -9.79 -47.57
N LYS T 46 -28.10 -10.49 -47.44
CA LYS T 46 -29.21 -10.48 -48.42
C LYS T 46 -30.25 -9.41 -48.02
N THR T 47 -30.32 -8.99 -46.75
CA THR T 47 -30.81 -7.64 -46.35
C THR T 47 -29.77 -7.01 -45.42
N SER T 48 -29.43 -5.73 -45.58
CA SER T 48 -28.42 -5.04 -44.74
C SER T 48 -28.88 -3.60 -44.49
N CYS T 49 -28.45 -3.04 -43.36
CA CYS T 49 -28.93 -1.78 -42.76
C CYS T 49 -27.74 -1.10 -42.11
N VAL T 50 -27.26 0.03 -42.65
CA VAL T 50 -26.15 0.81 -42.04
C VAL T 50 -26.48 2.29 -42.14
N ARG T 51 -26.06 3.08 -41.15
CA ARG T 51 -26.22 4.55 -41.13
C ARG T 51 -24.88 5.16 -41.60
N ARG T 52 -24.93 6.16 -42.48
CA ARG T 52 -23.72 6.80 -43.06
C ARG T 52 -23.93 8.32 -43.15
N ARG T 53 -22.97 9.09 -42.61
CA ARG T 53 -22.87 10.56 -42.78
C ARG T 53 -22.64 10.87 -44.26
N TYR T 54 -22.84 12.12 -44.68
CA TYR T 54 -22.54 12.56 -46.08
C TYR T 54 -21.02 12.48 -46.28
N ARG T 55 -20.25 12.89 -45.29
CA ARG T 55 -18.77 12.95 -45.38
C ARG T 55 -18.23 11.54 -45.64
N GLU T 56 -18.94 10.50 -45.20
CA GLU T 56 -18.56 9.08 -45.45
C GLU T 56 -18.72 8.77 -46.94
N PHE T 57 -19.78 9.26 -47.58
CA PHE T 57 -20.02 9.12 -49.05
C PHE T 57 -18.89 9.81 -49.82
N VAL T 58 -18.51 11.03 -49.37
CA VAL T 58 -17.43 11.83 -49.99
C VAL T 58 -16.15 10.99 -50.03
N TRP T 59 -15.82 10.36 -48.91
CA TRP T 59 -14.69 9.41 -48.78
C TRP T 59 -14.88 8.29 -49.80
N LEU T 60 -16.04 7.62 -49.76
CA LEU T 60 -16.35 6.43 -50.60
C LEU T 60 -16.09 6.76 -52.07
N ARG T 61 -16.52 7.94 -52.54
CA ARG T 61 -16.35 8.35 -53.95
C ARG T 61 -14.86 8.44 -54.27
N LYS T 62 -14.09 9.17 -53.46
CA LYS T 62 -12.62 9.30 -53.65
C LYS T 62 -11.99 7.90 -53.71
N GLN T 63 -12.45 6.97 -52.86
CA GLN T 63 -11.92 5.58 -52.81
C GLN T 63 -12.30 4.82 -54.08
N LEU T 64 -13.55 4.96 -54.55
CA LEU T 64 -14.03 4.31 -55.80
C LEU T 64 -13.17 4.79 -56.98
N GLN T 65 -12.79 6.08 -56.98
CA GLN T 65 -12.03 6.71 -58.09
C GLN T 65 -10.61 6.13 -58.17
N ARG T 66 -9.96 5.89 -57.03
CA ARG T 66 -8.62 5.22 -56.97
C ARG T 66 -8.69 3.89 -57.74
N ASN T 67 -9.51 2.95 -57.26
CA ASN T 67 -9.52 1.53 -57.71
C ASN T 67 -10.11 1.41 -59.12
N ALA T 68 -10.93 2.38 -59.55
CA ALA T 68 -11.67 2.35 -60.83
C ALA T 68 -10.78 2.81 -61.99
N GLY T 69 -9.55 3.25 -61.70
CA GLY T 69 -8.54 3.64 -62.71
C GLY T 69 -9.08 4.71 -63.66
N LEU T 70 -9.84 4.31 -64.68
CA LEU T 70 -10.32 5.21 -65.76
C LEU T 70 -11.83 5.04 -65.98
N VAL T 71 -12.51 4.28 -65.11
CA VAL T 71 -13.99 4.09 -65.17
C VAL T 71 -14.63 5.31 -64.51
N PRO T 72 -15.62 5.96 -65.17
CA PRO T 72 -16.29 7.11 -64.57
C PRO T 72 -17.05 6.69 -63.30
N VAL T 73 -16.94 7.48 -62.23
CA VAL T 73 -17.62 7.28 -60.92
C VAL T 73 -18.74 8.31 -60.81
N PRO T 74 -20.00 7.90 -60.61
CA PRO T 74 -21.12 8.84 -60.50
C PRO T 74 -20.85 10.01 -59.53
N GLU T 75 -21.55 11.12 -59.74
CA GLU T 75 -21.42 12.38 -58.94
C GLU T 75 -22.24 12.26 -57.65
N LEU T 76 -21.83 12.97 -56.60
CA LEU T 76 -22.64 13.17 -55.37
C LEU T 76 -23.37 14.49 -55.49
N PRO T 77 -24.54 14.68 -54.82
CA PRO T 77 -25.14 16.01 -54.70
C PRO T 77 -24.31 16.95 -53.80
N GLY T 78 -23.88 18.10 -54.33
CA GLY T 78 -23.03 19.08 -53.65
C GLY T 78 -23.71 19.81 -52.49
N LYS T 79 -22.94 20.61 -51.79
CA LYS T 79 -23.44 21.54 -50.71
C LYS T 79 -23.12 22.98 -51.14
N SER T 80 -24.08 23.93 -51.11
CA SER T 80 -23.81 25.40 -51.19
C SER T 80 -24.00 26.06 -49.81
N THR T 81 -23.96 27.40 -49.77
CA THR T 81 -24.16 28.34 -48.64
C THR T 81 -24.55 27.70 -47.30
N PHE T 82 -24.25 26.41 -47.11
CA PHE T 82 -24.54 25.59 -45.89
C PHE T 82 -26.03 25.55 -45.55
N THR T 85 -29.27 22.55 -43.29
CA THR T 85 -30.42 23.42 -43.59
C THR T 85 -31.67 22.56 -43.91
N SER T 86 -32.80 23.20 -44.13
CA SER T 86 -34.14 22.54 -43.97
C SER T 86 -34.49 21.15 -44.63
N ASP T 87 -35.51 20.59 -44.00
CA ASP T 87 -36.16 19.28 -44.31
C ASP T 87 -36.21 19.03 -45.82
N GLU T 88 -36.34 20.08 -46.63
CA GLU T 88 -36.35 20.02 -48.13
C GLU T 88 -34.96 19.63 -48.64
N PHE T 89 -33.89 20.27 -48.13
CA PHE T 89 -32.49 20.01 -48.55
C PHE T 89 -32.11 18.55 -48.23
N ILE T 90 -32.30 18.16 -46.97
CA ILE T 90 -32.15 16.76 -46.47
C ILE T 90 -32.74 15.80 -47.50
N GLU T 91 -34.00 16.04 -47.91
CA GLU T 91 -34.77 15.17 -48.83
C GLU T 91 -34.16 15.21 -50.24
N LYS T 92 -33.67 16.37 -50.69
CA LYS T 92 -33.01 16.51 -52.02
C LYS T 92 -31.72 15.69 -52.03
N ARG T 93 -30.90 15.86 -51.00
CA ARG T 93 -29.63 15.11 -50.77
C ARG T 93 -29.95 13.62 -50.67
N ARG T 94 -30.94 13.23 -49.87
CA ARG T 94 -31.36 11.82 -49.65
C ARG T 94 -31.54 11.15 -51.02
N GLN T 95 -32.31 11.76 -51.92
CA GLN T 95 -32.56 11.27 -53.30
C GLN T 95 -31.23 11.19 -54.06
N GLY T 96 -30.43 12.26 -53.99
CA GLY T 96 -29.11 12.35 -54.63
C GLY T 96 -28.19 11.21 -54.22
N LEU T 97 -28.11 10.92 -52.92
CA LEU T 97 -27.31 9.81 -52.34
C LEU T 97 -27.82 8.48 -52.91
N GLN T 98 -29.13 8.26 -52.88
CA GLN T 98 -29.76 7.01 -53.41
C GLN T 98 -29.40 6.89 -54.90
N HIS T 99 -29.60 7.95 -55.68
CA HIS T 99 -29.27 8.01 -57.13
C HIS T 99 -27.81 7.59 -57.32
N PHE T 100 -26.90 8.18 -56.55
CA PHE T 100 -25.42 7.93 -56.61
C PHE T 100 -25.15 6.44 -56.44
N LEU T 101 -25.73 5.81 -55.41
CA LEU T 101 -25.52 4.37 -55.11
C LEU T 101 -26.13 3.52 -56.24
N GLU T 102 -27.37 3.82 -56.65
CA GLU T 102 -28.07 3.12 -57.76
C GLU T 102 -27.14 3.07 -58.98
N LYS T 103 -26.55 4.21 -59.36
CA LYS T 103 -25.61 4.35 -60.51
C LYS T 103 -24.34 3.52 -60.25
N VAL T 104 -23.76 3.63 -59.06
CA VAL T 104 -22.51 2.93 -58.66
C VAL T 104 -22.72 1.42 -58.79
N LEU T 105 -23.91 0.92 -58.40
CA LEU T 105 -24.21 -0.54 -58.35
C LEU T 105 -24.42 -1.11 -59.75
N GLN T 106 -24.57 -0.25 -60.78
CA GLN T 106 -24.77 -0.67 -62.19
C GLN T 106 -23.41 -0.80 -62.90
N SER T 107 -22.39 -0.03 -62.49
CA SER T 107 -20.99 -0.19 -62.97
C SER T 107 -20.39 -1.44 -62.32
N VAL T 108 -20.13 -2.47 -63.13
CA VAL T 108 -19.72 -3.83 -62.65
C VAL T 108 -18.34 -3.72 -62.00
N VAL T 109 -17.49 -2.84 -62.52
CA VAL T 109 -16.11 -2.58 -61.97
C VAL T 109 -16.26 -2.02 -60.55
N LEU T 110 -17.04 -0.96 -60.39
CA LEU T 110 -17.26 -0.25 -59.09
C LEU T 110 -17.90 -1.23 -58.10
N LEU T 111 -18.84 -2.05 -58.56
CA LEU T 111 -19.59 -3.05 -57.75
C LEU T 111 -18.62 -4.01 -57.07
N SER T 112 -17.47 -4.28 -57.71
CA SER T 112 -16.46 -5.26 -57.25
C SER T 112 -15.45 -4.63 -56.28
N ASP T 113 -15.59 -3.35 -55.93
CA ASP T 113 -14.74 -2.67 -54.91
C ASP T 113 -15.10 -3.24 -53.54
N SER T 114 -14.11 -3.72 -52.79
CA SER T 114 -14.27 -4.30 -51.44
C SER T 114 -14.66 -3.19 -50.45
N GLN T 115 -14.07 -2.01 -50.59
CA GLN T 115 -14.34 -0.83 -49.72
C GLN T 115 -15.81 -0.41 -49.85
N LEU T 116 -16.39 -0.49 -51.06
CA LEU T 116 -17.83 -0.23 -51.28
C LEU T 116 -18.67 -1.27 -50.53
N HIS T 117 -18.30 -2.55 -50.65
CA HIS T 117 -19.00 -3.71 -50.04
C HIS T 117 -19.03 -3.50 -48.50
N LEU T 118 -17.93 -3.05 -47.90
CA LEU T 118 -17.85 -2.78 -46.44
C LEU T 118 -18.68 -1.55 -46.09
N PHE T 119 -18.63 -0.49 -46.90
CA PHE T 119 -19.40 0.77 -46.70
C PHE T 119 -20.89 0.46 -46.61
N LEU T 120 -21.39 -0.46 -47.45
CA LEU T 120 -22.84 -0.72 -47.66
C LEU T 120 -23.37 -1.78 -46.68
N GLN T 121 -22.51 -2.69 -46.21
CA GLN T 121 -22.94 -3.92 -45.48
C GLN T 121 -22.26 -4.07 -44.11
N SER T 122 -21.10 -3.45 -43.85
CA SER T 122 -20.46 -3.41 -42.51
C SER T 122 -20.98 -2.22 -41.74
N GLN T 123 -20.97 -2.31 -40.41
CA GLN T 123 -21.17 -1.15 -39.51
C GLN T 123 -19.78 -0.68 -39.05
N LEU T 124 -18.75 -0.89 -39.89
CA LEU T 124 -17.37 -0.43 -39.63
C LEU T 124 -17.32 1.08 -39.84
N SER T 125 -16.44 1.77 -39.10
CA SER T 125 -16.04 3.18 -39.36
C SER T 125 -15.32 3.22 -40.71
N VAL T 126 -14.99 4.42 -41.20
CA VAL T 126 -14.15 4.57 -42.42
C VAL T 126 -12.74 4.07 -42.09
N PRO T 127 -12.06 4.60 -41.04
CA PRO T 127 -10.74 4.08 -40.64
C PRO T 127 -10.69 2.54 -40.47
N GLU T 128 -11.76 1.95 -39.95
CA GLU T 128 -11.89 0.48 -39.75
C GLU T 128 -11.95 -0.23 -41.11
N ILE T 129 -12.55 0.41 -42.13
CA ILE T 129 -12.60 -0.12 -43.53
C ILE T 129 -11.21 0.03 -44.16
N GLU T 130 -10.57 1.18 -43.98
CA GLU T 130 -9.18 1.44 -44.46
C GLU T 130 -8.24 0.41 -43.84
N ALA T 131 -8.54 -0.08 -42.64
CA ALA T 131 -7.79 -1.15 -41.94
C ALA T 131 -8.10 -2.51 -42.60
N CYS T 132 -9.36 -2.95 -42.60
CA CYS T 132 -9.81 -4.28 -43.11
C CYS T 132 -9.26 -4.53 -44.53
N VAL T 133 -8.62 -3.51 -45.14
CA VAL T 133 -8.04 -3.51 -46.52
C VAL T 133 -6.62 -2.95 -46.47
N GLN T 134 -5.57 -3.76 -46.41
CA GLN T 134 -4.16 -3.25 -46.44
C GLN T 134 -3.40 -3.81 -47.65
N GLY T 135 -2.13 -4.23 -47.55
CA GLY T 135 -1.26 -4.46 -48.69
C GLY T 135 -1.89 -5.35 -49.75
N ARG T 136 -1.08 -5.70 -50.73
CA ARG T 136 -1.50 -6.47 -51.94
C ARG T 136 -2.00 -7.84 -51.48
N SER T 137 -3.01 -8.37 -52.15
CA SER T 137 -3.47 -9.78 -52.02
C SER T 137 -2.30 -10.78 -52.15
N THR T 138 -2.60 -12.04 -51.84
CA THR T 138 -1.63 -13.18 -51.83
C THR T 138 -1.67 -13.93 -53.16
N THR T 140 -1.81 -11.39 -56.33
CA THR T 140 -1.23 -10.26 -57.05
C THR T 140 0.12 -9.87 -56.43
N VAL T 141 0.97 -10.86 -56.11
CA VAL T 141 2.35 -10.66 -55.56
C VAL T 141 3.26 -11.78 -56.06
N SER T 142 4.52 -11.46 -56.34
CA SER T 142 5.58 -12.41 -56.78
C SER T 142 5.69 -13.55 -55.76
N ASP T 143 5.74 -14.79 -56.24
CA ASP T 143 5.88 -16.02 -55.42
C ASP T 143 7.21 -15.96 -54.67
N ALA T 144 7.88 -14.78 -54.66
CA ALA T 144 9.12 -14.51 -53.92
C ALA T 144 8.82 -13.61 -52.71
N ILE T 145 8.06 -12.53 -52.93
CA ILE T 145 7.62 -11.58 -51.87
C ILE T 145 6.69 -12.33 -50.89
N LEU T 146 5.83 -13.19 -51.44
CA LEU T 146 4.87 -14.01 -50.64
C LEU T 146 5.60 -15.03 -49.77
N ARG T 147 6.71 -15.60 -50.23
CA ARG T 147 7.48 -16.63 -49.46
C ARG T 147 8.28 -15.94 -48.35
N TYR T 148 8.72 -14.71 -48.59
CA TYR T 148 9.45 -13.84 -47.61
C TYR T 148 8.47 -13.45 -46.50
N ALA T 149 7.21 -13.19 -46.87
CA ALA T 149 6.10 -12.84 -45.96
C ALA T 149 5.74 -14.02 -45.06
N SER T 151 7.42 -16.43 -43.84
CA SER T 151 8.35 -16.80 -42.80
C SER T 151 8.53 -15.63 -41.81
N ASN T 152 8.27 -15.84 -40.51
CA ASN T 152 8.38 -14.77 -39.48
C ASN T 152 8.60 -15.35 -38.06
N LEU T 153 8.92 -14.43 -37.13
CA LEU T 153 9.09 -14.67 -35.68
C LEU T 153 8.47 -13.51 -34.88
N GLU T 154 8.11 -13.78 -33.62
CA GLU T 154 7.86 -12.83 -32.51
C GLU T 154 6.95 -13.55 -31.50
N VAL U 10 -34.02 -31.22 -13.04
CA VAL U 10 -35.03 -30.35 -13.70
C VAL U 10 -35.08 -29.01 -12.96
N ILE U 11 -35.13 -27.89 -13.71
CA ILE U 11 -35.32 -26.51 -13.19
C ILE U 11 -36.60 -25.95 -13.81
N THR U 12 -37.52 -25.46 -12.98
CA THR U 12 -38.79 -24.80 -13.38
C THR U 12 -38.79 -23.37 -12.85
N VAL U 13 -39.14 -22.40 -13.69
CA VAL U 13 -39.29 -20.97 -13.31
C VAL U 13 -40.64 -20.46 -13.82
N ARG U 14 -41.44 -19.89 -12.92
CA ARG U 14 -42.69 -19.17 -13.24
C ARG U 14 -42.58 -17.74 -12.69
N VAL U 15 -43.11 -16.77 -13.44
CA VAL U 15 -43.22 -15.34 -13.01
C VAL U 15 -44.71 -15.06 -12.79
N GLN U 16 -45.14 -14.95 -11.54
CA GLN U 16 -46.58 -14.88 -11.15
C GLN U 16 -46.83 -13.59 -10.38
N ASP U 17 -48.09 -13.36 -10.00
CA ASP U 17 -48.52 -12.43 -8.92
C ASP U 17 -47.90 -11.04 -9.12
N PRO U 18 -48.22 -10.32 -10.21
CA PRO U 18 -47.86 -8.91 -10.32
C PRO U 18 -48.56 -8.12 -9.21
N ARG U 19 -47.86 -7.18 -8.57
CA ARG U 19 -48.36 -6.37 -7.43
C ARG U 19 -47.80 -4.95 -7.51
N VAL U 20 -48.60 -3.97 -7.06
CA VAL U 20 -48.19 -2.54 -6.98
C VAL U 20 -47.67 -2.27 -5.57
N GLN U 21 -46.35 -2.17 -5.42
CA GLN U 21 -45.70 -1.73 -4.16
C GLN U 21 -45.85 -0.21 -4.07
N ASN U 22 -46.07 0.30 -2.86
CA ASN U 22 -46.21 1.76 -2.55
C ASN U 22 -47.34 2.38 -3.37
N GLU U 23 -48.59 1.92 -3.16
CA GLU U 23 -49.79 2.45 -3.86
C GLU U 23 -49.80 3.98 -3.75
N GLY U 24 -50.11 4.67 -4.85
CA GLY U 24 -50.57 6.08 -4.84
C GLY U 24 -49.44 7.10 -4.63
N SER U 25 -48.45 6.78 -3.80
CA SER U 25 -47.24 7.63 -3.58
C SER U 25 -46.36 7.62 -4.83
N TRP U 26 -45.53 8.64 -5.01
CA TRP U 26 -44.74 8.92 -6.25
C TRP U 26 -43.80 7.75 -6.59
N ASN U 27 -43.22 7.10 -5.59
CA ASN U 27 -42.33 5.91 -5.78
C ASN U 27 -43.18 4.62 -5.86
N SER U 28 -44.44 4.75 -6.32
CA SER U 28 -45.32 3.63 -6.77
C SER U 28 -44.56 2.85 -7.86
N TYR U 29 -44.62 1.52 -7.84
CA TYR U 29 -44.06 0.65 -8.90
C TYR U 29 -44.67 -0.75 -8.86
N VAL U 30 -44.50 -1.51 -9.94
CA VAL U 30 -44.96 -2.92 -10.09
C VAL U 30 -43.76 -3.86 -10.01
N ASP U 31 -43.82 -4.88 -9.15
CA ASP U 31 -42.85 -6.00 -9.15
C ASP U 31 -43.62 -7.29 -9.42
N TYR U 32 -42.88 -8.34 -9.76
CA TYR U 32 -43.38 -9.68 -10.16
C TYR U 32 -42.69 -10.72 -9.28
N LYS U 33 -43.42 -11.74 -8.84
CA LYS U 33 -42.89 -12.85 -8.03
C LYS U 33 -42.23 -13.85 -8.99
N ILE U 34 -40.96 -14.19 -8.74
CA ILE U 34 -40.22 -15.24 -9.49
C ILE U 34 -40.13 -16.48 -8.60
N PHE U 35 -40.90 -17.52 -8.96
CA PHE U 35 -40.97 -18.84 -8.29
C PHE U 35 -40.07 -19.80 -9.07
N LEU U 36 -38.89 -20.09 -8.53
CA LEU U 36 -37.91 -21.06 -9.06
C LEU U 36 -38.01 -22.37 -8.28
N HIS U 37 -38.54 -23.41 -8.93
CA HIS U 37 -38.76 -24.77 -8.38
C HIS U 37 -37.79 -25.73 -9.07
N THR U 38 -36.85 -26.26 -8.29
CA THR U 38 -35.82 -27.24 -8.76
C THR U 38 -35.98 -28.53 -7.99
N ASN U 39 -35.63 -29.68 -8.62
CA ASN U 39 -36.01 -31.03 -8.11
C ASN U 39 -34.74 -31.93 -8.12
N SER U 40 -34.38 -32.43 -6.95
CA SER U 40 -33.31 -33.42 -6.70
C SER U 40 -33.92 -34.83 -6.88
N LYS U 41 -33.16 -35.77 -7.46
CA LYS U 41 -33.32 -37.24 -7.20
C LYS U 41 -34.49 -37.75 -8.05
N LYS U 46 -37.04 -28.39 -3.96
CA LYS U 46 -36.34 -27.14 -3.59
C LYS U 46 -37.10 -26.00 -4.27
N THR U 47 -37.43 -24.96 -3.51
CA THR U 47 -38.31 -23.83 -3.90
C THR U 47 -37.63 -22.52 -3.50
N SER U 48 -37.78 -21.47 -4.32
CA SER U 48 -37.31 -20.10 -4.01
C SER U 48 -38.33 -19.09 -4.55
N CYS U 49 -38.40 -17.93 -3.91
CA CYS U 49 -39.47 -16.91 -4.05
C CYS U 49 -38.82 -15.54 -3.90
N VAL U 50 -38.72 -14.75 -4.97
CA VAL U 50 -38.20 -13.35 -4.89
C VAL U 50 -39.08 -12.46 -5.76
N ARG U 51 -39.27 -11.21 -5.33
CA ARG U 51 -40.00 -10.17 -6.09
C ARG U 51 -38.98 -9.32 -6.83
N ARG U 52 -39.23 -9.02 -8.11
CA ARG U 52 -38.28 -8.23 -8.97
C ARG U 52 -39.06 -7.25 -9.85
N ARG U 53 -38.66 -5.97 -9.83
CA ARG U 53 -39.12 -4.91 -10.77
C ARG U 53 -38.70 -5.30 -12.20
N TYR U 54 -39.29 -4.67 -13.22
CA TYR U 54 -38.89 -4.89 -14.63
C TYR U 54 -37.47 -4.34 -14.82
N ARG U 55 -37.18 -3.17 -14.21
CA ARG U 55 -35.88 -2.49 -14.36
C ARG U 55 -34.77 -3.41 -13.84
N GLU U 56 -35.08 -4.29 -12.89
CA GLU U 56 -34.11 -5.27 -12.35
C GLU U 56 -33.77 -6.29 -13.44
N PHE U 57 -34.77 -6.75 -14.21
CA PHE U 57 -34.56 -7.68 -15.37
C PHE U 57 -33.68 -7.00 -16.42
N VAL U 58 -33.94 -5.72 -16.70
CA VAL U 58 -33.17 -4.92 -17.69
C VAL U 58 -31.70 -4.95 -17.30
N TRP U 59 -31.41 -4.72 -16.02
CA TRP U 59 -30.05 -4.81 -15.44
C TRP U 59 -29.50 -6.23 -15.69
N LEU U 60 -30.27 -7.25 -15.27
CA LEU U 60 -29.87 -8.67 -15.33
C LEU U 60 -29.43 -9.03 -16.75
N ARG U 61 -30.18 -8.59 -17.76
CA ARG U 61 -29.87 -8.90 -19.18
C ARG U 61 -28.51 -8.29 -19.53
N LYS U 62 -28.32 -6.99 -19.26
CA LYS U 62 -27.03 -6.28 -19.52
C LYS U 62 -25.88 -7.06 -18.84
N GLN U 63 -26.11 -7.56 -17.62
CA GLN U 63 -25.09 -8.30 -16.83
C GLN U 63 -24.82 -9.66 -17.48
N LEU U 64 -25.88 -10.37 -17.92
CA LEU U 64 -25.74 -11.68 -18.62
C LEU U 64 -24.90 -11.48 -19.89
N GLN U 65 -25.08 -10.37 -20.59
CA GLN U 65 -24.40 -10.08 -21.90
C GLN U 65 -22.91 -9.90 -21.68
N ARG U 66 -22.49 -9.21 -20.60
CA ARG U 66 -21.06 -9.06 -20.24
C ARG U 66 -20.40 -10.44 -20.16
N ASN U 67 -20.85 -11.28 -19.22
CA ASN U 67 -20.19 -12.55 -18.83
C ASN U 67 -20.32 -13.60 -19.94
N ALA U 68 -21.33 -13.48 -20.80
CA ALA U 68 -21.68 -14.47 -21.85
C ALA U 68 -20.81 -14.28 -23.09
N GLY U 69 -19.97 -13.25 -23.12
CA GLY U 69 -19.00 -12.99 -24.20
C GLY U 69 -19.67 -12.91 -25.57
N LEU U 70 -19.95 -14.05 -26.19
CA LEU U 70 -20.49 -14.15 -27.57
C LEU U 70 -21.71 -15.07 -27.62
N VAL U 71 -22.21 -15.52 -26.46
CA VAL U 71 -23.42 -16.39 -26.38
C VAL U 71 -24.63 -15.47 -26.47
N PRO U 72 -25.61 -15.76 -27.35
CA PRO U 72 -26.82 -14.94 -27.44
C PRO U 72 -27.62 -14.99 -26.13
N VAL U 73 -28.09 -13.83 -25.67
CA VAL U 73 -28.92 -13.66 -24.45
C VAL U 73 -30.35 -13.36 -24.88
N PRO U 74 -31.36 -14.16 -24.47
CA PRO U 74 -32.75 -13.92 -24.85
C PRO U 74 -33.21 -12.47 -24.67
N GLU U 75 -34.23 -12.07 -25.43
CA GLU U 75 -34.81 -10.69 -25.43
C GLU U 75 -35.79 -10.54 -24.26
N LEU U 76 -35.96 -9.31 -23.76
CA LEU U 76 -37.05 -8.94 -22.82
C LEU U 76 -38.21 -8.37 -23.61
N PRO U 77 -39.46 -8.45 -23.12
CA PRO U 77 -40.57 -7.69 -23.72
C PRO U 77 -40.44 -6.18 -23.49
N GLY U 78 -40.41 -5.38 -24.55
CA GLY U 78 -40.36 -3.89 -24.48
C GLY U 78 -41.71 -3.31 -24.10
N LYS U 79 -42.11 -2.17 -24.72
CA LYS U 79 -43.55 -1.76 -24.77
C LYS U 79 -44.29 -1.98 -26.14
N SER U 80 -44.06 -1.08 -27.10
CA SER U 80 -44.81 -1.04 -28.38
C SER U 80 -46.29 -0.97 -28.01
N THR U 81 -46.72 0.16 -27.46
CA THR U 81 -48.13 0.55 -27.12
C THR U 81 -49.14 0.01 -28.15
N PHE U 82 -49.64 -1.20 -27.92
CA PHE U 82 -50.72 -1.84 -28.72
C PHE U 82 -52.14 -1.30 -28.39
N PHE U 83 -52.36 -0.68 -27.24
CA PHE U 83 -53.62 -0.04 -26.79
C PHE U 83 -54.61 -1.03 -26.15
N GLY U 84 -54.12 -2.15 -25.58
CA GLY U 84 -54.84 -3.01 -24.61
C GLY U 84 -55.18 -2.28 -23.32
N THR U 85 -55.78 -2.98 -22.36
CA THR U 85 -56.03 -2.46 -20.98
C THR U 85 -54.69 -2.40 -20.22
N SER U 86 -54.71 -1.89 -18.99
CA SER U 86 -53.58 -2.03 -18.03
C SER U 86 -53.36 -3.51 -17.72
N ASP U 87 -54.26 -4.11 -16.93
CA ASP U 87 -54.23 -5.53 -16.50
C ASP U 87 -53.77 -6.44 -17.64
N GLU U 88 -54.10 -6.10 -18.91
CA GLU U 88 -53.69 -6.85 -20.12
C GLU U 88 -52.18 -6.71 -20.35
N PHE U 89 -51.63 -5.50 -20.25
CA PHE U 89 -50.19 -5.21 -20.46
C PHE U 89 -49.35 -5.96 -19.42
N ILE U 90 -49.68 -5.76 -18.14
CA ILE U 90 -49.10 -6.48 -16.97
C ILE U 90 -48.97 -7.97 -17.34
N GLU U 91 -50.07 -8.57 -17.81
CA GLU U 91 -50.15 -10.02 -18.12
C GLU U 91 -49.28 -10.37 -19.34
N LYS U 92 -49.20 -9.48 -20.34
CA LYS U 92 -48.35 -9.69 -21.55
C LYS U 92 -46.88 -9.68 -21.12
N ARG U 93 -46.49 -8.66 -20.34
CA ARG U 93 -45.13 -8.51 -19.77
C ARG U 93 -44.82 -9.74 -18.90
N ARG U 94 -45.74 -10.11 -18.00
CA ARG U 94 -45.58 -11.26 -17.07
C ARG U 94 -45.13 -12.50 -17.86
N GLN U 95 -45.84 -12.82 -18.95
CA GLN U 95 -45.52 -13.97 -19.85
C GLN U 95 -44.14 -13.76 -20.46
N GLY U 96 -43.88 -12.56 -20.98
CA GLY U 96 -42.60 -12.18 -21.61
C GLY U 96 -41.42 -12.41 -20.67
N LEU U 97 -41.55 -11.96 -19.41
CA LEU U 97 -40.53 -12.13 -18.35
C LEU U 97 -40.30 -13.62 -18.12
N GLN U 98 -41.39 -14.40 -17.94
CA GLN U 98 -41.31 -15.87 -17.72
C GLN U 98 -40.59 -16.51 -18.91
N HIS U 99 -41.01 -16.19 -20.14
CA HIS U 99 -40.41 -16.69 -21.40
C HIS U 99 -38.90 -16.42 -21.37
N PHE U 100 -38.51 -15.17 -21.04
CA PHE U 100 -37.10 -14.71 -20.98
C PHE U 100 -36.29 -15.61 -20.06
N LEU U 101 -36.79 -15.85 -18.84
CA LEU U 101 -36.09 -16.68 -17.82
C LEU U 101 -36.03 -18.13 -18.30
N GLU U 102 -37.15 -18.68 -18.78
CA GLU U 102 -37.23 -20.06 -19.34
C GLU U 102 -36.09 -20.26 -20.35
N LYS U 103 -35.95 -19.32 -21.29
CA LYS U 103 -34.89 -19.35 -22.35
C LYS U 103 -33.51 -19.25 -21.71
N VAL U 104 -33.31 -18.30 -20.78
CA VAL U 104 -32.01 -18.04 -20.09
C VAL U 104 -31.57 -19.34 -19.38
N LEU U 105 -32.51 -20.08 -18.77
CA LEU U 105 -32.20 -21.27 -17.93
C LEU U 105 -31.83 -22.47 -18.81
N GLN U 106 -32.06 -22.39 -20.13
CA GLN U 106 -31.73 -23.47 -21.09
C GLN U 106 -30.31 -23.28 -21.65
N SER U 107 -29.82 -22.03 -21.74
CA SER U 107 -28.41 -21.73 -22.08
C SER U 107 -27.53 -22.07 -20.88
N VAL U 108 -26.69 -23.09 -21.00
CA VAL U 108 -25.91 -23.68 -19.88
C VAL U 108 -24.88 -22.65 -19.41
N VAL U 109 -24.34 -21.84 -20.34
CA VAL U 109 -23.37 -20.75 -20.04
C VAL U 109 -24.06 -19.71 -19.15
N LEU U 110 -25.22 -19.21 -19.57
CA LEU U 110 -26.00 -18.17 -18.84
C LEU U 110 -26.40 -18.70 -17.47
N LEU U 111 -26.79 -19.98 -17.40
CA LEU U 111 -27.25 -20.67 -16.16
C LEU U 111 -26.15 -20.61 -15.09
N SER U 112 -24.88 -20.58 -15.50
CA SER U 112 -23.70 -20.62 -14.61
C SER U 112 -23.28 -19.21 -14.17
N ASP U 113 -24.00 -18.15 -14.56
CA ASP U 113 -23.74 -16.76 -14.10
C ASP U 113 -24.15 -16.67 -12.63
N SER U 114 -23.24 -16.21 -11.77
CA SER U 114 -23.46 -16.05 -10.30
C SER U 114 -24.49 -14.93 -10.06
N GLN U 115 -24.41 -13.85 -10.83
CA GLN U 115 -25.33 -12.69 -10.72
C GLN U 115 -26.77 -13.13 -11.02
N LEU U 116 -26.96 -14.04 -11.97
CA LEU U 116 -28.30 -14.63 -12.28
C LEU U 116 -28.79 -15.43 -11.07
N HIS U 117 -27.91 -16.25 -10.49
CA HIS U 117 -28.21 -17.13 -9.32
C HIS U 117 -28.67 -16.26 -8.15
N LEU U 118 -28.02 -15.12 -7.90
CA LEU U 118 -28.40 -14.16 -6.82
C LEU U 118 -29.72 -13.49 -7.16
N PHE U 119 -29.91 -13.07 -8.42
CA PHE U 119 -31.15 -12.41 -8.91
C PHE U 119 -32.37 -13.30 -8.64
N LEU U 120 -32.23 -14.62 -8.83
CA LEU U 120 -33.35 -15.60 -8.84
C LEU U 120 -33.62 -16.17 -7.44
N GLN U 121 -32.60 -16.19 -6.57
CA GLN U 121 -32.64 -16.94 -5.29
C GLN U 121 -32.30 -16.06 -4.06
N SER U 122 -31.60 -14.95 -4.21
CA SER U 122 -31.36 -13.97 -3.11
C SER U 122 -32.49 -12.95 -3.08
N GLN U 123 -32.75 -12.38 -1.91
CA GLN U 123 -33.61 -11.19 -1.76
C GLN U 123 -32.70 -9.95 -1.68
N LEU U 124 -31.51 -10.03 -2.30
CA LEU U 124 -30.54 -8.91 -2.36
C LEU U 124 -31.06 -7.87 -3.36
N SER U 125 -30.74 -6.59 -3.12
CA SER U 125 -30.90 -5.50 -4.11
C SER U 125 -29.97 -5.78 -5.30
N VAL U 126 -30.05 -4.99 -6.36
CA VAL U 126 -29.09 -5.06 -7.50
C VAL U 126 -27.72 -4.60 -6.98
N PRO U 127 -27.59 -3.38 -6.39
CA PRO U 127 -26.32 -2.94 -5.82
C PRO U 127 -25.68 -3.95 -4.85
N GLU U 128 -26.49 -4.65 -4.06
CA GLU U 128 -26.04 -5.70 -3.10
C GLU U 128 -25.48 -6.90 -3.87
N ILE U 129 -26.03 -7.21 -5.05
CA ILE U 129 -25.53 -8.30 -5.94
C ILE U 129 -24.22 -7.84 -6.59
N GLU U 130 -24.18 -6.60 -7.08
CA GLU U 130 -22.95 -5.98 -7.65
C GLU U 130 -21.83 -5.99 -6.61
N ALA U 131 -22.19 -5.89 -5.32
CA ALA U 131 -21.25 -5.99 -4.17
C ALA U 131 -20.79 -7.45 -4.00
N CYS U 132 -21.73 -8.38 -3.73
CA CYS U 132 -21.45 -9.81 -3.43
C CYS U 132 -20.52 -10.41 -4.51
N VAL U 133 -20.23 -9.66 -5.58
CA VAL U 133 -19.41 -10.06 -6.76
C VAL U 133 -18.36 -8.96 -7.02
N GLN U 134 -18.74 -7.77 -7.52
CA GLN U 134 -17.79 -6.67 -7.83
C GLN U 134 -17.72 -5.70 -6.65
N ILE V 11 -56.21 -33.55 -0.48
CA ILE V 11 -55.04 -32.93 0.21
C ILE V 11 -54.79 -33.70 1.50
N THR V 12 -53.56 -34.18 1.70
CA THR V 12 -53.13 -34.90 2.94
C THR V 12 -51.99 -34.10 3.58
N VAL V 13 -52.09 -33.84 4.89
CA VAL V 13 -51.03 -33.16 5.68
C VAL V 13 -50.76 -33.98 6.94
N ARG V 14 -49.51 -34.36 7.15
CA ARG V 14 -49.01 -35.01 8.40
C ARG V 14 -47.89 -34.14 8.96
N VAL V 15 -47.84 -34.03 10.28
CA VAL V 15 -46.73 -33.35 11.04
C VAL V 15 -45.96 -34.43 11.79
N GLN V 16 -44.77 -34.77 11.32
CA GLN V 16 -43.98 -35.94 11.79
C GLN V 16 -42.62 -35.46 12.30
N ASP V 17 -41.82 -36.40 12.82
CA ASP V 17 -40.35 -36.28 13.02
C ASP V 17 -40.02 -35.00 13.79
N PRO V 18 -40.45 -34.84 15.06
CA PRO V 18 -39.96 -33.75 15.89
C PRO V 18 -38.46 -33.92 16.11
N ARG V 19 -37.70 -32.83 16.04
CA ARG V 19 -36.21 -32.84 16.18
C ARG V 19 -35.77 -31.59 16.93
N VAL V 20 -34.73 -31.72 17.74
CA VAL V 20 -34.11 -30.61 18.54
C VAL V 20 -32.95 -30.04 17.73
N GLN V 21 -33.16 -28.88 17.09
CA GLN V 21 -32.10 -28.12 16.39
C GLN V 21 -31.29 -27.39 17.48
N ASN V 22 -29.97 -27.31 17.32
CA ASN V 22 -29.02 -26.64 18.25
C ASN V 22 -29.11 -27.26 19.65
N GLU V 23 -28.78 -28.56 19.78
CA GLU V 23 -28.78 -29.28 21.08
C GLU V 23 -28.01 -28.47 22.13
N GLY V 24 -28.56 -28.35 23.35
CA GLY V 24 -27.79 -27.98 24.55
C GLY V 24 -27.46 -26.49 24.65
N SER V 25 -27.18 -25.82 23.53
CA SER V 25 -26.93 -24.35 23.46
C SER V 25 -28.24 -23.60 23.72
N TRP V 26 -28.16 -22.34 24.14
CA TRP V 26 -29.29 -21.52 24.64
C TRP V 26 -30.36 -21.34 23.56
N ASN V 27 -29.99 -21.23 22.28
CA ASN V 27 -30.93 -21.11 21.14
C ASN V 27 -31.36 -22.51 20.67
N SER V 28 -31.34 -23.49 21.57
CA SER V 28 -31.98 -24.82 21.43
C SER V 28 -33.46 -24.60 21.11
N TYR V 29 -34.03 -25.37 20.19
CA TYR V 29 -35.49 -25.35 19.89
C TYR V 29 -35.90 -26.64 19.17
N VAL V 30 -37.21 -26.90 19.16
CA VAL V 30 -37.83 -28.07 18.48
C VAL V 30 -38.56 -27.58 17.24
N ASP V 31 -38.27 -28.18 16.08
CA ASP V 31 -39.09 -27.99 14.86
C ASP V 31 -39.73 -29.34 14.49
N TYR V 32 -40.73 -29.29 13.64
CA TYR V 32 -41.57 -30.43 13.21
C TYR V 32 -41.56 -30.46 11.68
N LYS V 33 -41.49 -31.64 11.08
CA LYS V 33 -41.55 -31.85 9.62
C LYS V 33 -43.03 -31.81 9.20
N ILE V 34 -43.39 -30.95 8.24
CA ILE V 34 -44.75 -30.88 7.65
C ILE V 34 -44.69 -31.52 6.26
N PHE V 35 -45.27 -32.72 6.14
CA PHE V 35 -45.38 -33.51 4.89
C PHE V 35 -46.78 -33.26 4.31
N LEU V 36 -46.84 -32.44 3.25
CA LEU V 36 -48.07 -32.13 2.49
C LEU V 36 -48.07 -32.95 1.20
N HIS V 37 -48.95 -33.94 1.10
CA HIS V 37 -49.16 -34.78 -0.12
C HIS V 37 -50.52 -34.45 -0.76
N THR V 38 -50.42 -33.87 -1.96
CA THR V 38 -51.12 -32.95 -2.93
C THR V 38 -52.49 -33.40 -3.51
N ASN V 39 -52.59 -33.59 -4.83
CA ASN V 39 -53.69 -33.94 -5.67
C ASN V 39 -54.74 -32.83 -5.73
N SER V 40 -54.25 -31.61 -5.63
CA SER V 40 -54.97 -30.32 -5.84
C SER V 40 -53.98 -29.30 -6.40
N LYS V 41 -54.38 -28.47 -7.36
CA LYS V 41 -53.73 -27.14 -7.66
C LYS V 41 -53.65 -26.15 -6.47
N ALA V 42 -52.42 -25.99 -5.96
CA ALA V 42 -52.06 -25.17 -4.78
C ALA V 42 -50.82 -24.32 -5.11
N SER V 48 -44.50 -32.35 -0.67
CA SER V 48 -43.65 -31.26 -0.14
C SER V 48 -43.28 -31.56 1.32
N CYS V 49 -42.15 -31.01 1.76
CA CYS V 49 -41.42 -31.36 3.01
C CYS V 49 -40.79 -30.07 3.54
N VAL V 50 -41.28 -29.53 4.66
CA VAL V 50 -40.67 -28.32 5.30
C VAL V 50 -40.66 -28.52 6.81
N ARG V 51 -39.64 -28.00 7.49
CA ARG V 51 -39.50 -28.01 8.97
C ARG V 51 -40.01 -26.65 9.49
N ARG V 52 -40.82 -26.66 10.55
CA ARG V 52 -41.42 -25.42 11.12
C ARG V 52 -41.40 -25.50 12.65
N ARG V 53 -40.88 -24.45 13.29
CA ARG V 53 -40.95 -24.21 14.76
C ARG V 53 -42.42 -24.04 15.15
N TYR V 54 -42.75 -24.15 16.45
CA TYR V 54 -44.12 -23.89 16.95
C TYR V 54 -44.42 -22.40 16.77
N ARG V 55 -43.43 -21.54 17.05
CA ARG V 55 -43.60 -20.07 16.98
C ARG V 55 -43.99 -19.66 15.55
N GLU V 56 -43.58 -20.44 14.55
CA GLU V 56 -43.93 -20.20 13.12
C GLU V 56 -45.43 -20.46 12.93
N PHE V 57 -45.98 -21.51 13.56
CA PHE V 57 -47.44 -21.81 13.54
C PHE V 57 -48.22 -20.67 14.19
N VAL V 58 -47.72 -20.17 15.32
CA VAL V 58 -48.35 -19.06 16.08
C VAL V 58 -48.51 -17.86 15.14
N TRP V 59 -47.44 -17.53 14.41
CA TRP V 59 -47.44 -16.47 13.36
C TRP V 59 -48.51 -16.81 12.33
N LEU V 60 -48.46 -18.01 11.76
CA LEU V 60 -49.36 -18.48 10.66
C LEU V 60 -50.82 -18.27 11.07
N ARG V 61 -51.18 -18.61 12.32
CA ARG V 61 -52.58 -18.48 12.80
C ARG V 61 -52.96 -17.00 12.78
N LYS V 62 -52.15 -16.13 13.39
CA LYS V 62 -52.40 -14.67 13.41
C LYS V 62 -52.61 -14.17 11.97
N GLN V 63 -51.80 -14.66 11.02
CA GLN V 63 -51.86 -14.26 9.59
C GLN V 63 -53.15 -14.78 8.96
N LEU V 64 -53.54 -16.02 9.24
CA LEU V 64 -54.81 -16.62 8.72
C LEU V 64 -55.99 -15.77 9.21
N GLN V 65 -55.93 -15.27 10.45
CA GLN V 65 -57.04 -14.52 11.10
C GLN V 65 -57.23 -13.17 10.40
N ARG V 66 -56.14 -12.48 10.02
CA ARG V 66 -56.19 -11.21 9.23
C ARG V 66 -57.05 -11.44 7.97
N ASN V 67 -56.59 -12.32 7.07
CA ASN V 67 -57.12 -12.48 5.69
C ASN V 67 -58.51 -13.15 5.73
N ALA V 68 -58.83 -13.89 6.79
CA ALA V 68 -60.08 -14.69 6.92
C ALA V 68 -61.25 -13.82 7.38
N GLY V 69 -61.00 -12.53 7.69
CA GLY V 69 -62.03 -11.55 8.04
C GLY V 69 -62.88 -12.01 9.23
N LEU V 70 -63.88 -12.87 8.98
CA LEU V 70 -64.87 -13.31 10.00
C LEU V 70 -65.00 -14.84 10.00
N VAL V 71 -64.15 -15.55 9.24
CA VAL V 71 -64.15 -17.04 9.19
C VAL V 71 -63.38 -17.53 10.41
N PRO V 72 -63.93 -18.49 11.19
CA PRO V 72 -63.22 -19.02 12.34
C PRO V 72 -61.95 -19.76 11.89
N VAL V 73 -60.84 -19.53 12.61
CA VAL V 73 -59.51 -20.18 12.37
C VAL V 73 -59.28 -21.18 13.48
N PRO V 74 -59.04 -22.47 13.17
CA PRO V 74 -58.80 -23.49 14.19
C PRO V 74 -57.77 -23.07 15.26
N GLU V 75 -57.86 -23.68 16.44
CA GLU V 75 -56.99 -23.39 17.62
C GLU V 75 -55.67 -24.16 17.48
N LEU V 76 -54.60 -23.64 18.07
CA LEU V 76 -53.31 -24.36 18.25
C LEU V 76 -53.30 -24.99 19.65
N PRO V 77 -52.57 -26.10 19.87
CA PRO V 77 -52.33 -26.59 21.23
C PRO V 77 -51.42 -25.65 22.05
N SER V 86 -40.65 -34.56 28.56
CA SER V 86 -40.60 -33.92 27.23
C SER V 86 -41.34 -34.83 26.23
N ASP V 87 -40.71 -35.92 25.81
CA ASP V 87 -41.08 -36.74 24.61
C ASP V 87 -42.61 -36.88 24.51
N GLU V 88 -43.32 -36.95 25.64
CA GLU V 88 -44.81 -37.05 25.68
C GLU V 88 -45.44 -35.74 25.22
N PHE V 89 -44.95 -34.59 25.72
CA PHE V 89 -45.46 -33.24 25.38
C PHE V 89 -45.28 -32.98 23.87
N ILE V 90 -44.05 -33.14 23.40
CA ILE V 90 -43.66 -33.09 21.95
C ILE V 90 -44.72 -33.82 21.14
N GLU V 91 -45.04 -35.06 21.52
CA GLU V 91 -45.98 -35.95 20.78
C GLU V 91 -47.41 -35.41 20.89
N LYS V 92 -47.81 -34.84 22.03
CA LYS V 92 -49.15 -34.24 22.22
C LYS V 92 -49.29 -33.03 21.29
N ARG V 93 -48.29 -32.14 21.32
CA ARG V 93 -48.19 -30.94 20.45
C ARG V 93 -48.19 -31.38 18.97
N ARG V 94 -47.35 -32.36 18.63
CA ARG V 94 -47.22 -32.90 17.24
C ARG V 94 -48.62 -33.20 16.68
N GLN V 95 -49.43 -33.95 17.44
CA GLN V 95 -50.83 -34.30 17.07
C GLN V 95 -51.66 -33.02 16.93
N GLY V 96 -51.56 -32.14 17.92
CA GLY V 96 -52.27 -30.84 17.96
C GLY V 96 -51.99 -30.02 16.71
N LEU V 97 -50.72 -29.90 16.32
CA LEU V 97 -50.27 -29.17 15.10
C LEU V 97 -50.90 -29.82 13.86
N GLN V 98 -50.81 -31.15 13.74
CA GLN V 98 -51.40 -31.91 12.61
C GLN V 98 -52.90 -31.63 12.56
N HIS V 99 -53.59 -31.78 13.69
CA HIS V 99 -55.05 -31.51 13.82
C HIS V 99 -55.35 -30.11 13.31
N PHE V 100 -54.59 -29.11 13.76
CA PHE V 100 -54.74 -27.68 13.39
C PHE V 100 -54.70 -27.52 11.86
N LEU V 101 -53.68 -28.10 11.21
CA LEU V 101 -53.49 -28.01 9.74
C LEU V 101 -54.64 -28.75 9.03
N GLU V 102 -54.95 -29.97 9.47
CA GLU V 102 -56.08 -30.79 8.92
C GLU V 102 -57.35 -29.92 8.87
N LYS V 103 -57.68 -29.26 9.98
CA LYS V 103 -58.87 -28.36 10.12
C LYS V 103 -58.73 -27.16 9.17
N VAL V 104 -57.56 -26.51 9.15
CA VAL V 104 -57.29 -25.31 8.31
C VAL V 104 -57.50 -25.67 6.83
N LEU V 105 -57.10 -26.88 6.41
CA LEU V 105 -57.13 -27.30 4.99
C LEU V 105 -58.56 -27.63 4.55
N GLN V 106 -59.51 -27.75 5.48
CA GLN V 106 -60.94 -28.05 5.18
C GLN V 106 -61.73 -26.74 4.99
N SER V 107 -61.31 -25.65 5.64
CA SER V 107 -61.87 -24.29 5.39
C SER V 107 -61.35 -23.77 4.05
N VAL V 108 -62.24 -23.64 3.07
CA VAL V 108 -61.87 -23.34 1.64
C VAL V 108 -61.30 -21.92 1.58
N VAL V 109 -61.79 -21.01 2.43
CA VAL V 109 -61.30 -19.61 2.52
C VAL V 109 -59.84 -19.63 2.98
N LEU V 110 -59.57 -20.31 4.11
CA LEU V 110 -58.22 -20.41 4.71
C LEU V 110 -57.25 -21.08 3.74
N LEU V 111 -57.73 -22.12 3.04
CA LEU V 111 -56.94 -22.92 2.05
C LEU V 111 -56.39 -21.99 0.95
N SER V 112 -57.10 -20.92 0.64
CA SER V 112 -56.77 -19.97 -0.46
C SER V 112 -55.80 -18.86 0.00
N ASP V 113 -55.37 -18.88 1.26
CA ASP V 113 -54.35 -17.91 1.78
C ASP V 113 -53.00 -18.27 1.16
N SER V 114 -52.34 -17.29 0.53
CA SER V 114 -51.03 -17.43 -0.13
C SER V 114 -49.95 -17.67 0.93
N GLN V 115 -50.03 -16.97 2.07
CA GLN V 115 -49.07 -17.09 3.19
C GLN V 115 -49.10 -18.53 3.76
N LEU V 116 -50.26 -19.17 3.81
CA LEU V 116 -50.40 -20.59 4.22
C LEU V 116 -49.67 -21.48 3.20
N HIS V 117 -49.90 -21.23 1.91
CA HIS V 117 -49.32 -22.00 0.78
C HIS V 117 -47.78 -21.95 0.87
N LEU V 118 -47.21 -20.78 1.19
CA LEU V 118 -45.75 -20.59 1.34
C LEU V 118 -45.26 -21.31 2.61
N PHE V 119 -46.01 -21.19 3.71
CA PHE V 119 -45.68 -21.83 5.02
C PHE V 119 -45.53 -23.35 4.84
N LEU V 120 -46.40 -23.97 4.01
CA LEU V 120 -46.55 -25.44 3.91
C LEU V 120 -45.63 -26.02 2.83
N GLN V 121 -45.26 -25.21 1.82
CA GLN V 121 -44.59 -25.71 0.57
C GLN V 121 -43.27 -24.99 0.27
N SER V 122 -43.04 -23.77 0.77
CA SER V 122 -41.74 -23.06 0.65
C SER V 122 -40.85 -23.43 1.83
N GLN V 123 -39.53 -23.36 1.65
CA GLN V 123 -38.56 -23.40 2.77
C GLN V 123 -38.14 -21.96 3.07
N LEU V 124 -39.05 -21.00 2.82
CA LEU V 124 -38.84 -19.57 3.16
C LEU V 124 -38.95 -19.39 4.67
N SER V 125 -38.21 -18.43 5.22
CA SER V 125 -38.40 -17.92 6.60
C SER V 125 -39.78 -17.26 6.68
N VAL V 126 -40.22 -16.86 7.88
CA VAL V 126 -41.46 -16.06 8.05
C VAL V 126 -41.23 -14.68 7.41
N PRO V 127 -40.19 -13.91 7.79
CA PRO V 127 -39.90 -12.63 7.15
C PRO V 127 -39.84 -12.70 5.62
N GLU V 128 -39.30 -13.79 5.06
CA GLU V 128 -39.19 -14.04 3.61
C GLU V 128 -40.60 -14.23 3.00
N ILE V 129 -41.53 -14.82 3.76
CA ILE V 129 -42.95 -14.99 3.34
C ILE V 129 -43.65 -13.63 3.41
N GLU V 130 -43.43 -12.87 4.49
CA GLU V 130 -43.98 -11.50 4.67
C GLU V 130 -43.49 -10.62 3.51
N ALA V 131 -42.30 -10.89 2.98
CA ALA V 131 -41.71 -10.21 1.80
C ALA V 131 -42.44 -10.66 0.52
N CYS V 132 -42.40 -11.96 0.19
CA CYS V 132 -42.95 -12.55 -1.06
C CYS V 132 -44.41 -12.11 -1.25
N VAL V 133 -45.00 -11.43 -0.26
CA VAL V 133 -46.42 -10.93 -0.23
C VAL V 133 -46.43 -9.48 0.24
N GLN V 134 -46.45 -8.50 -0.66
CA GLN V 134 -46.53 -7.07 -0.24
C GLN V 134 -47.28 -6.29 -1.32
N GLY V 135 -47.83 -5.14 -0.93
CA GLY V 135 -48.70 -4.29 -1.78
C GLY V 135 -49.80 -5.11 -2.46
N ARG V 136 -50.90 -4.43 -2.77
CA ARG V 136 -52.10 -5.02 -3.43
C ARG V 136 -51.69 -5.53 -4.81
N SER V 137 -52.26 -6.65 -5.25
CA SER V 137 -52.12 -7.16 -6.64
C SER V 137 -52.45 -6.07 -7.69
N THR V 138 -52.22 -6.39 -8.95
CA THR V 138 -52.45 -5.45 -10.11
C THR V 138 -53.80 -5.77 -10.75
N THR V 140 -56.74 -6.09 -7.97
CA THR V 140 -57.42 -5.55 -6.81
C THR V 140 -56.95 -4.11 -6.54
N VAL V 141 -56.78 -3.29 -7.59
CA VAL V 141 -56.37 -1.85 -7.48
C VAL V 141 -57.02 -1.05 -8.61
N SER V 142 -57.37 0.21 -8.32
CA SER V 142 -57.95 1.18 -9.30
C SER V 142 -57.02 1.28 -10.51
N ASP V 143 -57.60 1.22 -11.72
CA ASP V 143 -56.84 1.31 -13.00
C ASP V 143 -56.18 2.70 -13.09
N ALA V 144 -56.16 3.44 -11.98
CA ALA V 144 -55.53 4.76 -11.83
C ALA V 144 -54.25 4.63 -10.99
N ILE V 145 -54.32 3.92 -9.85
CA ILE V 145 -53.15 3.62 -8.98
C ILE V 145 -52.16 2.73 -9.75
N LEU V 146 -52.69 1.78 -10.52
CA LEU V 146 -51.89 0.85 -11.37
C LEU V 146 -51.16 1.60 -12.49
N ARG V 147 -51.76 2.64 -13.07
CA ARG V 147 -51.14 3.42 -14.19
C ARG V 147 -50.04 4.35 -13.62
N TYR V 148 -50.23 4.83 -12.39
CA TYR V 148 -49.26 5.66 -11.64
C TYR V 148 -48.03 4.81 -11.29
N ALA V 149 -48.27 3.54 -10.96
CA ALA V 149 -47.25 2.52 -10.64
C ALA V 149 -46.42 2.18 -11.87
N SER V 151 -45.53 3.84 -14.44
CA SER V 151 -44.62 4.85 -14.93
C SER V 151 -43.55 5.14 -13.86
N ASN V 152 -42.26 4.99 -14.20
CA ASN V 152 -41.12 5.15 -13.25
C ASN V 152 -39.78 5.42 -13.98
N LEU V 153 -38.71 5.65 -13.18
CA LEU V 153 -37.37 6.10 -13.65
C LEU V 153 -36.26 5.30 -12.94
N GLU W 9 -13.21 -35.75 -30.30
CA GLU W 9 -12.41 -35.86 -29.04
C GLU W 9 -13.28 -36.51 -27.96
N VAL W 10 -12.71 -37.47 -27.24
CA VAL W 10 -13.38 -38.38 -26.25
C VAL W 10 -12.61 -38.31 -24.93
N ILE W 11 -13.32 -38.27 -23.79
CA ILE W 11 -12.77 -38.31 -22.40
C ILE W 11 -13.34 -39.54 -21.70
N THR W 12 -12.46 -40.38 -21.15
CA THR W 12 -12.82 -41.59 -20.35
C THR W 12 -12.26 -41.43 -18.94
N VAL W 13 -13.08 -41.70 -17.92
CA VAL W 13 -12.66 -41.69 -16.49
C VAL W 13 -13.12 -42.99 -15.83
N ARG W 14 -12.18 -43.71 -15.21
CA ARG W 14 -12.45 -44.88 -14.35
C ARG W 14 -11.86 -44.62 -12.97
N VAL W 15 -12.56 -45.06 -11.92
CA VAL W 15 -12.09 -45.03 -10.50
C VAL W 15 -11.83 -46.48 -10.08
N GLN W 16 -10.57 -46.87 -9.97
CA GLN W 16 -10.15 -48.28 -9.77
C GLN W 16 -9.34 -48.39 -8.48
N ASP W 17 -8.93 -49.61 -8.14
CA ASP W 17 -7.82 -49.93 -7.20
C ASP W 17 -7.99 -49.18 -5.88
N PRO W 18 -9.04 -49.44 -5.09
CA PRO W 18 -9.13 -48.93 -3.72
C PRO W 18 -7.98 -49.53 -2.90
N ARG W 19 -7.32 -48.72 -2.07
CA ARG W 19 -6.16 -49.14 -1.24
C ARG W 19 -6.20 -48.44 0.12
N VAL W 20 -5.73 -49.12 1.15
CA VAL W 20 -5.60 -48.60 2.54
C VAL W 20 -4.19 -48.04 2.71
N GLN W 21 -4.05 -46.72 2.67
CA GLN W 21 -2.78 -46.01 3.00
C GLN W 21 -2.65 -46.00 4.53
N ASN W 22 -1.43 -46.18 5.04
CA ASN W 22 -1.08 -46.17 6.49
C ASN W 22 -1.87 -47.25 7.23
N GLU W 23 -1.67 -48.53 6.88
CA GLU W 23 -2.34 -49.69 7.55
C GLU W 23 -2.20 -49.55 9.06
N GLY W 24 -3.29 -49.79 9.82
CA GLY W 24 -3.24 -50.12 11.26
C GLY W 24 -3.01 -48.90 12.15
N SER W 25 -2.19 -47.93 11.73
CA SER W 25 -1.95 -46.65 12.46
C SER W 25 -3.21 -45.79 12.40
N TRP W 26 -3.36 -44.86 13.35
CA TRP W 26 -4.60 -44.05 13.58
C TRP W 26 -4.97 -43.23 12.33
N ASN W 27 -3.98 -42.71 11.60
CA ASN W 27 -4.22 -41.94 10.34
C ASN W 27 -4.34 -42.90 9.15
N SER W 28 -4.77 -44.15 9.41
CA SER W 28 -5.26 -45.12 8.38
C SER W 28 -6.37 -44.45 7.57
N TYR W 29 -6.39 -44.63 6.25
CA TYR W 29 -7.48 -44.16 5.36
C TYR W 29 -7.47 -44.91 4.02
N VAL W 30 -8.57 -44.82 3.28
CA VAL W 30 -8.76 -45.43 1.93
C VAL W 30 -8.72 -44.33 0.87
N ASP W 31 -7.88 -44.48 -0.16
CA ASP W 31 -7.93 -43.63 -1.38
C ASP W 31 -8.24 -44.53 -2.57
N TYR W 32 -8.62 -43.91 -3.69
CA TYR W 32 -9.06 -44.56 -4.95
C TYR W 32 -8.22 -43.96 -6.08
N LYS W 33 -7.81 -44.80 -7.03
CA LYS W 33 -7.04 -44.37 -8.23
C LYS W 33 -8.04 -43.82 -9.25
N ILE W 34 -7.81 -42.60 -9.73
CA ILE W 34 -8.61 -41.98 -10.83
C ILE W 34 -7.77 -42.00 -12.10
N PHE W 35 -8.15 -42.88 -13.03
CA PHE W 35 -7.53 -43.06 -14.37
C PHE W 35 -8.37 -42.26 -15.38
N LEU W 36 -7.84 -41.10 -15.80
CA LEU W 36 -8.43 -40.22 -16.83
C LEU W 36 -7.69 -40.44 -18.15
N HIS W 37 -8.35 -41.07 -19.12
CA HIS W 37 -7.82 -41.41 -20.46
C HIS W 37 -8.55 -40.58 -21.51
N THR W 38 -7.84 -39.64 -22.13
CA THR W 38 -8.39 -38.72 -23.16
C THR W 38 -7.63 -38.95 -24.47
N ASN W 39 -8.25 -38.61 -25.62
CA ASN W 39 -7.93 -39.35 -26.90
C ASN W 39 -7.56 -38.54 -28.09
N SER W 40 -8.27 -37.49 -28.52
CA SER W 40 -7.90 -36.43 -29.49
C SER W 40 -6.92 -36.71 -30.68
N LYS W 41 -7.39 -36.67 -31.91
CA LYS W 41 -6.88 -37.50 -33.04
C LYS W 41 -5.52 -36.98 -33.55
N ALA W 42 -5.07 -35.81 -33.06
CA ALA W 42 -3.70 -35.29 -33.31
C ALA W 42 -2.64 -36.18 -32.64
N PHE W 43 -2.84 -36.51 -31.38
CA PHE W 43 -1.94 -37.32 -30.49
C PHE W 43 -2.41 -38.77 -30.52
N THR W 44 -1.90 -39.63 -29.62
CA THR W 44 -2.40 -41.01 -29.38
C THR W 44 -3.20 -41.10 -28.06
N ALA W 45 -2.73 -41.84 -27.02
CA ALA W 45 -3.38 -41.83 -25.70
C ALA W 45 -2.75 -40.67 -24.93
N LYS W 46 -3.56 -39.75 -24.35
CA LYS W 46 -3.21 -38.96 -23.12
C LYS W 46 -3.80 -39.74 -21.96
N THR W 47 -3.00 -40.03 -20.95
CA THR W 47 -3.37 -40.82 -19.74
C THR W 47 -2.90 -40.05 -18.49
N SER W 48 -3.70 -40.06 -17.44
CA SER W 48 -3.32 -39.50 -16.11
C SER W 48 -3.83 -40.44 -15.01
N CYS W 49 -3.14 -40.43 -13.87
CA CYS W 49 -3.25 -41.37 -12.74
C CYS W 49 -3.06 -40.56 -11.46
N VAL W 50 -4.10 -40.40 -10.64
CA VAL W 50 -3.99 -39.72 -9.32
C VAL W 50 -4.82 -40.51 -8.30
N ARG W 51 -4.34 -40.56 -7.05
CA ARG W 51 -5.06 -41.19 -5.91
C ARG W 51 -5.79 -40.10 -5.15
N ARG W 52 -7.06 -40.33 -4.79
CA ARG W 52 -7.91 -39.32 -4.09
C ARG W 52 -8.74 -40.01 -3.00
N ARG W 53 -8.69 -39.47 -1.78
CA ARG W 53 -9.58 -39.83 -0.64
C ARG W 53 -11.02 -39.49 -1.01
N TYR W 54 -12.01 -40.03 -0.28
CA TYR W 54 -13.43 -39.66 -0.50
C TYR W 54 -13.63 -38.20 -0.10
N ARG W 55 -13.00 -37.78 1.01
CA ARG W 55 -13.13 -36.41 1.56
C ARG W 55 -12.67 -35.41 0.51
N GLU W 56 -11.75 -35.79 -0.38
CA GLU W 56 -11.26 -34.92 -1.48
C GLU W 56 -12.39 -34.71 -2.49
N PHE W 57 -13.16 -35.76 -2.80
CA PHE W 57 -14.35 -35.68 -3.70
C PHE W 57 -15.40 -34.74 -3.09
N VAL W 58 -15.62 -34.87 -1.77
CA VAL W 58 -16.60 -34.04 -1.01
C VAL W 58 -16.24 -32.56 -1.22
N TRP W 59 -14.95 -32.23 -1.06
CA TRP W 59 -14.40 -30.88 -1.33
C TRP W 59 -14.71 -30.50 -2.78
N LEU W 60 -14.31 -31.36 -3.74
CA LEU W 60 -14.44 -31.11 -5.20
C LEU W 60 -15.87 -30.73 -5.54
N ARG W 61 -16.85 -31.45 -4.98
CA ARG W 61 -18.29 -31.19 -5.27
C ARG W 61 -18.64 -29.78 -4.79
N LYS W 62 -18.33 -29.45 -3.53
CA LYS W 62 -18.59 -28.10 -2.96
C LYS W 62 -17.96 -27.04 -3.87
N GLN W 63 -16.75 -27.29 -4.38
CA GLN W 63 -16.01 -26.35 -5.26
C GLN W 63 -16.71 -26.23 -6.62
N LEU W 64 -17.17 -27.35 -7.19
CA LEU W 64 -17.91 -27.37 -8.48
C LEU W 64 -19.18 -26.52 -8.33
N GLN W 65 -19.85 -26.60 -7.18
CA GLN W 65 -21.14 -25.92 -6.91
C GLN W 65 -20.94 -24.40 -6.87
N ARG W 66 -19.85 -23.91 -6.28
CA ARG W 66 -19.49 -22.47 -6.28
C ARG W 66 -19.48 -21.95 -7.73
N ASN W 67 -18.58 -22.46 -8.56
CA ASN W 67 -18.25 -21.93 -9.91
C ASN W 67 -19.40 -22.19 -10.90
N ALA W 68 -20.24 -23.20 -10.63
CA ALA W 68 -21.32 -23.65 -11.55
C ALA W 68 -22.57 -22.78 -11.39
N GLY W 69 -22.57 -21.84 -10.43
CA GLY W 69 -23.67 -20.89 -10.20
C GLY W 69 -24.99 -21.61 -9.96
N LEU W 70 -25.67 -22.00 -11.05
CA LEU W 70 -27.04 -22.58 -11.02
C LEU W 70 -27.11 -23.85 -11.87
N VAL W 71 -25.96 -24.37 -12.33
CA VAL W 71 -25.89 -25.66 -13.06
C VAL W 71 -25.92 -26.78 -12.03
N PRO W 72 -26.78 -27.80 -12.20
CA PRO W 72 -26.82 -28.91 -11.25
C PRO W 72 -25.51 -29.69 -11.27
N VAL W 73 -24.99 -30.03 -10.08
CA VAL W 73 -23.74 -30.83 -9.88
C VAL W 73 -24.14 -32.22 -9.42
N PRO W 74 -23.74 -33.29 -10.12
CA PRO W 74 -24.10 -34.67 -9.73
C PRO W 74 -23.85 -34.97 -8.25
N GLU W 75 -24.57 -35.96 -7.71
CA GLU W 75 -24.51 -36.38 -6.28
C GLU W 75 -23.32 -37.33 -6.08
N LEU W 76 -22.77 -37.36 -4.86
CA LEU W 76 -21.79 -38.39 -4.42
C LEU W 76 -22.55 -39.50 -3.70
N PRO W 77 -22.04 -40.75 -3.67
CA PRO W 77 -22.59 -41.78 -2.79
C PRO W 77 -22.32 -41.49 -1.30
N GLY W 78 -23.36 -41.41 -0.48
CA GLY W 78 -23.26 -41.11 0.97
C GLY W 78 -22.67 -42.24 1.80
N GLY W 84 -24.26 -55.16 4.08
CA GLY W 84 -23.11 -55.45 3.20
C GLY W 84 -21.83 -55.72 3.98
N THR W 85 -20.85 -56.37 3.34
CA THR W 85 -19.47 -56.56 3.88
C THR W 85 -18.74 -55.21 3.78
N SER W 86 -17.49 -55.16 4.26
CA SER W 86 -16.54 -54.03 4.00
C SER W 86 -16.26 -53.97 2.50
N ASP W 87 -15.47 -54.92 1.97
CA ASP W 87 -15.06 -55.01 0.54
C ASP W 87 -16.24 -54.67 -0.39
N GLU W 88 -17.47 -54.98 0.02
CA GLU W 88 -18.71 -54.67 -0.75
C GLU W 88 -18.97 -53.17 -0.76
N PHE W 89 -18.86 -52.49 0.40
CA PHE W 89 -19.09 -51.03 0.55
C PHE W 89 -18.09 -50.26 -0.32
N ILE W 90 -16.79 -50.54 -0.13
CA ILE W 90 -15.66 -50.01 -0.95
C ILE W 90 -16.07 -50.05 -2.42
N GLU W 91 -16.53 -51.21 -2.90
CA GLU W 91 -16.88 -51.45 -4.31
C GLU W 91 -18.13 -50.65 -4.71
N LYS W 92 -19.10 -50.49 -3.81
CA LYS W 92 -20.34 -49.69 -4.06
C LYS W 92 -19.93 -48.22 -4.22
N ARG W 93 -19.13 -47.71 -3.28
CA ARG W 93 -18.58 -46.34 -3.29
C ARG W 93 -17.76 -46.13 -4.57
N ARG W 94 -16.85 -47.08 -4.87
CA ARG W 94 -15.97 -47.02 -6.06
C ARG W 94 -16.81 -46.71 -7.31
N GLN W 95 -17.89 -47.47 -7.52
CA GLN W 95 -18.83 -47.29 -8.66
C GLN W 95 -19.47 -45.91 -8.57
N GLY W 96 -19.95 -45.54 -7.38
CA GLY W 96 -20.60 -44.24 -7.13
C GLY W 96 -19.69 -43.07 -7.50
N LEU W 97 -18.41 -43.13 -7.08
CA LEU W 97 -17.38 -42.11 -7.40
C LEU W 97 -17.19 -42.04 -8.92
N GLN W 98 -17.03 -43.18 -9.58
CA GLN W 98 -16.86 -43.26 -11.06
C GLN W 98 -18.08 -42.63 -11.72
N HIS W 99 -19.28 -43.04 -11.32
CA HIS W 99 -20.57 -42.52 -11.83
C HIS W 99 -20.57 -40.99 -11.71
N PHE W 100 -20.21 -40.47 -10.53
CA PHE W 100 -20.18 -39.02 -10.21
C PHE W 100 -19.29 -38.28 -11.22
N LEU W 101 -18.07 -38.78 -11.46
CA LEU W 101 -17.10 -38.16 -12.39
C LEU W 101 -17.63 -38.26 -13.83
N GLU W 102 -18.10 -39.44 -14.24
CA GLU W 102 -18.71 -39.66 -15.58
C GLU W 102 -19.75 -38.58 -15.86
N LYS W 103 -20.66 -38.35 -14.90
CA LYS W 103 -21.75 -37.33 -14.99
C LYS W 103 -21.13 -35.93 -15.06
N VAL W 104 -20.18 -35.62 -14.18
CA VAL W 104 -19.50 -34.28 -14.09
C VAL W 104 -18.85 -33.97 -15.44
N LEU W 105 -18.25 -34.96 -16.10
CA LEU W 105 -17.46 -34.77 -17.35
C LEU W 105 -18.40 -34.54 -18.55
N GLN W 106 -19.70 -34.79 -18.40
CA GLN W 106 -20.71 -34.58 -19.47
C GLN W 106 -21.28 -33.16 -19.41
N SER W 107 -21.34 -32.55 -18.21
CA SER W 107 -21.70 -31.12 -18.04
C SER W 107 -20.52 -30.26 -18.52
N VAL W 108 -20.71 -29.52 -19.62
CA VAL W 108 -19.63 -28.79 -20.33
C VAL W 108 -19.15 -27.65 -19.43
N VAL W 109 -20.05 -27.06 -18.64
CA VAL W 109 -19.73 -25.97 -17.66
C VAL W 109 -18.78 -26.54 -16.61
N LEU W 110 -19.17 -27.64 -15.97
CA LEU W 110 -18.38 -28.30 -14.89
C LEU W 110 -17.02 -28.74 -15.43
N LEU W 111 -17.00 -29.26 -16.66
CA LEU W 111 -15.78 -29.77 -17.35
C LEU W 111 -14.72 -28.64 -17.44
N SER W 112 -15.16 -27.38 -17.53
CA SER W 112 -14.30 -26.20 -17.72
C SER W 112 -13.81 -25.63 -16.38
N ASP W 113 -14.14 -26.25 -15.24
CA ASP W 113 -13.63 -25.84 -13.90
C ASP W 113 -12.15 -26.22 -13.84
N SER W 114 -11.28 -25.26 -13.50
CA SER W 114 -9.81 -25.43 -13.38
C SER W 114 -9.50 -26.34 -12.17
N GLN W 115 -10.23 -26.15 -11.06
CA GLN W 115 -10.07 -26.95 -9.82
C GLN W 115 -10.35 -28.43 -10.10
N LEU W 116 -11.34 -28.74 -10.95
CA LEU W 116 -11.63 -30.13 -11.38
C LEU W 116 -10.44 -30.68 -12.17
N HIS W 117 -9.92 -29.89 -13.11
CA HIS W 117 -8.78 -30.26 -14.00
C HIS W 117 -7.55 -30.61 -13.14
N LEU W 118 -7.29 -29.83 -12.07
CA LEU W 118 -6.17 -30.10 -11.13
C LEU W 118 -6.45 -31.35 -10.30
N PHE W 119 -7.69 -31.52 -9.82
CA PHE W 119 -8.13 -32.68 -9.02
C PHE W 119 -7.87 -33.99 -9.78
N LEU W 120 -8.11 -33.99 -11.10
CA LEU W 120 -8.15 -35.21 -11.95
C LEU W 120 -6.76 -35.52 -12.53
N GLN W 121 -5.91 -34.49 -12.70
CA GLN W 121 -4.65 -34.60 -13.50
C GLN W 121 -3.39 -34.15 -12.71
N SER W 122 -3.52 -33.32 -11.67
CA SER W 122 -2.40 -32.96 -10.77
C SER W 122 -2.31 -33.98 -9.64
N GLN W 123 -1.12 -34.15 -9.08
CA GLN W 123 -0.90 -34.88 -7.81
C GLN W 123 -0.78 -33.82 -6.70
N LEU W 124 -1.43 -32.67 -6.88
CA LEU W 124 -1.48 -31.58 -5.86
C LEU W 124 -2.42 -32.01 -4.74
N SER W 125 -2.14 -31.56 -3.51
CA SER W 125 -3.08 -31.63 -2.37
C SER W 125 -4.29 -30.75 -2.70
N VAL W 126 -5.33 -30.78 -1.85
CA VAL W 126 -6.48 -29.84 -1.98
C VAL W 126 -5.98 -28.43 -1.68
N PRO W 127 -5.36 -28.16 -0.51
CA PRO W 127 -4.79 -26.84 -0.22
C PRO W 127 -3.88 -26.28 -1.34
N GLU W 128 -3.10 -27.16 -1.99
CA GLU W 128 -2.18 -26.80 -3.10
C GLU W 128 -3.01 -26.37 -4.33
N ILE W 129 -4.19 -26.97 -4.53
CA ILE W 129 -5.13 -26.61 -5.64
C ILE W 129 -5.79 -25.27 -5.28
N GLU W 130 -6.23 -25.11 -4.03
CA GLU W 130 -6.82 -23.84 -3.51
C GLU W 130 -5.80 -22.70 -3.68
N ALA W 131 -4.50 -23.03 -3.61
CA ALA W 131 -3.38 -22.08 -3.84
C ALA W 131 -3.26 -21.77 -5.34
N CYS W 132 -3.01 -22.79 -6.17
CA CYS W 132 -2.76 -22.65 -7.65
C CYS W 132 -3.89 -21.81 -8.29
N VAL W 133 -4.94 -21.47 -7.54
CA VAL W 133 -6.16 -20.71 -7.96
C VAL W 133 -6.40 -19.57 -6.97
N GLN W 134 -6.84 -19.83 -5.73
CA GLN W 134 -7.15 -18.77 -4.71
C GLN W 134 -5.93 -18.59 -3.79
N VAL X 10 -1.98 -60.25 -28.20
CA VAL X 10 -0.66 -59.93 -28.84
C VAL X 10 -0.19 -58.53 -28.38
N ILE X 11 1.08 -58.44 -27.98
CA ILE X 11 1.71 -57.18 -27.45
C ILE X 11 2.93 -56.88 -28.29
N THR X 12 3.02 -55.68 -28.85
CA THR X 12 4.18 -55.18 -29.65
C THR X 12 4.75 -53.95 -28.95
N VAL X 13 6.08 -53.93 -28.73
CA VAL X 13 6.80 -52.77 -28.14
C VAL X 13 8.00 -52.44 -29.03
N ARG X 14 8.09 -51.20 -29.49
CA ARG X 14 9.27 -50.66 -30.21
C ARG X 14 9.77 -49.43 -29.44
N VAL X 15 11.09 -49.26 -29.37
CA VAL X 15 11.76 -48.06 -28.78
C VAL X 15 12.41 -47.31 -29.94
N GLN X 16 11.84 -46.18 -30.34
CA GLN X 16 12.20 -45.42 -31.57
C GLN X 16 12.61 -44.00 -31.20
N ASP X 17 13.03 -43.22 -32.21
CA ASP X 17 13.12 -41.74 -32.18
C ASP X 17 13.89 -41.27 -30.95
N PRO X 18 15.19 -41.59 -30.81
CA PRO X 18 16.02 -40.98 -29.79
C PRO X 18 16.11 -39.47 -30.05
N ARG X 19 16.02 -38.65 -29.00
CA ARG X 19 16.05 -37.17 -29.10
C ARG X 19 16.80 -36.59 -27.90
N VAL X 20 17.55 -35.51 -28.13
CA VAL X 20 18.33 -34.79 -27.08
C VAL X 20 17.47 -33.65 -26.55
N GLN X 21 16.88 -33.82 -25.36
CA GLN X 21 16.13 -32.76 -24.65
C GLN X 21 17.18 -31.84 -24.01
N ASN X 22 16.93 -30.52 -24.01
CA ASN X 22 17.82 -29.47 -23.43
C ASN X 22 19.21 -29.52 -24.09
N GLU X 23 19.30 -29.29 -25.41
CA GLU X 23 20.59 -29.26 -26.15
C GLU X 23 21.59 -28.36 -25.42
N GLY X 24 22.85 -28.81 -25.30
CA GLY X 24 24.01 -27.95 -25.00
C GLY X 24 24.11 -27.51 -23.54
N SER X 25 22.99 -27.26 -22.87
CA SER X 25 22.94 -26.91 -21.43
C SER X 25 23.30 -28.16 -20.59
N TRP X 26 23.74 -27.95 -19.35
CA TRP X 26 24.33 -29.00 -18.47
C TRP X 26 23.32 -30.12 -18.20
N ASN X 27 22.03 -29.83 -18.08
CA ASN X 27 20.95 -30.83 -17.87
C ASN X 27 20.48 -31.38 -19.23
N SER X 28 21.37 -31.36 -20.24
CA SER X 28 21.24 -32.10 -21.51
C SER X 28 21.02 -33.57 -21.19
N TYR X 29 20.12 -34.26 -21.89
CA TYR X 29 19.93 -35.73 -21.79
C TYR X 29 19.21 -36.26 -23.03
N VAL X 30 19.29 -37.58 -23.21
CA VAL X 30 18.63 -38.31 -24.34
C VAL X 30 17.45 -39.10 -23.77
N ASP X 31 16.25 -38.93 -24.34
CA ASP X 31 15.11 -39.82 -24.05
C ASP X 31 14.74 -40.56 -25.34
N TYR X 32 13.98 -41.64 -25.19
CA TYR X 32 13.58 -42.58 -26.27
C TYR X 32 12.07 -42.69 -26.23
N LYS X 33 11.43 -42.74 -27.41
CA LYS X 33 9.97 -42.94 -27.55
C LYS X 33 9.68 -44.43 -27.41
N ILE X 34 8.79 -44.80 -26.50
CA ILE X 34 8.31 -46.21 -26.32
C ILE X 34 6.90 -46.30 -26.91
N PHE X 35 6.79 -46.97 -28.06
CA PHE X 35 5.53 -47.23 -28.80
C PHE X 35 5.07 -48.65 -28.44
N LEU X 36 4.06 -48.75 -27.58
CA LEU X 36 3.41 -50.02 -27.17
C LEU X 36 2.09 -50.16 -27.93
N HIS X 37 2.03 -51.12 -28.87
CA HIS X 37 0.80 -51.46 -29.64
C HIS X 37 0.32 -52.85 -29.19
N THR X 38 -0.80 -52.91 -28.48
CA THR X 38 -1.38 -54.16 -27.93
C THR X 38 -2.80 -54.30 -28.48
N ASN X 39 -3.41 -55.47 -28.28
CA ASN X 39 -4.89 -55.66 -28.23
C ASN X 39 -5.25 -56.56 -27.04
N SER X 40 -4.36 -56.62 -26.05
CA SER X 40 -4.41 -57.56 -24.90
C SER X 40 -5.27 -56.93 -23.79
N LYS X 41 -6.12 -57.75 -23.15
CA LYS X 41 -6.99 -57.33 -22.01
C LYS X 41 -6.14 -57.06 -20.75
N ALA X 42 -4.86 -57.41 -20.76
CA ALA X 42 -3.87 -57.12 -19.68
C ALA X 42 -3.65 -55.60 -19.58
N PHE X 43 -3.40 -54.94 -20.72
CA PHE X 43 -3.14 -53.48 -20.84
C PHE X 43 -4.46 -52.73 -21.07
N THR X 44 -4.35 -51.40 -21.08
CA THR X 44 -5.50 -50.44 -21.16
C THR X 44 -5.48 -49.81 -22.56
N ALA X 45 -4.53 -48.92 -22.82
CA ALA X 45 -4.28 -48.27 -24.14
C ALA X 45 -3.85 -49.30 -25.20
N LYS X 46 -4.52 -49.29 -26.34
CA LYS X 46 -4.31 -50.26 -27.45
C LYS X 46 -3.26 -49.71 -28.44
N THR X 47 -3.04 -48.39 -28.51
CA THR X 47 -1.74 -47.78 -28.93
C THR X 47 -1.32 -46.76 -27.88
N SER X 48 -0.05 -46.72 -27.48
CA SER X 48 0.46 -45.77 -26.45
C SER X 48 1.86 -45.31 -26.84
N CYS X 49 2.22 -44.11 -26.39
CA CYS X 49 3.39 -43.31 -26.83
C CYS X 49 3.92 -42.56 -25.60
N VAL X 50 5.08 -42.92 -25.08
CA VAL X 50 5.71 -42.17 -23.93
C VAL X 50 7.21 -42.05 -24.19
N ARG X 51 7.81 -40.95 -23.76
CA ARG X 51 9.27 -40.70 -23.83
C ARG X 51 9.87 -41.07 -22.47
N ARG X 52 10.99 -41.79 -22.46
CA ARG X 52 11.65 -42.26 -21.20
C ARG X 52 13.17 -42.12 -21.33
N ARG X 53 13.80 -41.47 -20.34
CA ARG X 53 15.27 -41.41 -20.15
C ARG X 53 15.81 -42.82 -19.90
N TYR X 54 17.12 -43.04 -20.04
CA TYR X 54 17.74 -44.35 -19.72
C TYR X 54 17.63 -44.57 -18.21
N ARG X 55 17.85 -43.52 -17.43
CA ARG X 55 17.84 -43.60 -15.94
C ARG X 55 16.47 -44.07 -15.45
N GLU X 56 15.42 -43.79 -16.23
CA GLU X 56 14.03 -44.26 -15.92
C GLU X 56 13.97 -45.77 -16.07
N PHE X 57 14.60 -46.34 -17.11
CA PHE X 57 14.69 -47.81 -17.34
C PHE X 57 15.44 -48.46 -16.17
N VAL X 58 16.54 -47.83 -15.74
CA VAL X 58 17.39 -48.33 -14.62
C VAL X 58 16.51 -48.48 -13.37
N TRP X 59 15.69 -47.47 -13.08
CA TRP X 59 14.68 -47.49 -11.99
C TRP X 59 13.74 -48.66 -12.22
N LEU X 60 13.13 -48.73 -13.41
CA LEU X 60 12.10 -49.75 -13.77
C LEU X 60 12.64 -51.15 -13.49
N ARG X 61 13.89 -51.43 -13.86
CA ARG X 61 14.50 -52.77 -13.67
C ARG X 61 14.57 -53.06 -12.17
N LYS X 62 15.14 -52.15 -11.37
CA LYS X 62 15.22 -52.31 -9.90
C LYS X 62 13.82 -52.59 -9.33
N GLN X 63 12.79 -51.89 -9.84
CA GLN X 63 11.38 -52.06 -9.37
C GLN X 63 10.85 -53.44 -9.79
N LEU X 64 11.13 -53.87 -11.02
CA LEU X 64 10.71 -55.21 -11.52
C LEU X 64 11.32 -56.29 -10.62
N GLN X 65 12.56 -56.11 -10.18
CA GLN X 65 13.33 -57.11 -9.39
C GLN X 65 12.69 -57.27 -7.99
N ARG X 66 12.25 -56.19 -7.36
CA ARG X 66 11.52 -56.23 -6.07
C ARG X 66 10.31 -57.17 -6.18
N ASN X 67 9.37 -56.85 -7.05
CA ASN X 67 8.03 -57.49 -7.13
C ASN X 67 8.15 -58.91 -7.71
N ALA X 68 9.21 -59.20 -8.47
CA ALA X 68 9.42 -60.47 -9.19
C ALA X 68 9.99 -61.54 -8.26
N GLY X 69 9.16 -62.53 -7.94
CA GLY X 69 9.49 -63.70 -7.08
C GLY X 69 10.73 -64.43 -7.59
N LEU X 70 11.92 -63.92 -7.24
CA LEU X 70 13.21 -64.50 -7.77
C LEU X 70 12.93 -65.08 -9.18
N VAL X 71 12.07 -64.38 -9.90
CA VAL X 71 11.95 -64.49 -11.40
C VAL X 71 13.09 -63.65 -11.99
N PRO X 72 13.88 -64.19 -12.93
CA PRO X 72 14.95 -63.42 -13.56
C PRO X 72 14.37 -62.24 -14.36
N VAL X 73 14.99 -61.07 -14.21
CA VAL X 73 14.61 -59.81 -14.93
C VAL X 73 15.67 -59.54 -15.99
N PRO X 74 15.30 -59.42 -17.28
CA PRO X 74 16.27 -59.15 -18.34
C PRO X 74 17.26 -58.02 -18.03
N GLU X 75 18.42 -58.04 -18.67
CA GLU X 75 19.52 -57.06 -18.48
C GLU X 75 19.24 -55.80 -19.33
N LEU X 76 19.77 -54.66 -18.89
CA LEU X 76 19.81 -53.41 -19.71
C LEU X 76 21.17 -53.33 -20.37
N PRO X 77 21.30 -52.65 -21.54
CA PRO X 77 22.62 -52.33 -22.09
C PRO X 77 23.38 -51.29 -21.24
N GLY X 78 24.57 -51.62 -20.76
CA GLY X 78 25.43 -50.74 -19.94
C GLY X 78 26.02 -49.57 -20.71
N LYS X 79 26.90 -48.83 -20.04
CA LYS X 79 27.46 -47.52 -20.53
C LYS X 79 28.97 -47.62 -20.73
N SER X 80 29.68 -48.56 -20.10
CA SER X 80 31.17 -48.61 -20.00
C SER X 80 31.86 -47.57 -20.89
N THR X 85 30.80 -43.87 -32.94
CA THR X 85 30.34 -42.46 -32.87
C THR X 85 29.34 -42.32 -31.73
N SER X 86 28.86 -41.09 -31.47
CA SER X 86 27.68 -40.85 -30.59
C SER X 86 26.45 -41.53 -31.17
N ASP X 87 25.89 -40.99 -32.26
CA ASP X 87 24.69 -41.49 -32.98
C ASP X 87 24.70 -43.02 -33.05
N GLU X 88 25.88 -43.65 -33.13
CA GLU X 88 26.06 -45.13 -33.17
C GLU X 88 25.70 -45.73 -31.80
N PHE X 89 26.19 -45.14 -30.71
CA PHE X 89 25.94 -45.60 -29.32
C PHE X 89 24.44 -45.53 -29.00
N ILE X 90 23.86 -44.36 -29.21
CA ILE X 90 22.39 -44.08 -29.11
C ILE X 90 21.64 -45.25 -29.76
N GLU X 91 22.00 -45.60 -31.00
CA GLU X 91 21.31 -46.64 -31.80
C GLU X 91 21.56 -48.03 -31.19
N LYS X 92 22.75 -48.30 -30.64
CA LYS X 92 23.07 -49.59 -29.99
C LYS X 92 22.20 -49.73 -28.72
N ARG X 93 22.18 -48.68 -27.89
CA ARG X 93 21.34 -48.58 -26.67
C ARG X 93 19.87 -48.72 -27.05
N ARG X 94 19.41 -47.99 -28.05
CA ARG X 94 18.00 -48.00 -28.54
C ARG X 94 17.56 -49.45 -28.74
N GLN X 95 18.35 -50.25 -29.47
CA GLN X 95 18.08 -51.69 -29.73
C GLN X 95 18.07 -52.45 -28.40
N GLY X 96 19.07 -52.20 -27.56
CA GLY X 96 19.21 -52.83 -26.23
C GLY X 96 17.97 -52.60 -25.36
N LEU X 97 17.48 -51.36 -25.31
CA LEU X 97 16.25 -50.98 -24.56
C LEU X 97 15.05 -51.73 -25.12
N GLN X 98 14.88 -51.74 -26.45
CA GLN X 98 13.78 -52.47 -27.13
C GLN X 98 13.87 -53.95 -26.76
N HIS X 99 15.04 -54.55 -26.91
CA HIS X 99 15.31 -55.98 -26.56
C HIS X 99 14.87 -56.23 -25.12
N PHE X 100 15.28 -55.37 -24.18
CA PHE X 100 14.97 -55.46 -22.74
C PHE X 100 13.46 -55.53 -22.52
N LEU X 101 12.70 -54.61 -23.14
CA LEU X 101 11.22 -54.54 -23.01
C LEU X 101 10.59 -55.79 -23.65
N GLU X 102 11.01 -56.15 -24.86
CA GLU X 102 10.55 -57.36 -25.59
C GLU X 102 10.63 -58.57 -24.64
N LYS X 103 11.79 -58.77 -24.00
CA LYS X 103 12.05 -59.87 -23.04
C LYS X 103 11.13 -59.75 -21.82
N VAL X 104 11.04 -58.55 -21.24
CA VAL X 104 10.21 -58.26 -20.03
C VAL X 104 8.75 -58.63 -20.32
N LEU X 105 8.26 -58.33 -21.53
CA LEU X 105 6.83 -58.51 -21.90
C LEU X 105 6.51 -60.00 -22.12
N GLN X 106 7.52 -60.86 -22.22
CA GLN X 106 7.33 -62.33 -22.42
C GLN X 106 7.25 -63.04 -21.06
N SER X 107 7.90 -62.51 -20.01
CA SER X 107 7.74 -63.00 -18.61
C SER X 107 6.38 -62.56 -18.08
N VAL X 108 5.48 -63.52 -17.86
CA VAL X 108 4.04 -63.25 -17.53
C VAL X 108 3.97 -62.59 -16.15
N VAL X 109 4.88 -62.96 -15.25
CA VAL X 109 4.98 -62.37 -13.88
C VAL X 109 5.31 -60.88 -14.01
N LEU X 110 6.39 -60.56 -14.74
CA LEU X 110 6.88 -59.17 -14.94
C LEU X 110 5.79 -58.34 -15.63
N LEU X 111 5.11 -58.94 -16.61
CA LEU X 111 4.04 -58.30 -17.42
C LEU X 111 2.93 -57.77 -16.49
N SER X 112 2.70 -58.43 -15.36
CA SER X 112 1.60 -58.13 -14.40
C SER X 112 2.02 -57.07 -13.37
N ASP X 113 3.25 -56.52 -13.46
CA ASP X 113 3.71 -55.42 -12.58
C ASP X 113 2.95 -54.15 -12.99
N SER X 114 2.31 -53.49 -12.03
CA SER X 114 1.53 -52.24 -12.23
C SER X 114 2.49 -51.09 -12.58
N GLN X 115 3.66 -51.04 -11.92
CA GLN X 115 4.69 -50.00 -12.15
C GLN X 115 5.20 -50.07 -13.59
N LEU X 116 5.34 -51.27 -14.16
CA LEU X 116 5.72 -51.45 -15.59
C LEU X 116 4.61 -50.87 -16.48
N HIS X 117 3.35 -51.19 -16.17
CA HIS X 117 2.15 -50.75 -16.94
C HIS X 117 2.11 -49.22 -16.97
N LEU X 118 2.41 -48.56 -15.85
CA LEU X 118 2.44 -47.06 -15.77
C LEU X 118 3.64 -46.52 -16.55
N PHE X 119 4.81 -47.17 -16.44
CA PHE X 119 6.05 -46.77 -17.15
C PHE X 119 5.81 -46.74 -18.66
N LEU X 120 5.06 -47.71 -19.19
CA LEU X 120 4.91 -47.97 -20.64
C LEU X 120 3.74 -47.16 -21.23
N GLN X 121 2.73 -46.83 -20.43
CA GLN X 121 1.42 -46.31 -20.90
C GLN X 121 1.03 -44.96 -20.26
N SER X 122 1.54 -44.62 -19.08
CA SER X 122 1.33 -43.29 -18.44
C SER X 122 2.42 -42.33 -18.90
N GLN X 123 2.14 -41.03 -18.90
CA GLN X 123 3.16 -39.97 -19.03
C GLN X 123 3.48 -39.45 -17.63
N LEU X 124 3.35 -40.31 -16.62
CA LEU X 124 3.70 -39.97 -15.21
C LEU X 124 5.22 -39.95 -15.07
N SER X 125 5.73 -39.11 -14.17
CA SER X 125 7.14 -39.15 -13.69
C SER X 125 7.35 -40.48 -12.96
N VAL X 126 8.58 -40.78 -12.57
CA VAL X 126 8.88 -41.97 -11.71
C VAL X 126 8.26 -41.72 -10.33
N PRO X 127 8.58 -40.61 -9.62
CA PRO X 127 7.94 -40.30 -8.35
C PRO X 127 6.40 -40.37 -8.37
N GLU X 128 5.79 -39.94 -9.48
CA GLU X 128 4.32 -39.97 -9.68
C GLU X 128 3.83 -41.41 -9.79
N ILE X 129 4.65 -42.33 -10.35
CA ILE X 129 4.33 -43.78 -10.44
C ILE X 129 4.49 -44.40 -9.04
N GLU X 130 5.57 -44.05 -8.32
CA GLU X 130 5.82 -44.51 -6.94
C GLU X 130 4.64 -44.08 -6.05
N ALA X 131 4.01 -42.93 -6.37
CA ALA X 131 2.79 -42.42 -5.70
C ALA X 131 1.58 -43.28 -6.07
N CYS X 132 1.22 -43.32 -7.37
CA CYS X 132 -0.01 -43.99 -7.90
C CYS X 132 -0.08 -45.44 -7.39
N VAL X 133 0.98 -45.91 -6.72
CA VAL X 133 1.12 -47.30 -6.17
C VAL X 133 1.60 -47.21 -4.71
N GLN X 134 0.70 -47.28 -3.73
CA GLN X 134 1.11 -47.30 -2.31
C GLN X 134 0.10 -48.10 -1.50
N GLY X 135 0.52 -48.52 -0.30
CA GLY X 135 -0.34 -49.24 0.67
C GLY X 135 -1.07 -50.42 0.04
N ARG X 136 -1.38 -51.42 0.87
CA ARG X 136 -2.06 -52.68 0.45
C ARG X 136 -3.43 -52.33 -0.09
N SER X 137 -3.91 -53.03 -1.11
CA SER X 137 -5.32 -52.98 -1.59
C SER X 137 -6.33 -53.20 -0.45
N THR X 138 -7.61 -53.02 -0.74
CA THR X 138 -8.72 -53.17 0.24
C THR X 138 -9.35 -54.56 0.08
N THR X 140 -6.52 -57.47 -0.02
CA THR X 140 -5.35 -58.08 0.57
C THR X 140 -5.07 -57.46 1.95
N VAL X 141 -6.11 -57.25 2.77
CA VAL X 141 -6.00 -56.69 4.16
C VAL X 141 -7.12 -57.29 5.02
N SER X 142 -6.84 -57.54 6.30
CA SER X 142 -7.81 -58.04 7.32
C SER X 142 -9.02 -57.11 7.35
N ASP X 143 -10.24 -57.68 7.34
CA ASP X 143 -11.51 -56.91 7.36
C ASP X 143 -11.60 -56.15 8.70
N ALA X 144 -10.48 -56.08 9.43
CA ALA X 144 -10.33 -55.31 10.69
C ALA X 144 -9.49 -54.06 10.45
N ILE X 145 -8.36 -54.20 9.75
CA ILE X 145 -7.47 -53.06 9.34
C ILE X 145 -8.25 -52.15 8.37
N LEU X 146 -9.03 -52.77 7.47
CA LEU X 146 -9.87 -52.06 6.47
C LEU X 146 -10.99 -51.26 7.17
N ARG X 147 -11.57 -51.76 8.25
CA ARG X 147 -12.68 -51.05 8.98
C ARG X 147 -12.11 -49.88 9.79
N TYR X 148 -10.88 -50.03 10.28
CA TYR X 148 -10.11 -48.99 11.02
C TYR X 148 -9.77 -47.84 10.06
N ALA X 149 -9.45 -48.20 8.82
CA ALA X 149 -9.11 -47.28 7.70
C ALA X 149 -10.34 -46.49 7.28
N SER X 151 -12.90 -45.44 8.85
CA SER X 151 -13.37 -44.42 9.76
C SER X 151 -12.30 -43.35 9.96
N ASN X 152 -12.59 -42.07 9.68
CA ASN X 152 -11.59 -40.96 9.68
C ASN X 152 -12.25 -39.57 9.84
N LEU X 153 -11.40 -38.53 9.89
CA LEU X 153 -11.72 -37.10 10.11
C LEU X 153 -10.81 -36.20 9.27
N GLU X 154 -10.88 -34.89 9.54
CA GLU X 154 -10.06 -33.78 8.96
C GLU X 154 -10.64 -33.42 7.59
#